data_9HKI
#
_entry.id   9HKI
#
loop_
_entity.id
_entity.type
_entity.pdbx_description
1 polymer Beta-galactosidase
2 non-polymer 'MAGNESIUM ION'
3 non-polymer 'SODIUM ION'
4 water water
#
_entity_poly.entity_id   1
_entity_poly.type   'polypeptide(L)'
_entity_poly.pdbx_seq_one_letter_code
;MITDSLAVVLQRRDWENPGVTQLNRLAAHPPFASWRNSEEARTDRPSQQLRSLNGEWRFAWFPAPEAVPESWLECDLPEA
DTVVVPSNWQMHGYDAPIYTNVTYPITVNPPFVPTENPTGCYSLTFNVDESWLQEGQTRIIFDGVNSAFHLWCNGRWVGY
GQDSRLPSEFDLSAFLRAGENRLAVMVLRWSDGSYLEDQDMWRMSGIFRDVSLLHKPTTQISDFHVATRFNDDFSRAVLE
AEVQMCGELRDYLRVTVSLWQGETQVASGTAPFGGEIIDERGGYADRVTLRLNVENPKLWSAEIPNLYRAVVELHTADGT
LIEAEACDVGFREVRIENGLLLLNGKPLLIRGVNRHEHHPLHGQVMDEQTMVQDILLMKQNNFNAVRCSHYPNHPLWYTL
CDRYGLYVVDEANIETHGMVPMNRLTDDPRWLPAMSERVTRMVQRDRNHPSVIIWSLGNESGHGANHDALYRWIKSVDPS
RPVQYEGGGADTTATDIICPMYARVDEDQPFPAVPKWSIKKWLSLPGETRPLILCEYAHAMGNSLGGFAKYWQAFRQYPR
LQGGFVWDWVDQSLIKYDENGNPWSAYGGDFGDTPNDRQFCMNGLVFADRTPHPALTEAKHQQQFFQFRLSGQTIEVTSE
YLFRHSDNELLHWMVALDGKPLASGEVPLDVAPQGKQLIELPELPQPESAGQLWLTVRVVQPNATAWSEAGHISAWQQWR
LAENLSVTLPAASHAIPHLTTSEMDFCIELGNKRWQFNRQSGFLSQMWIGDKKQLLTPLRDQFTRAPLDNDIGVSEATRI
DPNAWVERWKAAGHYQAEAALLQCTADTLADAVLITTAHAWQHQGKTLFISRKTYRIDGSGQMAITVDVEVASDTPHPAR
IGLNCQLAQVAERVNWLGLGPQENYPDRLTAACFDRWDLPLSDMYTPYVFPSENGLRCGTRELNYGPHQWRGDFQFNISR
YSQQQLMETSHRHLLHAEEGTWLNIDGFHMGIGGDDSWSPSVSAEFQLSAGRYHYQLVWCQ
;
_entity_poly.pdbx_strand_id   A,B,C,D
#
loop_
_chem_comp.id
_chem_comp.type
_chem_comp.name
_chem_comp.formula
MG non-polymer 'MAGNESIUM ION' 'Mg 2'
NA non-polymer 'SODIUM ION' 'Na 1'
#
# COMPACT_ATOMS: atom_id res chain seq x y z
N MET A 1 -20.91 -23.66 -57.99
CA MET A 1 -20.09 -24.56 -57.14
C MET A 1 -20.97 -25.15 -56.03
N ILE A 2 -20.83 -26.46 -55.77
CA ILE A 2 -21.61 -27.11 -54.68
C ILE A 2 -21.27 -26.42 -53.35
N THR A 3 -20.00 -26.11 -53.11
CA THR A 3 -19.61 -25.52 -51.84
C THR A 3 -20.17 -24.12 -51.62
N ASP A 4 -20.54 -23.42 -52.69
CA ASP A 4 -21.19 -22.11 -52.56
C ASP A 4 -22.70 -22.20 -52.39
N SER A 5 -23.27 -23.41 -52.47
CA SER A 5 -24.71 -23.55 -52.41
C SER A 5 -25.22 -23.39 -50.98
N LEU A 6 -26.51 -23.07 -50.88
CA LEU A 6 -27.14 -22.94 -49.57
C LEU A 6 -27.11 -24.26 -48.81
N ALA A 7 -27.31 -25.38 -49.50
CA ALA A 7 -27.31 -26.68 -48.83
C ALA A 7 -25.98 -26.96 -48.14
N VAL A 8 -24.88 -26.47 -48.70
CA VAL A 8 -23.57 -26.69 -48.09
C VAL A 8 -23.28 -25.61 -47.04
N VAL A 9 -23.53 -24.34 -47.38
CA VAL A 9 -23.18 -23.25 -46.48
C VAL A 9 -23.97 -23.35 -45.17
N LEU A 10 -25.26 -23.65 -45.24
CA LEU A 10 -26.09 -23.70 -44.05
C LEU A 10 -25.92 -24.97 -43.23
N GLN A 11 -25.25 -25.99 -43.78
CA GLN A 11 -25.18 -27.28 -43.10
C GLN A 11 -24.41 -27.19 -41.78
N ARG A 12 -23.38 -26.35 -41.69
CA ARG A 12 -22.59 -26.32 -40.43
C ARG A 12 -23.35 -25.54 -39.36
N ARG A 13 -24.40 -24.82 -39.75
CA ARG A 13 -25.21 -24.04 -38.80
C ARG A 13 -24.31 -23.17 -37.92
N ASP A 14 -23.60 -22.26 -38.59
CA ASP A 14 -22.65 -21.39 -37.90
C ASP A 14 -23.32 -20.44 -36.91
N TRP A 15 -24.63 -20.24 -37.02
CA TRP A 15 -25.36 -19.36 -36.12
C TRP A 15 -25.86 -20.06 -34.86
N GLU A 16 -25.51 -21.33 -34.67
CA GLU A 16 -25.77 -22.05 -33.43
C GLU A 16 -24.46 -22.57 -32.84
N ASN A 17 -23.40 -21.78 -32.92
CA ASN A 17 -22.06 -22.20 -32.52
C ASN A 17 -21.30 -20.98 -32.01
N PRO A 18 -21.12 -20.84 -30.70
CA PRO A 18 -20.34 -19.72 -30.17
C PRO A 18 -18.87 -19.79 -30.53
N GLY A 19 -18.37 -20.94 -30.99
CA GLY A 19 -16.99 -21.04 -31.43
C GLY A 19 -16.72 -20.37 -32.76
N VAL A 20 -17.75 -20.10 -33.55
CA VAL A 20 -17.61 -19.41 -34.83
C VAL A 20 -18.43 -18.13 -34.75
N THR A 21 -17.75 -17.00 -34.55
CA THR A 21 -18.39 -15.69 -34.53
C THR A 21 -18.18 -14.91 -35.82
N GLN A 22 -17.36 -15.41 -36.74
CA GLN A 22 -17.13 -14.80 -38.03
C GLN A 22 -16.39 -15.79 -38.90
N LEU A 23 -16.45 -15.58 -40.21
CA LEU A 23 -15.64 -16.33 -41.17
C LEU A 23 -15.17 -15.36 -42.24
N ASN A 24 -13.85 -15.27 -42.43
CA ASN A 24 -13.24 -14.42 -43.45
C ASN A 24 -13.55 -12.94 -43.23
N ARG A 25 -13.61 -12.50 -41.97
CA ARG A 25 -13.82 -11.10 -41.65
C ARG A 25 -12.50 -10.40 -41.37
N LEU A 26 -12.34 -9.20 -41.92
CA LEU A 26 -11.11 -8.44 -41.79
C LEU A 26 -10.98 -7.85 -40.37
N ALA A 27 -9.76 -7.41 -40.04
CA ALA A 27 -9.48 -6.87 -38.72
C ALA A 27 -10.22 -5.55 -38.49
N ALA A 28 -10.53 -5.29 -37.22
CA ALA A 28 -11.13 -4.01 -36.83
C ALA A 28 -10.08 -2.91 -36.82
N HIS A 29 -10.54 -1.67 -36.93
CA HIS A 29 -9.65 -0.52 -37.09
C HIS A 29 -10.47 0.75 -36.92
N PRO A 30 -9.81 1.89 -36.69
CA PRO A 30 -10.52 3.18 -36.65
C PRO A 30 -11.10 3.51 -38.02
N PRO A 31 -12.03 4.47 -38.10
CA PRO A 31 -12.65 4.78 -39.39
C PRO A 31 -11.61 5.17 -40.43
N PHE A 32 -11.78 4.64 -41.64
CA PHE A 32 -10.89 4.90 -42.76
C PHE A 32 -11.69 5.49 -43.92
N ALA A 33 -11.03 6.35 -44.69
CA ALA A 33 -11.59 6.90 -45.91
C ALA A 33 -10.69 6.73 -47.13
N SER A 34 -9.41 6.38 -46.93
CA SER A 34 -8.44 6.18 -48.00
C SER A 34 -8.41 7.38 -48.95
N TRP A 35 -8.19 8.56 -48.37
CA TRP A 35 -7.99 9.75 -49.18
C TRP A 35 -6.69 9.62 -49.96
N ARG A 36 -6.73 10.01 -51.23
CA ARG A 36 -5.53 10.08 -52.05
C ARG A 36 -5.03 11.51 -52.19
N ASN A 37 -5.60 12.44 -51.42
CA ASN A 37 -5.17 13.83 -51.39
C ASN A 37 -5.17 14.32 -49.95
N SER A 38 -4.00 14.76 -49.49
CA SER A 38 -3.84 15.14 -48.10
C SER A 38 -4.67 16.36 -47.71
N GLU A 39 -4.86 17.31 -48.63
CA GLU A 39 -5.73 18.45 -48.35
C GLU A 39 -7.17 18.00 -48.15
N GLU A 40 -7.65 17.07 -48.98
CA GLU A 40 -8.98 16.52 -48.79
C GLU A 40 -9.09 15.78 -47.47
N ALA A 41 -8.06 15.02 -47.08
CA ALA A 41 -8.06 14.38 -45.77
C ALA A 41 -8.12 15.40 -44.64
N ARG A 42 -7.35 16.48 -44.74
CA ARG A 42 -7.34 17.49 -43.69
C ARG A 42 -8.69 18.18 -43.55
N THR A 43 -9.31 18.51 -44.67
CA THR A 43 -10.59 19.23 -44.66
C THR A 43 -11.78 18.32 -44.50
N ASP A 44 -11.57 17.00 -44.40
CA ASP A 44 -12.65 16.02 -44.20
C ASP A 44 -13.66 16.05 -45.34
N ARG A 45 -13.20 16.34 -46.56
CA ARG A 45 -14.08 16.28 -47.71
C ARG A 45 -14.40 14.82 -48.05
N PRO A 46 -15.53 14.56 -48.71
CA PRO A 46 -15.88 13.18 -49.03
C PRO A 46 -14.85 12.52 -49.94
N SER A 47 -14.59 11.25 -49.67
CA SER A 47 -13.58 10.50 -50.41
C SER A 47 -14.23 9.70 -51.54
N GLN A 48 -13.65 9.82 -52.73
CA GLN A 48 -14.11 9.01 -53.86
C GLN A 48 -13.77 7.54 -53.70
N GLN A 49 -12.86 7.20 -52.80
CA GLN A 49 -12.50 5.81 -52.51
C GLN A 49 -13.49 5.12 -51.58
N LEU A 50 -14.35 5.88 -50.93
CA LEU A 50 -15.39 5.33 -50.05
C LEU A 50 -16.74 5.61 -50.71
N ARG A 51 -17.49 4.54 -50.99
CA ARG A 51 -18.71 4.63 -51.78
C ARG A 51 -19.86 4.02 -50.99
N SER A 52 -20.91 4.81 -50.78
CA SER A 52 -22.08 4.32 -50.06
C SER A 52 -22.94 3.43 -50.96
N LEU A 53 -23.34 2.28 -50.42
CA LEU A 53 -24.28 1.39 -51.09
C LEU A 53 -25.69 1.54 -50.52
N ASN A 54 -25.93 2.55 -49.68
CA ASN A 54 -27.26 2.81 -49.17
C ASN A 54 -28.21 3.18 -50.29
N GLY A 55 -29.47 2.80 -50.14
CA GLY A 55 -30.46 3.07 -51.16
C GLY A 55 -31.48 1.96 -51.30
N GLU A 56 -31.92 1.72 -52.53
CA GLU A 56 -32.94 0.70 -52.80
C GLU A 56 -32.27 -0.65 -53.00
N TRP A 57 -32.69 -1.64 -52.22
CA TRP A 57 -32.25 -3.02 -52.33
C TRP A 57 -33.46 -3.91 -52.59
N ARG A 58 -33.20 -5.13 -53.02
CA ARG A 58 -34.23 -6.15 -53.13
C ARG A 58 -34.26 -6.98 -51.86
N PHE A 59 -35.45 -7.30 -51.38
CA PHE A 59 -35.63 -7.96 -50.09
C PHE A 59 -36.72 -9.01 -50.19
N ALA A 60 -36.47 -10.18 -49.60
CA ALA A 60 -37.45 -11.25 -49.51
C ALA A 60 -37.39 -11.85 -48.12
N TRP A 61 -38.55 -12.00 -47.49
CA TRP A 61 -38.67 -12.54 -46.14
C TRP A 61 -39.00 -14.02 -46.19
N PHE A 62 -38.37 -14.80 -45.31
CA PHE A 62 -38.63 -16.22 -45.20
C PHE A 62 -38.75 -16.62 -43.74
N PRO A 63 -39.57 -17.63 -43.41
CA PRO A 63 -39.74 -18.01 -42.00
C PRO A 63 -38.57 -18.77 -41.42
N ALA A 64 -37.70 -19.35 -42.25
CA ALA A 64 -36.56 -20.13 -41.77
C ALA A 64 -35.50 -20.12 -42.86
N PRO A 65 -34.22 -20.28 -42.50
CA PRO A 65 -33.18 -20.31 -43.52
C PRO A 65 -33.34 -21.43 -44.53
N GLU A 66 -33.92 -22.56 -44.12
CA GLU A 66 -34.11 -23.69 -45.02
C GLU A 66 -35.13 -23.42 -46.12
N ALA A 67 -35.93 -22.35 -45.99
CA ALA A 67 -36.94 -22.03 -46.98
C ALA A 67 -36.42 -21.19 -48.13
N VAL A 68 -35.19 -20.71 -48.08
CA VAL A 68 -34.64 -19.88 -49.15
C VAL A 68 -34.31 -20.77 -50.35
N PRO A 69 -34.84 -20.47 -51.53
CA PRO A 69 -34.50 -21.26 -52.71
C PRO A 69 -33.07 -21.03 -53.16
N GLU A 70 -32.48 -22.07 -53.77
CA GLU A 70 -31.13 -21.96 -54.27
C GLU A 70 -30.98 -20.89 -55.34
N SER A 71 -32.03 -20.63 -56.12
CA SER A 71 -31.97 -19.66 -57.21
C SER A 71 -31.71 -18.24 -56.72
N TRP A 72 -31.99 -17.95 -55.45
CA TRP A 72 -31.72 -16.62 -54.92
C TRP A 72 -30.25 -16.26 -55.02
N LEU A 73 -29.36 -17.25 -54.97
CA LEU A 73 -27.93 -16.99 -55.08
C LEU A 73 -27.54 -16.49 -56.47
N GLU A 74 -28.33 -16.78 -57.50
CA GLU A 74 -27.97 -16.42 -58.86
C GLU A 74 -28.73 -15.20 -59.39
N CYS A 75 -30.04 -15.14 -59.15
CA CYS A 75 -30.86 -14.06 -59.68
C CYS A 75 -31.86 -13.61 -58.62
N ASP A 76 -32.32 -12.38 -58.75
CA ASP A 76 -33.30 -11.83 -57.81
C ASP A 76 -34.61 -12.57 -57.91
N LEU A 77 -35.22 -12.84 -56.76
CA LEU A 77 -36.49 -13.54 -56.72
C LEU A 77 -37.59 -12.70 -57.34
N PRO A 78 -38.50 -13.32 -58.08
CA PRO A 78 -39.62 -12.56 -58.65
C PRO A 78 -40.53 -11.93 -57.60
N GLU A 79 -40.66 -12.58 -56.43
CA GLU A 79 -41.58 -12.09 -55.37
C GLU A 79 -40.88 -11.04 -54.49
N ALA A 80 -39.60 -10.78 -54.73
CA ALA A 80 -38.84 -9.86 -53.90
C ALA A 80 -39.37 -8.43 -54.06
N ASP A 81 -39.46 -7.71 -52.96
CA ASP A 81 -39.84 -6.31 -52.96
C ASP A 81 -38.60 -5.43 -53.06
N THR A 82 -38.82 -4.12 -53.19
CA THR A 82 -37.76 -3.13 -53.18
C THR A 82 -37.89 -2.33 -51.90
N VAL A 83 -36.84 -2.30 -51.10
CA VAL A 83 -36.86 -1.65 -49.79
C VAL A 83 -35.66 -0.74 -49.65
N VAL A 84 -35.76 0.20 -48.72
CA VAL A 84 -34.69 1.14 -48.41
C VAL A 84 -33.73 0.47 -47.43
N VAL A 85 -32.43 0.63 -47.68
CA VAL A 85 -31.38 0.13 -46.79
C VAL A 85 -30.52 1.32 -46.41
N PRO A 86 -30.21 1.53 -45.12
CA PRO A 86 -30.52 0.66 -43.95
C PRO A 86 -31.96 0.73 -43.46
N SER A 87 -32.41 -0.34 -42.80
CA SER A 87 -33.75 -0.43 -42.23
C SER A 87 -33.84 -1.68 -41.35
N ASN A 88 -34.88 -1.73 -40.54
CA ASN A 88 -35.28 -2.92 -39.81
C ASN A 88 -36.53 -3.49 -40.47
N TRP A 89 -36.50 -4.78 -40.84
CA TRP A 89 -37.60 -5.29 -41.65
C TRP A 89 -38.90 -5.40 -40.86
N GLN A 90 -38.85 -5.34 -39.52
CA GLN A 90 -40.08 -5.21 -38.74
C GLN A 90 -40.76 -3.87 -38.95
N MET A 91 -40.02 -2.84 -39.36
CA MET A 91 -40.60 -1.54 -39.66
C MET A 91 -41.28 -1.50 -41.02
N HIS A 92 -41.17 -2.58 -41.80
CA HIS A 92 -41.86 -2.71 -43.08
C HIS A 92 -43.02 -3.71 -42.99
N GLY A 93 -43.33 -4.19 -41.80
CA GLY A 93 -44.48 -5.07 -41.59
C GLY A 93 -44.26 -6.52 -41.99
N TYR A 94 -43.03 -6.95 -42.17
CA TYR A 94 -42.74 -8.32 -42.56
C TYR A 94 -42.93 -9.31 -41.42
N ASP A 95 -42.50 -8.97 -40.21
CA ASP A 95 -42.90 -9.69 -39.00
C ASP A 95 -42.88 -8.70 -37.84
N ALA A 96 -43.33 -9.16 -36.68
CA ALA A 96 -43.57 -8.18 -35.63
C ALA A 96 -42.31 -7.91 -34.81
N PRO A 97 -42.09 -6.66 -34.40
CA PRO A 97 -41.09 -6.41 -33.36
C PRO A 97 -41.56 -6.98 -32.03
N ILE A 98 -40.59 -7.37 -31.21
CA ILE A 98 -40.87 -7.96 -29.91
C ILE A 98 -40.22 -7.09 -28.84
N TYR A 99 -41.01 -6.69 -27.85
CA TYR A 99 -40.46 -5.99 -26.68
C TYR A 99 -40.57 -6.90 -25.46
N THR A 100 -39.42 -7.34 -24.96
CA THR A 100 -39.33 -8.04 -23.70
C THR A 100 -38.18 -7.43 -22.90
N ASN A 101 -38.34 -7.41 -21.58
CA ASN A 101 -37.38 -6.69 -20.73
C ASN A 101 -36.19 -7.59 -20.38
N VAL A 102 -36.45 -8.67 -19.65
CA VAL A 102 -35.39 -9.55 -19.16
C VAL A 102 -35.50 -10.95 -19.76
N THR A 103 -36.71 -11.46 -19.90
CA THR A 103 -36.91 -12.78 -20.48
C THR A 103 -36.45 -12.79 -21.94
N TYR A 104 -35.68 -13.82 -22.30
CA TYR A 104 -35.25 -13.94 -23.69
C TYR A 104 -36.47 -14.13 -24.59
N PRO A 105 -36.47 -13.54 -25.79
CA PRO A 105 -37.58 -13.75 -26.72
C PRO A 105 -37.66 -15.15 -27.31
N ILE A 106 -36.67 -15.99 -27.04
CA ILE A 106 -36.64 -17.37 -27.53
C ILE A 106 -36.48 -18.30 -26.34
N THR A 107 -36.71 -19.58 -26.58
CA THR A 107 -36.49 -20.60 -25.55
C THR A 107 -35.02 -20.59 -25.14
N VAL A 108 -34.77 -20.59 -23.83
CA VAL A 108 -33.41 -20.50 -23.31
C VAL A 108 -32.79 -21.89 -23.41
N ASN A 109 -31.94 -22.09 -24.42
CA ASN A 109 -31.26 -23.36 -24.63
C ASN A 109 -30.00 -23.10 -25.43
N PRO A 110 -29.02 -22.43 -24.83
CA PRO A 110 -27.82 -22.02 -25.58
C PRO A 110 -27.02 -23.23 -26.01
N PRO A 111 -26.37 -23.17 -27.17
CA PRO A 111 -26.37 -22.05 -28.13
C PRO A 111 -27.44 -22.16 -29.19
N PHE A 112 -28.46 -22.98 -28.97
CA PHE A 112 -29.47 -23.28 -30.00
C PHE A 112 -30.52 -22.18 -30.08
N VAL A 113 -31.06 -21.99 -31.29
CA VAL A 113 -32.09 -21.00 -31.57
C VAL A 113 -33.25 -21.74 -32.23
N PRO A 114 -34.47 -21.19 -32.22
CA PRO A 114 -35.61 -21.92 -32.79
C PRO A 114 -35.42 -22.22 -34.27
N THR A 115 -35.97 -23.36 -34.69
CA THR A 115 -35.94 -23.72 -36.11
C THR A 115 -36.64 -22.68 -36.97
N GLU A 116 -37.79 -22.18 -36.52
CA GLU A 116 -38.49 -21.10 -37.20
C GLU A 116 -37.76 -19.78 -36.90
N ASN A 117 -36.69 -19.57 -37.64
CA ASN A 117 -35.83 -18.40 -37.46
C ASN A 117 -36.05 -17.44 -38.63
N PRO A 118 -36.73 -16.31 -38.40
CA PRO A 118 -37.03 -15.40 -39.52
C PRO A 118 -35.76 -14.97 -40.23
N THR A 119 -35.80 -15.06 -41.56
CA THR A 119 -34.63 -14.87 -42.40
C THR A 119 -34.94 -13.79 -43.43
N GLY A 120 -34.07 -12.78 -43.51
CA GLY A 120 -34.22 -11.73 -44.49
C GLY A 120 -33.16 -11.79 -45.57
N CYS A 121 -33.58 -11.92 -46.82
CA CYS A 121 -32.68 -12.06 -47.96
C CYS A 121 -32.57 -10.72 -48.69
N TYR A 122 -31.45 -10.05 -48.53
CA TYR A 122 -31.16 -8.80 -49.21
C TYR A 122 -30.31 -9.06 -50.44
N SER A 123 -30.47 -8.23 -51.46
CA SER A 123 -29.65 -8.34 -52.65
C SER A 123 -29.56 -6.98 -53.34
N LEU A 124 -28.42 -6.73 -53.98
CA LEU A 124 -28.16 -5.47 -54.66
C LEU A 124 -27.34 -5.72 -55.91
N THR A 125 -27.74 -5.08 -57.00
CA THR A 125 -26.99 -5.09 -58.26
C THR A 125 -26.30 -3.75 -58.43
N PHE A 126 -24.99 -3.77 -58.60
CA PHE A 126 -24.21 -2.54 -58.61
C PHE A 126 -23.05 -2.68 -59.59
N ASN A 127 -22.56 -1.54 -60.06
CA ASN A 127 -21.43 -1.46 -60.97
C ASN A 127 -20.17 -1.09 -60.20
N VAL A 128 -19.03 -1.56 -60.68
CA VAL A 128 -17.72 -1.22 -60.13
C VAL A 128 -16.84 -0.73 -61.27
N ASP A 129 -16.19 0.41 -61.06
CA ASP A 129 -15.29 0.94 -62.07
C ASP A 129 -14.05 0.06 -62.21
N GLU A 130 -13.54 -0.02 -63.44
CA GLU A 130 -12.40 -0.89 -63.73
C GLU A 130 -11.12 -0.45 -63.03
N SER A 131 -11.01 0.84 -62.68
CA SER A 131 -9.83 1.30 -61.97
C SER A 131 -9.69 0.64 -60.60
N TRP A 132 -10.82 0.43 -59.91
CA TRP A 132 -10.79 -0.23 -58.61
C TRP A 132 -10.34 -1.68 -58.69
N LEU A 133 -10.58 -2.35 -59.81
CA LEU A 133 -10.20 -3.75 -59.95
C LEU A 133 -8.86 -3.94 -60.65
N GLN A 134 -8.32 -2.89 -61.29
CA GLN A 134 -7.00 -3.00 -61.87
C GLN A 134 -5.93 -3.20 -60.80
N GLU A 135 -6.03 -2.48 -59.68
CA GLU A 135 -5.06 -2.59 -58.61
C GLU A 135 -5.73 -2.24 -57.29
N GLY A 136 -5.06 -2.63 -56.21
CA GLY A 136 -5.54 -2.32 -54.88
C GLY A 136 -6.52 -3.34 -54.33
N GLN A 137 -7.10 -2.97 -53.19
CA GLN A 137 -8.00 -3.82 -52.43
C GLN A 137 -9.37 -3.15 -52.33
N THR A 138 -10.42 -3.89 -52.65
CA THR A 138 -11.78 -3.40 -52.52
C THR A 138 -12.51 -4.22 -51.45
N ARG A 139 -12.96 -3.55 -50.40
CA ARG A 139 -13.65 -4.21 -49.30
C ARG A 139 -15.04 -3.61 -49.14
N ILE A 140 -15.96 -4.43 -48.64
CA ILE A 140 -17.31 -4.00 -48.31
C ILE A 140 -17.42 -3.93 -46.79
N ILE A 141 -18.12 -2.92 -46.30
CA ILE A 141 -18.25 -2.63 -44.88
C ILE A 141 -19.73 -2.58 -44.53
N PHE A 142 -20.18 -3.51 -43.68
CA PHE A 142 -21.52 -3.52 -43.12
C PHE A 142 -21.43 -2.93 -41.71
N ASP A 143 -21.91 -1.71 -41.54
CA ASP A 143 -21.80 -1.05 -40.25
C ASP A 143 -22.63 -1.71 -39.16
N GLY A 144 -23.68 -2.45 -39.52
CA GLY A 144 -24.44 -3.19 -38.53
C GLY A 144 -25.47 -4.12 -39.15
N VAL A 145 -25.46 -5.39 -38.75
CA VAL A 145 -26.41 -6.39 -39.25
C VAL A 145 -26.91 -7.20 -38.07
N ASN A 146 -28.23 -7.26 -37.90
CA ASN A 146 -28.87 -7.86 -36.74
C ASN A 146 -29.64 -9.09 -37.19
N SER A 147 -29.22 -10.28 -36.74
CA SER A 147 -28.14 -10.44 -35.76
C SER A 147 -26.93 -11.22 -36.31
N ALA A 148 -27.10 -11.90 -37.44
CA ALA A 148 -26.03 -12.64 -38.08
C ALA A 148 -26.35 -12.80 -39.56
N PHE A 149 -25.32 -13.04 -40.37
CA PHE A 149 -25.54 -13.09 -41.81
C PHE A 149 -24.44 -13.84 -42.53
N HIS A 150 -24.82 -14.52 -43.62
CA HIS A 150 -23.91 -15.02 -44.64
C HIS A 150 -23.90 -14.07 -45.83
N LEU A 151 -22.76 -13.97 -46.49
CA LEU A 151 -22.56 -13.04 -47.60
C LEU A 151 -22.10 -13.79 -48.84
N TRP A 152 -22.75 -13.52 -49.97
CA TRP A 152 -22.35 -14.02 -51.27
C TRP A 152 -22.07 -12.83 -52.18
N CYS A 153 -21.12 -12.98 -53.10
CA CYS A 153 -20.84 -11.98 -54.11
C CYS A 153 -20.73 -12.67 -55.45
N ASN A 154 -21.58 -12.28 -56.39
CA ASN A 154 -21.67 -12.92 -57.71
C ASN A 154 -21.85 -14.42 -57.58
N GLY A 155 -22.62 -14.85 -56.60
CA GLY A 155 -22.92 -16.25 -56.38
C GLY A 155 -21.90 -17.03 -55.60
N ARG A 156 -20.78 -16.43 -55.22
CA ARG A 156 -19.73 -17.12 -54.49
C ARG A 156 -19.77 -16.71 -53.02
N TRP A 157 -19.74 -17.70 -52.13
CA TRP A 157 -19.79 -17.42 -50.70
C TRP A 157 -18.54 -16.66 -50.26
N VAL A 158 -18.75 -15.63 -49.45
CA VAL A 158 -17.68 -14.73 -49.02
C VAL A 158 -17.36 -14.91 -47.53
N GLY A 159 -18.37 -14.87 -46.68
CA GLY A 159 -18.09 -14.94 -45.25
C GLY A 159 -19.34 -14.88 -44.41
N TYR A 160 -19.11 -14.71 -43.11
CA TYR A 160 -20.13 -14.78 -42.07
C TYR A 160 -19.76 -13.82 -40.95
N GLY A 161 -20.76 -13.31 -40.25
CA GLY A 161 -20.53 -12.32 -39.21
C GLY A 161 -21.59 -12.33 -38.14
N GLN A 162 -21.20 -11.93 -36.92
CA GLN A 162 -22.09 -11.76 -35.79
C GLN A 162 -21.78 -10.44 -35.09
N ASP A 163 -22.31 -10.20 -33.89
CA ASP A 163 -22.21 -8.90 -33.22
C ASP A 163 -22.88 -7.79 -34.02
N SER A 164 -24.21 -7.73 -33.95
CA SER A 164 -25.02 -6.78 -34.71
C SER A 164 -24.57 -5.32 -34.58
N ARG A 165 -23.80 -4.95 -33.56
CA ARG A 165 -23.54 -3.54 -33.29
C ARG A 165 -22.15 -3.07 -33.67
N LEU A 166 -21.36 -3.87 -34.37
CA LEU A 166 -20.04 -3.43 -34.81
C LEU A 166 -19.86 -3.75 -36.30
N PRO A 167 -19.04 -2.98 -37.01
CA PRO A 167 -18.92 -3.19 -38.46
C PRO A 167 -18.28 -4.53 -38.80
N SER A 168 -18.72 -5.11 -39.91
CA SER A 168 -18.13 -6.33 -40.45
C SER A 168 -17.65 -6.05 -41.87
N GLU A 169 -16.37 -6.34 -42.13
CA GLU A 169 -15.72 -5.99 -43.38
C GLU A 169 -15.17 -7.25 -44.05
N PHE A 170 -15.30 -7.30 -45.37
CA PHE A 170 -14.89 -8.46 -46.16
C PHE A 170 -14.17 -7.98 -47.41
N ASP A 171 -13.09 -8.68 -47.76
CA ASP A 171 -12.33 -8.37 -48.97
C ASP A 171 -13.07 -8.94 -50.17
N LEU A 172 -13.51 -8.07 -51.08
CA LEU A 172 -14.21 -8.48 -52.28
C LEU A 172 -13.33 -8.43 -53.53
N SER A 173 -12.02 -8.26 -53.36
CA SER A 173 -11.14 -8.09 -54.51
C SER A 173 -11.16 -9.28 -55.45
N ALA A 174 -11.19 -10.50 -54.93
CA ALA A 174 -11.18 -11.71 -55.75
C ALA A 174 -12.56 -12.13 -56.24
N PHE A 175 -13.62 -11.43 -55.83
CA PHE A 175 -14.98 -11.78 -56.19
C PHE A 175 -15.61 -10.84 -57.21
N LEU A 176 -15.16 -9.60 -57.28
CA LEU A 176 -15.80 -8.60 -58.13
C LEU A 176 -15.33 -8.73 -59.57
N ARG A 177 -16.19 -8.30 -60.49
CA ARG A 177 -15.89 -8.25 -61.91
C ARG A 177 -16.25 -6.87 -62.46
N ALA A 178 -15.63 -6.53 -63.58
CA ALA A 178 -15.93 -5.26 -64.23
C ALA A 178 -17.38 -5.24 -64.72
N GLY A 179 -18.04 -4.13 -64.50
CA GLY A 179 -19.43 -3.97 -64.93
C GLY A 179 -20.40 -4.37 -63.82
N GLU A 180 -21.36 -5.22 -64.16
CA GLU A 180 -22.48 -5.54 -63.28
C GLU A 180 -22.08 -6.61 -62.25
N ASN A 181 -22.39 -6.34 -60.99
CA ASN A 181 -22.12 -7.25 -59.88
C ASN A 181 -23.37 -7.40 -59.04
N ARG A 182 -23.51 -8.54 -58.37
CA ARG A 182 -24.64 -8.78 -57.49
C ARG A 182 -24.18 -9.22 -56.12
N LEU A 183 -24.83 -8.68 -55.09
CA LEU A 183 -24.55 -8.92 -53.69
C LEU A 183 -25.74 -9.68 -53.13
N ALA A 184 -25.50 -10.72 -52.34
CA ALA A 184 -26.57 -11.49 -51.71
C ALA A 184 -26.26 -11.68 -50.23
N VAL A 185 -27.12 -11.13 -49.37
CA VAL A 185 -26.92 -11.17 -47.92
C VAL A 185 -28.12 -11.86 -47.30
N MET A 186 -27.84 -12.95 -46.57
CA MET A 186 -28.92 -13.67 -45.84
C MET A 186 -28.79 -13.33 -44.36
N VAL A 187 -29.72 -12.56 -43.80
CA VAL A 187 -29.71 -12.09 -42.42
C VAL A 187 -30.62 -12.97 -41.59
N LEU A 188 -30.12 -13.46 -40.46
CA LEU A 188 -30.89 -14.30 -39.55
C LEU A 188 -31.26 -13.52 -38.30
N ARG A 189 -32.53 -13.63 -37.90
CA ARG A 189 -32.99 -12.92 -36.72
C ARG A 189 -32.34 -13.43 -35.44
N TRP A 190 -32.20 -14.75 -35.31
CA TRP A 190 -31.64 -15.35 -34.10
C TRP A 190 -30.34 -16.08 -34.41
N SER A 191 -29.41 -16.02 -33.47
CA SER A 191 -28.12 -16.70 -33.55
C SER A 191 -27.62 -16.91 -32.14
N ASP A 192 -26.48 -17.59 -31.99
CA ASP A 192 -25.89 -17.71 -30.66
C ASP A 192 -25.44 -16.37 -30.14
N GLY A 193 -25.21 -15.39 -31.03
CA GLY A 193 -24.94 -14.03 -30.59
C GLY A 193 -26.10 -13.38 -29.89
N SER A 194 -27.33 -13.83 -30.16
CA SER A 194 -28.50 -13.29 -29.48
C SER A 194 -28.48 -13.53 -27.98
N TYR A 195 -27.81 -14.59 -27.53
CA TYR A 195 -27.69 -14.82 -26.09
C TYR A 195 -26.87 -13.73 -25.41
N LEU A 196 -26.02 -13.03 -26.15
CA LEU A 196 -25.25 -11.91 -25.62
C LEU A 196 -25.91 -10.56 -25.92
N GLU A 197 -27.16 -10.55 -26.39
CA GLU A 197 -27.84 -9.34 -26.83
C GLU A 197 -29.23 -9.24 -26.22
N ASP A 198 -29.32 -9.42 -24.90
CA ASP A 198 -30.59 -9.43 -24.19
C ASP A 198 -30.92 -8.07 -23.58
N GLN A 199 -30.61 -6.98 -24.28
CA GLN A 199 -30.92 -5.64 -23.80
C GLN A 199 -32.43 -5.44 -23.67
N ASP A 200 -32.81 -4.57 -22.72
CA ASP A 200 -34.19 -4.17 -22.50
C ASP A 200 -34.57 -3.16 -23.58
N MET A 201 -35.04 -3.67 -24.71
CA MET A 201 -35.37 -2.85 -25.86
C MET A 201 -36.14 -3.69 -26.87
N TRP A 202 -36.71 -3.04 -27.86
CA TRP A 202 -37.38 -3.75 -28.94
C TRP A 202 -36.39 -4.67 -29.64
N ARG A 203 -36.84 -5.88 -29.98
CA ARG A 203 -36.02 -6.84 -30.70
C ARG A 203 -36.36 -6.77 -32.18
N MET A 204 -35.46 -6.19 -32.95
CA MET A 204 -35.63 -6.03 -34.40
C MET A 204 -34.49 -6.76 -35.12
N SER A 205 -34.47 -6.65 -36.44
CA SER A 205 -33.45 -7.31 -37.23
C SER A 205 -33.32 -6.63 -38.58
N GLY A 206 -32.23 -6.93 -39.28
CA GLY A 206 -32.00 -6.46 -40.62
C GLY A 206 -30.68 -5.73 -40.75
N ILE A 207 -30.44 -5.18 -41.95
CA ILE A 207 -29.26 -4.36 -42.22
C ILE A 207 -29.63 -2.93 -41.82
N PHE A 208 -29.42 -2.60 -40.55
CA PHE A 208 -29.94 -1.38 -39.97
C PHE A 208 -28.91 -0.25 -39.86
N ARG A 209 -27.69 -0.45 -40.34
CA ARG A 209 -26.71 0.62 -40.46
C ARG A 209 -26.12 0.59 -41.87
N ASP A 210 -25.26 1.57 -42.16
CA ASP A 210 -24.82 1.82 -43.53
C ASP A 210 -24.02 0.66 -44.11
N VAL A 211 -24.03 0.55 -45.44
CA VAL A 211 -23.22 -0.40 -46.20
C VAL A 211 -22.40 0.40 -47.20
N SER A 212 -21.11 0.09 -47.28
CA SER A 212 -20.24 0.88 -48.14
C SER A 212 -19.10 0.03 -48.69
N LEU A 213 -18.52 0.50 -49.78
CA LEU A 213 -17.33 -0.08 -50.39
C LEU A 213 -16.14 0.86 -50.18
N LEU A 214 -15.02 0.29 -49.78
CA LEU A 214 -13.79 1.06 -49.58
C LEU A 214 -12.69 0.47 -50.45
N HIS A 215 -11.99 1.32 -51.20
CA HIS A 215 -10.88 0.91 -52.03
C HIS A 215 -9.58 1.41 -51.40
N LYS A 216 -8.66 0.49 -51.12
CA LYS A 216 -7.36 0.80 -50.58
C LYS A 216 -6.28 0.35 -51.54
N PRO A 217 -5.12 1.01 -51.55
CA PRO A 217 -3.98 0.48 -52.31
C PRO A 217 -3.43 -0.76 -51.63
N THR A 218 -2.65 -1.54 -52.40
CA THR A 218 -2.06 -2.76 -51.87
C THR A 218 -1.15 -2.46 -50.69
N THR A 219 -0.33 -1.42 -50.82
CA THR A 219 0.44 -0.90 -49.69
C THR A 219 -0.36 0.21 -49.02
N GLN A 220 -0.71 0.01 -47.75
CA GLN A 220 -1.77 0.82 -47.16
C GLN A 220 -1.53 1.02 -45.67
N ILE A 221 -2.19 2.04 -45.13
CA ILE A 221 -2.29 2.23 -43.69
C ILE A 221 -3.36 1.27 -43.17
N SER A 222 -2.99 0.42 -42.22
CA SER A 222 -3.92 -0.59 -41.70
C SER A 222 -4.44 -0.30 -40.30
N ASP A 223 -3.78 0.60 -39.56
CA ASP A 223 -4.19 0.97 -38.21
C ASP A 223 -3.34 2.16 -37.78
N PHE A 224 -3.95 3.06 -37.00
CA PHE A 224 -3.19 4.12 -36.38
C PHE A 224 -3.82 4.48 -35.04
N HIS A 225 -2.97 4.75 -34.05
CA HIS A 225 -3.40 5.10 -32.71
C HIS A 225 -2.86 6.47 -32.34
N VAL A 226 -3.67 7.24 -31.63
CA VAL A 226 -3.31 8.58 -31.18
C VAL A 226 -3.38 8.63 -29.67
N ALA A 227 -2.30 9.11 -29.04
CA ALA A 227 -2.22 9.22 -27.60
C ALA A 227 -1.61 10.57 -27.24
N THR A 228 -2.10 11.15 -26.15
CA THR A 228 -1.63 12.44 -25.67
C THR A 228 -1.08 12.30 -24.25
N ARG A 229 0.10 12.87 -24.04
CA ARG A 229 0.71 12.87 -22.70
C ARG A 229 0.96 14.33 -22.32
N PHE A 230 0.95 14.66 -21.05
CA PHE A 230 1.05 16.03 -20.57
C PHE A 230 2.04 16.12 -19.41
N ASN A 231 2.50 17.34 -19.14
CA ASN A 231 3.28 17.62 -17.94
C ASN A 231 2.32 17.92 -16.79
N ASP A 232 2.86 18.36 -15.65
CA ASP A 232 2.04 18.49 -14.45
C ASP A 232 0.99 19.59 -14.59
N ASP A 233 1.31 20.69 -15.27
CA ASP A 233 0.39 21.81 -15.42
C ASP A 233 -0.27 21.87 -16.79
N PHE A 234 -0.10 20.83 -17.60
CA PHE A 234 -0.79 20.68 -18.89
C PHE A 234 -0.35 21.73 -19.91
N SER A 235 0.73 22.45 -19.63
CA SER A 235 1.23 23.47 -20.53
C SER A 235 2.08 22.89 -21.66
N ARG A 236 2.49 21.62 -21.55
CA ARG A 236 3.26 20.96 -22.60
C ARG A 236 2.64 19.58 -22.84
N ALA A 237 2.46 19.23 -24.11
CA ALA A 237 1.87 17.95 -24.47
C ALA A 237 2.72 17.28 -25.55
N VAL A 238 2.71 15.94 -25.53
CA VAL A 238 3.37 15.13 -26.54
C VAL A 238 2.30 14.30 -27.22
N LEU A 239 2.17 14.46 -28.52
CA LEU A 239 1.20 13.71 -29.31
C LEU A 239 1.91 12.50 -29.92
N GLU A 240 1.58 11.31 -29.43
CA GLU A 240 2.22 10.08 -29.87
C GLU A 240 1.29 9.34 -30.83
N ALA A 241 1.75 9.15 -32.06
CA ALA A 241 0.97 8.47 -33.09
C ALA A 241 1.71 7.24 -33.57
N GLU A 242 1.09 6.07 -33.40
CA GLU A 242 1.62 4.80 -33.87
C GLU A 242 0.86 4.42 -35.13
N VAL A 243 1.58 4.16 -36.22
CA VAL A 243 0.99 3.84 -37.51
C VAL A 243 1.44 2.45 -37.93
N GLN A 244 0.49 1.65 -38.42
CA GLN A 244 0.75 0.29 -38.88
C GLN A 244 0.37 0.16 -40.34
N MET A 245 1.11 -0.67 -41.07
CA MET A 245 0.90 -0.83 -42.50
C MET A 245 0.80 -2.31 -42.86
N CYS A 246 0.16 -2.57 -44.01
CA CYS A 246 0.15 -3.88 -44.63
C CYS A 246 0.57 -3.74 -46.10
N GLY A 247 1.11 -4.81 -46.64
CA GLY A 247 1.70 -4.81 -47.96
C GLY A 247 3.21 -4.93 -47.88
N GLU A 248 3.84 -4.80 -49.04
CA GLU A 248 5.28 -4.98 -49.16
C GLU A 248 6.02 -3.77 -48.62
N LEU A 249 6.90 -4.01 -47.64
CA LEU A 249 7.72 -2.94 -47.10
C LEU A 249 8.84 -2.59 -48.07
N ARG A 250 9.05 -1.30 -48.27
CA ARG A 250 10.16 -0.83 -49.13
C ARG A 250 10.91 0.26 -48.38
N ASP A 251 12.21 0.38 -48.57
CA ASP A 251 13.06 1.33 -47.87
C ASP A 251 12.71 2.78 -48.16
N TYR A 252 12.04 3.05 -49.28
CA TYR A 252 11.65 4.42 -49.62
C TYR A 252 10.35 4.85 -48.98
N LEU A 253 9.63 3.94 -48.33
CA LEU A 253 8.35 4.28 -47.70
C LEU A 253 8.57 5.23 -46.53
N ARG A 254 7.66 6.20 -46.38
CA ARG A 254 7.71 7.15 -45.28
C ARG A 254 6.30 7.37 -44.75
N VAL A 255 6.22 7.81 -43.50
CA VAL A 255 4.96 8.20 -42.87
C VAL A 255 5.14 9.60 -42.30
N THR A 256 4.21 10.48 -42.61
CA THR A 256 4.19 11.83 -42.07
C THR A 256 2.88 12.06 -41.31
N VAL A 257 2.99 12.52 -40.07
CA VAL A 257 1.84 12.88 -39.25
C VAL A 257 1.91 14.38 -38.99
N SER A 258 0.88 15.11 -39.41
CA SER A 258 0.81 16.55 -39.21
C SER A 258 -0.43 16.89 -38.38
N LEU A 259 -0.26 17.83 -37.46
CA LEU A 259 -1.34 18.27 -36.57
C LEU A 259 -1.75 19.68 -36.96
N TRP A 260 -3.05 19.88 -37.11
CA TRP A 260 -3.59 21.16 -37.57
C TRP A 260 -4.57 21.71 -36.55
N GLN A 261 -4.48 23.01 -36.30
CA GLN A 261 -5.48 23.75 -35.52
C GLN A 261 -6.18 24.68 -36.50
N GLY A 262 -7.31 24.24 -37.02
CA GLY A 262 -7.98 24.96 -38.09
C GLY A 262 -7.18 24.95 -39.37
N GLU A 263 -6.73 26.12 -39.83
CA GLU A 263 -5.93 26.23 -41.04
C GLU A 263 -4.43 26.25 -40.76
N THR A 264 -4.02 26.28 -39.51
CA THR A 264 -2.61 26.40 -39.16
C THR A 264 -2.05 25.05 -38.73
N GLN A 265 -0.89 24.71 -39.30
CA GLN A 265 -0.18 23.49 -38.93
C GLN A 265 0.60 23.75 -37.65
N VAL A 266 0.34 22.96 -36.62
CA VAL A 266 0.97 23.15 -35.32
C VAL A 266 2.23 22.30 -35.17
N ALA A 267 2.19 21.06 -35.66
CA ALA A 267 3.33 20.16 -35.52
C ALA A 267 3.33 19.18 -36.69
N SER A 268 4.50 18.57 -36.91
CA SER A 268 4.66 17.61 -37.99
C SER A 268 5.81 16.68 -37.67
N GLY A 269 5.79 15.50 -38.27
CA GLY A 269 6.88 14.56 -38.13
C GLY A 269 6.88 13.58 -39.28
N THR A 270 8.08 13.14 -39.66
CA THR A 270 8.26 12.18 -40.74
C THR A 270 9.29 11.15 -40.31
N ALA A 271 9.06 9.89 -40.68
CA ALA A 271 9.98 8.82 -40.30
C ALA A 271 9.78 7.65 -41.25
N PRO A 272 10.82 6.86 -41.49
CA PRO A 272 10.63 5.58 -42.18
C PRO A 272 10.05 4.54 -41.23
N PHE A 273 9.60 3.44 -41.80
CA PHE A 273 9.02 2.38 -40.98
C PHE A 273 10.10 1.67 -40.17
N GLY A 274 9.66 1.01 -39.10
CA GLY A 274 10.56 0.32 -38.19
C GLY A 274 10.49 0.87 -36.77
N GLY A 275 9.90 0.10 -35.87
CA GLY A 275 9.76 0.52 -34.49
C GLY A 275 10.95 0.16 -33.64
N GLU A 276 10.89 0.58 -32.38
CA GLU A 276 11.95 0.32 -31.42
C GLU A 276 11.96 -1.16 -31.04
N ILE A 277 13.10 -1.61 -30.51
CA ILE A 277 13.22 -2.97 -30.02
C ILE A 277 12.27 -3.17 -28.85
N ILE A 278 11.51 -4.26 -28.87
CA ILE A 278 10.58 -4.55 -27.79
C ILE A 278 10.88 -5.86 -27.08
N ASP A 279 11.52 -6.84 -27.72
CA ASP A 279 11.86 -8.09 -27.05
C ASP A 279 13.08 -8.69 -27.74
N GLU A 280 13.38 -9.96 -27.42
CA GLU A 280 14.58 -10.60 -27.91
C GLU A 280 14.64 -10.68 -29.43
N ARG A 281 13.50 -10.80 -30.10
CA ARG A 281 13.48 -10.99 -31.55
C ARG A 281 13.51 -9.67 -32.32
N GLY A 282 13.40 -8.53 -31.66
CA GLY A 282 13.50 -7.24 -32.31
C GLY A 282 12.23 -6.42 -32.13
N GLY A 283 11.94 -5.60 -33.16
CA GLY A 283 10.78 -4.75 -33.14
C GLY A 283 9.88 -4.94 -34.35
N TYR A 284 8.86 -4.10 -34.48
CA TYR A 284 7.92 -4.17 -35.60
C TYR A 284 8.49 -3.43 -36.79
N ALA A 285 8.85 -4.16 -37.85
CA ALA A 285 9.32 -3.52 -39.07
C ALA A 285 8.20 -2.84 -39.84
N ASP A 286 6.95 -3.21 -39.59
CA ASP A 286 5.80 -2.65 -40.29
C ASP A 286 5.04 -1.63 -39.44
N ARG A 287 5.71 -1.00 -38.47
CA ARG A 287 5.10 0.04 -37.65
C ARG A 287 6.09 1.17 -37.44
N VAL A 288 5.56 2.37 -37.19
CA VAL A 288 6.35 3.53 -36.84
C VAL A 288 5.57 4.37 -35.85
N THR A 289 6.29 4.97 -34.90
CA THR A 289 5.69 5.84 -33.89
C THR A 289 6.32 7.22 -34.02
N LEU A 290 5.47 8.23 -34.21
CA LEU A 290 5.92 9.61 -34.35
C LEU A 290 5.45 10.41 -33.14
N ARG A 291 6.36 11.17 -32.56
CA ARG A 291 6.07 11.96 -31.37
C ARG A 291 6.17 13.43 -31.72
N LEU A 292 5.07 14.16 -31.54
CA LEU A 292 5.00 15.57 -31.87
C LEU A 292 4.80 16.37 -30.59
N ASN A 293 5.64 17.38 -30.38
CA ASN A 293 5.51 18.27 -29.24
C ASN A 293 4.53 19.38 -29.56
N VAL A 294 3.62 19.67 -28.63
CA VAL A 294 2.68 20.77 -28.76
C VAL A 294 2.82 21.65 -27.52
N GLU A 295 3.07 22.94 -27.73
CA GLU A 295 3.21 23.88 -26.64
C GLU A 295 1.87 24.57 -26.39
N ASN A 296 1.50 24.67 -25.12
CA ASN A 296 0.25 25.29 -24.68
C ASN A 296 -0.94 24.76 -25.49
N PRO A 297 -1.18 23.45 -25.47
CA PRO A 297 -2.29 22.90 -26.25
C PRO A 297 -3.63 23.37 -25.72
N LYS A 298 -4.59 23.51 -26.63
CA LYS A 298 -5.96 23.82 -26.25
C LYS A 298 -6.67 22.53 -25.85
N LEU A 299 -7.05 22.42 -24.60
CA LEU A 299 -7.53 21.16 -24.05
C LEU A 299 -8.99 20.92 -24.39
N TRP A 300 -9.32 19.65 -24.59
CA TRP A 300 -10.69 19.25 -24.90
C TRP A 300 -11.48 18.96 -23.63
N SER A 301 -12.72 19.42 -23.60
CA SER A 301 -13.65 19.12 -22.52
C SER A 301 -15.06 19.31 -23.03
N ALA A 302 -16.03 18.80 -22.28
CA ALA A 302 -17.42 19.03 -22.64
C ALA A 302 -17.77 20.52 -22.58
N GLU A 303 -17.11 21.28 -21.70
CA GLU A 303 -17.34 22.71 -21.62
C GLU A 303 -16.79 23.43 -22.84
N ILE A 304 -15.54 23.15 -23.21
CA ILE A 304 -14.90 23.72 -24.40
C ILE A 304 -14.31 22.59 -25.23
N PRO A 305 -15.02 22.08 -26.24
CA PRO A 305 -14.50 20.94 -27.03
C PRO A 305 -13.49 21.37 -28.10
N ASN A 306 -12.33 21.85 -27.63
CA ASN A 306 -11.24 22.19 -28.54
C ASN A 306 -10.79 20.94 -29.28
N LEU A 307 -10.64 21.03 -30.60
CA LEU A 307 -10.24 19.90 -31.42
C LEU A 307 -9.11 20.31 -32.37
N TYR A 308 -8.17 19.39 -32.56
CA TYR A 308 -7.17 19.48 -33.59
C TYR A 308 -7.46 18.45 -34.68
N ARG A 309 -6.80 18.60 -35.82
CA ARG A 309 -6.96 17.69 -36.95
C ARG A 309 -5.60 17.04 -37.22
N ALA A 310 -5.53 15.73 -37.04
CA ALA A 310 -4.32 14.98 -37.33
C ALA A 310 -4.46 14.26 -38.67
N VAL A 311 -3.47 14.42 -39.53
CA VAL A 311 -3.47 13.80 -40.85
C VAL A 311 -2.30 12.84 -40.91
N VAL A 312 -2.57 11.60 -41.31
CA VAL A 312 -1.55 10.55 -41.39
C VAL A 312 -1.32 10.28 -42.87
N GLU A 313 -0.09 10.52 -43.33
CA GLU A 313 0.27 10.40 -44.73
C GLU A 313 1.19 9.21 -44.92
N LEU A 314 0.84 8.32 -45.84
CA LEU A 314 1.74 7.29 -46.31
C LEU A 314 2.27 7.72 -47.67
N HIS A 315 3.59 7.87 -47.77
CA HIS A 315 4.18 8.41 -48.99
C HIS A 315 5.59 7.88 -49.14
N THR A 316 6.11 7.96 -50.37
CA THR A 316 7.47 7.57 -50.65
C THR A 316 8.43 8.70 -50.32
N ALA A 317 9.73 8.40 -50.37
CA ALA A 317 10.75 9.37 -49.99
C ALA A 317 10.80 10.56 -50.95
N ASP A 318 10.51 10.33 -52.24
CA ASP A 318 10.53 11.44 -53.18
C ASP A 318 9.40 12.42 -52.93
N GLY A 319 8.23 11.93 -52.51
CA GLY A 319 7.16 12.81 -52.09
C GLY A 319 5.78 12.50 -52.62
N THR A 320 5.63 11.40 -53.36
CA THR A 320 4.32 11.05 -53.90
C THR A 320 3.48 10.37 -52.83
N LEU A 321 2.21 10.78 -52.74
CA LEU A 321 1.32 10.28 -51.69
C LEU A 321 0.72 8.95 -52.10
N ILE A 322 0.83 7.96 -51.23
CA ILE A 322 0.17 6.67 -51.45
C ILE A 322 -1.23 6.67 -50.86
N GLU A 323 -1.37 7.12 -49.61
CA GLU A 323 -2.66 7.11 -48.93
C GLU A 323 -2.62 8.09 -47.78
N ALA A 324 -3.78 8.64 -47.43
CA ALA A 324 -3.94 9.53 -46.30
C ALA A 324 -5.13 9.10 -45.45
N GLU A 325 -4.97 9.22 -44.13
CA GLU A 325 -6.07 9.03 -43.19
C GLU A 325 -6.01 10.15 -42.17
N ALA A 326 -7.16 10.44 -41.55
CA ALA A 326 -7.26 11.57 -40.64
C ALA A 326 -8.25 11.27 -39.53
N CYS A 327 -8.11 11.99 -38.43
CA CYS A 327 -9.05 11.92 -37.33
C CYS A 327 -8.95 13.19 -36.50
N ASP A 328 -10.06 13.55 -35.85
CA ASP A 328 -10.06 14.68 -34.94
C ASP A 328 -9.34 14.29 -33.65
N VAL A 329 -8.58 15.24 -33.11
CA VAL A 329 -7.76 15.02 -31.93
C VAL A 329 -8.22 15.97 -30.84
N GLY A 330 -8.52 15.41 -29.67
CA GLY A 330 -8.82 16.19 -28.48
C GLY A 330 -7.78 15.94 -27.41
N PHE A 331 -7.09 17.00 -27.01
CA PHE A 331 -6.08 16.91 -25.97
C PHE A 331 -6.77 16.88 -24.62
N ARG A 332 -6.80 15.73 -23.99
CA ARG A 332 -7.37 15.66 -22.62
C ARG A 332 -6.82 14.43 -21.90
N GLU A 333 -6.70 14.52 -20.61
CA GLU A 333 -6.21 13.38 -19.79
C GLU A 333 -7.34 12.92 -18.87
N VAL A 334 -7.58 11.62 -18.83
CA VAL A 334 -8.61 11.04 -17.94
C VAL A 334 -7.87 10.11 -16.97
N ARG A 335 -8.08 10.22 -15.67
CA ARG A 335 -7.47 9.32 -14.70
C ARG A 335 -8.21 9.39 -13.37
N ILE A 336 -8.11 8.30 -12.62
CA ILE A 336 -8.64 8.22 -11.26
C ILE A 336 -7.45 8.37 -10.33
N GLU A 337 -7.47 9.39 -9.48
CA GLU A 337 -6.41 9.63 -8.51
C GLU A 337 -7.02 9.88 -7.13
N ASN A 338 -6.55 9.13 -6.14
CA ASN A 338 -7.01 9.25 -4.76
C ASN A 338 -8.53 9.13 -4.67
N GLY A 339 -9.12 8.24 -5.46
CA GLY A 339 -10.55 7.98 -5.40
C GLY A 339 -11.43 8.92 -6.18
N LEU A 340 -10.85 9.82 -6.98
CA LEU A 340 -11.62 10.79 -7.75
C LEU A 340 -11.32 10.65 -9.23
N LEU A 341 -12.37 10.67 -10.05
CA LEU A 341 -12.20 10.68 -11.50
C LEU A 341 -11.86 12.10 -11.95
N LEU A 342 -10.70 12.27 -12.58
CA LEU A 342 -10.20 13.58 -12.98
C LEU A 342 -10.16 13.70 -14.50
N LEU A 343 -10.58 14.86 -15.01
CA LEU A 343 -10.39 15.24 -16.40
C LEU A 343 -9.54 16.50 -16.45
N ASN A 344 -8.35 16.39 -17.05
CA ASN A 344 -7.40 17.49 -17.13
C ASN A 344 -7.11 18.06 -15.73
N GLY A 345 -6.94 17.16 -14.76
CA GLY A 345 -6.57 17.55 -13.42
C GLY A 345 -7.70 17.99 -12.51
N LYS A 346 -8.95 18.01 -12.99
CA LYS A 346 -10.06 18.51 -12.20
C LYS A 346 -11.12 17.44 -12.03
N PRO A 347 -11.72 17.31 -10.83
CA PRO A 347 -12.70 16.24 -10.60
C PRO A 347 -14.00 16.50 -11.35
N LEU A 348 -14.45 15.49 -12.09
CA LEU A 348 -15.67 15.63 -12.87
C LEU A 348 -16.91 15.49 -11.99
N LEU A 349 -18.00 16.10 -12.44
CA LEU A 349 -19.34 15.85 -11.91
C LEU A 349 -20.22 15.46 -13.09
N ILE A 350 -20.55 14.17 -13.18
CA ILE A 350 -21.19 13.61 -14.37
C ILE A 350 -22.68 13.94 -14.34
N ARG A 351 -23.13 14.78 -15.27
CA ARG A 351 -24.54 15.06 -15.49
C ARG A 351 -24.99 14.22 -16.68
N GLY A 352 -25.18 12.93 -16.43
CA GLY A 352 -25.33 11.98 -17.52
C GLY A 352 -26.73 11.47 -17.79
N VAL A 353 -26.91 10.85 -18.95
CA VAL A 353 -28.16 10.18 -19.31
C VAL A 353 -27.83 8.98 -20.20
N ASN A 354 -28.59 7.90 -20.02
CA ASN A 354 -28.50 6.74 -20.91
C ASN A 354 -29.32 7.00 -22.17
N ARG A 355 -28.78 6.61 -23.33
CA ARG A 355 -29.46 6.86 -24.60
C ARG A 355 -29.41 5.62 -25.46
N HIS A 356 -30.58 5.07 -25.77
CA HIS A 356 -30.71 4.05 -26.80
C HIS A 356 -30.79 4.69 -28.18
N GLU A 357 -30.42 3.92 -29.19
CA GLU A 357 -30.59 4.34 -30.59
C GLU A 357 -31.99 3.95 -31.02
N HIS A 358 -32.92 4.89 -30.95
CA HIS A 358 -34.32 4.60 -31.20
C HIS A 358 -34.97 5.73 -31.97
N HIS A 359 -35.79 5.36 -32.97
CA HIS A 359 -36.59 6.29 -33.73
C HIS A 359 -38.00 5.71 -33.87
N PRO A 360 -39.04 6.50 -33.61
CA PRO A 360 -40.40 5.93 -33.60
C PRO A 360 -40.86 5.43 -34.96
N LEU A 361 -40.27 5.91 -36.05
CA LEU A 361 -40.64 5.48 -37.39
C LEU A 361 -39.64 4.50 -38.00
N HIS A 362 -38.34 4.73 -37.82
CA HIS A 362 -37.31 3.92 -38.46
C HIS A 362 -36.72 2.87 -37.53
N GLY A 363 -37.32 2.65 -36.36
CA GLY A 363 -36.86 1.64 -35.45
C GLY A 363 -35.51 1.98 -34.84
N GLN A 364 -34.50 1.18 -35.14
CA GLN A 364 -33.16 1.38 -34.60
C GLN A 364 -32.17 1.86 -35.66
N VAL A 365 -32.67 2.47 -36.73
CA VAL A 365 -31.86 3.11 -37.75
C VAL A 365 -31.67 4.57 -37.35
N MET A 366 -30.42 5.00 -37.24
CA MET A 366 -30.11 6.34 -36.76
C MET A 366 -29.69 7.25 -37.91
N ASP A 367 -29.97 8.53 -37.78
CA ASP A 367 -29.60 9.54 -38.76
C ASP A 367 -28.97 10.74 -38.07
N GLU A 368 -28.18 11.48 -38.85
CA GLU A 368 -27.44 12.62 -38.31
C GLU A 368 -28.38 13.67 -37.74
N GLN A 369 -29.54 13.89 -38.38
CA GLN A 369 -30.46 14.90 -37.87
C GLN A 369 -30.99 14.55 -36.49
N THR A 370 -31.42 13.30 -36.29
CA THR A 370 -31.87 12.87 -34.97
C THR A 370 -30.74 12.93 -33.95
N MET A 371 -29.53 12.54 -34.34
CA MET A 371 -28.40 12.62 -33.42
C MET A 371 -28.14 14.06 -32.97
N VAL A 372 -28.13 15.00 -33.92
CA VAL A 372 -27.88 16.40 -33.59
C VAL A 372 -29.01 16.95 -32.71
N GLN A 373 -30.26 16.62 -33.05
CA GLN A 373 -31.38 17.04 -32.22
C GLN A 373 -31.21 16.57 -30.79
N ASP A 374 -30.86 15.29 -30.60
CA ASP A 374 -30.65 14.76 -29.26
C ASP A 374 -29.52 15.49 -28.54
N ILE A 375 -28.38 15.69 -29.22
CA ILE A 375 -27.24 16.32 -28.56
C ILE A 375 -27.58 17.74 -28.13
N LEU A 376 -28.22 18.50 -29.01
CA LEU A 376 -28.60 19.87 -28.66
C LEU A 376 -29.58 19.88 -27.49
N LEU A 377 -30.58 19.01 -27.51
CA LEU A 377 -31.53 18.97 -26.40
C LEU A 377 -30.84 18.62 -25.09
N MET A 378 -29.92 17.65 -25.12
CA MET A 378 -29.20 17.27 -23.90
C MET A 378 -28.39 18.43 -23.36
N LYS A 379 -27.62 19.10 -24.21
CA LYS A 379 -26.79 20.20 -23.73
C LYS A 379 -27.63 21.37 -23.25
N GLN A 380 -28.75 21.66 -23.92
CA GLN A 380 -29.65 22.72 -23.47
C GLN A 380 -30.29 22.42 -22.13
N ASN A 381 -30.31 21.15 -21.70
CA ASN A 381 -30.86 20.76 -20.41
C ASN A 381 -29.78 20.35 -19.42
N ASN A 382 -28.57 20.90 -19.60
CA ASN A 382 -27.48 20.80 -18.63
C ASN A 382 -26.97 19.37 -18.43
N PHE A 383 -27.05 18.55 -19.47
CA PHE A 383 -26.37 17.26 -19.50
C PHE A 383 -24.99 17.43 -20.11
N ASN A 384 -24.01 16.72 -19.54
CA ASN A 384 -22.65 16.75 -20.09
C ASN A 384 -22.09 15.37 -20.41
N ALA A 385 -22.87 14.29 -20.27
CA ALA A 385 -22.36 12.96 -20.51
C ALA A 385 -23.48 12.04 -20.97
N VAL A 386 -23.12 11.04 -21.78
CA VAL A 386 -24.06 10.06 -22.31
C VAL A 386 -23.44 8.68 -22.17
N ARG A 387 -24.26 7.71 -21.77
CA ARG A 387 -23.88 6.30 -21.75
C ARG A 387 -24.52 5.61 -22.95
N CYS A 388 -23.70 4.92 -23.74
CA CYS A 388 -24.17 4.23 -24.95
C CYS A 388 -24.78 2.89 -24.54
N SER A 389 -25.98 2.96 -23.96
CA SER A 389 -26.66 1.79 -23.44
C SER A 389 -27.39 1.05 -24.56
N HIS A 390 -27.06 -0.22 -24.76
CA HIS A 390 -25.89 -0.86 -24.17
C HIS A 390 -25.13 -1.56 -25.29
N TYR A 391 -24.38 -0.78 -26.07
CA TYR A 391 -23.71 -1.28 -27.27
C TYR A 391 -22.94 -0.15 -27.93
N PRO A 392 -21.95 -0.46 -28.77
CA PRO A 392 -21.31 0.59 -29.57
C PRO A 392 -22.33 1.25 -30.49
N ASN A 393 -22.21 2.57 -30.62
CA ASN A 393 -23.18 3.34 -31.38
C ASN A 393 -22.77 3.45 -32.84
N HIS A 394 -23.64 4.05 -33.63
CA HIS A 394 -23.32 4.47 -34.98
C HIS A 394 -22.07 5.36 -34.95
N PRO A 395 -21.12 5.17 -35.88
CA PRO A 395 -19.83 5.88 -35.76
C PRO A 395 -19.94 7.39 -35.73
N LEU A 396 -20.93 7.97 -36.40
CA LEU A 396 -21.09 9.43 -36.42
C LEU A 396 -21.41 10.00 -35.04
N TRP A 397 -21.95 9.17 -34.14
CA TRP A 397 -22.30 9.64 -32.81
C TRP A 397 -21.07 10.14 -32.06
N TYR A 398 -19.97 9.38 -32.12
CA TYR A 398 -18.75 9.79 -31.44
C TYR A 398 -18.16 11.05 -32.06
N THR A 399 -18.24 11.21 -33.38
CA THR A 399 -17.77 12.44 -34.01
C THR A 399 -18.57 13.64 -33.53
N LEU A 400 -19.90 13.50 -33.49
CA LEU A 400 -20.73 14.60 -33.02
C LEU A 400 -20.48 14.91 -31.55
N CYS A 401 -20.24 13.89 -30.72
CA CYS A 401 -19.91 14.14 -29.32
C CYS A 401 -18.56 14.83 -29.18
N ASP A 402 -17.57 14.44 -29.99
CA ASP A 402 -16.31 15.16 -30.06
C ASP A 402 -16.54 16.63 -30.37
N ARG A 403 -17.39 16.90 -31.37
CA ARG A 403 -17.56 18.27 -31.88
C ARG A 403 -18.35 19.15 -30.91
N TYR A 404 -19.45 18.64 -30.36
CA TYR A 404 -20.31 19.46 -29.51
C TYR A 404 -19.90 19.48 -28.05
N GLY A 405 -19.29 18.40 -27.57
CA GLY A 405 -18.82 18.34 -26.21
C GLY A 405 -19.78 17.57 -25.32
N LEU A 406 -19.49 16.29 -25.15
CA LEU A 406 -20.20 15.41 -24.22
C LEU A 406 -19.27 14.26 -23.91
N TYR A 407 -19.13 13.94 -22.62
CA TYR A 407 -18.38 12.77 -22.22
C TYR A 407 -19.18 11.51 -22.56
N VAL A 408 -18.49 10.48 -23.06
CA VAL A 408 -19.15 9.29 -23.56
C VAL A 408 -18.60 8.07 -22.84
N VAL A 409 -19.50 7.19 -22.40
CA VAL A 409 -19.14 5.86 -21.92
C VAL A 409 -19.47 4.88 -23.04
N ASP A 410 -18.43 4.28 -23.60
CA ASP A 410 -18.59 3.34 -24.71
C ASP A 410 -18.73 1.93 -24.15
N GLU A 411 -19.81 1.24 -24.54
CA GLU A 411 -20.19 0.00 -23.88
C GLU A 411 -20.18 -1.14 -24.88
N ALA A 412 -19.59 -2.28 -24.47
CA ALA A 412 -19.57 -3.46 -25.29
C ALA A 412 -20.97 -4.06 -25.42
N ASN A 413 -21.22 -4.73 -26.55
CA ASN A 413 -22.52 -5.32 -26.86
C ASN A 413 -22.62 -6.71 -26.22
N ILE A 414 -22.70 -6.72 -24.89
CA ILE A 414 -22.81 -7.95 -24.10
C ILE A 414 -23.84 -7.73 -23.00
N GLU A 415 -24.99 -8.39 -23.11
CA GLU A 415 -25.97 -8.42 -22.03
C GLU A 415 -26.66 -9.77 -22.03
N THR A 416 -26.57 -10.47 -20.89
CA THR A 416 -27.14 -11.81 -20.74
C THR A 416 -28.11 -11.82 -19.55
N HIS A 417 -28.95 -10.77 -19.49
CA HIS A 417 -29.79 -10.55 -18.32
C HIS A 417 -30.72 -11.74 -18.05
N GLY A 418 -31.22 -12.37 -19.10
CA GLY A 418 -32.20 -13.44 -18.95
C GLY A 418 -31.67 -14.77 -18.46
N MET A 419 -30.35 -14.91 -18.35
CA MET A 419 -29.76 -16.19 -17.97
C MET A 419 -29.96 -16.44 -16.48
N VAL A 420 -29.96 -17.71 -16.09
CA VAL A 420 -30.14 -18.09 -14.69
C VAL A 420 -29.06 -19.08 -14.27
N PRO A 421 -28.10 -18.67 -13.43
CA PRO A 421 -27.90 -17.31 -12.90
C PRO A 421 -27.39 -16.37 -13.99
N MET A 422 -27.30 -15.07 -13.71
CA MET A 422 -26.98 -14.09 -14.74
C MET A 422 -25.59 -14.28 -15.33
N ASN A 423 -24.69 -14.98 -14.64
CA ASN A 423 -23.32 -15.16 -15.13
C ASN A 423 -23.08 -16.56 -15.70
N ARG A 424 -24.16 -17.27 -16.06
CA ARG A 424 -23.98 -18.65 -16.54
C ARG A 424 -23.09 -18.69 -17.77
N LEU A 425 -23.23 -17.72 -18.67
CA LEU A 425 -22.37 -17.66 -19.84
C LEU A 425 -21.06 -16.91 -19.58
N THR A 426 -21.12 -15.78 -18.88
CA THR A 426 -19.93 -14.97 -18.65
C THR A 426 -18.91 -15.64 -17.74
N ASP A 427 -19.28 -16.70 -17.03
CA ASP A 427 -18.33 -17.47 -16.22
C ASP A 427 -17.89 -18.75 -16.93
N ASP A 428 -18.30 -18.94 -18.18
CA ASP A 428 -17.99 -20.15 -18.95
C ASP A 428 -16.86 -19.83 -19.92
N PRO A 429 -15.71 -20.50 -19.84
CA PRO A 429 -14.62 -20.19 -20.77
C PRO A 429 -14.96 -20.42 -22.23
N ARG A 430 -15.95 -21.27 -22.53
CA ARG A 430 -16.33 -21.51 -23.92
C ARG A 430 -16.95 -20.28 -24.58
N TRP A 431 -17.47 -19.33 -23.81
CA TRP A 431 -18.02 -18.08 -24.35
C TRP A 431 -17.02 -16.92 -24.28
N LEU A 432 -15.83 -17.17 -23.72
CA LEU A 432 -14.81 -16.13 -23.68
C LEU A 432 -14.43 -15.61 -25.06
N PRO A 433 -14.24 -16.44 -26.10
CA PRO A 433 -13.94 -15.86 -27.43
C PRO A 433 -14.99 -14.91 -27.94
N ALA A 434 -16.27 -15.30 -27.85
CA ALA A 434 -17.35 -14.44 -28.33
C ALA A 434 -17.39 -13.14 -27.55
N MET A 435 -17.23 -13.20 -26.22
CA MET A 435 -17.23 -11.96 -25.44
C MET A 435 -16.02 -11.09 -25.79
N SER A 436 -14.86 -11.72 -25.97
CA SER A 436 -13.64 -10.98 -26.26
C SER A 436 -13.74 -10.26 -27.59
N GLU A 437 -14.35 -10.88 -28.60
CA GLU A 437 -14.52 -10.19 -29.87
C GLU A 437 -15.32 -8.91 -29.69
N ARG A 438 -16.42 -8.98 -28.93
CA ARG A 438 -17.27 -7.81 -28.73
C ARG A 438 -16.56 -6.70 -27.96
N VAL A 439 -15.67 -7.03 -27.04
CA VAL A 439 -14.91 -5.99 -26.35
C VAL A 439 -13.80 -5.42 -27.23
N THR A 440 -12.94 -6.32 -27.74
CA THR A 440 -11.73 -5.90 -28.44
C THR A 440 -12.04 -5.15 -29.73
N ARG A 441 -13.03 -5.57 -30.50
CA ARG A 441 -13.34 -4.85 -31.73
C ARG A 441 -13.90 -3.46 -31.45
N MET A 442 -14.68 -3.29 -30.37
CA MET A 442 -15.12 -1.96 -29.99
C MET A 442 -13.94 -1.06 -29.64
N VAL A 443 -13.02 -1.57 -28.83
CA VAL A 443 -11.86 -0.75 -28.46
C VAL A 443 -11.05 -0.38 -29.71
N GLN A 444 -10.81 -1.35 -30.58
CA GLN A 444 -10.06 -1.09 -31.81
C GLN A 444 -10.76 -0.06 -32.69
N ARG A 445 -12.10 -0.04 -32.69
CA ARG A 445 -12.79 0.92 -33.53
C ARG A 445 -12.78 2.32 -32.94
N ASP A 446 -12.94 2.46 -31.62
CA ASP A 446 -13.26 3.76 -31.05
C ASP A 446 -12.17 4.37 -30.18
N ARG A 447 -11.00 3.74 -30.06
CA ARG A 447 -10.02 4.23 -29.10
C ARG A 447 -9.45 5.62 -29.42
N ASN A 448 -9.65 6.15 -30.64
CA ASN A 448 -9.11 7.45 -30.97
C ASN A 448 -10.05 8.61 -30.65
N HIS A 449 -11.28 8.35 -30.25
CA HIS A 449 -12.24 9.44 -30.04
C HIS A 449 -12.01 10.12 -28.69
N PRO A 450 -11.77 11.43 -28.68
CA PRO A 450 -11.60 12.13 -27.38
C PRO A 450 -12.84 12.09 -26.51
N SER A 451 -14.04 12.09 -27.09
CA SER A 451 -15.25 12.10 -26.27
C SER A 451 -15.38 10.85 -25.41
N VAL A 452 -14.88 9.71 -25.88
CA VAL A 452 -14.94 8.48 -25.10
C VAL A 452 -13.93 8.61 -23.96
N ILE A 453 -14.43 8.68 -22.73
CA ILE A 453 -13.56 8.77 -21.56
C ILE A 453 -13.58 7.52 -20.70
N ILE A 454 -14.57 6.64 -20.85
CA ILE A 454 -14.68 5.42 -20.05
C ILE A 454 -15.14 4.28 -20.95
N TRP A 455 -14.55 3.09 -20.77
CA TRP A 455 -15.04 1.87 -21.39
C TRP A 455 -15.95 1.13 -20.42
N SER A 456 -16.96 0.46 -20.96
CA SER A 456 -17.82 -0.43 -20.19
C SER A 456 -17.82 -1.82 -20.80
N LEU A 457 -17.81 -2.84 -19.95
CA LEU A 457 -17.74 -4.22 -20.38
C LEU A 457 -19.09 -4.80 -20.78
N GLY A 458 -20.15 -4.02 -20.71
CA GLY A 458 -21.48 -4.48 -21.03
C GLY A 458 -22.46 -4.12 -19.94
N ASN A 459 -23.58 -4.83 -19.92
CA ASN A 459 -24.67 -4.54 -18.99
C ASN A 459 -25.30 -5.84 -18.49
N GLU A 460 -25.51 -5.89 -17.17
CA GLU A 460 -26.35 -6.91 -16.53
C GLU A 460 -26.04 -8.31 -17.04
N SER A 461 -24.80 -8.75 -16.82
CA SER A 461 -24.38 -10.08 -17.21
C SER A 461 -23.76 -10.84 -16.03
N GLY A 462 -24.11 -10.46 -14.81
CA GLY A 462 -23.50 -11.06 -13.64
C GLY A 462 -22.01 -10.71 -13.60
N HIS A 463 -21.26 -11.51 -12.86
CA HIS A 463 -19.81 -11.37 -12.78
C HIS A 463 -19.18 -12.74 -12.97
N GLY A 464 -18.44 -12.90 -14.07
CA GLY A 464 -17.69 -14.10 -14.34
C GLY A 464 -16.23 -13.78 -14.63
N ALA A 465 -15.43 -14.84 -14.70
CA ALA A 465 -14.01 -14.69 -14.95
C ALA A 465 -13.72 -14.03 -16.29
N ASN A 466 -14.61 -14.19 -17.27
CA ASN A 466 -14.42 -13.51 -18.55
C ASN A 466 -14.43 -12.00 -18.39
N HIS A 467 -15.27 -11.48 -17.48
CA HIS A 467 -15.26 -10.05 -17.20
C HIS A 467 -13.90 -9.59 -16.68
N ASP A 468 -13.32 -10.33 -15.74
CA ASP A 468 -12.00 -9.95 -15.21
C ASP A 468 -10.95 -10.00 -16.30
N ALA A 469 -10.97 -11.06 -17.13
CA ALA A 469 -10.00 -11.17 -18.22
C ALA A 469 -10.10 -9.99 -19.18
N LEU A 470 -11.32 -9.63 -19.57
CA LEU A 470 -11.47 -8.54 -20.54
C LEU A 470 -11.20 -7.18 -19.92
N TYR A 471 -11.53 -6.99 -18.64
CA TYR A 471 -11.13 -5.80 -17.92
C TYR A 471 -9.61 -5.62 -17.99
N ARG A 472 -8.88 -6.68 -17.69
CA ARG A 472 -7.42 -6.59 -17.72
C ARG A 472 -6.90 -6.39 -19.14
N TRP A 473 -7.52 -7.01 -20.14
CA TRP A 473 -7.11 -6.77 -21.52
C TRP A 473 -7.24 -5.29 -21.88
N ILE A 474 -8.36 -4.66 -21.52
CA ILE A 474 -8.53 -3.25 -21.81
C ILE A 474 -7.48 -2.42 -21.05
N LYS A 475 -7.27 -2.73 -19.76
CA LYS A 475 -6.29 -1.98 -19.00
C LYS A 475 -4.90 -2.08 -19.61
N SER A 476 -4.58 -3.21 -20.23
CA SER A 476 -3.28 -3.38 -20.87
C SER A 476 -3.20 -2.63 -22.20
N VAL A 477 -4.26 -2.69 -23.02
CA VAL A 477 -4.15 -2.10 -24.35
C VAL A 477 -4.36 -0.59 -24.33
N ASP A 478 -5.26 -0.09 -23.49
CA ASP A 478 -5.59 1.34 -23.43
C ASP A 478 -5.60 1.80 -21.98
N PRO A 479 -4.42 2.10 -21.42
CA PRO A 479 -4.38 2.62 -20.04
C PRO A 479 -4.94 4.02 -19.89
N SER A 480 -5.29 4.71 -20.98
CA SER A 480 -5.70 6.11 -20.91
C SER A 480 -7.15 6.30 -20.47
N ARG A 481 -7.93 5.22 -20.34
CA ARG A 481 -9.33 5.34 -19.97
C ARG A 481 -9.68 4.35 -18.86
N PRO A 482 -10.42 4.77 -17.85
CA PRO A 482 -10.90 3.83 -16.85
C PRO A 482 -11.87 2.84 -17.47
N VAL A 483 -12.03 1.70 -16.79
CA VAL A 483 -12.96 0.65 -17.19
C VAL A 483 -13.98 0.46 -16.08
N GLN A 484 -15.25 0.36 -16.45
CA GLN A 484 -16.31 0.16 -15.47
C GLN A 484 -17.22 -0.98 -15.90
N TYR A 485 -17.87 -1.58 -14.91
CA TYR A 485 -18.84 -2.64 -15.15
C TYR A 485 -19.69 -2.81 -13.90
N GLU A 486 -21.00 -2.92 -14.09
CA GLU A 486 -21.95 -2.94 -12.98
C GLU A 486 -22.27 -4.36 -12.48
N GLY A 487 -22.11 -5.37 -13.34
CA GLY A 487 -22.60 -6.69 -12.98
C GLY A 487 -21.93 -7.26 -11.75
N GLY A 488 -22.65 -8.13 -11.06
CA GLY A 488 -22.13 -8.79 -9.88
C GLY A 488 -22.09 -7.94 -8.63
N GLY A 489 -22.89 -6.88 -8.56
CA GLY A 489 -22.94 -6.04 -7.40
C GLY A 489 -22.27 -4.69 -7.51
N ALA A 490 -21.77 -4.33 -8.69
CA ALA A 490 -21.29 -3.00 -9.06
C ALA A 490 -20.00 -2.58 -8.36
N ASP A 491 -19.37 -3.44 -7.57
CA ASP A 491 -18.09 -3.10 -6.96
C ASP A 491 -17.10 -4.25 -7.06
N THR A 492 -17.17 -5.03 -8.14
CA THR A 492 -16.31 -6.20 -8.28
C THR A 492 -14.89 -5.78 -8.71
N THR A 493 -14.04 -6.77 -8.92
CA THR A 493 -12.69 -6.55 -9.41
C THR A 493 -12.65 -6.12 -10.88
N ALA A 494 -13.78 -6.16 -11.59
CA ALA A 494 -13.82 -5.84 -13.00
C ALA A 494 -14.25 -4.40 -13.28
N THR A 495 -14.23 -3.53 -12.28
CA THR A 495 -14.62 -2.13 -12.47
C THR A 495 -13.71 -1.21 -11.67
N ASP A 496 -13.34 -0.08 -12.29
CA ASP A 496 -12.56 0.95 -11.62
C ASP A 496 -13.44 1.95 -10.88
N ILE A 497 -14.75 1.88 -11.09
CA ILE A 497 -15.71 2.83 -10.54
C ILE A 497 -16.87 2.03 -9.95
N ILE A 498 -17.28 2.37 -8.74
CA ILE A 498 -18.52 1.82 -8.21
C ILE A 498 -19.67 2.41 -9.00
N CYS A 499 -20.37 1.57 -9.77
CA CYS A 499 -21.35 2.04 -10.74
C CYS A 499 -22.67 1.31 -10.59
N PRO A 500 -23.35 1.45 -9.44
CA PRO A 500 -24.59 0.71 -9.22
C PRO A 500 -25.74 1.27 -10.05
N MET A 501 -26.77 0.43 -10.16
CA MET A 501 -27.98 0.89 -10.88
C MET A 501 -29.12 0.99 -9.87
N TYR A 502 -29.65 2.20 -9.70
CA TYR A 502 -30.82 2.47 -8.87
C TYR A 502 -30.53 2.26 -7.39
N ALA A 503 -29.28 2.41 -6.98
CA ALA A 503 -28.98 2.56 -5.56
C ALA A 503 -29.55 3.88 -5.06
N ARG A 504 -30.14 3.86 -3.87
CA ARG A 504 -30.84 5.03 -3.37
C ARG A 504 -29.90 5.88 -2.51
N VAL A 505 -30.31 7.14 -2.29
CA VAL A 505 -29.43 8.11 -1.63
C VAL A 505 -29.18 7.70 -0.18
N ASP A 506 -30.24 7.40 0.56
CA ASP A 506 -30.15 7.17 1.99
C ASP A 506 -30.59 5.77 2.42
N GLU A 507 -31.43 5.10 1.63
CA GLU A 507 -32.03 3.83 2.01
C GLU A 507 -31.20 2.67 1.47
N ASP A 508 -30.86 1.73 2.35
CA ASP A 508 -30.18 0.50 1.93
C ASP A 508 -31.17 -0.50 1.37
N GLN A 509 -30.71 -1.30 0.42
CA GLN A 509 -31.49 -2.38 -0.18
C GLN A 509 -30.65 -3.65 -0.13
N PRO A 510 -30.61 -4.33 1.02
CA PRO A 510 -29.67 -5.44 1.22
C PRO A 510 -30.15 -6.76 0.62
N PHE A 511 -30.07 -6.85 -0.71
CA PHE A 511 -30.38 -8.10 -1.39
C PHE A 511 -29.27 -9.13 -1.12
N PRO A 512 -29.59 -10.42 -1.18
CA PRO A 512 -28.56 -11.45 -0.98
C PRO A 512 -27.51 -11.42 -2.09
N ALA A 513 -26.26 -11.26 -1.67
CA ALA A 513 -25.05 -11.42 -2.48
C ALA A 513 -24.84 -10.28 -3.49
N VAL A 514 -25.83 -9.42 -3.69
CA VAL A 514 -25.67 -8.26 -4.55
C VAL A 514 -26.45 -7.10 -3.94
N PRO A 515 -26.11 -6.65 -2.73
CA PRO A 515 -26.89 -5.59 -2.10
C PRO A 515 -26.72 -4.26 -2.84
N LYS A 516 -27.75 -3.43 -2.77
CA LYS A 516 -27.66 -2.05 -3.24
C LYS A 516 -27.64 -1.17 -1.99
N TRP A 517 -26.46 -0.95 -1.44
CA TRP A 517 -26.31 -0.03 -0.33
C TRP A 517 -26.69 1.39 -0.76
N SER A 518 -27.11 2.21 0.20
CA SER A 518 -27.23 3.63 -0.08
C SER A 518 -25.88 4.16 -0.54
N ILE A 519 -25.92 5.11 -1.49
CA ILE A 519 -24.67 5.52 -2.13
C ILE A 519 -23.73 6.19 -1.14
N LYS A 520 -24.27 6.92 -0.15
CA LYS A 520 -23.42 7.52 0.88
C LYS A 520 -22.73 6.45 1.71
N LYS A 521 -23.46 5.41 2.09
CA LYS A 521 -22.87 4.32 2.87
C LYS A 521 -21.86 3.52 2.06
N TRP A 522 -22.12 3.36 0.76
CA TRP A 522 -21.26 2.53 -0.09
C TRP A 522 -19.84 3.05 -0.12
N LEU A 523 -19.68 4.38 -0.18
CA LEU A 523 -18.35 4.98 -0.26
C LEU A 523 -17.48 4.60 0.94
N SER A 524 -18.08 4.47 2.12
CA SER A 524 -17.34 4.32 3.36
C SER A 524 -17.21 2.87 3.82
N LEU A 525 -17.61 1.90 3.00
CA LEU A 525 -17.45 0.51 3.39
C LEU A 525 -15.97 0.20 3.62
N PRO A 526 -15.65 -0.62 4.62
CA PRO A 526 -14.24 -0.86 4.96
C PRO A 526 -13.44 -1.32 3.75
N GLY A 527 -12.35 -0.60 3.49
CA GLY A 527 -11.45 -0.93 2.40
C GLY A 527 -11.85 -0.40 1.03
N GLU A 528 -12.95 0.35 0.93
CA GLU A 528 -13.41 0.87 -0.35
C GLU A 528 -12.87 2.28 -0.56
N THR A 529 -12.28 2.52 -1.73
CA THR A 529 -11.68 3.81 -2.05
C THR A 529 -12.10 4.40 -3.39
N ARG A 530 -12.79 3.65 -4.24
CA ARG A 530 -13.07 4.08 -5.60
C ARG A 530 -14.16 5.16 -5.62
N PRO A 531 -14.24 5.94 -6.70
CA PRO A 531 -15.37 6.85 -6.87
C PRO A 531 -16.64 6.07 -7.17
N LEU A 532 -17.78 6.74 -7.01
CA LEU A 532 -19.08 6.16 -7.27
C LEU A 532 -19.81 7.02 -8.29
N ILE A 533 -20.16 6.41 -9.42
CA ILE A 533 -20.94 7.06 -10.47
C ILE A 533 -22.01 6.08 -10.91
N LEU A 534 -23.26 6.36 -10.57
CA LEU A 534 -24.39 5.49 -10.92
C LEU A 534 -24.48 5.34 -12.44
N CYS A 535 -24.44 4.11 -12.94
CA CYS A 535 -24.59 3.95 -14.38
C CYS A 535 -26.06 4.09 -14.80
N GLU A 536 -26.99 3.90 -13.88
CA GLU A 536 -28.41 4.17 -14.10
C GLU A 536 -29.04 4.63 -12.79
N TYR A 537 -29.83 5.70 -12.86
CA TYR A 537 -30.58 6.17 -11.70
C TYR A 537 -31.73 7.04 -12.18
N ALA A 538 -32.66 7.31 -11.25
CA ALA A 538 -33.80 8.18 -11.50
C ALA A 538 -34.61 7.70 -12.71
N HIS A 539 -35.19 6.51 -12.55
CA HIS A 539 -35.93 5.84 -13.62
C HIS A 539 -37.13 6.68 -14.06
N ALA A 540 -37.07 7.24 -15.27
CA ALA A 540 -38.04 8.24 -15.72
C ALA A 540 -39.22 7.63 -16.47
N MET A 541 -39.90 6.67 -15.84
CA MET A 541 -41.02 5.97 -16.46
C MET A 541 -42.30 6.75 -16.17
N GLY A 542 -42.80 7.45 -17.19
CA GLY A 542 -44.06 8.17 -17.05
C GLY A 542 -43.91 9.39 -16.16
N ASN A 543 -44.87 9.57 -15.25
CA ASN A 543 -44.85 10.67 -14.29
C ASN A 543 -43.89 10.28 -13.18
N SER A 544 -42.64 10.71 -13.29
CA SER A 544 -41.58 10.16 -12.46
C SER A 544 -40.54 11.25 -12.16
N LEU A 545 -39.35 10.81 -11.71
CA LEU A 545 -38.25 11.68 -11.24
C LEU A 545 -38.58 12.37 -9.92
N GLY A 546 -39.45 11.77 -9.11
CA GLY A 546 -39.55 12.19 -7.72
C GLY A 546 -38.28 11.86 -6.96
N GLY A 547 -37.79 12.82 -6.17
CA GLY A 547 -36.59 12.62 -5.40
C GLY A 547 -35.28 12.90 -6.11
N PHE A 548 -35.33 13.49 -7.31
CA PHE A 548 -34.11 13.81 -8.06
C PHE A 548 -33.21 14.80 -7.30
N ALA A 549 -33.83 15.80 -6.65
CA ALA A 549 -33.08 16.77 -5.88
C ALA A 549 -32.27 16.14 -4.76
N LYS A 550 -32.76 15.07 -4.15
CA LYS A 550 -31.98 14.37 -3.13
C LYS A 550 -30.66 13.85 -3.69
N TYR A 551 -30.72 13.20 -4.86
CA TYR A 551 -29.50 12.74 -5.53
C TYR A 551 -28.55 13.89 -5.75
N TRP A 552 -29.04 15.02 -6.26
CA TRP A 552 -28.09 16.07 -6.60
C TRP A 552 -27.55 16.80 -5.37
N GLN A 553 -28.33 16.90 -4.30
CA GLN A 553 -27.77 17.36 -3.03
C GLN A 553 -26.62 16.48 -2.58
N ALA A 554 -26.82 15.16 -2.63
CA ALA A 554 -25.75 14.25 -2.25
C ALA A 554 -24.54 14.37 -3.17
N PHE A 555 -24.77 14.48 -4.48
CA PHE A 555 -23.66 14.60 -5.42
C PHE A 555 -22.81 15.82 -5.10
N ARG A 556 -23.46 16.93 -4.76
CA ARG A 556 -22.68 18.12 -4.47
C ARG A 556 -22.02 18.05 -3.10
N GLN A 557 -22.62 17.36 -2.13
CA GLN A 557 -22.01 17.30 -0.81
C GLN A 557 -20.81 16.35 -0.74
N TYR A 558 -20.89 15.18 -1.42
CA TYR A 558 -19.83 14.18 -1.26
C TYR A 558 -18.85 14.22 -2.43
N PRO A 559 -17.55 14.46 -2.18
CA PRO A 559 -16.60 14.50 -3.30
C PRO A 559 -16.56 13.24 -4.16
N ARG A 560 -16.62 12.05 -3.54
CA ARG A 560 -16.50 10.81 -4.30
C ARG A 560 -17.83 10.37 -4.93
N LEU A 561 -18.93 11.08 -4.66
CA LEU A 561 -20.16 10.92 -5.44
C LEU A 561 -20.06 11.87 -6.63
N GLN A 562 -19.66 11.35 -7.78
CA GLN A 562 -19.38 12.18 -8.95
C GLN A 562 -20.47 12.08 -10.01
N GLY A 563 -21.71 11.85 -9.59
CA GLY A 563 -22.84 11.93 -10.50
C GLY A 563 -23.43 10.61 -10.94
N GLY A 564 -24.09 10.61 -12.10
CA GLY A 564 -24.71 9.40 -12.60
C GLY A 564 -25.35 9.63 -13.95
N PHE A 565 -25.94 8.56 -14.48
CA PHE A 565 -26.59 8.58 -15.78
C PHE A 565 -28.08 8.25 -15.59
N VAL A 566 -28.94 9.23 -15.89
CA VAL A 566 -30.38 9.02 -15.79
C VAL A 566 -30.81 7.93 -16.76
N TRP A 567 -31.78 7.11 -16.35
CA TRP A 567 -32.43 6.16 -17.24
C TRP A 567 -33.87 6.61 -17.51
N ASP A 568 -34.15 7.05 -18.73
CA ASP A 568 -33.17 7.27 -19.79
C ASP A 568 -33.63 8.43 -20.67
N TRP A 569 -33.03 8.58 -21.85
CA TRP A 569 -33.25 9.79 -22.63
C TRP A 569 -34.62 9.82 -23.30
N VAL A 570 -34.93 8.85 -24.15
CA VAL A 570 -36.09 8.92 -25.04
C VAL A 570 -36.94 7.66 -24.89
N ASP A 571 -38.26 7.85 -24.88
CA ASP A 571 -39.19 6.72 -24.88
C ASP A 571 -38.98 5.83 -26.10
N GLN A 572 -39.00 4.52 -25.89
CA GLN A 572 -38.94 3.55 -26.98
C GLN A 572 -40.33 3.17 -27.47
N SER A 573 -41.14 4.17 -27.83
CA SER A 573 -42.46 3.90 -28.40
C SER A 573 -42.38 3.88 -29.92
N LEU A 574 -43.26 3.08 -30.52
CA LEU A 574 -43.37 2.96 -31.97
C LEU A 574 -44.74 3.44 -32.44
N ILE A 575 -44.80 3.87 -33.70
CA ILE A 575 -45.98 4.49 -34.27
C ILE A 575 -46.79 3.44 -35.03
N LYS A 576 -48.09 3.37 -34.73
CA LYS A 576 -49.05 2.57 -35.46
C LYS A 576 -50.20 3.45 -35.93
N TYR A 577 -50.95 2.96 -36.91
CA TYR A 577 -52.07 3.68 -37.50
C TYR A 577 -53.34 2.87 -37.29
N ASP A 578 -54.38 3.59 -36.86
CA ASP A 578 -55.70 2.98 -36.65
C ASP A 578 -56.44 2.86 -37.99
N GLU A 579 -57.78 2.81 -37.94
CA GLU A 579 -58.59 2.62 -39.17
C GLU A 579 -58.69 3.90 -40.00
N ASN A 580 -58.14 5.02 -39.52
CA ASN A 580 -58.28 6.31 -40.24
C ASN A 580 -56.90 6.90 -40.60
N GLY A 581 -55.84 6.09 -40.56
CA GLY A 581 -54.49 6.58 -40.93
C GLY A 581 -53.92 7.50 -39.87
N ASN A 582 -54.60 7.66 -38.75
CA ASN A 582 -54.15 8.50 -37.64
C ASN A 582 -53.08 7.76 -36.84
N PRO A 583 -51.88 8.33 -36.69
CA PRO A 583 -50.83 7.65 -35.92
C PRO A 583 -51.12 7.66 -34.43
N TRP A 584 -50.58 6.66 -33.75
CA TRP A 584 -50.61 6.62 -32.28
C TRP A 584 -49.41 5.85 -31.76
N SER A 585 -48.91 6.28 -30.61
CA SER A 585 -47.71 5.70 -30.01
C SER A 585 -48.05 4.35 -29.37
N ALA A 586 -47.25 3.33 -29.68
CA ALA A 586 -47.48 1.98 -29.21
C ALA A 586 -46.32 1.48 -28.37
N TYR A 587 -46.63 0.59 -27.44
CA TYR A 587 -45.64 -0.02 -26.55
C TYR A 587 -45.78 -1.54 -26.61
N GLY A 588 -45.13 -2.21 -25.65
CA GLY A 588 -45.05 -3.67 -25.68
C GLY A 588 -46.43 -4.32 -25.73
N GLY A 589 -46.56 -5.32 -26.61
CA GLY A 589 -47.80 -6.06 -26.79
C GLY A 589 -48.69 -5.54 -27.89
N ASP A 590 -48.43 -4.34 -28.41
CA ASP A 590 -49.29 -3.74 -29.41
C ASP A 590 -49.08 -4.30 -30.81
N PHE A 591 -48.07 -5.14 -31.01
CA PHE A 591 -47.80 -5.75 -32.31
C PHE A 591 -48.11 -7.25 -32.33
N GLY A 592 -48.90 -7.73 -31.38
CA GLY A 592 -49.12 -9.15 -31.23
C GLY A 592 -47.97 -9.88 -30.58
N ASP A 593 -46.91 -9.17 -30.19
CA ASP A 593 -45.77 -9.81 -29.55
C ASP A 593 -46.15 -10.32 -28.17
N THR A 594 -45.82 -11.58 -27.90
CA THR A 594 -46.13 -12.19 -26.61
C THR A 594 -45.15 -13.33 -26.32
N PRO A 595 -44.67 -13.43 -25.06
CA PRO A 595 -44.91 -12.53 -23.94
C PRO A 595 -44.21 -11.19 -24.12
N ASN A 596 -44.71 -10.13 -23.50
CA ASN A 596 -44.15 -8.80 -23.66
C ASN A 596 -44.10 -8.12 -22.29
N ASP A 597 -43.44 -6.97 -22.25
CA ASP A 597 -43.32 -6.20 -21.01
C ASP A 597 -43.99 -4.83 -21.13
N ARG A 598 -45.12 -4.78 -21.83
CA ARG A 598 -46.00 -3.62 -21.96
C ARG A 598 -45.27 -2.28 -22.01
N GLN A 599 -45.61 -1.36 -21.11
CA GLN A 599 -45.14 0.02 -21.19
C GLN A 599 -43.78 0.24 -20.52
N PHE A 600 -43.06 -0.82 -20.17
CA PHE A 600 -41.73 -0.62 -19.60
C PHE A 600 -40.69 -0.21 -20.62
N CYS A 601 -41.04 -0.16 -21.90
CA CYS A 601 -40.13 0.35 -22.91
C CYS A 601 -40.06 1.87 -22.93
N MET A 602 -40.97 2.56 -22.27
CA MET A 602 -41.02 4.03 -22.27
C MET A 602 -40.53 4.54 -20.91
N ASN A 603 -39.24 4.87 -20.83
CA ASN A 603 -38.64 5.37 -19.60
C ASN A 603 -37.93 6.71 -19.82
N GLY A 604 -38.26 7.43 -20.89
CA GLY A 604 -37.46 8.55 -21.32
C GLY A 604 -37.83 9.88 -20.69
N LEU A 605 -36.88 10.81 -20.74
CA LEU A 605 -37.14 12.21 -20.40
C LEU A 605 -37.86 12.95 -21.53
N VAL A 606 -37.78 12.45 -22.76
CA VAL A 606 -38.48 13.04 -23.88
C VAL A 606 -39.33 11.96 -24.55
N PHE A 607 -40.41 12.39 -25.19
CA PHE A 607 -41.21 11.49 -26.00
C PHE A 607 -40.38 10.99 -27.20
N ALA A 608 -40.91 9.98 -27.89
CA ALA A 608 -40.21 9.42 -29.03
C ALA A 608 -39.98 10.44 -30.14
N ASP A 609 -40.87 11.43 -30.28
CA ASP A 609 -40.67 12.51 -31.24
C ASP A 609 -39.80 13.63 -30.66
N ARG A 610 -39.15 13.38 -29.52
CA ARG A 610 -38.21 14.29 -28.88
C ARG A 610 -38.88 15.53 -28.28
N THR A 611 -40.20 15.48 -28.08
CA THR A 611 -40.78 16.53 -27.26
C THR A 611 -40.59 16.19 -25.77
N PRO A 612 -40.34 17.19 -24.93
CA PRO A 612 -39.94 16.88 -23.55
C PRO A 612 -41.09 16.45 -22.66
N HIS A 613 -40.78 15.56 -21.72
CA HIS A 613 -41.64 15.33 -20.57
C HIS A 613 -41.41 16.43 -19.53
N PRO A 614 -42.38 16.63 -18.62
CA PRO A 614 -42.18 17.63 -17.56
C PRO A 614 -40.95 17.38 -16.68
N ALA A 615 -40.54 16.13 -16.48
CA ALA A 615 -39.39 15.83 -15.62
C ALA A 615 -38.08 16.40 -16.15
N LEU A 616 -38.01 16.68 -17.46
CA LEU A 616 -36.79 17.23 -18.04
C LEU A 616 -36.43 18.58 -17.43
N THR A 617 -37.43 19.41 -17.12
CA THR A 617 -37.15 20.69 -16.47
C THR A 617 -36.57 20.50 -15.07
N GLU A 618 -37.09 19.52 -14.32
CA GLU A 618 -36.50 19.22 -13.01
C GLU A 618 -35.04 18.81 -13.14
N ALA A 619 -34.75 17.94 -14.11
CA ALA A 619 -33.37 17.53 -14.34
C ALA A 619 -32.50 18.73 -14.72
N LYS A 620 -33.01 19.60 -15.60
CA LYS A 620 -32.24 20.77 -16.01
C LYS A 620 -31.92 21.68 -14.83
N HIS A 621 -32.92 21.92 -13.97
CA HIS A 621 -32.69 22.79 -12.82
C HIS A 621 -31.69 22.18 -11.85
N GLN A 622 -31.85 20.90 -11.53
CA GLN A 622 -30.94 20.27 -10.58
C GLN A 622 -29.52 20.17 -11.13
N GLN A 623 -29.36 20.07 -12.45
CA GLN A 623 -28.06 19.87 -13.06
C GLN A 623 -27.38 21.17 -13.47
N GLN A 624 -27.97 22.32 -13.13
CA GLN A 624 -27.46 23.60 -13.63
C GLN A 624 -26.06 23.88 -13.07
N PHE A 625 -25.27 24.59 -13.87
CA PHE A 625 -23.86 24.81 -13.57
C PHE A 625 -23.61 26.03 -12.69
N PHE A 626 -24.66 26.73 -12.27
CA PHE A 626 -24.54 27.86 -11.36
C PHE A 626 -25.42 27.60 -10.14
N GLN A 627 -24.82 27.71 -8.96
CA GLN A 627 -25.53 27.55 -7.70
C GLN A 627 -25.61 28.90 -7.00
N PHE A 628 -26.70 29.09 -6.24
CA PHE A 628 -27.04 30.40 -5.70
C PHE A 628 -27.30 30.32 -4.20
N ARG A 629 -26.94 31.40 -3.50
CA ARG A 629 -27.22 31.55 -2.08
C ARG A 629 -27.57 33.00 -1.81
N LEU A 630 -28.58 33.23 -0.97
CA LEU A 630 -29.04 34.57 -0.64
C LEU A 630 -28.74 34.86 0.82
N SER A 631 -28.18 36.05 1.07
CA SER A 631 -27.90 36.51 2.43
C SER A 631 -28.23 38.00 2.48
N GLY A 632 -29.42 38.32 2.98
CA GLY A 632 -29.86 39.71 2.98
C GLY A 632 -30.10 40.25 1.59
N GLN A 633 -29.27 41.19 1.15
CA GLN A 633 -29.49 41.82 -0.18
C GLN A 633 -28.46 41.30 -1.21
N THR A 634 -27.55 40.43 -0.80
CA THR A 634 -26.49 40.00 -1.72
C THR A 634 -26.76 38.59 -2.20
N ILE A 635 -26.47 38.34 -3.47
CA ILE A 635 -26.59 37.03 -4.09
C ILE A 635 -25.20 36.47 -4.32
N GLU A 636 -24.94 35.27 -3.80
CA GLU A 636 -23.68 34.59 -4.00
C GLU A 636 -23.84 33.56 -5.11
N VAL A 637 -23.15 33.79 -6.23
CA VAL A 637 -23.21 32.92 -7.39
C VAL A 637 -21.94 32.08 -7.41
N THR A 638 -22.10 30.76 -7.35
CA THR A 638 -20.98 29.83 -7.40
C THR A 638 -20.99 29.11 -8.75
N SER A 639 -19.84 29.10 -9.41
CA SER A 639 -19.72 28.44 -10.70
C SER A 639 -19.30 26.98 -10.52
N GLU A 640 -19.99 26.09 -11.23
CA GLU A 640 -19.62 24.68 -11.23
C GLU A 640 -18.92 24.26 -12.51
N TYR A 641 -18.53 25.22 -13.35
CA TYR A 641 -17.66 24.93 -14.48
C TYR A 641 -16.24 24.69 -13.98
N LEU A 642 -15.53 23.78 -14.64
CA LEU A 642 -14.18 23.44 -14.23
C LEU A 642 -13.11 24.13 -15.06
N PHE A 643 -13.46 24.58 -16.26
CA PHE A 643 -12.44 25.06 -17.19
C PHE A 643 -12.74 26.43 -17.78
N ARG A 644 -14.01 26.78 -17.93
CA ARG A 644 -14.37 28.01 -18.64
C ARG A 644 -14.84 29.10 -17.68
N HIS A 645 -14.53 30.34 -18.05
CA HIS A 645 -15.06 31.53 -17.40
C HIS A 645 -16.48 31.80 -17.90
N SER A 646 -17.24 32.57 -17.11
CA SER A 646 -18.63 32.86 -17.46
C SER A 646 -18.65 34.05 -18.44
N ASP A 647 -18.18 33.78 -19.66
CA ASP A 647 -18.03 34.80 -20.68
C ASP A 647 -19.25 34.95 -21.58
N ASN A 648 -20.33 34.20 -21.33
CA ASN A 648 -21.56 34.29 -22.11
C ASN A 648 -22.77 34.19 -21.19
N GLU A 649 -22.74 34.90 -20.07
CA GLU A 649 -23.79 34.78 -19.06
C GLU A 649 -24.16 36.14 -18.51
N LEU A 650 -25.46 36.43 -18.47
CA LEU A 650 -26.00 37.63 -17.87
C LEU A 650 -27.07 37.24 -16.85
N LEU A 651 -26.98 37.82 -15.66
CA LEU A 651 -27.88 37.49 -14.57
C LEU A 651 -29.02 38.50 -14.54
N HIS A 652 -30.25 37.98 -14.62
CA HIS A 652 -31.46 38.85 -14.51
C HIS A 652 -32.19 38.52 -13.21
N TRP A 653 -32.53 39.52 -12.41
CA TRP A 653 -33.29 39.34 -11.18
C TRP A 653 -34.61 40.09 -11.28
N MET A 654 -35.61 39.58 -10.59
CA MET A 654 -36.93 40.22 -10.57
C MET A 654 -37.57 40.01 -9.21
N VAL A 655 -38.22 41.07 -8.73
CA VAL A 655 -38.94 41.03 -7.45
C VAL A 655 -40.42 41.26 -7.74
N ALA A 656 -41.26 40.35 -7.25
CA ALA A 656 -42.68 40.42 -7.48
C ALA A 656 -43.44 40.21 -6.17
N LEU A 657 -44.59 40.87 -6.06
CA LEU A 657 -45.47 40.74 -4.90
C LEU A 657 -46.71 39.96 -5.35
N ASP A 658 -46.79 38.69 -4.95
CA ASP A 658 -47.90 37.82 -5.32
C ASP A 658 -48.15 37.86 -6.83
N GLY A 659 -47.06 37.83 -7.60
CA GLY A 659 -47.14 37.75 -9.04
C GLY A 659 -46.97 39.05 -9.78
N LYS A 660 -47.17 40.22 -9.13
CA LYS A 660 -47.00 41.42 -9.93
C LYS A 660 -45.61 42.00 -9.75
N PRO A 661 -44.89 42.24 -10.84
CA PRO A 661 -43.51 42.74 -10.74
C PRO A 661 -43.44 44.09 -10.05
N LEU A 662 -42.39 44.26 -9.24
CA LEU A 662 -42.11 45.52 -8.57
C LEU A 662 -40.77 46.11 -8.95
N ALA A 663 -39.76 45.27 -9.17
CA ALA A 663 -38.44 45.74 -9.56
C ALA A 663 -37.73 44.63 -10.33
N SER A 664 -36.76 45.04 -11.16
CA SER A 664 -35.99 44.10 -11.95
C SER A 664 -34.68 44.75 -12.36
N GLY A 665 -33.75 43.93 -12.84
CA GLY A 665 -32.46 44.44 -13.25
C GLY A 665 -31.64 43.33 -13.88
N GLU A 666 -30.47 43.72 -14.39
CA GLU A 666 -29.55 42.81 -15.06
C GLU A 666 -28.14 43.08 -14.57
N VAL A 667 -27.39 42.01 -14.30
CA VAL A 667 -26.00 42.11 -13.89
C VAL A 667 -25.18 41.09 -14.68
N PRO A 668 -24.17 41.51 -15.43
CA PRO A 668 -23.32 40.54 -16.14
C PRO A 668 -22.60 39.63 -15.16
N LEU A 669 -22.47 38.35 -15.56
CA LEU A 669 -21.78 37.37 -14.74
C LEU A 669 -20.31 37.33 -15.13
N ASP A 670 -19.42 37.48 -14.14
CA ASP A 670 -17.98 37.34 -14.33
C ASP A 670 -17.47 36.51 -13.16
N VAL A 671 -17.50 35.19 -13.32
CA VAL A 671 -17.07 34.27 -12.28
C VAL A 671 -16.12 33.24 -12.89
N ALA A 672 -15.01 33.02 -12.21
CA ALA A 672 -14.00 32.07 -12.66
C ALA A 672 -14.49 30.63 -12.43
N PRO A 673 -13.88 29.66 -13.12
CA PRO A 673 -14.24 28.25 -12.86
C PRO A 673 -14.11 27.91 -11.39
N GLN A 674 -15.16 27.32 -10.83
CA GLN A 674 -15.25 26.96 -9.42
C GLN A 674 -15.08 28.17 -8.50
N GLY A 675 -15.33 29.38 -9.01
CA GLY A 675 -15.24 30.59 -8.23
C GLY A 675 -16.59 31.08 -7.73
N LYS A 676 -16.56 32.27 -7.13
CA LYS A 676 -17.77 32.89 -6.59
C LYS A 676 -17.83 34.34 -7.02
N GLN A 677 -19.06 34.87 -7.08
CA GLN A 677 -19.30 36.28 -7.38
C GLN A 677 -20.44 36.77 -6.49
N LEU A 678 -20.19 37.85 -5.75
CA LEU A 678 -21.22 38.44 -4.92
C LEU A 678 -21.91 39.57 -5.67
N ILE A 679 -23.23 39.50 -5.72
CA ILE A 679 -24.05 40.46 -6.48
C ILE A 679 -24.90 41.22 -5.47
N GLU A 680 -24.63 42.52 -5.33
CA GLU A 680 -25.38 43.34 -4.40
C GLU A 680 -26.61 43.93 -5.09
N LEU A 681 -27.79 43.54 -4.64
CA LEU A 681 -29.01 44.08 -5.19
C LEU A 681 -29.24 45.51 -4.69
N PRO A 682 -29.88 46.36 -5.50
CA PRO A 682 -30.23 47.69 -5.03
C PRO A 682 -31.24 47.65 -3.89
N GLU A 683 -31.61 48.80 -3.35
CA GLU A 683 -32.59 48.84 -2.27
C GLU A 683 -33.93 48.33 -2.80
N LEU A 684 -34.26 47.10 -2.44
CA LEU A 684 -35.43 46.45 -3.00
C LEU A 684 -36.71 47.10 -2.48
N PRO A 685 -37.79 47.04 -3.25
CA PRO A 685 -39.05 47.65 -2.80
C PRO A 685 -39.59 47.00 -1.54
N GLN A 686 -40.23 47.81 -0.72
CA GLN A 686 -40.84 47.37 0.54
C GLN A 686 -42.29 47.83 0.55
N PRO A 687 -43.16 47.17 -0.22
CA PRO A 687 -44.56 47.59 -0.26
C PRO A 687 -45.28 47.27 1.04
N GLU A 688 -46.14 48.21 1.46
CA GLU A 688 -46.96 48.00 2.64
C GLU A 688 -48.18 47.13 2.36
N SER A 689 -48.48 46.87 1.10
CA SER A 689 -49.60 46.00 0.75
C SER A 689 -49.32 44.57 1.20
N ALA A 690 -50.41 43.85 1.51
CA ALA A 690 -50.29 42.47 1.96
C ALA A 690 -49.75 41.58 0.84
N GLY A 691 -49.03 40.55 1.24
CA GLY A 691 -48.54 39.57 0.28
C GLY A 691 -47.10 39.16 0.48
N GLN A 692 -46.68 38.11 -0.23
CA GLN A 692 -45.31 37.61 -0.13
C GLN A 692 -44.46 38.16 -1.26
N LEU A 693 -43.32 38.73 -0.92
CA LEU A 693 -42.34 39.20 -1.88
C LEU A 693 -41.46 38.04 -2.31
N TRP A 694 -41.31 37.86 -3.62
CA TRP A 694 -40.51 36.79 -4.19
C TRP A 694 -39.40 37.37 -5.05
N LEU A 695 -38.18 36.87 -4.86
CA LEU A 695 -37.04 37.21 -5.71
C LEU A 695 -36.73 36.05 -6.62
N THR A 696 -36.68 36.31 -7.93
CA THR A 696 -36.35 35.30 -8.92
C THR A 696 -35.13 35.74 -9.72
N VAL A 697 -34.15 34.87 -9.84
CA VAL A 697 -32.97 35.12 -10.66
C VAL A 697 -32.91 34.09 -11.77
N ARG A 698 -32.43 34.50 -12.94
CA ARG A 698 -32.22 33.60 -14.06
C ARG A 698 -30.94 33.99 -14.79
N VAL A 699 -30.16 32.99 -15.17
CA VAL A 699 -28.93 33.19 -15.94
C VAL A 699 -29.29 33.04 -17.42
N VAL A 700 -28.93 34.05 -18.21
CA VAL A 700 -29.26 34.10 -19.63
C VAL A 700 -27.97 34.15 -20.43
N GLN A 701 -27.92 33.37 -21.51
CA GLN A 701 -26.79 33.42 -22.43
C GLN A 701 -27.11 34.38 -23.57
N PRO A 702 -26.56 35.59 -23.57
CA PRO A 702 -26.93 36.57 -24.62
C PRO A 702 -26.56 36.11 -26.02
N ASN A 703 -25.50 35.34 -26.18
CA ASN A 703 -25.01 34.96 -27.50
C ASN A 703 -25.31 33.49 -27.78
N ALA A 704 -25.68 33.22 -29.03
CA ALA A 704 -25.90 31.85 -29.46
C ALA A 704 -24.60 31.07 -29.42
N THR A 705 -24.73 29.77 -29.22
CA THR A 705 -23.60 28.84 -29.27
C THR A 705 -23.83 27.85 -30.40
N ALA A 706 -22.94 26.86 -30.50
CA ALA A 706 -23.18 25.77 -31.43
C ALA A 706 -24.38 24.93 -31.03
N TRP A 707 -24.79 24.98 -29.77
CA TRP A 707 -25.83 24.11 -29.24
C TRP A 707 -27.02 24.85 -28.64
N SER A 708 -27.05 26.18 -28.71
CA SER A 708 -28.15 26.93 -28.10
C SER A 708 -28.36 28.23 -28.83
N GLU A 709 -29.57 28.76 -28.71
CA GLU A 709 -29.94 30.03 -29.33
C GLU A 709 -29.63 31.18 -28.38
N ALA A 710 -29.62 32.39 -28.95
CA ALA A 710 -29.40 33.59 -28.14
C ALA A 710 -30.55 33.77 -27.16
N GLY A 711 -30.21 34.18 -25.93
CA GLY A 711 -31.20 34.32 -24.90
C GLY A 711 -31.55 33.05 -24.16
N HIS A 712 -30.81 31.96 -24.39
CA HIS A 712 -31.10 30.69 -23.74
C HIS A 712 -30.90 30.81 -22.23
N ILE A 713 -31.85 30.30 -21.46
CA ILE A 713 -31.77 30.30 -20.00
C ILE A 713 -31.09 29.00 -19.57
N SER A 714 -30.05 29.12 -18.75
CA SER A 714 -29.28 27.97 -18.31
C SER A 714 -29.43 27.65 -16.82
N ALA A 715 -29.89 28.60 -16.00
CA ALA A 715 -30.03 28.36 -14.58
C ALA A 715 -30.97 29.39 -13.99
N TRP A 716 -31.57 29.06 -12.84
CA TRP A 716 -32.48 29.97 -12.16
C TRP A 716 -32.65 29.52 -10.71
N GLN A 717 -33.19 30.42 -9.89
CA GLN A 717 -33.43 30.17 -8.48
C GLN A 717 -34.40 31.22 -7.96
N GLN A 718 -35.17 30.84 -6.94
CA GLN A 718 -36.17 31.71 -6.33
C GLN A 718 -36.04 31.70 -4.81
N TRP A 719 -36.33 32.84 -4.19
CA TRP A 719 -36.34 32.96 -2.74
C TRP A 719 -37.54 33.77 -2.30
N ARG A 720 -38.00 33.53 -1.07
CA ARG A 720 -38.98 34.38 -0.42
C ARG A 720 -38.28 35.53 0.31
N LEU A 721 -38.68 36.75 -0.02
CA LEU A 721 -38.27 37.94 0.71
C LEU A 721 -39.32 38.23 1.79
N ALA A 722 -39.33 39.45 2.32
CA ALA A 722 -40.24 39.82 3.40
C ALA A 722 -41.70 39.58 3.00
N GLU A 723 -42.52 39.26 4.01
CA GLU A 723 -43.95 39.05 3.84
C GLU A 723 -44.72 39.98 4.76
N ASN A 724 -45.83 40.52 4.26
CA ASN A 724 -46.74 41.34 5.06
C ASN A 724 -48.08 40.61 5.14
N LEU A 725 -48.41 40.12 6.33
CA LEU A 725 -49.67 39.41 6.53
C LEU A 725 -50.84 40.39 6.45
N SER A 726 -51.94 39.92 5.87
CA SER A 726 -53.13 40.76 5.69
C SER A 726 -53.92 40.78 6.99
N VAL A 727 -54.14 41.97 7.54
CA VAL A 727 -54.97 42.14 8.72
C VAL A 727 -56.22 42.97 8.43
N THR A 728 -56.54 43.21 7.16
CA THR A 728 -57.70 44.01 6.80
C THR A 728 -58.97 43.17 6.91
N LEU A 729 -59.96 43.70 7.63
CA LEU A 729 -61.22 43.00 7.78
C LEU A 729 -61.97 42.98 6.45
N PRO A 730 -62.70 41.91 6.16
CA PRO A 730 -63.48 41.85 4.92
C PRO A 730 -64.58 42.90 4.91
N ALA A 731 -64.92 43.34 3.70
CA ALA A 731 -65.96 44.35 3.53
C ALA A 731 -67.30 43.81 4.02
N ALA A 732 -67.86 44.45 5.04
CA ALA A 732 -69.12 44.00 5.63
C ALA A 732 -70.30 44.33 4.72
N SER A 733 -70.69 43.39 3.87
CA SER A 733 -71.84 43.59 3.00
C SER A 733 -73.14 43.56 3.81
N HIS A 734 -74.16 44.20 3.26
CA HIS A 734 -75.46 44.29 3.93
C HIS A 734 -76.41 43.17 3.54
N ALA A 735 -76.18 42.51 2.40
CA ALA A 735 -77.04 41.41 2.00
C ALA A 735 -76.77 40.17 2.85
N ILE A 736 -77.83 39.40 3.07
CA ILE A 736 -77.76 38.18 3.87
C ILE A 736 -78.23 37.01 3.03
N PRO A 737 -77.44 35.94 2.89
CA PRO A 737 -77.91 34.77 2.15
C PRO A 737 -79.13 34.14 2.83
N HIS A 738 -80.06 33.67 2.01
CA HIS A 738 -81.33 33.14 2.50
C HIS A 738 -81.30 31.62 2.41
N LEU A 739 -81.64 30.96 3.50
CA LEU A 739 -81.67 29.51 3.57
C LEU A 739 -83.10 29.00 3.41
N THR A 740 -83.30 28.10 2.46
CA THR A 740 -84.56 27.40 2.27
C THR A 740 -84.33 25.92 2.55
N THR A 741 -85.12 25.35 3.45
CA THR A 741 -84.95 23.98 3.90
C THR A 741 -86.12 23.13 3.42
N SER A 742 -85.82 22.16 2.56
CA SER A 742 -86.76 21.13 2.18
C SER A 742 -86.25 19.80 2.73
N GLU A 743 -87.07 18.75 2.63
CA GLU A 743 -86.65 17.44 3.10
C GLU A 743 -85.63 16.78 2.18
N MET A 744 -85.41 17.35 1.00
CA MET A 744 -84.41 16.83 0.07
C MET A 744 -83.08 17.56 0.17
N ASP A 745 -83.17 18.88 0.34
CA ASP A 745 -81.92 19.65 0.29
C ASP A 745 -81.99 21.02 0.96
N PHE A 746 -80.83 21.59 1.22
CA PHE A 746 -80.73 22.96 1.68
C PHE A 746 -80.41 23.85 0.49
N CYS A 747 -81.16 24.93 0.33
CA CYS A 747 -80.98 25.86 -0.78
C CYS A 747 -80.61 27.24 -0.24
N ILE A 748 -79.44 27.72 -0.62
CA ILE A 748 -78.96 29.04 -0.21
C ILE A 748 -78.96 29.93 -1.44
N GLU A 749 -79.58 31.10 -1.32
CA GLU A 749 -79.69 32.04 -2.42
C GLU A 749 -79.19 33.41 -1.99
N LEU A 750 -78.41 34.05 -2.87
CA LEU A 750 -77.90 35.39 -2.64
C LEU A 750 -77.81 36.08 -4.01
N GLY A 751 -78.69 37.04 -4.24
CA GLY A 751 -78.73 37.68 -5.55
C GLY A 751 -79.06 36.66 -6.62
N ASN A 752 -78.25 36.65 -7.68
CA ASN A 752 -78.44 35.69 -8.76
C ASN A 752 -77.75 34.34 -8.50
N LYS A 753 -77.06 34.20 -7.37
CA LYS A 753 -76.36 32.97 -7.06
C LYS A 753 -77.22 32.05 -6.20
N ARG A 754 -77.04 30.75 -6.39
CA ARG A 754 -77.76 29.75 -5.62
C ARG A 754 -76.84 28.56 -5.37
N TRP A 755 -76.94 27.99 -4.17
CA TRP A 755 -76.21 26.78 -3.80
C TRP A 755 -77.20 25.73 -3.31
N GLN A 756 -76.99 24.49 -3.71
CA GLN A 756 -77.85 23.38 -3.28
C GLN A 756 -77.00 22.28 -2.64
N PHE A 757 -77.35 21.92 -1.41
CA PHE A 757 -76.70 20.82 -0.69
C PHE A 757 -77.71 19.68 -0.55
N ASN A 758 -77.43 18.56 -1.20
CA ASN A 758 -78.30 17.39 -1.08
C ASN A 758 -78.22 16.84 0.35
N ARG A 759 -79.38 16.69 0.99
CA ARG A 759 -79.42 16.25 2.38
C ARG A 759 -79.30 14.73 2.53
N GLN A 760 -79.48 13.97 1.46
CA GLN A 760 -79.30 12.52 1.53
C GLN A 760 -77.86 12.12 1.24
N SER A 761 -77.14 12.89 0.43
CA SER A 761 -75.75 12.60 0.15
C SER A 761 -74.79 13.42 1.01
N GLY A 762 -75.19 14.63 1.40
CA GLY A 762 -74.36 15.49 2.22
C GLY A 762 -73.36 16.33 1.45
N PHE A 763 -73.49 16.43 0.14
CA PHE A 763 -72.55 17.18 -0.69
C PHE A 763 -73.26 18.32 -1.42
N LEU A 764 -72.48 19.35 -1.74
CA LEU A 764 -72.94 20.41 -2.63
C LEU A 764 -73.24 19.81 -4.00
N SER A 765 -74.50 19.78 -4.39
CA SER A 765 -74.92 19.06 -5.58
C SER A 765 -75.07 19.93 -6.81
N GLN A 766 -75.29 21.23 -6.64
CA GLN A 766 -75.47 22.13 -7.77
C GLN A 766 -75.22 23.55 -7.33
N MET A 767 -74.81 24.39 -8.29
CA MET A 767 -74.57 25.81 -8.08
C MET A 767 -75.06 26.57 -9.31
N TRP A 768 -75.77 27.66 -9.07
CA TRP A 768 -76.38 28.44 -10.14
C TRP A 768 -75.78 29.85 -10.18
N ILE A 769 -75.47 30.30 -11.39
CA ILE A 769 -75.20 31.70 -11.66
C ILE A 769 -76.29 32.16 -12.63
N GLY A 770 -77.26 32.90 -12.12
CA GLY A 770 -78.46 33.18 -12.89
C GLY A 770 -79.32 31.93 -13.00
N ASP A 771 -79.55 31.46 -14.22
CA ASP A 771 -80.27 30.22 -14.46
C ASP A 771 -79.38 29.11 -15.00
N LYS A 772 -78.07 29.35 -15.00
CA LYS A 772 -77.13 28.36 -15.57
C LYS A 772 -76.54 27.45 -14.49
N LYS A 773 -76.72 26.14 -14.62
CA LYS A 773 -76.08 25.20 -13.71
C LYS A 773 -74.58 25.22 -13.93
N GLN A 774 -73.82 25.15 -12.82
CA GLN A 774 -72.37 25.19 -12.89
C GLN A 774 -71.72 23.82 -12.71
N LEU A 775 -72.42 22.85 -12.14
CA LEU A 775 -71.85 21.55 -11.83
C LEU A 775 -72.55 20.44 -12.58
N LEU A 776 -71.75 19.51 -13.11
CA LEU A 776 -72.26 18.27 -13.70
C LEU A 776 -72.19 17.09 -12.74
N THR A 777 -71.31 17.16 -11.74
CA THR A 777 -71.13 16.13 -10.72
C THR A 777 -70.96 16.86 -9.40
N PRO A 778 -71.52 16.34 -8.30
CA PRO A 778 -71.40 17.03 -7.02
C PRO A 778 -69.95 17.10 -6.54
N LEU A 779 -69.71 18.06 -5.64
CA LEU A 779 -68.40 18.27 -5.03
C LEU A 779 -68.23 17.25 -3.91
N ARG A 780 -67.27 16.34 -4.07
CA ARG A 780 -67.08 15.22 -3.17
C ARG A 780 -65.60 15.05 -2.83
N ASP A 781 -65.34 14.46 -1.67
CA ASP A 781 -63.97 14.14 -1.29
C ASP A 781 -63.39 13.09 -2.22
N GLN A 782 -62.09 13.20 -2.47
CA GLN A 782 -61.36 12.22 -3.24
C GLN A 782 -60.08 11.86 -2.50
N PHE A 783 -59.81 10.56 -2.40
CA PHE A 783 -58.63 10.07 -1.71
C PHE A 783 -57.71 9.25 -2.59
N THR A 784 -58.06 9.06 -3.86
CA THR A 784 -57.31 8.21 -4.78
C THR A 784 -56.87 9.01 -5.99
N ARG A 785 -55.92 8.44 -6.73
CA ARG A 785 -55.51 8.96 -8.02
C ARG A 785 -55.38 7.81 -9.01
N ALA A 786 -55.54 8.14 -10.29
CA ALA A 786 -55.25 7.16 -11.32
C ALA A 786 -53.79 6.74 -11.19
N PRO A 787 -53.50 5.45 -11.02
CA PRO A 787 -52.17 5.06 -10.56
C PRO A 787 -51.08 5.38 -11.60
N LEU A 788 -49.95 5.84 -11.10
CA LEU A 788 -48.79 6.09 -11.93
C LEU A 788 -48.09 4.78 -12.26
N ASP A 789 -47.18 4.84 -13.24
CA ASP A 789 -46.32 3.69 -13.49
C ASP A 789 -45.52 3.32 -12.24
N ASN A 790 -45.08 4.31 -11.46
CA ASN A 790 -44.39 4.02 -10.21
C ASN A 790 -45.33 3.41 -9.17
N ASP A 791 -46.60 3.80 -9.17
CA ASP A 791 -47.57 3.16 -8.29
C ASP A 791 -47.80 1.71 -8.69
N ILE A 792 -47.76 1.40 -9.98
CA ILE A 792 -48.12 0.06 -10.46
C ILE A 792 -46.94 -0.89 -10.35
N GLY A 793 -45.75 -0.43 -10.72
CA GLY A 793 -44.60 -1.33 -10.69
C GLY A 793 -44.75 -2.44 -11.72
N VAL A 794 -44.38 -3.66 -11.31
CA VAL A 794 -44.45 -4.83 -12.17
C VAL A 794 -45.77 -5.57 -12.01
N SER A 795 -46.68 -5.05 -11.19
CA SER A 795 -47.94 -5.72 -10.92
C SER A 795 -48.81 -5.76 -12.18
N GLU A 796 -49.51 -6.88 -12.36
CA GLU A 796 -50.46 -7.04 -13.44
C GLU A 796 -51.51 -8.07 -13.00
N ALA A 797 -52.57 -8.20 -13.79
CA ALA A 797 -53.67 -9.09 -13.41
C ALA A 797 -53.22 -10.54 -13.30
N THR A 798 -52.22 -10.94 -14.07
CA THR A 798 -51.74 -12.32 -14.02
C THR A 798 -50.81 -12.54 -12.82
N ARG A 799 -49.89 -11.61 -12.59
CA ARG A 799 -48.94 -11.69 -11.48
C ARG A 799 -49.12 -10.45 -10.62
N ILE A 800 -49.88 -10.58 -9.54
CA ILE A 800 -50.11 -9.48 -8.61
C ILE A 800 -48.88 -9.29 -7.74
N ASP A 801 -48.41 -8.05 -7.64
CA ASP A 801 -47.36 -7.71 -6.69
C ASP A 801 -48.01 -7.08 -5.47
N PRO A 802 -48.12 -7.78 -4.34
CA PRO A 802 -48.83 -7.22 -3.19
C PRO A 802 -48.19 -5.98 -2.60
N ASN A 803 -46.89 -5.76 -2.83
CA ASN A 803 -46.21 -4.62 -2.24
C ASN A 803 -46.41 -3.33 -3.01
N ALA A 804 -46.90 -3.40 -4.25
CA ALA A 804 -47.09 -2.19 -5.03
C ALA A 804 -48.17 -1.32 -4.40
N TRP A 805 -48.01 -0.01 -4.55
CA TRP A 805 -48.96 0.93 -3.97
C TRP A 805 -50.37 0.73 -4.52
N VAL A 806 -50.50 0.51 -5.83
CA VAL A 806 -51.83 0.33 -6.41
C VAL A 806 -52.50 -0.93 -5.86
N GLU A 807 -51.74 -2.01 -5.68
CA GLU A 807 -52.31 -3.23 -5.12
C GLU A 807 -52.69 -3.05 -3.66
N ARG A 808 -51.89 -2.35 -2.87
CA ARG A 808 -52.27 -2.07 -1.49
C ARG A 808 -53.53 -1.23 -1.44
N TRP A 809 -53.63 -0.20 -2.28
CA TRP A 809 -54.82 0.63 -2.31
C TRP A 809 -56.04 -0.17 -2.72
N LYS A 810 -55.92 -1.03 -3.72
CA LYS A 810 -57.05 -1.84 -4.17
C LYS A 810 -57.48 -2.82 -3.08
N ALA A 811 -56.53 -3.50 -2.45
CA ALA A 811 -56.87 -4.45 -1.40
C ALA A 811 -57.53 -3.75 -0.22
N ALA A 812 -57.07 -2.55 0.14
CA ALA A 812 -57.69 -1.80 1.22
C ALA A 812 -59.06 -1.23 0.85
N GLY A 813 -59.43 -1.26 -0.43
CA GLY A 813 -60.72 -0.74 -0.83
C GLY A 813 -60.78 0.76 -1.05
N HIS A 814 -59.64 1.41 -1.27
CA HIS A 814 -59.64 2.86 -1.49
C HIS A 814 -60.44 3.24 -2.73
N TYR A 815 -60.34 2.46 -3.81
CA TYR A 815 -61.01 2.80 -5.05
C TYR A 815 -62.50 2.48 -5.04
N GLN A 816 -62.94 1.64 -4.10
CA GLN A 816 -64.36 1.20 -4.04
C GLN A 816 -65.06 1.71 -2.77
N ALA A 817 -64.40 2.51 -1.94
CA ALA A 817 -64.96 2.90 -0.65
C ALA A 817 -66.21 3.73 -0.86
N GLU A 818 -67.24 3.46 -0.06
CA GLU A 818 -68.52 4.15 -0.16
C GLU A 818 -68.68 5.14 0.99
N ALA A 819 -69.04 6.37 0.64
CA ALA A 819 -69.25 7.40 1.65
C ALA A 819 -70.59 7.20 2.34
N ALA A 820 -70.56 7.20 3.67
CA ALA A 820 -71.76 7.11 4.50
C ALA A 820 -71.94 8.43 5.22
N LEU A 821 -73.10 9.04 5.06
CA LEU A 821 -73.37 10.34 5.66
C LEU A 821 -73.56 10.20 7.17
N LEU A 822 -72.82 10.98 7.94
CA LEU A 822 -72.94 10.96 9.39
C LEU A 822 -73.81 12.09 9.92
N GLN A 823 -73.66 13.28 9.36
CA GLN A 823 -74.52 14.41 9.72
C GLN A 823 -74.52 15.43 8.59
N CYS A 824 -75.59 16.21 8.54
CA CYS A 824 -75.71 17.31 7.59
C CYS A 824 -76.68 18.33 8.16
N THR A 825 -76.16 19.45 8.63
CA THR A 825 -76.94 20.44 9.36
C THR A 825 -76.73 21.81 8.74
N ALA A 826 -77.80 22.61 8.72
CA ALA A 826 -77.75 23.98 8.21
C ALA A 826 -78.13 24.95 9.32
N ASP A 827 -77.34 25.99 9.49
CA ASP A 827 -77.59 27.02 10.49
C ASP A 827 -77.46 28.39 9.84
N THR A 828 -78.25 29.34 10.31
CA THR A 828 -78.19 30.72 9.84
C THR A 828 -77.48 31.57 10.89
N LEU A 829 -76.40 32.22 10.48
CA LEU A 829 -75.64 33.10 11.35
C LEU A 829 -76.16 34.53 11.21
N ALA A 830 -75.43 35.48 11.79
CA ALA A 830 -75.83 36.88 11.69
C ALA A 830 -75.69 37.40 10.26
N ASP A 831 -74.64 36.97 9.55
CA ASP A 831 -74.40 37.46 8.20
C ASP A 831 -74.03 36.34 7.23
N ALA A 832 -74.33 35.08 7.55
CA ALA A 832 -73.94 33.97 6.69
C ALA A 832 -74.81 32.77 7.00
N VAL A 833 -74.74 31.78 6.12
CA VAL A 833 -75.39 30.48 6.30
C VAL A 833 -74.31 29.44 6.46
N LEU A 834 -74.43 28.61 7.50
CA LEU A 834 -73.41 27.62 7.85
C LEU A 834 -73.95 26.23 7.58
N ILE A 835 -73.19 25.44 6.82
CA ILE A 835 -73.50 24.03 6.58
C ILE A 835 -72.40 23.18 7.18
N THR A 836 -72.79 22.18 7.95
CA THR A 836 -71.86 21.27 8.60
C THR A 836 -72.17 19.85 8.15
N THR A 837 -71.16 19.15 7.63
CA THR A 837 -71.33 17.79 7.16
C THR A 837 -70.25 16.89 7.73
N ALA A 838 -70.55 15.59 7.80
CA ALA A 838 -69.58 14.59 8.22
C ALA A 838 -69.85 13.31 7.44
N HIS A 839 -68.79 12.71 6.92
CA HIS A 839 -68.87 11.49 6.13
C HIS A 839 -67.87 10.47 6.64
N ALA A 840 -68.20 9.20 6.47
CA ALA A 840 -67.28 8.10 6.72
C ALA A 840 -67.19 7.24 5.47
N TRP A 841 -65.96 6.95 5.04
CA TRP A 841 -65.71 6.06 3.91
C TRP A 841 -65.37 4.69 4.48
N GLN A 842 -66.16 3.69 4.10
CA GLN A 842 -66.05 2.36 4.67
C GLN A 842 -65.93 1.32 3.56
N HIS A 843 -65.24 0.23 3.88
CA HIS A 843 -65.10 -0.90 2.96
C HIS A 843 -65.11 -2.17 3.80
N GLN A 844 -66.14 -2.99 3.60
CA GLN A 844 -66.29 -4.28 4.30
C GLN A 844 -66.24 -4.11 5.82
N GLY A 845 -66.91 -3.07 6.30
CA GLY A 845 -67.02 -2.82 7.73
C GLY A 845 -65.89 -2.04 8.35
N LYS A 846 -64.88 -1.65 7.58
CA LYS A 846 -63.73 -0.91 8.11
C LYS A 846 -63.85 0.55 7.67
N THR A 847 -63.78 1.47 8.64
CA THR A 847 -63.81 2.89 8.34
C THR A 847 -62.43 3.35 7.90
N LEU A 848 -62.29 3.68 6.62
CA LEU A 848 -61.00 4.09 6.09
C LEU A 848 -60.72 5.57 6.39
N PHE A 849 -61.67 6.44 6.06
CA PHE A 849 -61.50 7.87 6.22
C PHE A 849 -62.76 8.46 6.83
N ILE A 850 -62.60 9.57 7.54
CA ILE A 850 -63.71 10.38 8.01
C ILE A 850 -63.45 11.83 7.60
N SER A 851 -64.42 12.47 6.97
CA SER A 851 -64.32 13.84 6.53
C SER A 851 -65.39 14.68 7.22
N ARG A 852 -64.97 15.76 7.87
CA ARG A 852 -65.88 16.70 8.52
C ARG A 852 -65.65 18.06 7.92
N LYS A 853 -66.70 18.67 7.40
CA LYS A 853 -66.59 19.92 6.65
C LYS A 853 -67.50 21.00 7.23
N THR A 854 -67.16 22.24 6.88
CA THR A 854 -67.98 23.40 7.21
C THR A 854 -68.03 24.29 5.98
N TYR A 855 -69.24 24.62 5.51
CA TYR A 855 -69.45 25.54 4.40
C TYR A 855 -70.05 26.81 4.95
N ARG A 856 -69.39 27.94 4.71
CA ARG A 856 -69.84 29.23 5.22
C ARG A 856 -70.01 30.19 4.04
N ILE A 857 -71.26 30.41 3.64
CA ILE A 857 -71.58 31.32 2.54
C ILE A 857 -72.01 32.64 3.13
N ASP A 858 -71.22 33.68 2.88
CA ASP A 858 -71.42 34.98 3.50
C ASP A 858 -72.22 35.91 2.56
N GLY A 859 -72.38 37.16 2.97
CA GLY A 859 -73.11 38.12 2.16
C GLY A 859 -72.37 38.61 0.94
N SER A 860 -71.07 38.34 0.83
CA SER A 860 -70.30 38.73 -0.34
C SER A 860 -70.33 37.68 -1.45
N GLY A 861 -71.03 36.56 -1.24
CA GLY A 861 -71.12 35.51 -2.21
C GLY A 861 -70.04 34.46 -2.11
N GLN A 862 -69.03 34.66 -1.29
CA GLN A 862 -67.95 33.69 -1.16
C GLN A 862 -68.38 32.50 -0.31
N MET A 863 -67.94 31.31 -0.71
CA MET A 863 -68.21 30.08 0.03
C MET A 863 -66.89 29.60 0.62
N ALA A 864 -66.76 29.67 1.94
CA ALA A 864 -65.56 29.22 2.62
C ALA A 864 -65.75 27.79 3.08
N ILE A 865 -64.84 26.90 2.67
CA ILE A 865 -64.90 25.48 2.98
C ILE A 865 -63.72 25.13 3.86
N THR A 866 -64.00 24.54 5.02
CA THR A 866 -62.98 23.97 5.89
C THR A 866 -63.16 22.46 5.91
N VAL A 867 -62.06 21.73 5.76
CA VAL A 867 -62.09 20.27 5.69
C VAL A 867 -61.12 19.71 6.72
N ASP A 868 -61.61 18.77 7.53
CA ASP A 868 -60.78 18.04 8.49
C ASP A 868 -60.97 16.56 8.24
N VAL A 869 -59.89 15.86 7.90
CA VAL A 869 -60.00 14.43 7.53
C VAL A 869 -59.18 13.57 8.50
N GLU A 870 -59.73 12.43 8.89
CA GLU A 870 -58.97 11.47 9.73
C GLU A 870 -58.71 10.21 8.89
N VAL A 871 -57.48 9.69 8.89
CA VAL A 871 -57.15 8.50 8.10
C VAL A 871 -56.76 7.39 9.07
N ALA A 872 -57.40 6.23 8.93
CA ALA A 872 -57.08 5.10 9.78
C ALA A 872 -55.59 4.76 9.68
N SER A 873 -54.94 4.60 10.83
CA SER A 873 -53.49 4.43 10.85
C SER A 873 -53.06 3.12 10.21
N ASP A 874 -53.92 2.09 10.19
CA ASP A 874 -53.54 0.80 9.64
C ASP A 874 -53.90 0.64 8.17
N THR A 875 -54.59 1.59 7.56
CA THR A 875 -54.79 1.53 6.12
C THR A 875 -53.59 2.15 5.40
N PRO A 876 -53.27 1.70 4.18
CA PRO A 876 -52.18 2.32 3.44
C PRO A 876 -52.45 3.80 3.22
N HIS A 877 -51.38 4.59 3.28
CA HIS A 877 -51.52 6.03 3.20
C HIS A 877 -52.10 6.43 1.84
N PRO A 878 -53.09 7.31 1.81
CA PRO A 878 -53.80 7.60 0.55
C PRO A 878 -52.94 8.43 -0.40
N ALA A 879 -53.28 8.32 -1.69
CA ALA A 879 -52.55 9.05 -2.72
C ALA A 879 -52.79 10.56 -2.62
N ARG A 880 -53.98 10.97 -2.20
CA ARG A 880 -54.30 12.38 -2.08
C ARG A 880 -55.40 12.55 -1.03
N ILE A 881 -55.59 13.79 -0.59
CA ILE A 881 -56.67 14.16 0.29
C ILE A 881 -57.22 15.49 -0.25
N GLY A 882 -58.37 15.43 -0.92
CA GLY A 882 -58.88 16.62 -1.54
C GLY A 882 -60.32 16.45 -1.98
N LEU A 883 -60.74 17.37 -2.83
CA LEU A 883 -62.09 17.40 -3.38
C LEU A 883 -62.03 17.33 -4.89
N ASN A 884 -63.14 16.92 -5.50
CA ASN A 884 -63.24 16.93 -6.95
C ASN A 884 -64.68 17.12 -7.38
N CYS A 885 -64.84 17.67 -8.59
CA CYS A 885 -66.14 17.91 -9.17
C CYS A 885 -65.98 18.02 -10.69
N GLN A 886 -67.09 17.88 -11.40
CA GLN A 886 -67.12 18.06 -12.85
C GLN A 886 -67.84 19.36 -13.15
N LEU A 887 -67.08 20.38 -13.51
CA LEU A 887 -67.67 21.66 -13.90
C LEU A 887 -68.37 21.53 -15.25
N ALA A 888 -69.49 22.26 -15.39
CA ALA A 888 -70.13 22.37 -16.70
C ALA A 888 -69.37 23.28 -17.64
N GLN A 889 -68.61 24.23 -17.11
CA GLN A 889 -67.85 25.16 -17.94
C GLN A 889 -66.71 24.46 -18.67
N VAL A 890 -66.49 24.85 -19.93
CA VAL A 890 -65.28 24.53 -20.66
C VAL A 890 -64.67 25.86 -21.09
N ALA A 891 -63.62 26.29 -20.40
CA ALA A 891 -62.96 27.54 -20.71
C ALA A 891 -61.66 27.30 -21.46
N GLU A 892 -61.20 28.33 -22.18
CA GLU A 892 -60.04 28.20 -23.05
C GLU A 892 -58.71 28.31 -22.31
N ARG A 893 -58.65 29.04 -21.21
CA ARG A 893 -57.40 29.29 -20.53
C ARG A 893 -57.53 29.04 -19.04
N VAL A 894 -56.40 28.73 -18.39
CA VAL A 894 -56.32 28.52 -16.96
C VAL A 894 -55.28 29.49 -16.39
N ASN A 895 -55.66 30.21 -15.35
CA ASN A 895 -54.81 31.22 -14.72
C ASN A 895 -54.70 30.92 -13.24
N TRP A 896 -53.48 30.86 -12.72
CA TRP A 896 -53.28 30.53 -11.32
C TRP A 896 -52.04 31.21 -10.77
N LEU A 897 -52.04 31.41 -9.45
CA LEU A 897 -50.91 31.96 -8.71
C LEU A 897 -50.32 30.82 -7.88
N GLY A 898 -49.14 30.37 -8.28
CA GLY A 898 -48.54 29.20 -7.65
C GLY A 898 -47.35 28.71 -8.46
N LEU A 899 -46.91 27.49 -8.14
CA LEU A 899 -45.73 26.94 -8.79
C LEU A 899 -46.04 26.53 -10.22
N GLY A 900 -45.15 26.88 -11.14
CA GLY A 900 -45.32 26.58 -12.54
C GLY A 900 -44.13 26.99 -13.38
N PRO A 901 -44.33 27.07 -14.70
CA PRO A 901 -45.57 26.81 -15.43
C PRO A 901 -45.89 25.32 -15.59
N GLN A 902 -44.89 24.44 -15.59
CA GLN A 902 -45.11 23.04 -15.92
C GLN A 902 -45.69 22.28 -14.73
N GLU A 903 -46.16 21.06 -15.00
CA GLU A 903 -46.70 20.21 -13.95
C GLU A 903 -45.61 19.92 -12.92
N ASN A 904 -46.01 19.86 -11.65
CA ASN A 904 -45.07 19.60 -10.57
C ASN A 904 -45.81 18.89 -9.44
N TYR A 905 -45.06 18.07 -8.70
CA TYR A 905 -45.56 17.24 -7.62
C TYR A 905 -44.70 17.46 -6.39
N PRO A 906 -45.18 17.06 -5.20
CA PRO A 906 -44.47 17.44 -3.97
C PRO A 906 -43.00 17.03 -3.94
N ASP A 907 -42.63 15.87 -4.47
CA ASP A 907 -41.23 15.48 -4.52
C ASP A 907 -40.57 15.82 -5.85
N ARG A 908 -41.27 16.52 -6.75
CA ARG A 908 -40.69 16.97 -8.02
C ARG A 908 -41.12 18.41 -8.34
N LEU A 909 -40.88 19.34 -7.41
CA LEU A 909 -41.26 20.74 -7.65
C LEU A 909 -40.10 21.73 -7.50
N THR A 910 -38.85 21.28 -7.45
CA THR A 910 -37.76 22.22 -7.22
C THR A 910 -37.54 23.14 -8.42
N ALA A 911 -37.83 22.68 -9.63
CA ALA A 911 -37.64 23.50 -10.81
C ALA A 911 -38.73 24.54 -11.00
N ALA A 912 -39.92 24.32 -10.43
CA ALA A 912 -41.02 25.24 -10.60
C ALA A 912 -40.81 26.51 -9.79
N CYS A 913 -41.35 27.62 -10.29
CA CYS A 913 -41.22 28.92 -9.64
C CYS A 913 -42.60 29.48 -9.31
N PHE A 914 -42.69 30.18 -8.19
CA PHE A 914 -43.96 30.80 -7.78
C PHE A 914 -44.17 32.08 -8.57
N ASP A 915 -45.30 32.17 -9.27
CA ASP A 915 -45.62 33.34 -10.07
C ASP A 915 -47.06 33.21 -10.56
N ARG A 916 -47.49 34.21 -11.32
CA ARG A 916 -48.79 34.18 -11.98
C ARG A 916 -48.63 33.54 -13.36
N TRP A 917 -49.28 32.40 -13.56
CA TRP A 917 -49.15 31.62 -14.79
C TRP A 917 -50.49 31.57 -15.51
N ASP A 918 -50.43 31.62 -16.85
CA ASP A 918 -51.62 31.61 -17.68
C ASP A 918 -51.33 30.73 -18.89
N LEU A 919 -52.04 29.62 -19.01
CA LEU A 919 -51.83 28.65 -20.07
C LEU A 919 -53.17 28.20 -20.63
N PRO A 920 -53.20 27.76 -21.89
CA PRO A 920 -54.41 27.12 -22.41
C PRO A 920 -54.71 25.83 -21.68
N LEU A 921 -55.98 25.46 -21.66
CA LEU A 921 -56.41 24.27 -20.91
C LEU A 921 -55.65 23.03 -21.34
N SER A 922 -55.32 22.92 -22.64
CA SER A 922 -54.61 21.75 -23.13
C SER A 922 -53.24 21.58 -22.49
N ASP A 923 -52.55 22.68 -22.17
CA ASP A 923 -51.25 22.59 -21.53
C ASP A 923 -51.34 22.12 -20.08
N MET A 924 -52.53 22.05 -19.51
CA MET A 924 -52.72 21.57 -18.15
C MET A 924 -52.90 20.06 -18.09
N TYR A 925 -52.75 19.38 -19.22
CA TYR A 925 -52.82 17.92 -19.30
C TYR A 925 -51.55 17.40 -19.96
N THR A 926 -50.84 16.51 -19.26
CA THR A 926 -49.62 15.92 -19.81
C THR A 926 -49.98 14.62 -20.50
N PRO A 927 -49.73 14.50 -21.80
CA PRO A 927 -50.18 13.31 -22.54
C PRO A 927 -49.20 12.15 -22.45
N TYR A 928 -49.04 11.60 -21.25
CA TYR A 928 -48.25 10.38 -21.11
C TYR A 928 -48.89 9.27 -21.94
N VAL A 929 -48.05 8.48 -22.62
CA VAL A 929 -48.57 7.45 -23.52
C VAL A 929 -49.44 6.47 -22.74
N PHE A 930 -48.98 6.07 -21.55
CA PHE A 930 -49.82 5.31 -20.64
C PHE A 930 -50.52 6.28 -19.70
N PRO A 931 -51.83 6.48 -19.82
CA PRO A 931 -52.50 7.51 -19.02
C PRO A 931 -52.44 7.25 -17.52
N SER A 932 -52.31 8.32 -16.76
CA SER A 932 -52.32 8.25 -15.29
C SER A 932 -52.62 9.64 -14.74
N GLU A 933 -52.57 9.76 -13.42
CA GLU A 933 -52.62 11.06 -12.77
C GLU A 933 -51.54 11.96 -13.36
N ASN A 934 -51.92 13.18 -13.73
CA ASN A 934 -51.02 14.05 -14.47
C ASN A 934 -51.46 15.49 -14.28
N GLY A 935 -50.53 16.41 -14.55
CA GLY A 935 -50.84 17.83 -14.67
C GLY A 935 -51.00 18.58 -13.37
N LEU A 936 -50.65 17.99 -12.23
CA LEU A 936 -50.78 18.68 -10.95
C LEU A 936 -49.88 19.90 -10.89
N ARG A 937 -50.38 20.96 -10.24
CA ARG A 937 -49.59 22.14 -9.90
C ARG A 937 -49.73 22.38 -8.40
N CYS A 938 -48.60 22.42 -7.70
CA CYS A 938 -48.57 22.53 -6.25
C CYS A 938 -48.38 23.99 -5.81
N GLY A 939 -48.51 24.20 -4.50
CA GLY A 939 -48.23 25.50 -3.92
C GLY A 939 -49.07 26.62 -4.47
N THR A 940 -50.34 26.36 -4.79
CA THR A 940 -51.19 27.32 -5.45
C THR A 940 -52.05 28.05 -4.43
N ARG A 941 -52.05 29.38 -4.51
CA ARG A 941 -52.85 30.21 -3.61
C ARG A 941 -54.11 30.76 -4.27
N GLU A 942 -54.18 30.76 -5.60
CA GLU A 942 -55.34 31.26 -6.32
C GLU A 942 -55.42 30.56 -7.67
N LEU A 943 -56.64 30.19 -8.07
CA LEU A 943 -56.90 29.55 -9.35
C LEU A 943 -58.11 30.20 -9.98
N ASN A 944 -58.01 30.51 -11.27
CA ASN A 944 -59.11 31.13 -12.03
C ASN A 944 -59.44 30.25 -13.22
N TYR A 945 -60.72 29.90 -13.35
CA TYR A 945 -61.19 29.13 -14.51
C TYR A 945 -62.61 29.56 -14.81
N GLY A 946 -62.80 30.19 -15.97
CA GLY A 946 -64.07 30.76 -16.32
C GLY A 946 -64.46 31.84 -15.33
N PRO A 947 -65.69 31.78 -14.83
CA PRO A 947 -66.13 32.74 -13.80
C PRO A 947 -65.68 32.38 -12.39
N HIS A 948 -65.15 31.18 -12.16
CA HIS A 948 -64.85 30.70 -10.82
C HIS A 948 -63.45 31.11 -10.38
N GLN A 949 -63.30 31.26 -9.06
CA GLN A 949 -61.99 31.49 -8.45
C GLN A 949 -61.93 30.71 -7.14
N TRP A 950 -60.85 29.96 -6.94
CA TRP A 950 -60.59 29.26 -5.69
C TRP A 950 -59.32 29.82 -5.06
N ARG A 951 -59.34 30.03 -3.75
CA ARG A 951 -58.20 30.57 -3.03
C ARG A 951 -57.94 29.73 -1.79
N GLY A 952 -56.68 29.74 -1.37
CA GLY A 952 -56.26 28.98 -0.21
C GLY A 952 -54.78 28.64 -0.34
N ASP A 953 -54.45 27.38 -0.06
CA ASP A 953 -53.10 26.86 -0.23
C ASP A 953 -53.26 25.37 -0.58
N PHE A 954 -53.19 25.06 -1.87
CA PHE A 954 -53.61 23.75 -2.34
C PHE A 954 -52.81 23.36 -3.58
N GLN A 955 -52.98 22.11 -3.97
CA GLN A 955 -52.51 21.57 -5.24
C GLN A 955 -53.73 21.24 -6.10
N PHE A 956 -53.58 21.34 -7.41
CA PHE A 956 -54.71 21.10 -8.31
C PHE A 956 -54.24 20.55 -9.65
N ASN A 957 -55.16 19.86 -10.33
CA ASN A 957 -55.04 19.60 -11.76
C ASN A 957 -56.43 19.78 -12.37
N ILE A 958 -56.44 20.14 -13.65
CA ILE A 958 -57.70 20.45 -14.33
C ILE A 958 -57.61 19.97 -15.77
N SER A 959 -58.59 19.18 -16.21
CA SER A 959 -58.51 18.55 -17.52
C SER A 959 -59.90 18.07 -17.93
N ARG A 960 -59.99 17.56 -19.16
CA ARG A 960 -61.22 16.99 -19.69
C ARG A 960 -61.39 15.52 -19.36
N TYR A 961 -60.45 14.92 -18.62
CA TYR A 961 -60.45 13.48 -18.37
C TYR A 961 -60.57 13.22 -16.89
N SER A 962 -61.51 12.35 -16.52
CA SER A 962 -61.69 11.97 -15.12
C SER A 962 -60.59 11.00 -14.70
N GLN A 963 -60.35 10.95 -13.38
CA GLN A 963 -59.41 9.97 -12.84
C GLN A 963 -59.85 8.55 -13.18
N GLN A 964 -61.16 8.29 -13.22
CA GLN A 964 -61.63 6.97 -13.63
C GLN A 964 -61.23 6.64 -15.05
N GLN A 965 -61.47 7.56 -15.99
CA GLN A 965 -61.11 7.29 -17.38
C GLN A 965 -59.60 7.11 -17.53
N LEU A 966 -58.82 7.96 -16.86
CA LEU A 966 -57.37 7.82 -16.92
C LEU A 966 -56.91 6.48 -16.38
N MET A 967 -57.54 6.02 -15.29
CA MET A 967 -57.19 4.73 -14.69
C MET A 967 -57.54 3.57 -15.62
N GLU A 968 -58.69 3.63 -16.28
CA GLU A 968 -59.18 2.49 -17.05
C GLU A 968 -58.71 2.51 -18.51
N THR A 969 -58.04 3.56 -18.95
CA THR A 969 -57.58 3.67 -20.34
C THR A 969 -56.10 3.36 -20.43
N SER A 970 -55.75 2.44 -21.33
CA SER A 970 -54.38 1.94 -21.44
C SER A 970 -53.50 2.74 -22.41
N HIS A 971 -54.10 3.49 -23.34
CA HIS A 971 -53.34 4.29 -24.30
C HIS A 971 -53.93 5.68 -24.37
N ARG A 972 -53.05 6.67 -24.57
CA ARG A 972 -53.49 8.07 -24.60
C ARG A 972 -54.38 8.37 -25.80
N HIS A 973 -54.17 7.71 -26.94
CA HIS A 973 -55.00 7.96 -28.11
C HIS A 973 -56.42 7.45 -27.96
N LEU A 974 -56.68 6.59 -26.97
CA LEU A 974 -58.02 6.09 -26.69
C LEU A 974 -58.80 6.96 -25.72
N LEU A 975 -58.18 8.03 -25.20
CA LEU A 975 -58.88 8.95 -24.30
C LEU A 975 -59.86 9.81 -25.10
N HIS A 976 -61.01 10.10 -24.50
CA HIS A 976 -61.99 10.99 -25.09
C HIS A 976 -62.34 12.09 -24.08
N ALA A 977 -62.47 13.32 -24.58
CA ALA A 977 -62.78 14.43 -23.70
C ALA A 977 -64.21 14.32 -23.19
N GLU A 978 -64.36 14.35 -21.88
CA GLU A 978 -65.67 14.28 -21.26
C GLU A 978 -66.35 15.64 -21.30
N GLU A 979 -67.65 15.65 -21.04
CA GLU A 979 -68.40 16.90 -21.06
C GLU A 979 -67.97 17.75 -19.86
N GLY A 980 -67.77 19.04 -20.11
CA GLY A 980 -67.31 19.92 -19.06
C GLY A 980 -65.85 19.71 -18.72
N THR A 981 -65.49 20.07 -17.49
CA THR A 981 -64.09 20.06 -17.05
C THR A 981 -64.00 19.45 -15.67
N TRP A 982 -63.09 18.48 -15.51
CA TRP A 982 -62.87 17.83 -14.21
C TRP A 982 -61.81 18.61 -13.43
N LEU A 983 -62.14 18.97 -12.20
CA LEU A 983 -61.23 19.70 -11.32
C LEU A 983 -60.93 18.87 -10.09
N ASN A 984 -59.64 18.72 -9.79
CA ASN A 984 -59.19 18.06 -8.57
C ASN A 984 -58.41 19.08 -7.75
N ILE A 985 -58.95 19.46 -6.60
CA ILE A 985 -58.28 20.38 -5.69
C ILE A 985 -57.88 19.58 -4.46
N ASP A 986 -56.58 19.52 -4.19
CA ASP A 986 -56.03 18.70 -3.13
C ASP A 986 -55.44 19.57 -2.04
N GLY A 987 -55.85 19.34 -0.79
CA GLY A 987 -55.09 19.84 0.32
C GLY A 987 -53.72 19.21 0.40
N PHE A 988 -53.64 17.92 0.06
CA PHE A 988 -52.43 17.13 0.23
C PHE A 988 -52.34 16.09 -0.88
N HIS A 989 -51.12 15.85 -1.38
CA HIS A 989 -50.86 14.90 -2.45
C HIS A 989 -49.57 14.14 -2.16
N MET A 990 -49.60 12.84 -2.41
CA MET A 990 -48.44 11.99 -2.18
C MET A 990 -47.39 12.20 -3.27
N GLY A 991 -46.13 11.96 -2.93
CA GLY A 991 -45.06 12.04 -3.91
C GLY A 991 -45.21 10.96 -4.98
N ILE A 992 -44.46 11.16 -6.07
CA ILE A 992 -44.57 10.28 -7.22
C ILE A 992 -43.47 9.22 -7.25
N GLY A 993 -42.38 9.40 -6.51
CA GLY A 993 -41.32 8.43 -6.49
C GLY A 993 -40.55 8.41 -7.81
N GLY A 994 -39.76 7.36 -7.97
CA GLY A 994 -39.01 7.18 -9.20
C GLY A 994 -37.58 6.70 -9.05
N ASP A 995 -37.12 6.40 -7.84
CA ASP A 995 -35.79 5.80 -7.68
C ASP A 995 -35.70 4.51 -8.49
N ASP A 996 -36.79 3.76 -8.54
CA ASP A 996 -36.98 2.70 -9.52
C ASP A 996 -38.49 2.52 -9.71
N SER A 997 -38.85 1.81 -10.77
CA SER A 997 -40.26 1.67 -11.14
C SER A 997 -40.77 0.24 -10.95
N TRP A 998 -40.09 -0.55 -10.12
CA TRP A 998 -40.54 -1.92 -9.86
C TRP A 998 -40.65 -2.22 -8.37
N SER A 999 -40.51 -1.22 -7.51
CA SER A 999 -40.70 -1.37 -6.07
C SER A 999 -41.12 -0.01 -5.53
N PRO A 1000 -41.80 0.02 -4.39
CA PRO A 1000 -42.19 1.32 -3.79
C PRO A 1000 -40.96 2.21 -3.60
N SER A 1001 -41.06 3.44 -4.08
CA SER A 1001 -39.91 4.35 -4.09
C SER A 1001 -40.25 5.74 -3.56
N VAL A 1002 -41.48 5.96 -3.09
CA VAL A 1002 -41.84 7.25 -2.51
C VAL A 1002 -41.28 7.31 -1.10
N SER A 1003 -40.41 8.29 -0.85
CA SER A 1003 -39.78 8.41 0.46
C SER A 1003 -40.80 8.76 1.53
N ALA A 1004 -40.47 8.43 2.78
CA ALA A 1004 -41.40 8.59 3.89
C ALA A 1004 -41.89 10.02 4.05
N GLU A 1005 -41.04 11.00 3.79
CA GLU A 1005 -41.43 12.39 3.99
C GLU A 1005 -42.44 12.90 2.96
N PHE A 1006 -42.77 12.10 1.95
CA PHE A 1006 -43.75 12.49 0.95
C PHE A 1006 -44.98 11.59 0.95
N GLN A 1007 -45.09 10.67 1.91
CA GLN A 1007 -46.29 9.87 2.08
C GLN A 1007 -47.24 10.58 3.06
N LEU A 1008 -48.54 10.36 2.87
CA LEU A 1008 -49.56 11.01 3.69
C LEU A 1008 -49.83 10.14 4.91
N SER A 1009 -48.89 10.20 5.87
CA SER A 1009 -48.91 9.34 7.03
C SER A 1009 -49.29 10.06 8.32
N ALA A 1010 -49.72 11.32 8.24
CA ALA A 1010 -49.93 12.11 9.45
C ALA A 1010 -51.14 11.67 10.27
N GLY A 1011 -52.12 11.03 9.65
CA GLY A 1011 -53.32 10.56 10.34
C GLY A 1011 -54.46 11.56 10.45
N ARG A 1012 -54.15 12.85 10.57
CA ARG A 1012 -55.16 13.90 10.56
C ARG A 1012 -54.70 15.01 9.62
N TYR A 1013 -55.64 15.54 8.84
CA TYR A 1013 -55.31 16.57 7.86
C TYR A 1013 -56.38 17.65 7.86
N HIS A 1014 -55.95 18.89 7.63
CA HIS A 1014 -56.83 20.04 7.59
C HIS A 1014 -56.45 20.94 6.43
N TYR A 1015 -57.46 21.44 5.71
CA TYR A 1015 -57.24 22.45 4.69
C TYR A 1015 -58.51 23.26 4.48
N GLN A 1016 -58.34 24.48 3.98
CA GLN A 1016 -59.43 25.41 3.76
C GLN A 1016 -59.40 25.93 2.34
N LEU A 1017 -60.59 26.16 1.78
CA LEU A 1017 -60.75 26.72 0.45
C LEU A 1017 -61.79 27.82 0.48
N VAL A 1018 -61.64 28.80 -0.40
CA VAL A 1018 -62.65 29.84 -0.61
C VAL A 1018 -63.06 29.78 -2.08
N TRP A 1019 -64.34 29.50 -2.32
CA TRP A 1019 -64.91 29.44 -3.66
C TRP A 1019 -65.76 30.68 -3.90
N CYS A 1020 -65.44 31.43 -4.94
CA CYS A 1020 -66.18 32.64 -5.27
C CYS A 1020 -66.24 32.80 -6.78
N GLN A 1021 -67.00 33.81 -7.22
CA GLN A 1021 -67.13 34.12 -8.64
C GLN A 1021 -66.76 35.56 -8.90
N MET B 1 -23.35 -38.64 -48.18
CA MET B 1 -23.80 -37.23 -48.16
C MET B 1 -22.71 -36.34 -48.75
N ILE B 2 -23.09 -35.38 -49.59
CA ILE B 2 -22.10 -34.43 -50.18
C ILE B 2 -21.41 -33.67 -49.04
N THR B 3 -22.16 -33.24 -48.03
CA THR B 3 -21.57 -32.45 -46.95
C THR B 3 -20.57 -33.24 -46.10
N ASP B 4 -20.64 -34.56 -46.11
CA ASP B 4 -19.65 -35.38 -45.41
C ASP B 4 -18.43 -35.68 -46.26
N SER B 5 -18.41 -35.28 -47.53
CA SER B 5 -17.31 -35.62 -48.41
C SER B 5 -16.09 -34.76 -48.11
N LEU B 6 -14.93 -35.28 -48.54
CA LEU B 6 -13.68 -34.54 -48.37
C LEU B 6 -13.71 -33.22 -49.13
N ALA B 7 -14.30 -33.20 -50.33
CA ALA B 7 -14.36 -31.98 -51.12
C ALA B 7 -15.09 -30.86 -50.39
N VAL B 8 -16.09 -31.20 -49.59
CA VAL B 8 -16.83 -30.19 -48.84
C VAL B 8 -16.13 -29.88 -47.51
N VAL B 9 -15.72 -30.92 -46.78
CA VAL B 9 -15.14 -30.70 -45.46
C VAL B 9 -13.85 -29.89 -45.55
N LEU B 10 -12.99 -30.20 -46.52
CA LEU B 10 -11.71 -29.51 -46.63
C LEU B 10 -11.80 -28.13 -47.26
N GLN B 11 -12.95 -27.78 -47.85
CA GLN B 11 -13.05 -26.52 -48.60
C GLN B 11 -12.88 -25.31 -47.69
N ARG B 12 -13.35 -25.37 -46.45
CA ARG B 12 -13.26 -24.16 -45.59
C ARG B 12 -11.83 -24.00 -45.06
N ARG B 13 -11.01 -25.04 -45.21
CA ARG B 13 -9.61 -24.99 -44.75
C ARG B 13 -9.55 -24.49 -43.30
N ASP B 14 -10.17 -25.28 -42.41
CA ASP B 14 -10.24 -24.91 -41.01
C ASP B 14 -8.87 -24.88 -40.32
N TRP B 15 -7.86 -25.50 -40.93
CA TRP B 15 -6.52 -25.52 -40.36
C TRP B 15 -5.67 -24.33 -40.78
N GLU B 16 -6.24 -23.37 -41.51
CA GLU B 16 -5.59 -22.11 -41.81
C GLU B 16 -6.44 -20.94 -41.31
N ASN B 17 -7.05 -21.09 -40.14
CA ASN B 17 -8.00 -20.12 -39.60
C ASN B 17 -7.92 -20.15 -38.08
N PRO B 18 -7.29 -19.15 -37.46
CA PRO B 18 -7.24 -19.11 -35.99
C PRO B 18 -8.60 -18.88 -35.35
N GLY B 19 -9.60 -18.44 -36.12
CA GLY B 19 -10.94 -18.28 -35.57
C GLY B 19 -11.66 -19.59 -35.32
N VAL B 20 -11.21 -20.68 -35.94
CA VAL B 20 -11.80 -22.00 -35.73
C VAL B 20 -10.71 -22.90 -35.17
N THR B 21 -10.77 -23.14 -33.86
CA THR B 21 -9.84 -24.05 -33.19
C THR B 21 -10.46 -25.41 -32.89
N GLN B 22 -11.75 -25.58 -33.11
CA GLN B 22 -12.44 -26.84 -32.92
C GLN B 22 -13.82 -26.73 -33.56
N LEU B 23 -14.41 -27.88 -33.84
CA LEU B 23 -15.81 -27.95 -34.28
C LEU B 23 -16.44 -29.16 -33.61
N ASN B 24 -17.54 -28.92 -32.89
CA ASN B 24 -18.29 -29.97 -32.21
C ASN B 24 -17.46 -30.72 -31.16
N ARG B 25 -16.59 -30.00 -30.46
CA ARG B 25 -15.79 -30.60 -29.39
C ARG B 25 -16.43 -30.33 -28.04
N LEU B 26 -16.47 -31.36 -27.20
CA LEU B 26 -17.10 -31.27 -25.89
C LEU B 26 -16.23 -30.46 -24.91
N ALA B 27 -16.85 -30.06 -23.80
CA ALA B 27 -16.16 -29.24 -22.81
C ALA B 27 -15.04 -30.02 -22.12
N ALA B 28 -14.02 -29.28 -21.69
CA ALA B 28 -12.93 -29.87 -20.91
C ALA B 28 -13.38 -30.12 -19.48
N HIS B 29 -12.69 -31.03 -18.80
CA HIS B 29 -13.09 -31.50 -17.48
C HIS B 29 -11.96 -32.33 -16.89
N PRO B 30 -11.98 -32.56 -15.57
CA PRO B 30 -10.99 -33.46 -14.95
C PRO B 30 -11.19 -34.89 -15.45
N PRO B 31 -10.21 -35.77 -15.24
CA PRO B 31 -10.33 -37.14 -15.75
C PRO B 31 -11.58 -37.83 -15.21
N PHE B 32 -12.29 -38.52 -16.10
CA PHE B 32 -13.50 -39.25 -15.77
C PHE B 32 -13.34 -40.72 -16.12
N ALA B 33 -13.99 -41.57 -15.33
CA ALA B 33 -14.05 -43.00 -15.61
C ALA B 33 -15.47 -43.55 -15.63
N SER B 34 -16.45 -42.80 -15.13
CA SER B 34 -17.85 -43.21 -15.09
C SER B 34 -18.02 -44.59 -14.45
N TRP B 35 -17.48 -44.71 -13.24
CA TRP B 35 -17.70 -45.92 -12.46
C TRP B 35 -19.18 -46.04 -12.09
N ARG B 36 -19.72 -47.24 -12.22
CA ARG B 36 -21.07 -47.53 -11.76
C ARG B 36 -21.07 -48.26 -10.43
N ASN B 37 -19.91 -48.36 -9.77
CA ASN B 37 -19.78 -48.96 -8.46
C ASN B 37 -18.83 -48.11 -7.62
N SER B 38 -19.33 -47.62 -6.49
CA SER B 38 -18.57 -46.69 -5.67
C SER B 38 -17.32 -47.33 -5.06
N GLU B 39 -17.38 -48.62 -4.72
CA GLU B 39 -16.19 -49.30 -4.23
C GLU B 39 -15.11 -49.37 -5.30
N GLU B 40 -15.50 -49.66 -6.55
CA GLU B 40 -14.54 -49.64 -7.65
C GLU B 40 -13.97 -48.25 -7.85
N ALA B 41 -14.80 -47.20 -7.75
CA ALA B 41 -14.28 -45.84 -7.84
C ALA B 41 -13.28 -45.54 -6.72
N ARG B 42 -13.59 -45.96 -5.50
CA ARG B 42 -12.70 -45.70 -4.37
C ARG B 42 -11.36 -46.40 -4.54
N THR B 43 -11.39 -47.66 -4.98
CA THR B 43 -10.16 -48.45 -5.12
C THR B 43 -9.45 -48.21 -6.44
N ASP B 44 -9.98 -47.34 -7.30
CA ASP B 44 -9.36 -47.00 -8.59
C ASP B 44 -9.19 -48.23 -9.49
N ARG B 45 -10.12 -49.17 -9.40
CA ARG B 45 -10.10 -50.32 -10.29
C ARG B 45 -10.51 -49.89 -11.70
N PRO B 46 -10.08 -50.62 -12.73
CA PRO B 46 -10.43 -50.23 -14.10
C PRO B 46 -11.93 -50.23 -14.33
N SER B 47 -12.40 -49.25 -15.08
CA SER B 47 -13.83 -49.09 -15.34
C SER B 47 -14.20 -49.73 -16.67
N GLN B 48 -15.26 -50.54 -16.64
CA GLN B 48 -15.79 -51.10 -17.87
C GLN B 48 -16.44 -50.06 -18.78
N GLN B 49 -16.76 -48.89 -18.25
CA GLN B 49 -17.33 -47.80 -19.04
C GLN B 49 -16.28 -47.02 -19.82
N LEU B 50 -15.00 -47.21 -19.50
CA LEU B 50 -13.90 -46.57 -20.22
C LEU B 50 -13.13 -47.66 -20.95
N ARG B 51 -13.05 -47.54 -22.28
CA ARG B 51 -12.52 -48.59 -23.13
C ARG B 51 -11.39 -48.02 -23.98
N SER B 52 -10.21 -48.63 -23.89
CA SER B 52 -9.07 -48.17 -24.68
C SER B 52 -9.19 -48.66 -26.11
N LEU B 53 -8.95 -47.75 -27.06
CA LEU B 53 -8.87 -48.08 -28.47
C LEU B 53 -7.44 -48.17 -28.95
N ASN B 54 -6.47 -48.16 -28.04
CA ASN B 54 -5.07 -48.33 -28.41
C ASN B 54 -4.84 -49.71 -29.00
N GLY B 55 -3.90 -49.79 -29.93
CA GLY B 55 -3.61 -51.05 -30.59
C GLY B 55 -3.26 -50.88 -32.05
N GLU B 56 -3.68 -51.84 -32.88
CA GLU B 56 -3.37 -51.81 -34.31
C GLU B 56 -4.43 -51.02 -35.05
N TRP B 57 -3.99 -50.01 -35.80
CA TRP B 57 -4.84 -49.20 -36.65
C TRP B 57 -4.34 -49.30 -38.09
N ARG B 58 -5.17 -48.89 -39.03
CA ARG B 58 -4.76 -48.75 -40.42
C ARG B 58 -4.31 -47.32 -40.68
N PHE B 59 -3.23 -47.16 -41.42
CA PHE B 59 -2.60 -45.86 -41.62
C PHE B 59 -2.15 -45.72 -43.06
N ALA B 60 -2.40 -44.54 -43.64
CA ALA B 60 -1.94 -44.20 -44.98
C ALA B 60 -1.41 -42.78 -44.97
N TRP B 61 -0.22 -42.58 -45.52
CA TRP B 61 0.44 -41.28 -45.57
C TRP B 61 0.20 -40.62 -46.92
N PHE B 62 -0.06 -39.31 -46.89
CA PHE B 62 -0.26 -38.53 -48.10
C PHE B 62 0.51 -37.22 -48.01
N PRO B 63 0.99 -36.68 -49.14
CA PRO B 63 1.78 -35.44 -49.08
C PRO B 63 0.95 -34.19 -48.84
N ALA B 64 -0.36 -34.24 -49.07
CA ALA B 64 -1.23 -33.08 -48.90
C ALA B 64 -2.64 -33.58 -48.66
N PRO B 65 -3.48 -32.80 -47.96
CA PRO B 65 -4.86 -33.24 -47.73
C PRO B 65 -5.65 -33.46 -49.01
N GLU B 66 -5.34 -32.72 -50.08
CA GLU B 66 -6.05 -32.85 -51.34
C GLU B 66 -5.78 -34.18 -52.04
N ALA B 67 -4.75 -34.92 -51.60
CA ALA B 67 -4.41 -36.19 -52.23
C ALA B 67 -5.17 -37.37 -51.66
N VAL B 68 -5.94 -37.19 -50.60
CA VAL B 68 -6.68 -38.31 -49.99
C VAL B 68 -7.88 -38.64 -50.88
N PRO B 69 -8.02 -39.88 -51.32
CA PRO B 69 -9.19 -40.25 -52.12
C PRO B 69 -10.47 -40.28 -51.29
N GLU B 70 -11.59 -39.98 -51.97
CA GLU B 70 -12.88 -39.99 -51.30
C GLU B 70 -13.23 -41.36 -50.72
N SER B 71 -12.76 -42.44 -51.35
CA SER B 71 -13.10 -43.79 -50.91
C SER B 71 -12.57 -44.11 -49.52
N TRP B 72 -11.57 -43.37 -49.04
CA TRP B 72 -11.05 -43.61 -47.70
C TRP B 72 -12.12 -43.40 -46.64
N LEU B 73 -13.10 -42.53 -46.91
CA LEU B 73 -14.19 -42.30 -45.96
C LEU B 73 -15.09 -43.53 -45.79
N GLU B 74 -15.13 -44.42 -46.78
CA GLU B 74 -16.05 -45.55 -46.73
C GLU B 74 -15.35 -46.86 -46.39
N CYS B 75 -14.19 -47.14 -46.98
CA CYS B 75 -13.51 -48.40 -46.76
C CYS B 75 -12.01 -48.15 -46.63
N ASP B 76 -11.33 -49.07 -45.97
CA ASP B 76 -9.88 -48.96 -45.78
C ASP B 76 -9.16 -49.06 -47.11
N LEU B 77 -8.15 -48.22 -47.29
CA LEU B 77 -7.37 -48.21 -48.51
C LEU B 77 -6.59 -49.51 -48.66
N PRO B 78 -6.49 -50.03 -49.88
CA PRO B 78 -5.70 -51.26 -50.08
C PRO B 78 -4.22 -51.07 -49.76
N GLU B 79 -3.69 -49.86 -49.97
CA GLU B 79 -2.24 -49.60 -49.75
C GLU B 79 -1.95 -49.27 -48.28
N ALA B 80 -2.99 -49.18 -47.45
CA ALA B 80 -2.82 -48.81 -46.06
C ALA B 80 -2.05 -49.87 -45.30
N ASP B 81 -1.14 -49.44 -44.44
CA ASP B 81 -0.40 -50.34 -43.57
C ASP B 81 -1.12 -50.49 -42.24
N THR B 82 -0.60 -51.38 -41.39
CA THR B 82 -1.10 -51.57 -40.04
C THR B 82 -0.02 -51.06 -39.09
N VAL B 83 -0.40 -50.12 -38.22
CA VAL B 83 0.55 -49.47 -37.32
C VAL B 83 -0.01 -49.47 -35.91
N VAL B 84 0.89 -49.30 -34.94
CA VAL B 84 0.53 -49.23 -33.53
C VAL B 84 0.12 -47.79 -33.21
N VAL B 85 -0.97 -47.66 -32.46
CA VAL B 85 -1.46 -46.36 -31.98
C VAL B 85 -1.53 -46.44 -30.47
N PRO B 86 -0.99 -45.45 -29.73
CA PRO B 86 -0.39 -44.19 -30.19
C PRO B 86 1.02 -44.30 -30.79
N SER B 87 1.38 -43.35 -31.64
CA SER B 87 2.70 -43.29 -32.26
C SER B 87 2.84 -41.96 -33.01
N ASN B 88 4.08 -41.64 -33.35
CA ASN B 88 4.40 -40.55 -34.27
C ASN B 88 4.82 -41.15 -35.61
N TRP B 89 4.18 -40.73 -36.70
CA TRP B 89 4.43 -41.43 -37.96
C TRP B 89 5.82 -41.18 -38.50
N GLN B 90 6.54 -40.16 -38.00
CA GLN B 90 7.95 -40.02 -38.33
C GLN B 90 8.80 -41.14 -37.74
N MET B 91 8.33 -41.77 -36.67
CA MET B 91 9.04 -42.91 -36.07
C MET B 91 8.82 -44.19 -36.85
N HIS B 92 7.96 -44.18 -37.87
CA HIS B 92 7.75 -45.31 -38.75
C HIS B 92 8.36 -45.07 -40.13
N GLY B 93 9.11 -43.99 -40.30
CA GLY B 93 9.82 -43.72 -41.55
C GLY B 93 8.97 -43.17 -42.68
N TYR B 94 7.78 -42.67 -42.38
CA TYR B 94 6.90 -42.13 -43.42
C TYR B 94 7.36 -40.77 -43.92
N ASP B 95 7.81 -39.88 -43.03
CA ASP B 95 8.54 -38.68 -43.43
C ASP B 95 9.49 -38.32 -42.29
N ALA B 96 10.32 -37.32 -42.52
CA ALA B 96 11.40 -37.11 -41.56
C ALA B 96 10.96 -36.22 -40.40
N PRO B 97 11.42 -36.52 -39.18
CA PRO B 97 11.30 -35.53 -38.11
C PRO B 97 12.21 -34.35 -38.38
N ILE B 98 11.79 -33.18 -37.90
CA ILE B 98 12.52 -31.94 -38.09
C ILE B 98 12.90 -31.38 -36.72
N TYR B 99 14.17 -31.09 -36.53
CA TYR B 99 14.62 -30.40 -35.32
C TYR B 99 15.08 -28.99 -35.69
N THR B 100 14.32 -28.00 -35.24
CA THR B 100 14.72 -26.61 -35.33
C THR B 100 14.48 -25.95 -33.98
N ASN B 101 15.33 -24.99 -33.63
CA ASN B 101 15.28 -24.41 -32.27
C ASN B 101 14.27 -23.27 -32.21
N VAL B 102 14.52 -22.20 -32.96
CA VAL B 102 13.69 -21.00 -32.90
C VAL B 102 13.00 -20.74 -34.23
N THR B 103 13.69 -20.95 -35.34
CA THR B 103 13.09 -20.75 -36.65
C THR B 103 11.93 -21.72 -36.87
N TYR B 104 10.81 -21.19 -37.35
CA TYR B 104 9.68 -22.06 -37.65
C TYR B 104 10.07 -23.04 -38.75
N PRO B 105 9.58 -24.29 -38.68
CA PRO B 105 9.88 -25.26 -39.75
C PRO B 105 9.16 -24.98 -41.06
N ILE B 106 8.27 -23.99 -41.08
CA ILE B 106 7.54 -23.61 -42.28
C ILE B 106 7.77 -22.12 -42.54
N THR B 107 7.40 -21.68 -43.74
CA THR B 107 7.47 -20.26 -44.07
C THR B 107 6.57 -19.47 -43.13
N VAL B 108 7.09 -18.38 -42.57
CA VAL B 108 6.36 -17.58 -41.59
C VAL B 108 5.38 -16.71 -42.36
N ASN B 109 4.10 -17.10 -42.36
CA ASN B 109 3.06 -16.35 -43.04
C ASN B 109 1.72 -16.71 -42.40
N PRO B 110 1.51 -16.29 -41.16
CA PRO B 110 0.31 -16.71 -40.42
C PRO B 110 -0.93 -16.12 -41.05
N PRO B 111 -2.05 -16.85 -41.02
CA PRO B 111 -2.22 -18.20 -40.45
C PRO B 111 -2.01 -19.30 -41.47
N PHE B 112 -1.37 -19.02 -42.59
CA PHE B 112 -1.25 -19.97 -43.70
C PHE B 112 -0.13 -20.98 -43.45
N VAL B 113 -0.32 -22.19 -43.98
CA VAL B 113 0.64 -23.27 -43.88
C VAL B 113 0.93 -23.76 -45.29
N PRO B 114 2.06 -24.44 -45.53
CA PRO B 114 2.39 -24.85 -46.91
C PRO B 114 1.33 -25.77 -47.50
N THR B 115 1.16 -25.65 -48.82
CA THR B 115 0.24 -26.54 -49.53
C THR B 115 0.65 -28.00 -49.39
N GLU B 116 1.94 -28.29 -49.49
CA GLU B 116 2.45 -29.64 -49.25
C GLU B 116 2.48 -29.89 -47.74
N ASN B 117 1.32 -30.24 -47.22
CA ASN B 117 1.12 -30.46 -45.79
C ASN B 117 0.97 -31.95 -45.54
N PRO B 118 1.98 -32.61 -44.97
CA PRO B 118 1.89 -34.07 -44.78
C PRO B 118 0.66 -34.45 -43.98
N THR B 119 -0.07 -35.44 -44.49
CA THR B 119 -1.38 -35.82 -43.97
C THR B 119 -1.36 -37.30 -43.63
N GLY B 120 -1.74 -37.64 -42.40
CA GLY B 120 -1.82 -39.02 -41.98
C GLY B 120 -3.25 -39.48 -41.79
N CYS B 121 -3.65 -40.51 -42.52
CA CYS B 121 -5.02 -41.02 -42.49
C CYS B 121 -5.07 -42.28 -41.63
N TYR B 122 -5.64 -42.16 -40.44
CA TYR B 122 -5.83 -43.28 -39.53
C TYR B 122 -7.25 -43.82 -39.66
N SER B 123 -7.41 -45.11 -39.43
CA SER B 123 -8.74 -45.70 -39.44
C SER B 123 -8.75 -46.94 -38.55
N LEU B 124 -9.89 -47.21 -37.95
CA LEU B 124 -10.06 -48.34 -37.04
C LEU B 124 -11.46 -48.91 -37.18
N THR B 125 -11.54 -50.23 -37.26
CA THR B 125 -12.82 -50.96 -37.25
C THR B 125 -13.00 -51.60 -35.89
N PHE B 126 -14.12 -51.30 -35.24
CA PHE B 126 -14.34 -51.72 -33.86
C PHE B 126 -15.81 -52.04 -33.65
N ASN B 127 -16.08 -52.86 -32.64
CA ASN B 127 -17.43 -53.25 -32.25
C ASN B 127 -17.85 -52.45 -31.03
N VAL B 128 -19.15 -52.19 -30.92
CA VAL B 128 -19.75 -51.53 -29.76
C VAL B 128 -20.90 -52.40 -29.26
N ASP B 129 -20.91 -52.65 -27.95
CA ASP B 129 -21.99 -53.43 -27.37
C ASP B 129 -23.31 -52.65 -27.41
N GLU B 130 -24.40 -53.40 -27.59
CA GLU B 130 -25.72 -52.78 -27.73
C GLU B 130 -26.18 -52.07 -26.46
N SER B 131 -25.66 -52.47 -25.29
CA SER B 131 -26.03 -51.79 -24.06
C SER B 131 -25.60 -50.32 -24.07
N TRP B 132 -24.42 -50.04 -24.63
CA TRP B 132 -23.94 -48.66 -24.71
C TRP B 132 -24.79 -47.79 -25.61
N LEU B 133 -25.44 -48.36 -26.61
CA LEU B 133 -26.26 -47.59 -27.53
C LEU B 133 -27.74 -47.60 -27.16
N GLN B 134 -28.17 -48.48 -26.26
CA GLN B 134 -29.55 -48.45 -25.80
C GLN B 134 -29.84 -47.17 -25.02
N GLU B 135 -28.92 -46.73 -24.17
CA GLU B 135 -29.12 -45.53 -23.38
C GLU B 135 -27.77 -44.90 -23.06
N GLY B 136 -27.81 -43.65 -22.66
CA GLY B 136 -26.61 -42.94 -22.26
C GLY B 136 -25.88 -42.28 -23.41
N GLN B 137 -24.69 -41.79 -23.08
CA GLN B 137 -23.85 -41.03 -23.99
C GLN B 137 -22.53 -41.75 -24.19
N THR B 138 -22.13 -41.93 -25.45
CA THR B 138 -20.85 -42.54 -25.77
C THR B 138 -19.97 -41.50 -26.46
N ARG B 139 -18.82 -41.20 -25.86
CA ARG B 139 -17.90 -40.21 -26.39
C ARG B 139 -16.55 -40.86 -26.65
N ILE B 140 -15.84 -40.33 -27.63
CA ILE B 140 -14.47 -40.74 -27.93
C ILE B 140 -13.52 -39.64 -27.46
N ILE B 141 -12.38 -40.05 -26.91
CA ILE B 141 -11.42 -39.14 -26.30
C ILE B 141 -10.07 -39.38 -26.97
N PHE B 142 -9.56 -38.35 -27.66
CA PHE B 142 -8.22 -38.35 -28.22
C PHE B 142 -7.32 -37.55 -27.28
N ASP B 143 -6.46 -38.24 -26.54
CA ASP B 143 -5.63 -37.57 -25.56
C ASP B 143 -4.60 -36.63 -26.18
N GLY B 144 -4.23 -36.84 -27.44
CA GLY B 144 -3.34 -35.92 -28.12
C GLY B 144 -3.19 -36.22 -29.60
N VAL B 145 -3.38 -35.22 -30.45
CA VAL B 145 -3.24 -35.37 -31.90
C VAL B 145 -2.47 -34.17 -32.43
N ASN B 146 -1.38 -34.43 -33.15
CA ASN B 146 -0.45 -33.41 -33.59
C ASN B 146 -0.50 -33.33 -35.11
N SER B 147 -0.95 -32.20 -35.66
CA SER B 147 -1.31 -31.01 -34.88
C SER B 147 -2.79 -30.63 -34.98
N ALA B 148 -3.49 -31.18 -35.96
CA ALA B 148 -4.91 -30.92 -36.15
C ALA B 148 -5.53 -32.09 -36.92
N PHE B 149 -6.84 -32.24 -36.80
CA PHE B 149 -7.49 -33.40 -37.42
C PHE B 149 -8.97 -33.19 -37.62
N HIS B 150 -9.49 -33.79 -38.70
CA HIS B 150 -10.92 -34.01 -38.91
C HIS B 150 -11.27 -35.44 -38.55
N LEU B 151 -12.48 -35.64 -38.05
CA LEU B 151 -12.95 -36.94 -37.57
C LEU B 151 -14.22 -37.34 -38.30
N TRP B 152 -14.25 -38.58 -38.81
CA TRP B 152 -15.44 -39.18 -39.38
C TRP B 152 -15.77 -40.45 -38.60
N CYS B 153 -17.05 -40.77 -38.48
CA CYS B 153 -17.51 -42.00 -37.88
C CYS B 153 -18.55 -42.63 -38.78
N ASN B 154 -18.28 -43.84 -39.25
CA ASN B 154 -19.14 -44.54 -40.20
C ASN B 154 -19.42 -43.68 -41.42
N GLY B 155 -18.42 -42.94 -41.87
CA GLY B 155 -18.52 -42.10 -43.04
C GLY B 155 -19.14 -40.74 -42.84
N ARG B 156 -19.59 -40.41 -41.64
CA ARG B 156 -20.22 -39.13 -41.36
C ARG B 156 -19.27 -38.23 -40.60
N TRP B 157 -19.11 -36.99 -41.07
CA TRP B 157 -18.19 -36.05 -40.43
C TRP B 157 -18.67 -35.73 -39.01
N VAL B 158 -17.73 -35.73 -38.08
CA VAL B 158 -18.03 -35.54 -36.66
C VAL B 158 -17.52 -34.20 -36.14
N GLY B 159 -16.26 -33.88 -36.40
CA GLY B 159 -15.71 -32.65 -35.84
C GLY B 159 -14.26 -32.44 -36.22
N TYR B 160 -13.67 -31.45 -35.55
CA TYR B 160 -12.34 -30.94 -35.84
C TYR B 160 -11.70 -30.48 -34.53
N GLY B 161 -10.38 -30.54 -34.47
CA GLY B 161 -9.67 -30.20 -33.25
C GLY B 161 -8.26 -29.71 -33.50
N GLN B 162 -7.77 -28.86 -32.58
CA GLN B 162 -6.40 -28.36 -32.58
C GLN B 162 -5.84 -28.45 -31.17
N ASP B 163 -4.69 -27.82 -30.89
CA ASP B 163 -3.98 -27.98 -29.62
C ASP B 163 -3.55 -29.42 -29.38
N SER B 164 -2.47 -29.83 -30.05
CA SER B 164 -1.95 -31.19 -29.99
C SER B 164 -1.75 -31.75 -28.58
N ARG B 165 -1.68 -30.91 -27.55
CA ARG B 165 -1.27 -31.39 -26.23
C ARG B 165 -2.40 -31.49 -25.22
N LEU B 166 -3.65 -31.34 -25.63
CA LEU B 166 -4.77 -31.50 -24.71
C LEU B 166 -5.82 -32.41 -25.32
N PRO B 167 -6.60 -33.12 -24.51
CA PRO B 167 -7.56 -34.09 -25.07
C PRO B 167 -8.67 -33.41 -25.86
N SER B 168 -9.13 -34.10 -26.90
CA SER B 168 -10.27 -33.66 -27.69
C SER B 168 -11.33 -34.75 -27.65
N GLU B 169 -12.55 -34.38 -27.26
CA GLU B 169 -13.63 -35.33 -27.03
C GLU B 169 -14.83 -34.99 -27.92
N PHE B 170 -15.47 -36.02 -28.45
CA PHE B 170 -16.59 -35.86 -29.37
C PHE B 170 -17.68 -36.86 -29.00
N ASP B 171 -18.93 -36.40 -29.06
CA ASP B 171 -20.07 -37.26 -28.79
C ASP B 171 -20.36 -38.12 -30.01
N LEU B 172 -20.24 -39.44 -29.87
CA LEU B 172 -20.49 -40.37 -30.95
C LEU B 172 -21.83 -41.08 -30.83
N SER B 173 -22.69 -40.62 -29.92
CA SER B 173 -23.95 -41.31 -29.67
C SER B 173 -24.83 -41.40 -30.90
N ALA B 174 -24.92 -40.34 -31.70
CA ALA B 174 -25.77 -40.31 -32.89
C ALA B 174 -25.10 -40.90 -34.13
N PHE B 175 -23.84 -41.31 -34.03
CA PHE B 175 -23.10 -41.84 -35.18
C PHE B 175 -22.87 -43.34 -35.11
N LEU B 176 -22.86 -43.93 -33.93
CA LEU B 176 -22.51 -45.33 -33.78
C LEU B 176 -23.70 -46.23 -34.07
N ARG B 177 -23.41 -47.45 -34.50
CA ARG B 177 -24.40 -48.48 -34.75
C ARG B 177 -23.98 -49.77 -34.06
N ALA B 178 -24.96 -50.63 -33.81
CA ALA B 178 -24.68 -51.92 -33.21
C ALA B 178 -23.83 -52.77 -34.14
N GLY B 179 -22.84 -53.43 -33.57
CA GLY B 179 -21.95 -54.29 -34.35
C GLY B 179 -20.72 -53.53 -34.84
N GLU B 180 -20.44 -53.63 -36.14
CA GLU B 180 -19.20 -53.14 -36.71
C GLU B 180 -19.28 -51.63 -36.99
N ASN B 181 -18.27 -50.90 -36.55
CA ASN B 181 -18.16 -49.46 -36.75
C ASN B 181 -16.78 -49.14 -37.30
N ARG B 182 -16.67 -48.03 -38.04
CA ARG B 182 -15.40 -47.59 -38.57
C ARG B 182 -15.14 -46.14 -38.22
N LEU B 183 -13.90 -45.87 -37.83
CA LEU B 183 -13.43 -44.54 -37.42
C LEU B 183 -12.45 -44.08 -38.48
N ALA B 184 -12.53 -42.82 -38.90
CA ALA B 184 -11.61 -42.27 -39.89
C ALA B 184 -11.10 -40.92 -39.39
N VAL B 185 -9.79 -40.83 -39.16
CA VAL B 185 -9.15 -39.62 -38.63
C VAL B 185 -8.11 -39.15 -39.62
N MET B 186 -8.27 -37.90 -40.08
CA MET B 186 -7.28 -37.29 -41.00
C MET B 186 -6.45 -36.29 -40.20
N VAL B 187 -5.18 -36.58 -39.94
CA VAL B 187 -4.29 -35.76 -39.12
C VAL B 187 -3.40 -34.94 -40.04
N LEU B 188 -3.33 -33.63 -39.79
CA LEU B 188 -2.50 -32.72 -40.57
C LEU B 188 -1.28 -32.30 -39.78
N ARG B 189 -0.12 -32.34 -40.44
CA ARG B 189 1.11 -31.96 -39.76
C ARG B 189 1.15 -30.49 -39.39
N TRP B 190 0.69 -29.61 -40.29
CA TRP B 190 0.73 -28.17 -40.07
C TRP B 190 -0.68 -27.60 -40.01
N SER B 191 -0.86 -26.60 -39.16
CA SER B 191 -2.11 -25.88 -39.01
C SER B 191 -1.80 -24.51 -38.44
N ASP B 192 -2.81 -23.65 -38.30
CA ASP B 192 -2.58 -22.37 -37.64
C ASP B 192 -2.21 -22.56 -36.19
N GLY B 193 -2.56 -23.70 -35.59
CA GLY B 193 -2.09 -24.02 -34.25
C GLY B 193 -0.60 -24.21 -34.16
N SER B 194 0.06 -24.57 -35.27
CA SER B 194 1.50 -24.72 -35.28
C SER B 194 2.23 -23.42 -34.98
N TYR B 195 1.63 -22.27 -35.29
CA TYR B 195 2.25 -21.00 -34.95
C TYR B 195 2.35 -20.80 -33.43
N LEU B 196 1.51 -21.48 -32.66
CA LEU B 196 1.57 -21.44 -31.21
C LEU B 196 2.34 -22.62 -30.62
N GLU B 197 3.05 -23.39 -31.45
CA GLU B 197 3.72 -24.61 -31.02
C GLU B 197 5.16 -24.64 -31.52
N ASP B 198 5.90 -23.56 -31.28
CA ASP B 198 7.27 -23.41 -31.76
C ASP B 198 8.29 -23.78 -30.70
N GLN B 199 8.02 -24.82 -29.92
CA GLN B 199 8.96 -25.27 -28.90
C GLN B 199 10.26 -25.78 -29.52
N ASP B 200 11.35 -25.64 -28.76
CA ASP B 200 12.66 -26.13 -29.14
C ASP B 200 12.69 -27.65 -28.91
N MET B 201 12.26 -28.39 -29.92
CA MET B 201 12.15 -29.83 -29.83
C MET B 201 11.92 -30.40 -31.23
N TRP B 202 12.03 -31.71 -31.35
CA TRP B 202 11.72 -32.37 -32.61
C TRP B 202 10.27 -32.09 -33.00
N ARG B 203 10.05 -31.83 -34.29
CA ARG B 203 8.71 -31.60 -34.82
C ARG B 203 8.19 -32.90 -35.41
N MET B 204 7.25 -33.52 -34.72
CA MET B 204 6.64 -34.78 -35.14
C MET B 204 5.13 -34.57 -35.32
N SER B 205 4.43 -35.65 -35.63
CA SER B 205 2.99 -35.56 -35.83
C SER B 205 2.37 -36.94 -35.67
N GLY B 206 1.05 -36.97 -35.52
CA GLY B 206 0.29 -38.19 -35.46
C GLY B 206 -0.56 -38.26 -34.21
N ILE B 207 -1.23 -39.41 -34.04
CA ILE B 207 -2.03 -39.68 -32.84
C ILE B 207 -1.06 -40.28 -31.81
N PHE B 208 -0.42 -39.41 -31.04
CA PHE B 208 0.70 -39.79 -30.19
C PHE B 208 0.33 -39.99 -28.72
N ARG B 209 -0.94 -39.86 -28.36
CA ARG B 209 -1.42 -40.23 -27.03
C ARG B 209 -2.66 -41.11 -27.18
N ASP B 210 -3.17 -41.59 -26.04
CA ASP B 210 -4.17 -42.64 -26.04
C ASP B 210 -5.49 -42.20 -26.68
N VAL B 211 -6.24 -43.17 -27.19
CA VAL B 211 -7.59 -42.98 -27.72
C VAL B 211 -8.51 -43.93 -26.97
N SER B 212 -9.66 -43.41 -26.53
CA SER B 212 -10.55 -44.23 -25.71
C SER B 212 -12.00 -43.81 -25.92
N LEU B 213 -12.90 -44.73 -25.58
CA LEU B 213 -14.33 -44.50 -25.58
C LEU B 213 -14.83 -44.47 -24.13
N LEU B 214 -15.66 -43.48 -23.82
CA LEU B 214 -16.25 -43.36 -22.49
C LEU B 214 -17.77 -43.35 -22.62
N HIS B 215 -18.44 -44.17 -21.82
CA HIS B 215 -19.89 -44.23 -21.79
C HIS B 215 -20.38 -43.60 -20.49
N LYS B 216 -21.23 -42.59 -20.61
CA LYS B 216 -21.84 -41.92 -19.48
C LYS B 216 -23.35 -42.06 -19.54
N PRO B 217 -24.04 -42.05 -18.40
CA PRO B 217 -25.50 -41.98 -18.42
C PRO B 217 -25.96 -40.61 -18.86
N THR B 218 -27.22 -40.53 -19.28
CA THR B 218 -27.78 -39.26 -19.73
C THR B 218 -27.74 -38.22 -18.62
N THR B 219 -28.11 -38.62 -17.41
CA THR B 219 -27.92 -37.77 -16.23
C THR B 219 -26.58 -38.13 -15.60
N GLN B 220 -25.67 -37.15 -15.53
CA GLN B 220 -24.27 -37.48 -15.31
C GLN B 220 -23.57 -36.36 -14.55
N ILE B 221 -22.44 -36.71 -13.95
CA ILE B 221 -21.51 -35.73 -13.40
C ILE B 221 -20.70 -35.15 -14.57
N SER B 222 -20.74 -33.83 -14.73
CA SER B 222 -20.07 -33.18 -15.84
C SER B 222 -18.80 -32.43 -15.46
N ASP B 223 -18.61 -32.13 -14.17
CA ASP B 223 -17.44 -31.43 -13.68
C ASP B 223 -17.47 -31.46 -12.15
N PHE B 224 -16.29 -31.55 -11.55
CA PHE B 224 -16.19 -31.41 -10.11
C PHE B 224 -14.85 -30.77 -9.75
N HIS B 225 -14.87 -29.88 -8.77
CA HIS B 225 -13.70 -29.17 -8.31
C HIS B 225 -13.47 -29.46 -6.83
N VAL B 226 -12.21 -29.59 -6.45
CA VAL B 226 -11.80 -29.86 -5.08
C VAL B 226 -10.91 -28.74 -4.60
N ALA B 227 -11.24 -28.17 -3.44
CA ALA B 227 -10.47 -27.09 -2.85
C ALA B 227 -10.30 -27.35 -1.37
N THR B 228 -9.15 -26.98 -0.83
CA THR B 228 -8.83 -27.17 0.58
C THR B 228 -8.52 -25.82 1.22
N ARG B 229 -9.14 -25.58 2.37
CA ARG B 229 -8.86 -24.35 3.14
C ARG B 229 -8.38 -24.78 4.52
N PHE B 230 -7.57 -23.97 5.17
CA PHE B 230 -6.94 -24.32 6.44
C PHE B 230 -7.04 -23.16 7.42
N ASN B 231 -6.85 -23.46 8.70
CA ASN B 231 -6.70 -22.44 9.72
C ASN B 231 -5.24 -22.02 9.79
N ASP B 232 -4.88 -21.21 10.79
CA ASP B 232 -3.55 -20.63 10.84
C ASP B 232 -2.46 -21.67 11.06
N ASP B 233 -2.73 -22.68 11.87
CA ASP B 233 -1.74 -23.71 12.19
C ASP B 233 -1.96 -25.02 11.43
N PHE B 234 -2.88 -25.02 10.46
CA PHE B 234 -3.10 -26.16 9.56
C PHE B 234 -3.66 -27.38 10.29
N SER B 235 -4.11 -27.20 11.53
CA SER B 235 -4.66 -28.30 12.30
C SER B 235 -6.12 -28.58 11.97
N ARG B 236 -6.79 -27.67 11.25
CA ARG B 236 -8.17 -27.87 10.82
C ARG B 236 -8.27 -27.51 9.34
N ALA B 237 -8.94 -28.36 8.56
CA ALA B 237 -9.10 -28.12 7.14
C ALA B 237 -10.56 -28.32 6.74
N VAL B 238 -10.97 -27.57 5.71
CA VAL B 238 -12.30 -27.70 5.13
C VAL B 238 -12.11 -28.11 3.68
N LEU B 239 -12.68 -29.25 3.32
CA LEU B 239 -12.60 -29.76 1.96
C LEU B 239 -13.87 -29.34 1.22
N GLU B 240 -13.74 -28.42 0.26
CA GLU B 240 -14.87 -27.88 -0.47
C GLU B 240 -14.91 -28.52 -1.85
N ALA B 241 -16.01 -29.22 -2.14
CA ALA B 241 -16.19 -29.90 -3.42
C ALA B 241 -17.42 -29.36 -4.12
N GLU B 242 -17.23 -28.79 -5.31
CA GLU B 242 -18.30 -28.29 -6.15
C GLU B 242 -18.53 -29.30 -7.26
N VAL B 243 -19.76 -29.75 -7.42
CA VAL B 243 -20.12 -30.78 -8.40
C VAL B 243 -21.15 -30.20 -9.36
N GLN B 244 -20.95 -30.44 -10.65
CA GLN B 244 -21.84 -29.97 -11.70
C GLN B 244 -22.38 -31.16 -12.48
N MET B 245 -23.62 -31.04 -12.95
CA MET B 245 -24.30 -32.11 -13.64
C MET B 245 -24.90 -31.62 -14.95
N CYS B 246 -25.12 -32.57 -15.87
CA CYS B 246 -25.88 -32.33 -17.09
C CYS B 246 -26.95 -33.41 -17.21
N GLY B 247 -28.02 -33.07 -17.92
CA GLY B 247 -29.20 -33.90 -18.01
C GLY B 247 -30.35 -33.29 -17.24
N GLU B 248 -31.44 -34.06 -17.17
CA GLU B 248 -32.68 -33.58 -16.56
C GLU B 248 -32.56 -33.59 -15.04
N LEU B 249 -32.78 -32.42 -14.43
CA LEU B 249 -32.77 -32.32 -12.99
C LEU B 249 -34.06 -32.91 -12.40
N ARG B 250 -33.90 -33.69 -11.35
CA ARG B 250 -35.08 -34.25 -10.66
C ARG B 250 -34.90 -34.03 -9.16
N ASP B 251 -35.96 -33.82 -8.42
CA ASP B 251 -35.93 -33.52 -7.00
C ASP B 251 -35.35 -34.66 -6.16
N TYR B 252 -35.37 -35.88 -6.67
CA TYR B 252 -34.81 -37.02 -5.94
C TYR B 252 -33.31 -37.18 -6.12
N LEU B 253 -32.69 -36.41 -7.01
CA LEU B 253 -31.25 -36.53 -7.25
C LEU B 253 -30.47 -36.07 -6.02
N ARG B 254 -29.38 -36.77 -5.73
CA ARG B 254 -28.50 -36.43 -4.61
C ARG B 254 -27.05 -36.59 -5.05
N VAL B 255 -26.16 -35.89 -4.36
CA VAL B 255 -24.72 -36.02 -4.55
C VAL B 255 -24.10 -36.29 -3.18
N THR B 256 -23.26 -37.32 -3.11
CA THR B 256 -22.52 -37.64 -1.91
C THR B 256 -21.02 -37.60 -2.21
N VAL B 257 -20.28 -36.85 -1.40
CA VAL B 257 -18.83 -36.79 -1.49
C VAL B 257 -18.25 -37.38 -0.21
N SER B 258 -17.45 -38.43 -0.35
CA SER B 258 -16.82 -39.10 0.79
C SER B 258 -15.31 -39.04 0.64
N LEU B 259 -14.62 -38.79 1.75
CA LEU B 259 -13.16 -38.68 1.78
C LEU B 259 -12.61 -39.89 2.52
N TRP B 260 -11.62 -40.53 1.92
CA TRP B 260 -11.05 -41.76 2.46
C TRP B 260 -9.55 -41.59 2.67
N GLN B 261 -9.06 -42.08 3.81
CA GLN B 261 -7.63 -42.20 4.08
C GLN B 261 -7.33 -43.70 4.10
N GLY B 262 -6.88 -44.22 2.97
CA GLY B 262 -6.73 -45.66 2.82
C GLY B 262 -8.05 -46.38 2.85
N GLU B 263 -8.26 -47.23 3.85
CA GLU B 263 -9.51 -47.97 4.00
C GLU B 263 -10.51 -47.28 4.92
N THR B 264 -10.13 -46.20 5.57
CA THR B 264 -10.98 -45.54 6.55
C THR B 264 -11.61 -44.29 5.95
N GLN B 265 -12.93 -44.16 6.14
CA GLN B 265 -13.67 -42.99 5.70
C GLN B 265 -13.48 -41.89 6.74
N VAL B 266 -12.97 -40.74 6.31
CA VAL B 266 -12.69 -39.64 7.22
C VAL B 266 -13.85 -38.67 7.31
N ALA B 267 -14.49 -38.37 6.17
CA ALA B 267 -15.57 -37.40 6.14
C ALA B 267 -16.53 -37.77 5.02
N SER B 268 -17.75 -37.23 5.11
CA SER B 268 -18.77 -37.49 4.11
C SER B 268 -19.79 -36.36 4.13
N GLY B 269 -20.49 -36.19 3.02
CA GLY B 269 -21.55 -35.22 2.93
C GLY B 269 -22.50 -35.57 1.80
N THR B 270 -23.77 -35.24 2.00
CA THR B 270 -24.82 -35.49 1.02
C THR B 270 -25.71 -34.26 0.93
N ALA B 271 -26.14 -33.93 -0.29
CA ALA B 271 -26.98 -32.76 -0.49
C ALA B 271 -27.73 -32.92 -1.81
N PRO B 272 -28.91 -32.34 -1.93
CA PRO B 272 -29.56 -32.23 -3.24
C PRO B 272 -28.92 -31.12 -4.06
N PHE B 273 -29.25 -31.10 -5.34
CA PHE B 273 -28.69 -30.08 -6.22
C PHE B 273 -29.31 -28.71 -5.92
N GLY B 274 -28.59 -27.67 -6.33
CA GLY B 274 -29.01 -26.30 -6.07
C GLY B 274 -28.00 -25.53 -5.24
N GLY B 275 -27.29 -24.60 -5.87
CA GLY B 275 -26.30 -23.81 -5.19
C GLY B 275 -26.86 -22.57 -4.54
N GLU B 276 -25.99 -21.85 -3.85
CA GLU B 276 -26.37 -20.62 -3.17
C GLU B 276 -26.64 -19.52 -4.18
N ILE B 277 -27.37 -18.49 -3.74
CA ILE B 277 -27.63 -17.33 -4.57
C ILE B 277 -26.32 -16.62 -4.87
N ILE B 278 -26.10 -16.28 -6.14
CA ILE B 278 -24.89 -15.58 -6.53
C ILE B 278 -25.15 -14.23 -7.16
N ASP B 279 -26.30 -13.99 -7.76
CA ASP B 279 -26.61 -12.67 -8.32
C ASP B 279 -28.12 -12.49 -8.34
N GLU B 280 -28.58 -11.45 -9.06
CA GLU B 280 -29.98 -11.09 -9.05
C GLU B 280 -30.89 -12.20 -9.56
N ARG B 281 -30.42 -13.02 -10.50
CA ARG B 281 -31.26 -14.05 -11.11
C ARG B 281 -31.28 -15.35 -10.32
N GLY B 282 -30.47 -15.50 -9.28
CA GLY B 282 -30.49 -16.67 -8.43
C GLY B 282 -29.15 -17.39 -8.45
N GLY B 283 -29.22 -18.72 -8.30
CA GLY B 283 -28.03 -19.55 -8.27
C GLY B 283 -28.07 -20.67 -9.30
N TYR B 284 -27.08 -21.57 -9.25
CA TYR B 284 -27.00 -22.69 -10.18
C TYR B 284 -27.86 -23.84 -9.66
N ALA B 285 -28.95 -24.14 -10.37
CA ALA B 285 -29.77 -25.28 -10.00
C ALA B 285 -29.11 -26.61 -10.34
N ASP B 286 -28.13 -26.61 -11.24
CA ASP B 286 -27.45 -27.83 -11.66
C ASP B 286 -26.07 -27.98 -11.01
N ARG B 287 -25.85 -27.36 -9.85
CA ARG B 287 -24.59 -27.48 -9.12
C ARG B 287 -24.88 -27.62 -7.63
N VAL B 288 -23.95 -28.26 -6.92
CA VAL B 288 -23.99 -28.37 -5.47
C VAL B 288 -22.57 -28.31 -4.94
N THR B 289 -22.41 -27.67 -3.78
CA THR B 289 -21.12 -27.56 -3.12
C THR B 289 -21.22 -28.21 -1.74
N LEU B 290 -20.35 -29.18 -1.49
CA LEU B 290 -20.33 -29.90 -0.22
C LEU B 290 -19.04 -29.56 0.52
N ARG B 291 -19.18 -29.22 1.80
CA ARG B 291 -18.05 -28.83 2.62
C ARG B 291 -17.85 -29.88 3.71
N LEU B 292 -16.67 -30.49 3.72
CA LEU B 292 -16.34 -31.54 4.67
C LEU B 292 -15.22 -31.05 5.58
N ASN B 293 -15.43 -31.16 6.89
CA ASN B 293 -14.42 -30.81 7.86
C ASN B 293 -13.48 -31.98 8.09
N VAL B 294 -12.17 -31.71 8.11
CA VAL B 294 -11.17 -32.71 8.40
C VAL B 294 -10.31 -32.19 9.55
N GLU B 295 -10.20 -32.98 10.62
CA GLU B 295 -9.41 -32.61 11.77
C GLU B 295 -8.01 -33.22 11.65
N ASN B 296 -7.00 -32.42 11.92
CA ASN B 296 -5.60 -32.82 11.86
C ASN B 296 -5.29 -33.53 10.54
N PRO B 297 -5.51 -32.88 9.40
CA PRO B 297 -5.27 -33.54 8.12
C PRO B 297 -3.79 -33.82 7.91
N LYS B 298 -3.51 -34.91 7.20
CA LYS B 298 -2.14 -35.23 6.81
C LYS B 298 -1.80 -34.45 5.55
N LEU B 299 -0.85 -33.54 5.66
CA LEU B 299 -0.58 -32.58 4.59
C LEU B 299 0.28 -33.18 3.50
N TRP B 300 0.02 -32.74 2.27
CA TRP B 300 0.77 -33.21 1.11
C TRP B 300 1.98 -32.33 0.86
N SER B 301 3.10 -32.95 0.54
CA SER B 301 4.32 -32.25 0.14
C SER B 301 5.19 -33.21 -0.65
N ALA B 302 6.19 -32.66 -1.34
CA ALA B 302 7.14 -33.51 -2.04
C ALA B 302 7.92 -34.39 -1.06
N GLU B 303 8.13 -33.92 0.16
CA GLU B 303 8.82 -34.71 1.17
C GLU B 303 7.95 -35.87 1.64
N ILE B 304 6.69 -35.60 2.00
CA ILE B 304 5.74 -36.62 2.41
C ILE B 304 4.46 -36.46 1.60
N PRO B 305 4.29 -37.18 0.49
CA PRO B 305 3.09 -37.01 -0.35
C PRO B 305 1.86 -37.75 0.20
N ASN B 306 1.38 -37.27 1.35
CA ASN B 306 0.14 -37.81 1.92
C ASN B 306 -1.01 -37.55 0.97
N LEU B 307 -1.81 -38.58 0.70
CA LEU B 307 -2.94 -38.46 -0.21
C LEU B 307 -4.20 -39.05 0.42
N TYR B 308 -5.33 -38.40 0.17
CA TYR B 308 -6.64 -38.93 0.46
C TYR B 308 -7.34 -39.30 -0.84
N ARG B 309 -8.43 -40.04 -0.72
CA ARG B 309 -9.23 -40.47 -1.87
C ARG B 309 -10.63 -39.89 -1.72
N ALA B 310 -11.01 -39.01 -2.63
CA ALA B 310 -12.35 -38.43 -2.63
C ALA B 310 -13.19 -39.12 -3.70
N VAL B 311 -14.39 -39.56 -3.30
CA VAL B 311 -15.32 -40.24 -4.21
C VAL B 311 -16.56 -39.39 -4.32
N VAL B 312 -16.96 -39.10 -5.56
CA VAL B 312 -18.13 -38.26 -5.83
C VAL B 312 -19.21 -39.18 -6.38
N GLU B 313 -20.33 -39.28 -5.67
CA GLU B 313 -21.42 -40.18 -6.01
C GLU B 313 -22.62 -39.38 -6.49
N LEU B 314 -23.14 -39.72 -7.66
CA LEU B 314 -24.43 -39.23 -8.11
C LEU B 314 -25.44 -40.34 -7.92
N HIS B 315 -26.46 -40.08 -7.11
CA HIS B 315 -27.41 -41.12 -6.75
C HIS B 315 -28.75 -40.49 -6.44
N THR B 316 -29.80 -41.32 -6.48
CA THR B 316 -31.14 -40.89 -6.13
C THR B 316 -31.33 -40.94 -4.61
N ALA B 317 -32.46 -40.40 -4.15
CA ALA B 317 -32.72 -40.30 -2.72
C ALA B 317 -32.90 -41.68 -2.08
N ASP B 318 -33.46 -42.65 -2.82
CA ASP B 318 -33.64 -43.97 -2.25
C ASP B 318 -32.31 -44.69 -2.04
N GLY B 319 -31.34 -44.46 -2.92
CA GLY B 319 -30.00 -44.96 -2.69
C GLY B 319 -29.33 -45.65 -3.86
N THR B 320 -29.96 -45.67 -5.03
CA THR B 320 -29.36 -46.32 -6.19
C THR B 320 -28.35 -45.39 -6.84
N LEU B 321 -27.19 -45.95 -7.19
CA LEU B 321 -26.09 -45.16 -7.73
C LEU B 321 -26.28 -44.94 -9.22
N ILE B 322 -26.21 -43.69 -9.66
CA ILE B 322 -26.24 -43.36 -11.08
C ILE B 322 -24.83 -43.37 -11.66
N GLU B 323 -23.89 -42.69 -11.00
CA GLU B 323 -22.53 -42.57 -11.50
C GLU B 323 -21.61 -42.20 -10.35
N ALA B 324 -20.35 -42.61 -10.45
CA ALA B 324 -19.32 -42.27 -9.49
C ALA B 324 -18.07 -41.77 -10.21
N GLU B 325 -17.43 -40.76 -9.61
CA GLU B 325 -16.12 -40.28 -10.06
C GLU B 325 -15.25 -40.08 -8.83
N ALA B 326 -13.93 -40.13 -9.05
CA ALA B 326 -12.99 -40.09 -7.94
C ALA B 326 -11.71 -39.38 -8.37
N CYS B 327 -10.98 -38.87 -7.38
CA CYS B 327 -9.67 -38.29 -7.61
C CYS B 327 -8.89 -38.31 -6.30
N ASP B 328 -7.57 -38.36 -6.43
CA ASP B 328 -6.70 -38.27 -5.27
C ASP B 328 -6.67 -36.83 -4.76
N VAL B 329 -6.66 -36.69 -3.44
CA VAL B 329 -6.71 -35.39 -2.79
C VAL B 329 -5.45 -35.21 -1.95
N GLY B 330 -4.75 -34.10 -2.18
CA GLY B 330 -3.62 -33.71 -1.37
C GLY B 330 -3.92 -32.41 -0.65
N PHE B 331 -3.89 -32.46 0.68
CA PHE B 331 -4.12 -31.28 1.49
C PHE B 331 -2.85 -30.44 1.52
N ARG B 332 -2.86 -29.33 0.81
CA ARG B 332 -1.69 -28.41 0.88
C ARG B 332 -2.12 -27.01 0.46
N GLU B 333 -1.47 -26.02 1.00
CA GLU B 333 -1.77 -24.61 0.65
C GLU B 333 -0.54 -24.01 -0.03
N VAL B 334 -0.74 -23.35 -1.15
CA VAL B 334 0.35 -22.67 -1.88
C VAL B 334 0.01 -21.18 -1.90
N ARG B 335 0.92 -20.30 -1.51
CA ARG B 335 0.69 -18.86 -1.56
C ARG B 335 2.01 -18.11 -1.50
N ILE B 336 2.00 -16.90 -2.04
CA ILE B 336 3.12 -15.98 -1.97
C ILE B 336 2.76 -14.96 -0.90
N GLU B 337 3.58 -14.87 0.15
CA GLU B 337 3.38 -13.90 1.22
C GLU B 337 4.68 -13.18 1.52
N ASN B 338 4.62 -11.85 1.52
CA ASN B 338 5.78 -10.99 1.79
C ASN B 338 6.96 -11.35 0.89
N GLY B 339 6.69 -11.65 -0.38
CA GLY B 339 7.74 -11.93 -1.34
C GLY B 339 8.29 -13.33 -1.34
N LEU B 340 7.70 -14.26 -0.59
CA LEU B 340 8.18 -15.63 -0.50
C LEU B 340 7.09 -16.61 -0.91
N LEU B 341 7.46 -17.58 -1.74
CA LEU B 341 6.53 -18.65 -2.09
C LEU B 341 6.49 -19.67 -0.95
N LEU B 342 5.30 -19.88 -0.39
CA LEU B 342 5.11 -20.74 0.78
C LEU B 342 4.29 -21.96 0.41
N LEU B 343 4.70 -23.13 0.92
CA LEU B 343 3.91 -24.35 0.87
C LEU B 343 3.64 -24.81 2.29
N ASN B 344 2.37 -24.83 2.67
CA ASN B 344 1.94 -25.18 4.03
C ASN B 344 2.66 -24.32 5.07
N GLY B 345 2.78 -23.02 4.78
CA GLY B 345 3.36 -22.08 5.70
C GLY B 345 4.87 -21.98 5.71
N LYS B 346 5.57 -22.77 4.89
CA LYS B 346 7.02 -22.79 4.91
C LYS B 346 7.59 -22.41 3.55
N PRO B 347 8.67 -21.61 3.51
CA PRO B 347 9.20 -21.15 2.22
C PRO B 347 9.88 -22.30 1.47
N LEU B 348 9.49 -22.46 0.21
CA LEU B 348 10.05 -23.54 -0.60
C LEU B 348 11.45 -23.18 -1.11
N LEU B 349 12.24 -24.21 -1.39
CA LEU B 349 13.48 -24.10 -2.15
C LEU B 349 13.39 -25.08 -3.31
N ILE B 350 13.18 -24.56 -4.51
CA ILE B 350 12.84 -25.38 -5.67
C ILE B 350 14.11 -26.01 -6.23
N ARG B 351 14.21 -27.34 -6.12
CA ARG B 351 15.27 -28.11 -6.75
C ARG B 351 14.70 -28.72 -8.03
N GLY B 352 14.57 -27.89 -9.05
CA GLY B 352 13.78 -28.25 -10.21
C GLY B 352 14.54 -28.64 -11.46
N VAL B 353 13.84 -29.25 -12.41
CA VAL B 353 14.39 -29.57 -13.72
C VAL B 353 13.26 -29.49 -14.75
N ASN B 354 13.60 -29.01 -15.95
CA ASN B 354 12.67 -29.03 -17.07
C ASN B 354 12.69 -30.41 -17.73
N ARG B 355 11.51 -30.92 -18.10
CA ARG B 355 11.42 -32.26 -18.68
C ARG B 355 10.51 -32.23 -19.89
N HIS B 356 11.06 -32.55 -21.06
CA HIS B 356 10.27 -32.82 -22.24
C HIS B 356 9.79 -34.28 -22.23
N GLU B 357 8.69 -34.51 -22.94
CA GLU B 357 8.19 -35.87 -23.15
C GLU B 357 8.90 -36.45 -24.36
N HIS B 358 9.97 -37.21 -24.11
CA HIS B 358 10.81 -37.69 -25.19
C HIS B 358 11.25 -39.12 -24.92
N HIS B 359 11.22 -39.95 -25.97
CA HIS B 359 11.72 -41.31 -25.94
C HIS B 359 12.54 -41.55 -27.20
N PRO B 360 13.75 -42.11 -27.09
CA PRO B 360 14.62 -42.24 -28.26
C PRO B 360 14.06 -43.16 -29.34
N LEU B 361 13.16 -44.08 -28.99
CA LEU B 361 12.57 -45.00 -29.95
C LEU B 361 11.15 -44.62 -30.35
N HIS B 362 10.33 -44.18 -29.40
CA HIS B 362 8.92 -43.90 -29.67
C HIS B 362 8.63 -42.41 -29.85
N GLY B 363 9.67 -41.58 -29.98
CA GLY B 363 9.48 -40.18 -30.23
C GLY B 363 8.89 -39.47 -29.03
N GLN B 364 7.69 -38.93 -29.19
CA GLN B 364 7.02 -38.19 -28.13
C GLN B 364 5.83 -38.95 -27.55
N VAL B 365 5.82 -40.27 -27.69
CA VAL B 365 4.84 -41.15 -27.07
C VAL B 365 5.39 -41.57 -25.72
N MET B 366 4.62 -41.32 -24.66
CA MET B 366 5.08 -41.59 -23.30
C MET B 366 4.41 -42.83 -22.73
N ASP B 367 5.12 -43.53 -21.86
CA ASP B 367 4.61 -44.72 -21.18
C ASP B 367 4.90 -44.63 -19.69
N GLU B 368 4.10 -45.39 -18.93
CA GLU B 368 4.19 -45.36 -17.48
C GLU B 368 5.57 -45.79 -17.00
N GLN B 369 6.18 -46.78 -17.66
CA GLN B 369 7.50 -47.24 -17.24
C GLN B 369 8.55 -46.14 -17.35
N THR B 370 8.59 -45.44 -18.50
CA THR B 370 9.52 -44.34 -18.65
C THR B 370 9.23 -43.21 -17.66
N MET B 371 7.95 -42.91 -17.42
CA MET B 371 7.61 -41.88 -16.45
C MET B 371 8.13 -42.24 -15.05
N VAL B 372 7.90 -43.49 -14.61
CA VAL B 372 8.34 -43.91 -13.29
C VAL B 372 9.87 -43.90 -13.21
N GLN B 373 10.54 -44.38 -14.26
CA GLN B 373 12.00 -44.33 -14.29
C GLN B 373 12.50 -42.91 -14.10
N ASP B 374 11.92 -41.96 -14.83
CA ASP B 374 12.33 -40.56 -14.70
C ASP B 374 12.08 -40.03 -13.29
N ILE B 375 10.90 -40.30 -12.73
CA ILE B 375 10.59 -39.77 -11.41
C ILE B 375 11.54 -40.33 -10.36
N LEU B 376 11.80 -41.63 -10.40
CA LEU B 376 12.72 -42.22 -9.44
C LEU B 376 14.13 -41.65 -9.60
N LEU B 377 14.60 -41.51 -10.83
CA LEU B 377 15.93 -40.93 -11.03
C LEU B 377 16.00 -39.51 -10.50
N MET B 378 14.97 -38.70 -10.76
CA MET B 378 14.96 -37.32 -10.27
C MET B 378 15.01 -37.27 -8.75
N LYS B 379 14.16 -38.06 -8.09
CA LYS B 379 14.14 -38.01 -6.63
C LYS B 379 15.43 -38.55 -6.04
N GLN B 380 16.02 -39.59 -6.63
CA GLN B 380 17.29 -40.11 -6.17
C GLN B 380 18.43 -39.12 -6.32
N ASN B 381 18.27 -38.11 -7.17
CA ASN B 381 19.28 -37.07 -7.38
C ASN B 381 18.86 -35.73 -6.78
N ASN B 382 18.00 -35.77 -5.75
CA ASN B 382 17.66 -34.62 -4.92
C ASN B 382 16.92 -33.52 -5.69
N PHE B 383 16.15 -33.91 -6.70
CA PHE B 383 15.19 -33.00 -7.33
C PHE B 383 13.84 -33.12 -6.63
N ASN B 384 13.17 -31.98 -6.46
CA ASN B 384 11.84 -31.98 -5.87
C ASN B 384 10.77 -31.29 -6.73
N ALA B 385 11.11 -30.85 -7.94
CA ALA B 385 10.15 -30.14 -8.77
C ALA B 385 10.47 -30.36 -10.24
N VAL B 386 9.43 -30.32 -11.08
CA VAL B 386 9.55 -30.50 -12.51
C VAL B 386 8.70 -29.43 -13.20
N ARG B 387 9.24 -28.85 -14.27
CA ARG B 387 8.50 -27.95 -15.14
C ARG B 387 8.11 -28.72 -16.41
N CYS B 388 6.82 -28.68 -16.74
CA CYS B 388 6.30 -29.39 -17.92
C CYS B 388 6.57 -28.54 -19.16
N SER B 389 7.83 -28.52 -19.59
CA SER B 389 8.27 -27.69 -20.70
C SER B 389 7.97 -28.39 -22.03
N HIS B 390 7.20 -27.75 -22.89
CA HIS B 390 6.41 -26.56 -22.55
C HIS B 390 4.98 -26.80 -23.03
N TYR B 391 4.23 -27.59 -22.27
CA TYR B 391 2.89 -28.02 -22.66
C TYR B 391 2.30 -28.91 -21.57
N PRO B 392 0.98 -29.06 -21.54
CA PRO B 392 0.39 -30.05 -20.63
C PRO B 392 0.88 -31.45 -20.97
N ASN B 393 1.14 -32.23 -19.93
CA ASN B 393 1.73 -33.55 -20.11
C ASN B 393 0.64 -34.61 -20.26
N HIS B 394 1.07 -35.83 -20.52
CA HIS B 394 0.21 -37.00 -20.45
C HIS B 394 -0.44 -37.06 -19.07
N PRO B 395 -1.74 -37.37 -18.99
CA PRO B 395 -2.45 -37.24 -17.70
C PRO B 395 -1.86 -38.09 -16.58
N LEU B 396 -1.28 -39.25 -16.89
CA LEU B 396 -0.70 -40.10 -15.85
C LEU B 396 0.49 -39.45 -15.15
N TRP B 397 1.14 -38.48 -15.80
CA TRP B 397 2.29 -37.81 -15.21
C TRP B 397 1.91 -37.11 -13.91
N TYR B 398 0.79 -36.40 -13.91
CA TYR B 398 0.34 -35.70 -12.71
C TYR B 398 -0.04 -36.67 -11.61
N THR B 399 -0.65 -37.81 -11.94
CA THR B 399 -0.97 -38.81 -10.94
C THR B 399 0.31 -39.36 -10.30
N LEU B 400 1.31 -39.68 -11.12
CA LEU B 400 2.56 -40.18 -10.58
C LEU B 400 3.27 -39.14 -9.73
N CYS B 401 3.22 -37.86 -10.13
CA CYS B 401 3.81 -36.81 -9.31
C CYS B 401 3.07 -36.65 -7.99
N ASP B 402 1.73 -36.74 -8.01
CA ASP B 402 0.95 -36.78 -6.77
C ASP B 402 1.44 -37.89 -5.86
N ARG B 403 1.63 -39.09 -6.44
CA ARG B 403 1.92 -40.28 -5.64
C ARG B 403 3.35 -40.27 -5.08
N TYR B 404 4.33 -39.92 -5.90
CA TYR B 404 5.72 -40.00 -5.48
C TYR B 404 6.21 -38.74 -4.77
N GLY B 405 5.66 -37.58 -5.12
CA GLY B 405 6.03 -36.34 -4.47
C GLY B 405 7.01 -35.55 -5.31
N LEU B 406 6.47 -34.62 -6.10
CA LEU B 406 7.24 -33.66 -6.86
C LEU B 406 6.33 -32.48 -7.15
N TYR B 407 6.82 -31.27 -6.90
CA TYR B 407 6.08 -30.08 -7.27
C TYR B 407 6.11 -29.92 -8.79
N VAL B 408 4.97 -29.52 -9.37
CA VAL B 408 4.82 -29.46 -10.82
C VAL B 408 4.40 -28.06 -11.23
N VAL B 409 5.05 -27.53 -12.25
CA VAL B 409 4.62 -26.31 -12.94
C VAL B 409 3.93 -26.75 -14.23
N ASP B 410 2.64 -26.52 -14.30
CA ASP B 410 1.84 -26.92 -15.46
C ASP B 410 1.80 -25.77 -16.46
N GLU B 411 2.20 -26.03 -17.70
CA GLU B 411 2.46 -24.97 -18.66
C GLU B 411 1.53 -25.11 -19.86
N ALA B 412 0.94 -23.98 -20.29
CA ALA B 412 0.09 -23.97 -21.45
C ALA B 412 0.90 -24.19 -22.72
N ASN B 413 0.26 -24.78 -23.74
CA ASN B 413 0.91 -25.12 -25.01
C ASN B 413 0.88 -23.90 -25.93
N ILE B 414 1.67 -22.89 -25.56
CA ILE B 414 1.79 -21.64 -26.32
C ILE B 414 3.26 -21.24 -26.36
N GLU B 415 3.87 -21.34 -27.55
CA GLU B 415 5.22 -20.80 -27.76
C GLU B 415 5.31 -20.28 -29.18
N THR B 416 5.64 -18.99 -29.32
CA THR B 416 5.74 -18.33 -30.62
C THR B 416 7.13 -17.71 -30.77
N HIS B 417 8.15 -18.51 -30.41
CA HIS B 417 9.51 -18.00 -30.33
C HIS B 417 9.99 -17.44 -31.67
N GLY B 418 9.60 -18.07 -32.77
CA GLY B 418 10.10 -17.69 -34.08
C GLY B 418 9.52 -16.41 -34.67
N MET B 419 8.52 -15.82 -34.02
CA MET B 419 7.87 -14.64 -34.56
C MET B 419 8.76 -13.41 -34.39
N VAL B 420 8.56 -12.42 -35.25
CA VAL B 420 9.34 -11.19 -35.21
C VAL B 420 8.43 -9.97 -35.24
N PRO B 421 8.28 -9.24 -34.13
CA PRO B 421 8.85 -9.50 -32.80
C PRO B 421 8.17 -10.70 -32.14
N MET B 422 8.67 -11.16 -31.00
CA MET B 422 8.17 -12.39 -30.39
C MET B 422 6.71 -12.30 -29.96
N ASN B 423 6.17 -11.09 -29.78
CA ASN B 423 4.79 -10.93 -29.33
C ASN B 423 3.84 -10.54 -30.46
N ARG B 424 4.24 -10.76 -31.72
CA ARG B 424 3.40 -10.33 -32.84
C ARG B 424 2.02 -10.97 -32.77
N LEU B 425 1.95 -12.24 -32.38
CA LEU B 425 0.66 -12.90 -32.23
C LEU B 425 0.04 -12.69 -30.85
N THR B 426 0.83 -12.77 -29.79
CA THR B 426 0.30 -12.66 -28.44
C THR B 426 -0.20 -11.26 -28.10
N ASP B 427 0.13 -10.25 -28.91
CA ASP B 427 -0.40 -8.91 -28.72
C ASP B 427 -1.54 -8.61 -29.69
N ASP B 428 -1.98 -9.61 -30.46
CA ASP B 428 -3.03 -9.44 -31.47
C ASP B 428 -4.33 -10.00 -30.92
N PRO B 429 -5.39 -9.20 -30.77
CA PRO B 429 -6.64 -9.74 -30.23
C PRO B 429 -7.25 -10.86 -31.06
N ARG B 430 -6.93 -10.94 -32.35
CA ARG B 430 -7.47 -12.00 -33.19
C ARG B 430 -6.96 -13.39 -32.80
N TRP B 431 -5.83 -13.48 -32.09
CA TRP B 431 -5.30 -14.75 -31.60
C TRP B 431 -5.66 -15.01 -30.14
N LEU B 432 -6.34 -14.06 -29.49
CA LEU B 432 -6.78 -14.27 -28.12
C LEU B 432 -7.66 -15.50 -27.95
N PRO B 433 -8.65 -15.79 -28.82
CA PRO B 433 -9.43 -17.02 -28.62
C PRO B 433 -8.58 -18.29 -28.63
N ALA B 434 -7.68 -18.42 -29.61
CA ALA B 434 -6.83 -19.61 -29.68
C ALA B 434 -5.95 -19.73 -28.45
N MET B 435 -5.37 -18.61 -27.99
CA MET B 435 -4.54 -18.68 -26.78
C MET B 435 -5.38 -19.04 -25.56
N SER B 436 -6.57 -18.47 -25.47
CA SER B 436 -7.44 -18.70 -24.32
C SER B 436 -7.86 -20.16 -24.24
N GLU B 437 -8.15 -20.79 -25.37
CA GLU B 437 -8.49 -22.21 -25.33
C GLU B 437 -7.36 -23.02 -24.72
N ARG B 438 -6.12 -22.76 -25.13
CA ARG B 438 -4.97 -23.51 -24.64
C ARG B 438 -4.74 -23.30 -23.15
N VAL B 439 -5.03 -22.11 -22.63
CA VAL B 439 -4.90 -21.90 -21.18
C VAL B 439 -6.06 -22.53 -20.41
N THR B 440 -7.29 -22.17 -20.79
CA THR B 440 -8.47 -22.55 -20.03
C THR B 440 -8.70 -24.05 -20.03
N ARG B 441 -8.49 -24.74 -21.15
CA ARG B 441 -8.70 -26.18 -21.14
C ARG B 441 -7.66 -26.91 -20.30
N MET B 442 -6.43 -26.41 -20.24
CA MET B 442 -5.44 -26.99 -19.34
C MET B 442 -5.87 -26.83 -17.88
N VAL B 443 -6.30 -25.63 -17.51
CA VAL B 443 -6.72 -25.42 -16.13
C VAL B 443 -7.91 -26.33 -15.79
N GLN B 444 -8.89 -26.39 -16.69
CA GLN B 444 -10.06 -27.24 -16.47
C GLN B 444 -9.67 -28.70 -16.33
N ARG B 445 -8.63 -29.15 -17.05
CA ARG B 445 -8.24 -30.55 -16.96
C ARG B 445 -7.48 -30.85 -15.68
N ASP B 446 -6.60 -29.96 -15.24
CA ASP B 446 -5.61 -30.34 -14.23
C ASP B 446 -5.78 -29.65 -12.88
N ARG B 447 -6.82 -28.83 -12.69
CA ARG B 447 -6.89 -28.04 -11.47
C ARG B 447 -7.06 -28.86 -10.19
N ASN B 448 -7.40 -30.15 -10.27
CA ASN B 448 -7.58 -30.96 -9.07
C ASN B 448 -6.30 -31.64 -8.59
N HIS B 449 -5.22 -31.58 -9.34
CA HIS B 449 -4.02 -32.33 -8.96
C HIS B 449 -3.24 -31.58 -7.88
N PRO B 450 -2.99 -32.21 -6.73
CA PRO B 450 -2.18 -31.53 -5.68
C PRO B 450 -0.76 -31.24 -6.12
N SER B 451 -0.15 -32.07 -6.97
CA SER B 451 1.24 -31.84 -7.36
C SER B 451 1.40 -30.53 -8.12
N VAL B 452 0.39 -30.11 -8.89
CA VAL B 452 0.46 -28.85 -9.62
C VAL B 452 0.36 -27.72 -8.60
N ILE B 453 1.44 -26.97 -8.43
CA ILE B 453 1.44 -25.83 -7.51
C ILE B 453 1.53 -24.48 -8.21
N ILE B 454 1.92 -24.44 -9.48
CA ILE B 454 2.05 -23.19 -10.24
C ILE B 454 1.55 -23.41 -11.66
N TRP B 455 0.81 -22.44 -12.19
CA TRP B 455 0.45 -22.40 -13.61
C TRP B 455 1.45 -21.54 -14.37
N SER B 456 1.72 -21.92 -15.61
CA SER B 456 2.52 -21.12 -16.53
C SER B 456 1.73 -20.83 -17.80
N LEU B 457 1.87 -19.61 -18.31
CA LEU B 457 1.13 -19.16 -19.47
C LEU B 457 1.76 -19.59 -20.79
N GLY B 458 2.87 -20.31 -20.74
CA GLY B 458 3.57 -20.74 -21.93
C GLY B 458 5.05 -20.40 -21.85
N ASN B 459 5.69 -20.36 -23.00
CA ASN B 459 7.13 -20.15 -23.09
C ASN B 459 7.48 -19.26 -24.27
N GLU B 460 8.35 -18.28 -24.01
CA GLU B 460 9.02 -17.50 -25.06
C GLU B 460 8.05 -17.03 -26.14
N SER B 461 7.07 -16.22 -25.72
CA SER B 461 6.10 -15.65 -26.64
C SER B 461 6.02 -14.13 -26.51
N GLY B 462 7.09 -13.50 -26.04
CA GLY B 462 7.05 -12.07 -25.78
C GLY B 462 6.06 -11.76 -24.68
N HIS B 463 5.63 -10.50 -24.66
CA HIS B 463 4.60 -10.05 -23.73
C HIS B 463 3.57 -9.25 -24.50
N GLY B 464 2.35 -9.78 -24.56
CA GLY B 464 1.23 -9.09 -25.17
C GLY B 464 0.04 -9.02 -24.21
N ALA B 465 -0.95 -8.23 -24.61
CA ALA B 465 -2.14 -8.05 -23.80
C ALA B 465 -2.89 -9.35 -23.55
N ASN B 466 -2.79 -10.31 -24.48
CA ASN B 466 -3.43 -11.61 -24.25
C ASN B 466 -2.84 -12.31 -23.03
N HIS B 467 -1.53 -12.16 -22.81
CA HIS B 467 -0.92 -12.73 -21.61
C HIS B 467 -1.54 -12.14 -20.34
N ASP B 468 -1.70 -10.82 -20.30
CA ASP B 468 -2.31 -10.19 -19.12
C ASP B 468 -3.74 -10.67 -18.92
N ALA B 469 -4.51 -10.73 -20.01
CA ALA B 469 -5.89 -11.20 -19.91
C ALA B 469 -5.96 -12.62 -19.36
N LEU B 470 -5.13 -13.52 -19.87
CA LEU B 470 -5.19 -14.91 -19.42
C LEU B 470 -4.62 -15.09 -18.02
N TYR B 471 -3.59 -14.31 -17.65
CA TYR B 471 -3.13 -14.28 -16.28
C TYR B 471 -4.28 -13.94 -15.33
N ARG B 472 -5.02 -12.88 -15.65
CA ARG B 472 -6.14 -12.49 -14.79
C ARG B 472 -7.25 -13.53 -14.80
N TRP B 473 -7.52 -14.17 -15.94
CA TRP B 473 -8.52 -15.23 -15.97
C TRP B 473 -8.14 -16.36 -15.01
N ILE B 474 -6.87 -16.78 -15.02
CA ILE B 474 -6.44 -17.84 -14.12
C ILE B 474 -6.56 -17.37 -12.67
N LYS B 475 -6.12 -16.13 -12.38
CA LYS B 475 -6.22 -15.64 -11.01
C LYS B 475 -7.66 -15.61 -10.53
N SER B 476 -8.61 -15.36 -11.42
CA SER B 476 -10.02 -15.35 -11.04
C SER B 476 -10.57 -16.76 -10.83
N VAL B 477 -10.23 -17.69 -11.72
CA VAL B 477 -10.85 -19.02 -11.63
C VAL B 477 -10.19 -19.89 -10.57
N ASP B 478 -8.87 -19.81 -10.41
CA ASP B 478 -8.13 -20.65 -9.47
C ASP B 478 -7.18 -19.78 -8.66
N PRO B 479 -7.67 -19.13 -7.60
CA PRO B 479 -6.78 -18.34 -6.74
C PRO B 479 -5.82 -19.17 -5.92
N SER B 480 -5.92 -20.50 -5.93
CA SER B 480 -5.12 -21.34 -5.05
C SER B 480 -3.69 -21.57 -5.55
N ARG B 481 -3.37 -21.13 -6.77
CA ARG B 481 -2.05 -21.36 -7.34
C ARG B 481 -1.49 -20.08 -7.94
N PRO B 482 -0.23 -19.77 -7.70
CA PRO B 482 0.39 -18.63 -8.38
C PRO B 482 0.48 -18.88 -9.87
N VAL B 483 0.60 -17.79 -10.62
CA VAL B 483 0.76 -17.82 -12.07
C VAL B 483 2.10 -17.19 -12.42
N GLN B 484 2.84 -17.83 -13.32
CA GLN B 484 4.13 -17.31 -13.74
C GLN B 484 4.23 -17.31 -15.26
N TYR B 485 5.08 -16.42 -15.77
CA TYR B 485 5.35 -16.34 -17.20
C TYR B 485 6.65 -15.56 -17.40
N GLU B 486 7.52 -16.06 -18.26
CA GLU B 486 8.85 -15.50 -18.44
C GLU B 486 8.91 -14.46 -19.55
N GLY B 487 7.99 -14.50 -20.52
CA GLY B 487 8.14 -13.67 -21.71
C GLY B 487 8.12 -12.18 -21.38
N GLY B 488 8.77 -11.41 -22.23
CA GLY B 488 8.81 -9.97 -22.08
C GLY B 488 9.73 -9.46 -21.01
N GLY B 489 10.73 -10.24 -20.61
CA GLY B 489 11.68 -9.81 -19.61
C GLY B 489 11.54 -10.42 -18.24
N ALA B 490 10.62 -11.37 -18.06
CA ALA B 490 10.48 -12.23 -16.88
C ALA B 490 10.00 -11.50 -15.63
N ASP B 491 9.67 -10.22 -15.70
CA ASP B 491 9.13 -9.52 -14.54
C ASP B 491 7.94 -8.65 -14.92
N THR B 492 7.15 -9.08 -15.90
CA THR B 492 6.03 -8.27 -16.37
C THR B 492 4.84 -8.38 -15.41
N THR B 493 3.74 -7.72 -15.78
CA THR B 493 2.50 -7.79 -15.02
C THR B 493 1.81 -9.14 -15.13
N ALA B 494 2.28 -10.04 -16.01
CA ALA B 494 1.63 -11.32 -16.23
C ALA B 494 2.28 -12.46 -15.45
N THR B 495 3.10 -12.15 -14.44
CA THR B 495 3.74 -13.18 -13.63
C THR B 495 3.77 -12.78 -12.17
N ASP B 496 3.51 -13.76 -11.29
CA ASP B 496 3.61 -13.55 -9.85
C ASP B 496 5.02 -13.81 -9.33
N ILE B 497 5.89 -14.36 -10.17
CA ILE B 497 7.24 -14.76 -9.79
C ILE B 497 8.19 -14.24 -10.86
N ILE B 498 9.29 -13.62 -10.43
CA ILE B 498 10.36 -13.31 -11.37
C ILE B 498 11.01 -14.61 -11.80
N CYS B 499 10.85 -14.97 -13.07
CA CYS B 499 11.22 -16.30 -13.56
C CYS B 499 12.09 -16.21 -14.80
N PRO B 500 13.29 -15.62 -14.69
CA PRO B 500 14.13 -15.44 -15.88
C PRO B 500 14.74 -16.75 -16.34
N MET B 501 15.20 -16.72 -17.59
CA MET B 501 15.89 -17.92 -18.13
C MET B 501 17.36 -17.55 -18.36
N TYR B 502 18.24 -18.26 -17.66
CA TYR B 502 19.69 -18.14 -17.83
C TYR B 502 20.22 -16.78 -17.37
N ALA B 503 19.53 -16.15 -16.43
CA ALA B 503 20.12 -15.04 -15.70
C ALA B 503 21.26 -15.56 -14.84
N ARG B 504 22.36 -14.81 -14.80
CA ARG B 504 23.55 -15.29 -14.11
C ARG B 504 23.57 -14.79 -12.67
N VAL B 505 24.42 -15.44 -11.85
CA VAL B 505 24.41 -15.18 -10.41
C VAL B 505 24.88 -13.75 -10.12
N ASP B 506 26.01 -13.36 -10.70
CA ASP B 506 26.65 -12.09 -10.38
C ASP B 506 26.77 -11.14 -11.57
N GLU B 507 26.78 -11.65 -12.80
CA GLU B 507 27.03 -10.86 -13.99
C GLU B 507 25.73 -10.38 -14.60
N ASP B 508 25.64 -9.07 -14.86
CA ASP B 508 24.49 -8.51 -15.57
C ASP B 508 24.63 -8.71 -17.07
N GLN B 509 23.49 -8.86 -17.74
CA GLN B 509 23.42 -8.99 -19.19
C GLN B 509 22.39 -7.98 -19.69
N PRO B 510 22.77 -6.71 -19.83
CA PRO B 510 21.79 -5.65 -20.11
C PRO B 510 21.41 -5.54 -21.59
N PHE B 511 20.59 -6.50 -22.03
CA PHE B 511 20.05 -6.43 -23.39
C PHE B 511 19.02 -5.31 -23.49
N PRO B 512 18.81 -4.75 -24.68
CA PRO B 512 17.79 -3.70 -24.85
C PRO B 512 16.39 -4.24 -24.60
N ALA B 513 15.70 -3.60 -23.65
CA ALA B 513 14.27 -3.76 -23.37
C ALA B 513 13.92 -5.08 -22.69
N VAL B 514 14.86 -6.03 -22.64
CA VAL B 514 14.64 -7.28 -21.93
C VAL B 514 15.95 -7.70 -21.26
N PRO B 515 16.49 -6.89 -20.35
CA PRO B 515 17.78 -7.24 -19.75
C PRO B 515 17.67 -8.47 -18.87
N LYS B 516 18.76 -9.21 -18.76
CA LYS B 516 18.89 -10.30 -17.80
C LYS B 516 19.85 -9.81 -16.71
N TRP B 517 19.31 -9.12 -15.72
CA TRP B 517 20.10 -8.72 -14.57
C TRP B 517 20.61 -9.95 -13.83
N SER B 518 21.72 -9.79 -13.12
CA SER B 518 22.13 -10.82 -12.18
C SER B 518 21.00 -11.04 -11.16
N ILE B 519 20.82 -12.29 -10.75
CA ILE B 519 19.63 -12.61 -9.95
C ILE B 519 19.67 -11.91 -8.60
N LYS B 520 20.86 -11.72 -8.03
CA LYS B 520 20.96 -10.98 -6.77
C LYS B 520 20.55 -9.53 -6.95
N LYS B 521 20.98 -8.90 -8.04
CA LYS B 521 20.60 -7.51 -8.31
C LYS B 521 19.12 -7.38 -8.63
N TRP B 522 18.56 -8.38 -9.31
CA TRP B 522 17.16 -8.30 -9.75
C TRP B 522 16.22 -8.15 -8.57
N LEU B 523 16.49 -8.87 -7.48
CA LEU B 523 15.61 -8.83 -6.31
C LEU B 523 15.48 -7.42 -5.74
N SER B 524 16.54 -6.63 -5.80
CA SER B 524 16.61 -5.35 -5.11
C SER B 524 16.31 -4.16 -6.02
N LEU B 525 15.84 -4.40 -7.25
CA LEU B 525 15.48 -3.28 -8.11
C LEU B 525 14.37 -2.46 -7.46
N PRO B 526 14.41 -1.13 -7.61
CA PRO B 526 13.43 -0.28 -6.91
C PRO B 526 12.00 -0.71 -7.21
N GLY B 527 11.24 -0.96 -6.13
CA GLY B 527 9.85 -1.33 -6.24
C GLY B 527 9.58 -2.80 -6.49
N GLU B 528 10.61 -3.65 -6.54
CA GLU B 528 10.43 -5.07 -6.81
C GLU B 528 10.36 -5.82 -5.48
N THR B 529 9.33 -6.68 -5.34
CA THR B 529 9.11 -7.43 -4.12
C THR B 529 8.89 -8.92 -4.32
N ARG B 530 8.71 -9.39 -5.55
CA ARG B 530 8.33 -10.77 -5.80
C ARG B 530 9.49 -11.73 -5.56
N PRO B 531 9.22 -13.01 -5.35
CA PRO B 531 10.29 -14.01 -5.32
C PRO B 531 10.85 -14.23 -6.72
N LEU B 532 12.03 -14.83 -6.78
CA LEU B 532 12.71 -15.13 -8.02
C LEU B 532 12.98 -16.62 -8.09
N ILE B 533 12.44 -17.28 -9.11
CA ILE B 533 12.67 -18.70 -9.36
C ILE B 533 12.94 -18.85 -10.85
N LEU B 534 14.18 -19.14 -11.21
CA LEU B 534 14.58 -19.30 -12.61
C LEU B 534 13.77 -20.42 -13.26
N CYS B 535 13.07 -20.12 -14.35
CA CYS B 535 12.34 -21.20 -15.02
C CYS B 535 13.28 -22.07 -15.84
N GLU B 536 14.45 -21.56 -16.21
CA GLU B 536 15.51 -22.33 -16.85
C GLU B 536 16.87 -21.78 -16.43
N TYR B 537 17.78 -22.67 -16.05
CA TYR B 537 19.15 -22.27 -15.74
C TYR B 537 20.05 -23.48 -15.84
N ALA B 538 21.36 -23.22 -15.86
CA ALA B 538 22.39 -24.25 -15.89
C ALA B 538 22.19 -25.19 -17.09
N HIS B 539 22.34 -24.60 -18.27
CA HIS B 539 22.11 -25.30 -19.54
C HIS B 539 23.06 -26.48 -19.69
N ALA B 540 22.54 -27.71 -19.60
CA ALA B 540 23.36 -28.91 -19.51
C ALA B 540 23.66 -29.54 -20.87
N MET B 541 24.21 -28.75 -21.78
CA MET B 541 24.52 -29.20 -23.13
C MET B 541 25.92 -29.82 -23.14
N GLY B 542 25.96 -31.15 -23.20
CA GLY B 542 27.25 -31.84 -23.29
C GLY B 542 28.01 -31.77 -21.98
N ASN B 543 29.31 -31.48 -22.08
CA ASN B 543 30.17 -31.33 -20.91
C ASN B 543 29.92 -29.95 -20.34
N SER B 544 29.04 -29.87 -19.35
CA SER B 544 28.49 -28.58 -18.93
C SER B 544 28.21 -28.61 -17.43
N LEU B 545 27.40 -27.64 -16.97
CA LEU B 545 27.09 -27.40 -15.54
C LEU B 545 28.29 -26.86 -14.77
N GLY B 546 29.21 -26.19 -15.45
CA GLY B 546 30.18 -25.38 -14.74
C GLY B 546 29.51 -24.19 -14.06
N GLY B 547 29.88 -23.95 -12.80
CA GLY B 547 29.31 -22.86 -12.05
C GLY B 547 28.01 -23.14 -11.34
N PHE B 548 27.58 -24.41 -11.29
CA PHE B 548 26.33 -24.77 -10.61
C PHE B 548 26.37 -24.43 -9.11
N ALA B 549 27.52 -24.68 -8.47
CA ALA B 549 27.69 -24.37 -7.06
C ALA B 549 27.47 -22.90 -6.75
N LYS B 550 27.84 -21.99 -7.65
CA LYS B 550 27.57 -20.57 -7.44
C LYS B 550 26.08 -20.30 -7.30
N TYR B 551 25.27 -20.87 -8.20
CA TYR B 551 23.82 -20.74 -8.11
C TYR B 551 23.33 -21.24 -6.76
N TRP B 552 23.80 -22.40 -6.32
CA TRP B 552 23.21 -22.93 -5.09
C TRP B 552 23.71 -22.20 -3.84
N GLN B 553 24.93 -21.68 -3.85
CA GLN B 553 25.35 -20.77 -2.79
C GLN B 553 24.42 -19.57 -2.70
N ALA B 554 24.12 -18.96 -3.85
CA ALA B 554 23.21 -17.82 -3.84
C ALA B 554 21.81 -18.21 -3.37
N PHE B 555 21.30 -19.35 -3.83
CA PHE B 555 19.97 -19.79 -3.43
C PHE B 555 19.89 -19.93 -1.92
N ARG B 556 20.93 -20.49 -1.31
CA ARG B 556 20.88 -20.67 0.14
C ARG B 556 21.09 -19.35 0.88
N GLN B 557 21.88 -18.42 0.32
CA GLN B 557 22.10 -17.17 1.04
C GLN B 557 20.90 -16.21 0.97
N TYR B 558 20.22 -16.12 -0.19
CA TYR B 558 19.17 -15.11 -0.33
C TYR B 558 17.78 -15.72 -0.13
N PRO B 559 16.99 -15.24 0.85
CA PRO B 559 15.66 -15.82 1.05
C PRO B 559 14.75 -15.78 -0.18
N ARG B 560 14.75 -14.68 -0.92
CA ARG B 560 13.85 -14.55 -2.06
C ARG B 560 14.38 -15.22 -3.34
N LEU B 561 15.59 -15.75 -3.31
CA LEU B 561 16.08 -16.66 -4.35
C LEU B 561 15.65 -18.07 -3.94
N GLN B 562 14.54 -18.56 -4.49
CA GLN B 562 13.95 -19.82 -4.07
C GLN B 562 14.18 -20.94 -5.08
N GLY B 563 15.29 -20.89 -5.81
CA GLY B 563 15.69 -22.00 -6.65
C GLY B 563 15.49 -21.80 -8.14
N GLY B 564 15.34 -22.91 -8.87
CA GLY B 564 15.17 -22.84 -10.31
C GLY B 564 14.99 -24.22 -10.90
N PHE B 565 14.81 -24.23 -12.22
CA PHE B 565 14.61 -25.46 -12.98
C PHE B 565 15.75 -25.62 -13.98
N VAL B 566 16.57 -26.65 -13.80
CA VAL B 566 17.66 -26.93 -14.72
C VAL B 566 17.11 -27.22 -16.11
N TRP B 567 17.82 -26.77 -17.14
CA TRP B 567 17.53 -27.15 -18.52
C TRP B 567 18.63 -28.07 -19.04
N ASP B 568 18.32 -29.34 -19.25
CA ASP B 568 17.05 -29.96 -18.87
C ASP B 568 17.30 -31.42 -18.51
N TRP B 569 16.24 -32.22 -18.44
CA TRP B 569 16.37 -33.56 -17.87
C TRP B 569 17.07 -34.53 -18.81
N VAL B 570 16.52 -34.76 -20.00
CA VAL B 570 16.95 -35.86 -20.87
C VAL B 570 17.28 -35.33 -22.26
N ASP B 571 18.36 -35.85 -22.84
CA ASP B 571 18.72 -35.53 -24.22
C ASP B 571 17.60 -35.92 -25.18
N GLN B 572 17.32 -35.05 -26.14
CA GLN B 572 16.35 -35.35 -27.20
C GLN B 572 17.04 -35.97 -28.41
N SER B 573 17.78 -37.05 -28.20
CA SER B 573 18.41 -37.77 -29.31
C SER B 573 17.50 -38.91 -29.77
N LEU B 574 17.59 -39.22 -31.06
CA LEU B 574 16.84 -40.31 -31.67
C LEU B 574 17.79 -41.38 -32.20
N ILE B 575 17.29 -42.60 -32.30
CA ILE B 575 18.09 -43.76 -32.66
C ILE B 575 17.96 -44.04 -34.15
N LYS B 576 19.10 -44.18 -34.83
CA LYS B 576 19.18 -44.62 -36.21
C LYS B 576 20.09 -45.84 -36.30
N TYR B 577 19.98 -46.57 -37.40
CA TYR B 577 20.75 -47.78 -37.65
C TYR B 577 21.58 -47.59 -38.91
N ASP B 578 22.85 -47.98 -38.78
CA ASP B 578 23.79 -47.91 -39.92
C ASP B 578 23.59 -49.12 -40.84
N GLU B 579 24.62 -49.48 -41.60
CA GLU B 579 24.51 -50.60 -42.59
C GLU B 579 24.55 -51.97 -41.91
N ASN B 580 24.75 -52.03 -40.59
CA ASN B 580 24.88 -53.34 -39.90
C ASN B 580 23.81 -53.49 -38.80
N GLY B 581 22.75 -52.68 -38.83
CA GLY B 581 21.66 -52.80 -37.83
C GLY B 581 22.10 -52.30 -36.47
N ASN B 582 23.30 -51.74 -36.36
CA ASN B 582 23.83 -51.19 -35.11
C ASN B 582 23.20 -49.83 -34.84
N PRO B 583 22.54 -49.64 -33.69
CA PRO B 583 21.94 -48.33 -33.40
C PRO B 583 22.98 -47.28 -33.08
N TRP B 584 22.62 -46.03 -33.34
CA TRP B 584 23.44 -44.89 -32.92
C TRP B 584 22.54 -43.67 -32.69
N SER B 585 22.93 -42.86 -31.72
CA SER B 585 22.14 -41.69 -31.32
C SER B 585 22.33 -40.57 -32.34
N ALA B 586 21.21 -39.99 -32.79
CA ALA B 586 21.21 -38.97 -33.81
C ALA B 586 20.61 -37.67 -33.29
N TYR B 587 21.08 -36.56 -33.86
CA TYR B 587 20.60 -35.22 -33.50
C TYR B 587 20.20 -34.48 -34.78
N GLY B 588 20.01 -33.17 -34.64
CA GLY B 588 19.46 -32.36 -35.73
C GLY B 588 20.28 -32.50 -37.00
N GLY B 589 19.58 -32.67 -38.13
CA GLY B 589 20.19 -32.80 -39.44
C GLY B 589 20.45 -34.23 -39.88
N ASP B 590 20.34 -35.20 -38.97
CA ASP B 590 20.65 -36.58 -39.30
C ASP B 590 19.54 -37.29 -40.06
N PHE B 591 18.38 -36.65 -40.22
CA PHE B 591 17.27 -37.24 -40.95
C PHE B 591 17.01 -36.54 -42.28
N GLY B 592 17.99 -35.80 -42.79
CA GLY B 592 17.78 -34.97 -43.96
C GLY B 592 17.01 -33.70 -43.69
N ASP B 593 16.64 -33.44 -42.44
CA ASP B 593 15.90 -32.23 -42.10
C ASP B 593 16.80 -31.01 -42.27
N THR B 594 16.28 -30.01 -42.97
CA THR B 594 17.03 -28.78 -43.20
C THR B 594 16.07 -27.61 -43.45
N PRO B 595 16.35 -26.43 -42.87
CA PRO B 595 17.45 -26.13 -41.95
C PRO B 595 17.24 -26.78 -40.58
N ASN B 596 18.31 -27.04 -39.84
CA ASN B 596 18.21 -27.71 -38.56
C ASN B 596 19.14 -27.01 -37.57
N ASP B 597 19.04 -27.39 -36.30
CA ASP B 597 19.87 -26.82 -35.25
C ASP B 597 20.76 -27.88 -34.59
N ARG B 598 21.27 -28.81 -35.40
CA ARG B 598 22.25 -29.82 -35.03
C ARG B 598 22.09 -30.36 -33.60
N GLN B 599 23.14 -30.28 -32.80
CA GLN B 599 23.18 -30.94 -31.50
C GLN B 599 22.57 -30.11 -30.37
N PHE B 600 21.87 -29.03 -30.68
CA PHE B 600 21.22 -28.26 -29.62
C PHE B 600 19.99 -28.94 -29.05
N CYS B 601 19.57 -30.07 -29.62
CA CYS B 601 18.47 -30.83 -29.04
C CYS B 601 18.90 -31.66 -27.83
N MET B 602 20.19 -31.82 -27.58
CA MET B 602 20.70 -32.63 -26.48
C MET B 602 21.24 -31.70 -25.39
N ASN B 603 20.39 -31.41 -24.40
CA ASN B 603 20.77 -30.54 -23.29
C ASN B 603 20.53 -31.21 -21.93
N GLY B 604 20.44 -32.54 -21.90
CA GLY B 604 19.94 -33.23 -20.72
C GLY B 604 21.00 -33.58 -19.70
N LEU B 605 20.54 -33.83 -18.48
CA LEU B 605 21.37 -34.41 -17.43
C LEU B 605 21.55 -35.91 -17.61
N VAL B 606 20.65 -36.57 -18.34
CA VAL B 606 20.76 -37.99 -18.63
C VAL B 606 20.70 -38.19 -20.14
N PHE B 607 21.32 -39.27 -20.60
CA PHE B 607 21.20 -39.66 -22.00
C PHE B 607 19.75 -40.05 -22.31
N ALA B 608 19.46 -40.20 -23.60
CA ALA B 608 18.10 -40.55 -24.02
C ALA B 608 17.64 -41.89 -23.45
N ASP B 609 18.57 -42.83 -23.22
CA ASP B 609 18.24 -44.09 -22.57
C ASP B 609 18.24 -43.98 -21.05
N ARG B 610 18.30 -42.75 -20.53
CA ARG B 610 18.21 -42.45 -19.10
C ARG B 610 19.45 -42.88 -18.32
N THR B 611 20.56 -43.12 -19.02
CA THR B 611 21.81 -43.25 -18.27
C THR B 611 22.37 -41.85 -17.96
N PRO B 612 22.96 -41.65 -16.78
CA PRO B 612 23.31 -40.30 -16.35
C PRO B 612 24.54 -39.75 -17.04
N HIS B 613 24.53 -38.43 -17.25
CA HIS B 613 25.75 -37.69 -17.54
C HIS B 613 26.50 -37.42 -16.24
N PRO B 614 27.81 -37.14 -16.33
CA PRO B 614 28.56 -36.80 -15.10
C PRO B 614 28.02 -35.58 -14.34
N ALA B 615 27.41 -34.61 -15.03
CA ALA B 615 26.90 -33.41 -14.35
C ALA B 615 25.78 -33.72 -13.36
N LEU B 616 25.10 -34.86 -13.52
CA LEU B 616 24.01 -35.21 -12.61
C LEU B 616 24.51 -35.36 -11.18
N THR B 617 25.72 -35.90 -10.98
CA THR B 617 26.27 -36.01 -9.63
C THR B 617 26.53 -34.64 -9.02
N GLU B 618 27.03 -33.68 -9.82
CA GLU B 618 27.20 -32.32 -9.31
C GLU B 618 25.87 -31.73 -8.87
N ALA B 619 24.83 -31.91 -9.69
CA ALA B 619 23.51 -31.42 -9.33
C ALA B 619 23.02 -32.09 -8.04
N LYS B 620 23.20 -33.40 -7.92
CA LYS B 620 22.76 -34.11 -6.73
C LYS B 620 23.46 -33.60 -5.48
N HIS B 621 24.78 -33.38 -5.56
CA HIS B 621 25.51 -32.90 -4.40
C HIS B 621 25.08 -31.49 -4.01
N GLN B 622 24.97 -30.59 -4.99
CA GLN B 622 24.58 -29.23 -4.67
C GLN B 622 23.15 -29.13 -4.15
N GLN B 623 22.27 -30.05 -4.56
CA GLN B 623 20.86 -29.99 -4.19
C GLN B 623 20.54 -30.80 -2.95
N GLN B 624 21.55 -31.36 -2.27
CA GLN B 624 21.29 -32.28 -1.16
C GLN B 624 20.62 -31.54 0.00
N PHE B 625 19.80 -32.30 0.73
CA PHE B 625 18.94 -31.74 1.77
C PHE B 625 19.63 -31.64 3.13
N PHE B 626 20.89 -32.03 3.23
CA PHE B 626 21.67 -31.91 4.46
C PHE B 626 22.93 -31.11 4.16
N GLN B 627 23.15 -30.07 4.95
CA GLN B 627 24.34 -29.23 4.84
C GLN B 627 25.22 -29.45 6.06
N PHE B 628 26.54 -29.32 5.85
CA PHE B 628 27.52 -29.73 6.85
C PHE B 628 28.52 -28.61 7.12
N ARG B 629 28.97 -28.54 8.37
CA ARG B 629 30.02 -27.61 8.78
C ARG B 629 30.90 -28.32 9.80
N LEU B 630 32.21 -28.11 9.69
CA LEU B 630 33.18 -28.74 10.58
C LEU B 630 33.85 -27.67 11.43
N SER B 631 33.94 -27.94 12.74
CA SER B 631 34.62 -27.05 13.68
C SER B 631 35.38 -27.94 14.66
N GLY B 632 36.68 -28.11 14.42
CA GLY B 632 37.46 -29.00 15.24
C GLY B 632 37.05 -30.46 15.09
N GLN B 633 36.47 -31.04 16.14
CA GLN B 633 36.12 -32.49 16.08
C GLN B 633 34.59 -32.67 15.92
N THR B 634 33.83 -31.58 15.88
CA THR B 634 32.37 -31.72 15.84
C THR B 634 31.86 -31.40 14.44
N ILE B 635 30.86 -32.16 14.01
CA ILE B 635 30.20 -31.97 12.73
C ILE B 635 28.81 -31.38 12.99
N GLU B 636 28.52 -30.25 12.37
CA GLU B 636 27.21 -29.62 12.47
C GLU B 636 26.39 -29.96 11.23
N VAL B 637 25.32 -30.73 11.44
CA VAL B 637 24.44 -31.18 10.36
C VAL B 637 23.19 -30.33 10.40
N THR B 638 22.91 -29.61 9.32
CA THR B 638 21.73 -28.78 9.19
C THR B 638 20.76 -29.43 8.20
N SER B 639 19.50 -29.57 8.62
CA SER B 639 18.49 -30.16 7.76
C SER B 639 17.80 -29.09 6.92
N GLU B 640 17.65 -29.37 5.63
CA GLU B 640 16.91 -28.49 4.74
C GLU B 640 15.53 -29.02 4.40
N TYR B 641 15.09 -30.07 5.09
CA TYR B 641 13.71 -30.51 4.98
C TYR B 641 12.80 -29.53 5.74
N LEU B 642 11.60 -29.32 5.21
CA LEU B 642 10.68 -28.37 5.81
C LEU B 642 9.62 -29.04 6.67
N PHE B 643 9.37 -30.34 6.46
CA PHE B 643 8.23 -30.99 7.08
C PHE B 643 8.58 -32.29 7.79
N ARG B 644 9.58 -33.01 7.32
CA ARG B 644 9.87 -34.34 7.84
C ARG B 644 11.11 -34.35 8.74
N HIS B 645 11.07 -35.21 9.75
CA HIS B 645 12.22 -35.53 10.58
C HIS B 645 13.12 -36.52 9.85
N SER B 646 14.39 -36.58 10.28
CA SER B 646 15.36 -37.46 9.64
C SER B 646 15.22 -38.87 10.23
N ASP B 647 14.11 -39.51 9.89
CA ASP B 647 13.77 -40.81 10.44
C ASP B 647 14.26 -41.98 9.60
N ASN B 648 14.98 -41.73 8.51
CA ASN B 648 15.53 -42.78 7.65
C ASN B 648 16.94 -42.41 7.21
N GLU B 649 17.76 -41.91 8.12
CA GLU B 649 19.08 -41.40 7.78
C GLU B 649 20.11 -41.84 8.80
N LEU B 650 21.23 -42.38 8.32
CA LEU B 650 22.36 -42.75 9.14
C LEU B 650 23.62 -42.10 8.58
N LEU B 651 24.38 -41.45 9.46
CA LEU B 651 25.58 -40.73 9.05
C LEU B 651 26.80 -41.63 9.22
N HIS B 652 27.54 -41.80 8.11
CA HIS B 652 28.81 -42.58 8.15
C HIS B 652 29.98 -41.63 7.91
N TRP B 653 31.01 -41.67 8.76
CA TRP B 653 32.20 -40.86 8.58
C TRP B 653 33.41 -41.78 8.41
N MET B 654 34.40 -41.29 7.68
CA MET B 654 35.62 -42.04 7.46
C MET B 654 36.81 -41.09 7.38
N VAL B 655 37.91 -41.50 8.00
CA VAL B 655 39.16 -40.73 7.97
C VAL B 655 40.22 -41.55 7.25
N ALA B 656 40.84 -40.94 6.24
CA ALA B 656 41.83 -41.62 5.43
C ALA B 656 43.07 -40.74 5.28
N LEU B 657 44.23 -41.38 5.18
CA LEU B 657 45.50 -40.70 4.97
C LEU B 657 45.96 -41.02 3.55
N ASP B 658 45.83 -40.04 2.65
CA ASP B 658 46.21 -40.21 1.24
C ASP B 658 45.58 -41.48 0.66
N GLY B 659 44.31 -41.71 0.99
CA GLY B 659 43.55 -42.80 0.43
C GLY B 659 43.43 -44.04 1.30
N LYS B 660 44.31 -44.22 2.30
CA LYS B 660 44.14 -45.45 3.06
C LYS B 660 43.35 -45.18 4.33
N PRO B 661 42.27 -45.92 4.56
CA PRO B 661 41.43 -45.67 5.74
C PRO B 661 42.18 -45.85 7.04
N LEU B 662 41.88 -44.98 8.01
CA LEU B 662 42.44 -45.07 9.35
C LEU B 662 41.38 -45.24 10.42
N ALA B 663 40.21 -44.63 10.26
CA ALA B 663 39.13 -44.76 11.22
C ALA B 663 37.81 -44.53 10.51
N SER B 664 36.73 -45.08 11.09
CA SER B 664 35.40 -44.93 10.54
C SER B 664 34.38 -45.18 11.63
N GLY B 665 33.14 -44.80 11.36
CA GLY B 665 32.07 -44.98 12.33
C GLY B 665 30.74 -44.60 11.72
N GLU B 666 29.69 -44.83 12.50
CA GLU B 666 28.31 -44.55 12.09
C GLU B 666 27.58 -43.87 13.23
N VAL B 667 26.81 -42.83 12.90
CA VAL B 667 25.98 -42.12 13.88
C VAL B 667 24.60 -41.91 13.28
N PRO B 668 23.54 -42.40 13.92
CA PRO B 668 22.19 -42.14 13.41
C PRO B 668 21.87 -40.66 13.41
N LEU B 669 21.15 -40.22 12.37
CA LEU B 669 20.74 -38.83 12.26
C LEU B 669 19.38 -38.63 12.91
N ASP B 670 19.29 -37.67 13.82
CA ASP B 670 18.03 -37.27 14.45
C ASP B 670 18.02 -35.75 14.46
N VAL B 671 17.52 -35.16 13.37
CA VAL B 671 17.47 -33.72 13.22
C VAL B 671 16.07 -33.32 12.76
N ALA B 672 15.51 -32.31 13.41
CA ALA B 672 14.18 -31.82 13.08
C ALA B 672 14.22 -31.02 11.78
N PRO B 673 13.06 -30.82 11.14
CA PRO B 673 13.02 -29.97 9.94
C PRO B 673 13.62 -28.60 10.22
N GLN B 674 14.55 -28.19 9.36
CA GLN B 674 15.28 -26.92 9.48
C GLN B 674 16.04 -26.83 10.81
N GLY B 675 16.34 -27.96 11.43
CA GLY B 675 17.09 -27.98 12.67
C GLY B 675 18.56 -28.30 12.47
N LYS B 676 19.25 -28.48 13.59
CA LYS B 676 20.68 -28.78 13.58
C LYS B 676 20.96 -29.93 14.53
N GLN B 677 22.04 -30.66 14.24
CA GLN B 677 22.52 -31.74 15.11
C GLN B 677 24.04 -31.69 15.14
N LEU B 678 24.61 -31.63 16.35
CA LEU B 678 26.05 -31.64 16.51
C LEU B 678 26.53 -33.06 16.76
N ILE B 679 27.50 -33.49 15.97
CA ILE B 679 28.03 -34.86 16.02
C ILE B 679 29.48 -34.77 16.46
N GLU B 680 29.77 -35.29 17.65
CA GLU B 680 31.12 -35.25 18.18
C GLU B 680 31.88 -36.51 17.73
N LEU B 681 32.91 -36.33 16.93
CA LEU B 681 33.72 -37.44 16.50
C LEU B 681 34.64 -37.91 17.64
N PRO B 682 34.96 -39.20 17.69
CA PRO B 682 35.92 -39.68 18.68
C PRO B 682 37.30 -39.10 18.45
N GLU B 683 38.27 -39.44 19.31
CA GLU B 683 39.62 -38.94 19.14
C GLU B 683 40.20 -39.50 17.85
N LEU B 684 40.25 -38.66 16.82
CA LEU B 684 40.64 -39.11 15.50
C LEU B 684 42.13 -39.48 15.46
N PRO B 685 42.52 -40.39 14.58
CA PRO B 685 43.93 -40.79 14.51
C PRO B 685 44.82 -39.62 14.11
N GLN B 686 46.04 -39.64 14.64
CA GLN B 686 47.05 -38.62 14.36
C GLN B 686 48.32 -39.33 13.93
N PRO B 687 48.37 -39.84 12.70
CA PRO B 687 49.56 -40.56 12.24
C PRO B 687 50.72 -39.61 12.01
N GLU B 688 51.91 -40.07 12.40
CA GLU B 688 53.13 -39.31 12.16
C GLU B 688 53.64 -39.45 10.74
N SER B 689 53.09 -40.38 9.96
CA SER B 689 53.48 -40.54 8.57
C SER B 689 53.06 -39.31 7.76
N ALA B 690 53.83 -39.03 6.70
CA ALA B 690 53.54 -37.89 5.85
C ALA B 690 52.23 -38.10 5.10
N GLY B 691 51.55 -36.99 4.82
CA GLY B 691 50.34 -37.05 4.02
C GLY B 691 49.20 -36.20 4.57
N GLN B 692 48.15 -36.04 3.75
CA GLN B 692 46.99 -35.25 4.15
C GLN B 692 45.90 -36.15 4.69
N LEU B 693 45.38 -35.83 5.87
CA LEU B 693 44.25 -36.52 6.46
C LEU B 693 42.96 -35.92 5.91
N TRP B 694 42.06 -36.80 5.44
CA TRP B 694 40.79 -36.39 4.87
C TRP B 694 39.65 -37.02 5.65
N LEU B 695 38.66 -36.21 6.00
CA LEU B 695 37.42 -36.68 6.62
C LEU B 695 36.30 -36.65 5.60
N THR B 696 35.63 -37.78 5.41
CA THR B 696 34.51 -37.90 4.49
C THR B 696 33.27 -38.36 5.26
N VAL B 697 32.16 -37.66 5.09
CA VAL B 697 30.89 -38.06 5.66
C VAL B 697 29.89 -38.32 4.55
N ARG B 698 29.03 -39.30 4.76
CA ARG B 698 27.95 -39.62 3.82
C ARG B 698 26.70 -39.97 4.59
N VAL B 699 25.56 -39.46 4.13
CA VAL B 699 24.25 -39.78 4.71
C VAL B 699 23.67 -40.95 3.93
N VAL B 700 23.28 -42.00 4.66
CA VAL B 700 22.77 -43.24 4.07
C VAL B 700 21.35 -43.46 4.56
N GLN B 701 20.47 -43.86 3.64
CA GLN B 701 19.11 -44.23 4.00
C GLN B 701 19.04 -45.74 4.21
N PRO B 702 19.01 -46.22 5.45
CA PRO B 702 19.03 -47.69 5.67
C PRO B 702 17.83 -48.40 5.08
N ASN B 703 16.67 -47.76 5.01
CA ASN B 703 15.45 -48.42 4.57
C ASN B 703 15.06 -47.93 3.17
N ALA B 704 14.57 -48.87 2.36
CA ALA B 704 14.06 -48.52 1.05
C ALA B 704 12.83 -47.64 1.17
N THR B 705 12.62 -46.82 0.16
CA THR B 705 11.42 -45.98 0.05
C THR B 705 10.66 -46.39 -1.21
N ALA B 706 9.60 -45.64 -1.51
CA ALA B 706 8.92 -45.85 -2.78
C ALA B 706 9.79 -45.46 -3.97
N TRP B 707 10.82 -44.65 -3.75
CA TRP B 707 11.63 -44.10 -4.83
C TRP B 707 13.12 -44.43 -4.72
N SER B 708 13.53 -45.21 -3.73
CA SER B 708 14.95 -45.50 -3.56
C SER B 708 15.13 -46.85 -2.90
N GLU B 709 16.30 -47.44 -3.12
CA GLU B 709 16.66 -48.73 -2.54
C GLU B 709 17.31 -48.53 -1.18
N ALA B 710 17.38 -49.62 -0.41
CA ALA B 710 18.04 -49.58 0.89
C ALA B 710 19.53 -49.29 0.72
N GLY B 711 20.07 -48.46 1.60
CA GLY B 711 21.45 -48.06 1.49
C GLY B 711 21.71 -46.90 0.56
N HIS B 712 20.66 -46.25 0.04
CA HIS B 712 20.84 -45.14 -0.89
C HIS B 712 21.55 -43.97 -0.21
N ILE B 713 22.55 -43.41 -0.88
CA ILE B 713 23.28 -42.26 -0.37
C ILE B 713 22.57 -41.00 -0.86
N SER B 714 22.26 -40.10 0.07
CA SER B 714 21.54 -38.87 -0.26
C SER B 714 22.37 -37.60 -0.12
N ALA B 715 23.48 -37.63 0.62
CA ALA B 715 24.29 -36.44 0.80
C ALA B 715 25.68 -36.85 1.28
N TRP B 716 26.65 -35.97 1.06
CA TRP B 716 28.02 -36.24 1.48
C TRP B 716 28.81 -34.93 1.49
N GLN B 717 29.96 -34.96 2.15
CA GLN B 717 30.84 -33.81 2.28
C GLN B 717 32.21 -34.29 2.72
N GLN B 718 33.25 -33.55 2.33
CA GLN B 718 34.63 -33.87 2.65
C GLN B 718 35.36 -32.65 3.19
N TRP B 719 36.30 -32.89 4.11
CA TRP B 719 37.14 -31.84 4.65
C TRP B 719 38.57 -32.32 4.76
N ARG B 720 39.51 -31.38 4.72
CA ARG B 720 40.91 -31.67 5.05
C ARG B 720 41.13 -31.51 6.54
N LEU B 721 41.66 -32.56 7.16
CA LEU B 721 42.14 -32.51 8.54
C LEU B 721 43.62 -32.17 8.53
N ALA B 722 44.31 -32.43 9.64
CA ALA B 722 45.73 -32.09 9.76
C ALA B 722 46.55 -32.74 8.66
N GLU B 723 47.64 -32.05 8.28
CA GLU B 723 48.58 -32.53 7.28
C GLU B 723 49.98 -32.57 7.87
N ASN B 724 50.74 -33.61 7.52
CA ASN B 724 52.14 -33.74 7.90
C ASN B 724 52.98 -33.71 6.63
N LEU B 725 53.73 -32.62 6.44
CA LEU B 725 54.59 -32.49 5.27
C LEU B 725 55.76 -33.46 5.35
N SER B 726 56.15 -34.01 4.21
CA SER B 726 57.22 -34.98 4.14
C SER B 726 58.57 -34.25 4.13
N VAL B 727 59.41 -34.55 5.11
CA VAL B 727 60.76 -33.99 5.16
C VAL B 727 61.83 -35.08 5.03
N THR B 728 61.45 -36.29 4.63
CA THR B 728 62.41 -37.38 4.50
C THR B 728 63.18 -37.24 3.19
N LEU B 729 64.51 -37.29 3.28
CA LEU B 729 65.34 -37.21 2.09
C LEU B 729 65.17 -38.47 1.25
N PRO B 730 65.24 -38.33 -0.07
CA PRO B 730 65.14 -39.52 -0.94
C PRO B 730 66.32 -40.45 -0.74
N ALA B 731 66.06 -41.74 -0.97
CA ALA B 731 67.09 -42.76 -0.82
C ALA B 731 68.22 -42.51 -1.81
N ALA B 732 69.42 -42.26 -1.30
CA ALA B 732 70.57 -41.96 -2.15
C ALA B 732 71.08 -43.23 -2.83
N SER B 733 70.62 -43.49 -4.05
CA SER B 733 71.09 -44.65 -4.80
C SER B 733 72.53 -44.42 -5.27
N HIS B 734 73.22 -45.52 -5.52
CA HIS B 734 74.62 -45.47 -5.95
C HIS B 734 74.78 -45.47 -7.46
N ALA B 735 73.76 -45.92 -8.21
CA ALA B 735 73.84 -45.90 -9.66
C ALA B 735 73.71 -44.48 -10.19
N ILE B 736 74.40 -44.23 -11.30
CA ILE B 736 74.40 -42.92 -11.96
C ILE B 736 73.92 -43.08 -13.39
N PRO B 737 72.89 -42.35 -13.82
CA PRO B 737 72.47 -42.43 -15.22
C PRO B 737 73.57 -41.96 -16.16
N HIS B 738 73.69 -42.64 -17.29
CA HIS B 738 74.76 -42.38 -18.24
C HIS B 738 74.21 -41.62 -19.43
N LEU B 739 74.86 -40.51 -19.78
CA LEU B 739 74.45 -39.68 -20.90
C LEU B 739 75.30 -39.98 -22.13
N THR B 740 74.64 -40.29 -23.24
CA THR B 740 75.29 -40.46 -24.53
C THR B 740 74.78 -39.37 -25.47
N THR B 741 75.71 -38.61 -26.05
CA THR B 741 75.37 -37.46 -26.87
C THR B 741 75.74 -37.75 -28.32
N SER B 742 74.72 -37.79 -29.18
CA SER B 742 74.91 -37.82 -30.62
C SER B 742 74.39 -36.50 -31.19
N GLU B 743 74.63 -36.27 -32.48
CA GLU B 743 74.14 -35.06 -33.11
C GLU B 743 72.65 -35.08 -33.36
N MET B 744 72.00 -36.23 -33.17
CA MET B 744 70.55 -36.34 -33.32
C MET B 744 69.82 -36.23 -31.99
N ASP B 745 70.40 -36.85 -30.97
CA ASP B 745 69.66 -36.91 -29.70
C ASP B 745 70.52 -37.16 -28.47
N PHE B 746 69.96 -36.90 -27.31
CA PHE B 746 70.58 -37.26 -26.05
C PHE B 746 69.96 -38.56 -25.56
N CYS B 747 70.81 -39.52 -25.19
CA CYS B 747 70.35 -40.82 -24.72
C CYS B 747 70.81 -41.04 -23.28
N ILE B 748 69.85 -41.22 -22.38
CA ILE B 748 70.13 -41.47 -20.97
C ILE B 748 69.74 -42.91 -20.67
N GLU B 749 70.67 -43.65 -20.08
CA GLU B 749 70.45 -45.06 -19.75
C GLU B 749 70.74 -45.31 -18.28
N LEU B 750 69.86 -46.09 -17.65
CA LEU B 750 70.03 -46.48 -16.25
C LEU B 750 69.43 -47.88 -16.11
N GLY B 751 70.29 -48.87 -15.92
CA GLY B 751 69.81 -50.24 -15.87
C GLY B 751 69.13 -50.62 -17.17
N ASN B 752 67.94 -51.18 -17.07
CA ASN B 752 67.18 -51.55 -18.27
C ASN B 752 66.36 -50.39 -18.84
N LYS B 753 66.39 -49.22 -18.21
CA LYS B 753 65.63 -48.08 -18.68
C LYS B 753 66.47 -47.19 -19.59
N ARG B 754 65.81 -46.56 -20.56
CA ARG B 754 66.46 -45.65 -21.49
C ARG B 754 65.51 -44.51 -21.82
N TRP B 755 66.06 -43.31 -21.93
CA TRP B 755 65.31 -42.13 -22.35
C TRP B 755 66.00 -41.49 -23.54
N GLN B 756 65.23 -41.04 -24.53
CA GLN B 756 65.76 -40.39 -25.71
C GLN B 756 65.11 -39.03 -25.89
N PHE B 757 65.93 -37.99 -25.98
CA PHE B 757 65.48 -36.62 -26.24
C PHE B 757 65.96 -36.22 -27.63
N ASN B 758 65.03 -36.02 -28.55
CA ASN B 758 65.39 -35.56 -29.89
C ASN B 758 65.94 -34.14 -29.82
N ARG B 759 67.13 -33.93 -30.37
CA ARG B 759 67.78 -32.63 -30.30
C ARG B 759 67.28 -31.65 -31.35
N GLN B 760 66.59 -32.12 -32.38
CA GLN B 760 66.02 -31.21 -33.38
C GLN B 760 64.63 -30.75 -32.99
N SER B 761 63.88 -31.56 -32.26
CA SER B 761 62.55 -31.18 -31.80
C SER B 761 62.55 -30.65 -30.37
N GLY B 762 63.46 -31.14 -29.53
CA GLY B 762 63.55 -30.71 -28.16
C GLY B 762 62.63 -31.44 -27.20
N PHE B 763 62.04 -32.55 -27.60
CA PHE B 763 61.10 -33.29 -26.78
C PHE B 763 61.62 -34.71 -26.52
N LEU B 764 61.17 -35.27 -25.40
CA LEU B 764 61.38 -36.69 -25.11
C LEU B 764 60.66 -37.52 -26.17
N SER B 765 61.42 -38.21 -27.01
CA SER B 765 60.85 -38.87 -28.19
C SER B 765 60.57 -40.34 -27.98
N GLN B 766 61.25 -40.99 -27.03
CA GLN B 766 61.05 -42.42 -26.80
C GLN B 766 61.57 -42.78 -25.42
N MET B 767 60.99 -43.84 -24.86
CA MET B 767 61.39 -44.38 -23.56
C MET B 767 61.34 -45.89 -23.64
N TRP B 768 62.36 -46.54 -23.10
CA TRP B 768 62.49 -47.99 -23.17
C TRP B 768 62.47 -48.59 -21.77
N ILE B 769 61.71 -49.68 -21.63
CA ILE B 769 61.80 -50.57 -20.49
C ILE B 769 62.26 -51.91 -21.04
N GLY B 770 63.53 -52.24 -20.83
CA GLY B 770 64.12 -53.37 -21.53
C GLY B 770 64.31 -53.06 -23.00
N ASP B 771 63.67 -53.82 -23.87
CA ASP B 771 63.69 -53.55 -25.31
C ASP B 771 62.36 -53.07 -25.85
N LYS B 772 61.42 -52.79 -24.94
CA LYS B 772 60.07 -52.39 -25.37
C LYS B 772 59.91 -50.87 -25.41
N LYS B 773 59.55 -50.30 -26.56
CA LYS B 773 59.26 -48.88 -26.65
C LYS B 773 57.99 -48.58 -25.88
N GLN B 774 57.99 -47.45 -25.16
CA GLN B 774 56.84 -47.05 -24.36
C GLN B 774 56.01 -45.95 -25.00
N LEU B 775 56.54 -45.21 -25.95
CA LEU B 775 55.85 -44.07 -26.54
C LEU B 775 55.62 -44.28 -28.03
N LEU B 776 54.42 -43.91 -28.48
CA LEU B 776 54.08 -43.85 -29.90
C LEU B 776 54.18 -42.45 -30.47
N THR B 777 54.07 -41.43 -29.62
CA THR B 777 54.16 -40.03 -29.99
C THR B 777 54.99 -39.34 -28.91
N PRO B 778 55.85 -38.39 -29.27
CA PRO B 778 56.68 -37.74 -28.27
C PRO B 778 55.86 -36.94 -27.26
N LEU B 779 56.48 -36.70 -26.11
CA LEU B 779 55.87 -35.92 -25.03
C LEU B 779 56.03 -34.43 -25.37
N ARG B 780 54.90 -33.75 -25.60
CA ARG B 780 54.89 -32.38 -26.08
C ARG B 780 53.89 -31.54 -25.29
N ASP B 781 54.13 -30.24 -25.23
CA ASP B 781 53.19 -29.34 -24.61
C ASP B 781 51.88 -29.30 -25.39
N GLN B 782 50.78 -29.13 -24.67
CA GLN B 782 49.47 -28.95 -25.28
C GLN B 782 48.78 -27.78 -24.62
N PHE B 783 48.20 -26.89 -25.44
CA PHE B 783 47.52 -25.71 -24.95
C PHE B 783 46.06 -25.65 -25.36
N THR B 784 45.57 -26.64 -26.10
CA THR B 784 44.22 -26.65 -26.63
C THR B 784 43.46 -27.88 -26.16
N ARG B 785 42.14 -27.84 -26.32
CA ARG B 785 41.28 -28.99 -26.10
C ARG B 785 40.27 -29.08 -27.23
N ALA B 786 39.80 -30.30 -27.47
CA ALA B 786 38.70 -30.47 -28.40
C ALA B 786 37.51 -29.67 -27.88
N PRO B 787 36.96 -28.74 -28.67
CA PRO B 787 36.06 -27.74 -28.09
C PRO B 787 34.75 -28.36 -27.57
N LEU B 788 34.31 -27.87 -26.43
CA LEU B 788 33.03 -28.28 -25.87
C LEU B 788 31.89 -27.58 -26.60
N ASP B 789 30.67 -28.09 -26.37
CA ASP B 789 29.50 -27.38 -26.86
C ASP B 789 29.45 -25.94 -26.32
N ASN B 790 29.86 -25.74 -25.06
CA ASN B 790 29.92 -24.39 -24.51
C ASN B 790 31.02 -23.56 -25.16
N ASP B 791 32.12 -24.19 -25.56
CA ASP B 791 33.15 -23.47 -26.31
C ASP B 791 32.64 -23.04 -27.69
N ILE B 792 31.80 -23.88 -28.31
CA ILE B 792 31.39 -23.63 -29.70
C ILE B 792 30.23 -22.64 -29.75
N GLY B 793 29.25 -22.79 -28.86
CA GLY B 793 28.09 -21.91 -28.91
C GLY B 793 27.28 -22.14 -30.18
N VAL B 794 26.84 -21.04 -30.78
CA VAL B 794 26.04 -21.09 -32.00
C VAL B 794 26.91 -20.99 -33.25
N SER B 795 28.23 -20.94 -33.09
CA SER B 795 29.13 -20.77 -34.22
C SER B 795 29.09 -21.99 -35.12
N GLU B 796 29.17 -21.75 -36.43
CA GLU B 796 29.27 -22.81 -37.42
C GLU B 796 29.98 -22.24 -38.65
N ALA B 797 30.32 -23.12 -39.58
CA ALA B 797 31.09 -22.70 -40.75
C ALA B 797 30.33 -21.67 -41.60
N THR B 798 29.01 -21.73 -41.60
CA THR B 798 28.23 -20.78 -42.39
C THR B 798 28.10 -19.44 -41.67
N ARG B 799 27.81 -19.47 -40.37
CA ARG B 799 27.67 -18.27 -39.55
C ARG B 799 28.68 -18.33 -38.42
N ILE B 800 29.81 -17.67 -38.60
CA ILE B 800 30.86 -17.63 -37.58
C ILE B 800 30.45 -16.66 -36.48
N ASP B 801 30.54 -17.11 -35.23
CA ASP B 801 30.35 -16.22 -34.08
C ASP B 801 31.74 -15.84 -33.56
N PRO B 802 32.21 -14.61 -33.82
CA PRO B 802 33.58 -14.25 -33.42
C PRO B 802 33.80 -14.27 -31.91
N ASN B 803 32.75 -14.15 -31.10
CA ASN B 803 32.92 -14.10 -29.66
C ASN B 803 33.07 -15.47 -29.01
N ALA B 804 32.74 -16.54 -29.73
CA ALA B 804 32.85 -17.87 -29.15
C ALA B 804 34.30 -18.21 -28.87
N TRP B 805 34.52 -18.99 -27.81
CA TRP B 805 35.88 -19.36 -27.42
C TRP B 805 36.59 -20.13 -28.53
N VAL B 806 35.90 -21.06 -29.18
CA VAL B 806 36.56 -21.84 -30.24
C VAL B 806 36.96 -20.94 -31.41
N GLU B 807 36.13 -19.97 -31.77
CA GLU B 807 36.48 -19.05 -32.84
C GLU B 807 37.64 -18.14 -32.45
N ARG B 808 37.68 -17.65 -31.22
CA ARG B 808 38.82 -16.86 -30.78
C ARG B 808 40.10 -17.69 -30.80
N TRP B 809 40.04 -18.93 -30.33
CA TRP B 809 41.21 -19.80 -30.35
C TRP B 809 41.67 -20.07 -31.77
N LYS B 810 40.74 -20.33 -32.68
CA LYS B 810 41.11 -20.61 -34.07
C LYS B 810 41.73 -19.37 -34.72
N ALA B 811 41.12 -18.20 -34.53
CA ALA B 811 41.65 -16.98 -35.11
C ALA B 811 43.03 -16.66 -34.56
N ALA B 812 43.26 -16.89 -33.27
CA ALA B 812 44.58 -16.66 -32.68
C ALA B 812 45.61 -17.70 -33.11
N GLY B 813 45.19 -18.80 -33.74
CA GLY B 813 46.13 -19.81 -34.18
C GLY B 813 46.54 -20.81 -33.12
N HIS B 814 45.74 -20.97 -32.07
CA HIS B 814 46.10 -21.93 -31.01
C HIS B 814 46.15 -23.36 -31.55
N TYR B 815 45.23 -23.73 -32.44
CA TYR B 815 45.17 -25.09 -32.94
C TYR B 815 46.22 -25.39 -34.00
N GLN B 816 46.81 -24.35 -34.60
CA GLN B 816 47.80 -24.52 -35.70
C GLN B 816 49.20 -24.04 -35.28
N ALA B 817 49.40 -23.62 -34.03
CA ALA B 817 50.67 -23.02 -33.63
C ALA B 817 51.79 -24.04 -33.75
N GLU B 818 52.94 -23.61 -34.27
CA GLU B 818 54.09 -24.47 -34.47
C GLU B 818 55.16 -24.17 -33.43
N ALA B 819 55.64 -25.23 -32.78
CA ALA B 819 56.69 -25.08 -31.78
C ALA B 819 58.04 -24.87 -32.45
N ALA B 820 58.74 -23.83 -32.01
CA ALA B 820 60.09 -23.53 -32.48
C ALA B 820 61.06 -23.76 -31.32
N LEU B 821 62.06 -24.59 -31.55
CA LEU B 821 63.02 -24.92 -30.50
C LEU B 821 63.94 -23.73 -30.23
N LEU B 822 64.05 -23.33 -28.98
CA LEU B 822 64.93 -22.23 -28.60
C LEU B 822 66.26 -22.72 -28.03
N GLN B 823 66.22 -23.76 -27.21
CA GLN B 823 67.44 -24.37 -26.70
C GLN B 823 67.15 -25.79 -26.27
N CYS B 824 68.20 -26.61 -26.27
CA CYS B 824 68.12 -27.99 -25.78
C CYS B 824 69.52 -28.41 -25.35
N THR B 825 69.73 -28.50 -24.05
CA THR B 825 71.06 -28.73 -23.48
C THR B 825 71.00 -29.88 -22.49
N ALA B 826 72.07 -30.68 -22.47
CA ALA B 826 72.19 -31.81 -21.55
C ALA B 826 73.41 -31.61 -20.66
N ASP B 827 73.22 -31.78 -19.36
CA ASP B 827 74.30 -31.66 -18.39
C ASP B 827 74.28 -32.87 -17.46
N THR B 828 75.46 -33.27 -17.01
CA THR B 828 75.60 -34.37 -16.06
C THR B 828 75.90 -33.80 -14.68
N LEU B 829 75.06 -34.12 -13.71
CA LEU B 829 75.23 -33.68 -12.34
C LEU B 829 76.01 -34.74 -11.57
N ALA B 830 76.08 -34.57 -10.25
CA ALA B 830 76.78 -35.55 -9.41
C ALA B 830 76.05 -36.89 -9.39
N ASP B 831 74.72 -36.86 -9.37
CA ASP B 831 73.95 -38.10 -9.29
C ASP B 831 72.77 -38.12 -10.26
N ALA B 832 72.77 -37.28 -11.30
CA ALA B 832 71.64 -37.21 -12.21
C ALA B 832 72.09 -36.59 -13.53
N VAL B 833 71.24 -36.71 -14.53
CA VAL B 833 71.42 -36.07 -15.83
C VAL B 833 70.33 -35.03 -15.99
N LEU B 834 70.73 -33.82 -16.37
CA LEU B 834 69.82 -32.68 -16.46
C LEU B 834 69.64 -32.30 -17.92
N ILE B 835 68.38 -32.21 -18.36
CA ILE B 835 68.04 -31.73 -19.69
C ILE B 835 67.25 -30.44 -19.55
N THR B 836 67.64 -29.43 -20.30
CA THR B 836 66.99 -28.12 -20.29
C THR B 836 66.52 -27.80 -21.70
N THR B 837 65.23 -27.49 -21.85
CA THR B 837 64.66 -27.17 -23.15
C THR B 837 63.86 -25.89 -23.06
N ALA B 838 63.71 -25.23 -24.21
CA ALA B 838 62.87 -24.04 -24.32
C ALA B 838 62.24 -24.03 -25.71
N HIS B 839 60.94 -23.76 -25.75
CA HIS B 839 60.18 -23.73 -26.99
C HIS B 839 59.35 -22.45 -27.06
N ALA B 840 59.10 -22.00 -28.28
CA ALA B 840 58.18 -20.91 -28.55
C ALA B 840 57.15 -21.38 -29.56
N TRP B 841 55.88 -21.16 -29.24
CA TRP B 841 54.77 -21.46 -30.16
C TRP B 841 54.38 -20.17 -30.85
N GLN B 842 54.45 -20.17 -32.17
CA GLN B 842 54.25 -18.97 -32.96
C GLN B 842 53.22 -19.21 -34.05
N HIS B 843 52.51 -18.15 -34.41
CA HIS B 843 51.54 -18.20 -35.51
C HIS B 843 51.59 -16.86 -36.23
N GLN B 844 52.02 -16.90 -37.49
CA GLN B 844 52.10 -15.70 -38.34
C GLN B 844 52.95 -14.60 -37.70
N GLY B 845 54.07 -15.01 -37.11
CA GLY B 845 55.02 -14.08 -36.53
C GLY B 845 54.74 -13.66 -35.10
N LYS B 846 53.66 -14.14 -34.50
CA LYS B 846 53.31 -13.77 -33.12
C LYS B 846 53.63 -14.94 -32.20
N THR B 847 54.40 -14.67 -31.14
CA THR B 847 54.72 -15.69 -30.16
C THR B 847 53.56 -15.84 -29.18
N LEU B 848 52.86 -16.97 -29.26
CA LEU B 848 51.70 -17.18 -28.40
C LEU B 848 52.13 -17.66 -27.01
N PHE B 849 52.95 -18.71 -26.96
CA PHE B 849 53.38 -19.31 -25.71
C PHE B 849 54.87 -19.57 -25.75
N ILE B 850 55.50 -19.57 -24.58
CA ILE B 850 56.87 -20.01 -24.42
C ILE B 850 56.91 -21.03 -23.28
N SER B 851 57.52 -22.18 -23.53
CA SER B 851 57.65 -23.24 -22.55
C SER B 851 59.12 -23.51 -22.27
N ARG B 852 59.50 -23.46 -21.00
CA ARG B 852 60.86 -23.76 -20.56
C ARG B 852 60.79 -24.91 -19.57
N LYS B 853 61.51 -25.98 -19.85
CA LYS B 853 61.42 -27.20 -19.05
C LYS B 853 62.79 -27.63 -18.53
N THR B 854 62.74 -28.46 -17.51
CA THR B 854 63.92 -29.12 -16.95
C THR B 854 63.57 -30.57 -16.68
N TYR B 855 64.35 -31.50 -17.23
CA TYR B 855 64.20 -32.93 -17.00
C TYR B 855 65.37 -33.39 -16.17
N ARG B 856 65.10 -33.98 -15.01
CA ARG B 856 66.15 -34.44 -14.10
C ARG B 856 65.93 -35.93 -13.83
N ILE B 857 66.74 -36.76 -14.46
CA ILE B 857 66.69 -38.21 -14.29
C ILE B 857 67.76 -38.62 -13.31
N ASP B 858 67.36 -39.12 -12.15
CA ASP B 858 68.27 -39.42 -11.06
C ASP B 858 68.66 -40.91 -11.08
N GLY B 859 69.41 -41.33 -10.08
CA GLY B 859 69.85 -42.71 -9.99
C GLY B 859 68.77 -43.69 -9.59
N SER B 860 67.61 -43.21 -9.12
CA SER B 860 66.50 -44.07 -8.77
C SER B 860 65.58 -44.36 -9.95
N GLY B 861 65.88 -43.82 -11.13
CA GLY B 861 65.07 -44.03 -12.30
C GLY B 861 63.96 -43.03 -12.50
N GLN B 862 63.69 -42.17 -11.52
CA GLN B 862 62.62 -41.20 -11.63
C GLN B 862 63.03 -40.03 -12.52
N MET B 863 62.09 -39.55 -13.33
CA MET B 863 62.31 -38.39 -14.19
C MET B 863 61.46 -37.25 -13.65
N ALA B 864 62.10 -36.23 -13.10
CA ALA B 864 61.41 -35.06 -12.57
C ALA B 864 61.35 -33.99 -13.65
N ILE B 865 60.13 -33.52 -13.96
CA ILE B 865 59.89 -32.53 -14.99
C ILE B 865 59.36 -31.28 -14.33
N THR B 866 60.01 -30.15 -14.58
CA THR B 866 59.52 -28.84 -14.18
C THR B 866 59.19 -28.05 -15.44
N VAL B 867 58.02 -27.42 -15.45
CA VAL B 867 57.53 -26.69 -16.61
C VAL B 867 57.18 -25.27 -16.19
N ASP B 868 57.69 -24.29 -16.93
CA ASP B 868 57.35 -22.88 -16.73
C ASP B 868 56.88 -22.32 -18.06
N VAL B 869 55.64 -21.86 -18.11
CA VAL B 869 55.05 -21.40 -19.40
C VAL B 869 54.68 -19.91 -19.31
N GLU B 870 54.95 -19.16 -20.37
CA GLU B 870 54.51 -17.74 -20.43
C GLU B 870 53.45 -17.62 -21.52
N VAL B 871 52.34 -16.95 -21.26
CA VAL B 871 51.26 -16.80 -22.24
C VAL B 871 51.13 -15.32 -22.57
N ALA B 872 51.18 -14.99 -23.87
CA ALA B 872 51.03 -13.62 -24.29
C ALA B 872 49.72 -13.03 -23.77
N SER B 873 49.80 -11.84 -23.17
CA SER B 873 48.63 -11.27 -22.50
C SER B 873 47.52 -10.91 -23.48
N ASP B 874 47.85 -10.64 -24.75
CA ASP B 874 46.84 -10.24 -25.72
C ASP B 874 46.25 -11.41 -26.51
N THR B 875 46.76 -12.62 -26.34
CA THR B 875 46.10 -13.76 -26.96
C THR B 875 44.99 -14.27 -26.05
N PRO B 876 43.92 -14.86 -26.61
CA PRO B 876 42.87 -15.42 -25.76
C PRO B 876 43.43 -16.49 -24.84
N HIS B 877 42.90 -16.53 -23.62
CA HIS B 877 43.42 -17.43 -22.61
C HIS B 877 43.25 -18.88 -23.05
N PRO B 878 44.29 -19.70 -22.93
CA PRO B 878 44.24 -21.06 -23.49
C PRO B 878 43.32 -21.97 -22.68
N ALA B 879 42.84 -23.02 -23.36
CA ALA B 879 41.95 -23.98 -22.72
C ALA B 879 42.67 -24.81 -21.66
N ARG B 880 43.95 -25.08 -21.86
CA ARG B 880 44.72 -25.87 -20.91
C ARG B 880 46.20 -25.50 -21.05
N ILE B 881 46.98 -25.90 -20.05
CA ILE B 881 48.43 -25.78 -20.08
C ILE B 881 48.98 -27.09 -19.53
N GLY B 882 49.48 -27.95 -20.41
CA GLY B 882 49.91 -29.24 -19.97
C GLY B 882 50.72 -29.96 -21.03
N LEU B 883 50.89 -31.25 -20.82
CA LEU B 883 51.63 -32.13 -21.71
C LEU B 883 50.73 -33.24 -22.22
N ASN B 884 51.12 -33.84 -23.34
CA ASN B 884 50.40 -35.00 -23.84
C ASN B 884 51.34 -35.90 -24.63
N CYS B 885 50.97 -37.19 -24.67
CA CYS B 885 51.74 -38.19 -25.38
C CYS B 885 50.82 -39.37 -25.69
N GLN B 886 51.24 -40.20 -26.64
CA GLN B 886 50.52 -41.42 -26.97
C GLN B 886 51.33 -42.60 -26.46
N LEU B 887 50.88 -43.20 -25.37
CA LEU B 887 51.53 -44.39 -24.83
C LEU B 887 51.29 -45.58 -25.74
N ALA B 888 52.30 -46.45 -25.84
CA ALA B 888 52.12 -47.73 -26.51
C ALA B 888 51.31 -48.71 -25.70
N GLN B 889 51.32 -48.58 -24.38
CA GLN B 889 50.58 -49.48 -23.50
C GLN B 889 49.08 -49.30 -23.65
N VAL B 890 48.34 -50.41 -23.63
CA VAL B 890 46.90 -50.41 -23.44
C VAL B 890 46.62 -51.28 -22.21
N ALA B 891 46.32 -50.63 -21.09
CA ALA B 891 46.05 -51.36 -19.85
C ALA B 891 44.56 -51.37 -19.56
N GLU B 892 44.15 -52.34 -18.75
CA GLU B 892 42.72 -52.57 -18.48
C GLU B 892 42.14 -51.64 -17.44
N ARG B 893 42.94 -51.16 -16.49
CA ARG B 893 42.42 -50.37 -15.39
C ARG B 893 43.26 -49.12 -15.18
N VAL B 894 42.65 -48.09 -14.59
CA VAL B 894 43.31 -46.84 -14.26
C VAL B 894 43.13 -46.60 -12.76
N ASN B 895 44.23 -46.31 -12.08
CA ASN B 895 44.24 -46.10 -10.63
C ASN B 895 44.88 -44.75 -10.33
N TRP B 896 44.18 -43.92 -9.54
CA TRP B 896 44.70 -42.59 -9.25
C TRP B 896 44.27 -42.15 -7.86
N LEU B 897 45.07 -41.24 -7.29
CA LEU B 897 44.77 -40.60 -6.01
C LEU B 897 44.40 -39.14 -6.31
N GLY B 898 43.13 -38.82 -6.13
CA GLY B 898 42.64 -37.51 -6.50
C GLY B 898 41.12 -37.48 -6.49
N LEU B 899 40.56 -36.43 -7.08
CA LEU B 899 39.12 -36.24 -7.07
C LEU B 899 38.44 -37.23 -8.02
N GLY B 900 37.36 -37.85 -7.55
CA GLY B 900 36.63 -38.82 -8.32
C GLY B 900 35.38 -39.31 -7.61
N PRO B 901 34.84 -40.43 -8.08
CA PRO B 901 35.31 -41.26 -9.20
C PRO B 901 34.98 -40.67 -10.58
N GLN B 902 33.93 -39.87 -10.70
CA GLN B 902 33.47 -39.43 -12.02
C GLN B 902 34.32 -38.28 -12.54
N GLU B 903 34.14 -37.98 -13.83
CA GLU B 903 34.86 -36.87 -14.44
C GLU B 903 34.50 -35.57 -13.75
N ASN B 904 35.48 -34.68 -13.61
CA ASN B 904 35.27 -33.40 -12.95
C ASN B 904 36.23 -32.37 -13.55
N TYR B 905 35.79 -31.12 -13.53
CA TYR B 905 36.50 -29.99 -14.11
C TYR B 905 36.58 -28.88 -13.08
N PRO B 906 37.48 -27.91 -13.27
CA PRO B 906 37.73 -26.92 -12.20
C PRO B 906 36.48 -26.21 -11.69
N ASP B 907 35.53 -25.86 -12.56
CA ASP B 907 34.30 -25.24 -12.10
C ASP B 907 33.17 -26.24 -11.90
N ARG B 908 33.44 -27.54 -12.03
CA ARG B 908 32.44 -28.59 -11.77
C ARG B 908 33.06 -29.75 -11.00
N LEU B 909 33.69 -29.47 -9.85
CA LEU B 909 34.30 -30.54 -9.05
C LEU B 909 33.82 -30.59 -7.60
N THR B 910 32.73 -29.90 -7.25
CA THR B 910 32.31 -29.89 -5.85
C THR B 910 31.78 -31.25 -5.39
N ALA B 911 31.20 -32.03 -6.30
CA ALA B 911 30.66 -33.33 -5.94
C ALA B 911 31.74 -34.39 -5.79
N ALA B 912 32.89 -34.21 -6.42
CA ALA B 912 33.95 -35.20 -6.38
C ALA B 912 34.65 -35.19 -5.02
N CYS B 913 35.14 -36.37 -4.61
CA CYS B 913 35.82 -36.53 -3.34
C CYS B 913 37.24 -37.03 -3.56
N PHE B 914 38.15 -36.58 -2.71
CA PHE B 914 39.55 -37.01 -2.80
C PHE B 914 39.69 -38.38 -2.18
N ASP B 915 40.21 -39.34 -2.94
CA ASP B 915 40.39 -40.70 -2.48
C ASP B 915 41.20 -41.47 -3.52
N ARG B 916 41.43 -42.74 -3.23
CA ARG B 916 42.06 -43.66 -4.17
C ARG B 916 40.97 -44.32 -5.02
N TRP B 917 40.99 -44.06 -6.32
CA TRP B 917 39.97 -44.55 -7.23
C TRP B 917 40.59 -45.51 -8.24
N ASP B 918 39.83 -46.55 -8.59
CA ASP B 918 40.28 -47.58 -9.52
C ASP B 918 39.11 -47.94 -10.42
N LEU B 919 39.23 -47.65 -11.71
CA LEU B 919 38.18 -47.87 -12.69
C LEU B 919 38.76 -48.49 -13.94
N PRO B 920 37.95 -49.23 -14.70
CA PRO B 920 38.39 -49.68 -16.03
C PRO B 920 38.60 -48.50 -16.95
N LEU B 921 39.48 -48.69 -17.93
CA LEU B 921 39.84 -47.60 -18.84
C LEU B 921 38.62 -47.01 -19.53
N SER B 922 37.61 -47.85 -19.84
CA SER B 922 36.42 -47.36 -20.52
C SER B 922 35.66 -46.33 -19.68
N ASP B 923 35.65 -46.47 -18.36
CA ASP B 923 34.98 -45.50 -17.51
C ASP B 923 35.69 -44.15 -17.47
N MET B 924 36.90 -44.06 -17.99
CA MET B 924 37.64 -42.80 -18.04
C MET B 924 37.33 -41.99 -19.28
N TYR B 925 36.37 -42.44 -20.08
CA TYR B 925 35.91 -41.74 -21.28
C TYR B 925 34.40 -41.55 -21.19
N THR B 926 33.95 -40.31 -21.26
CA THR B 926 32.52 -40.01 -21.23
C THR B 926 31.99 -39.94 -22.64
N PRO B 927 31.05 -40.80 -23.02
CA PRO B 927 30.61 -40.86 -24.42
C PRO B 927 29.53 -39.85 -24.75
N TYR B 928 29.88 -38.56 -24.71
CA TYR B 928 28.96 -37.54 -25.17
C TYR B 928 28.64 -37.78 -26.64
N VAL B 929 27.37 -37.60 -27.01
CA VAL B 929 26.94 -37.91 -28.38
C VAL B 929 27.72 -37.05 -29.36
N PHE B 930 27.90 -35.76 -29.05
CA PHE B 930 28.79 -34.91 -29.81
C PHE B 930 30.16 -34.94 -29.14
N PRO B 931 31.18 -35.56 -29.74
CA PRO B 931 32.46 -35.73 -29.06
C PRO B 931 33.15 -34.41 -28.75
N SER B 932 33.82 -34.36 -27.61
CA SER B 932 34.60 -33.19 -27.20
C SER B 932 35.59 -33.62 -26.12
N GLU B 933 36.31 -32.65 -25.59
CA GLU B 933 37.13 -32.87 -24.40
C GLU B 933 36.26 -33.47 -23.30
N ASN B 934 36.74 -34.54 -22.68
CA ASN B 934 35.93 -35.31 -21.75
C ASN B 934 36.84 -36.09 -20.81
N GLY B 935 36.27 -36.50 -19.68
CA GLY B 935 36.90 -37.46 -18.79
C GLY B 935 37.98 -36.92 -17.88
N LEU B 936 38.14 -35.61 -17.78
CA LEU B 936 39.17 -35.03 -16.92
C LEU B 936 38.90 -35.36 -15.46
N ARG B 937 39.98 -35.60 -14.71
CA ARG B 937 39.94 -35.73 -13.26
C ARG B 937 40.95 -34.74 -12.67
N CYS B 938 40.47 -33.86 -11.80
CA CYS B 938 41.29 -32.79 -11.24
C CYS B 938 41.85 -33.19 -9.87
N GLY B 939 42.73 -32.33 -9.36
CA GLY B 939 43.26 -32.50 -8.02
C GLY B 939 43.97 -33.82 -7.78
N THR B 940 44.68 -34.32 -8.78
CA THR B 940 45.28 -35.64 -8.72
C THR B 940 46.75 -35.52 -8.30
N ARG B 941 47.13 -36.31 -7.29
CA ARG B 941 48.50 -36.33 -6.81
C ARG B 941 49.30 -37.54 -7.29
N GLU B 942 48.62 -38.59 -7.75
CA GLU B 942 49.27 -39.79 -8.23
C GLU B 942 48.37 -40.49 -9.24
N LEU B 943 48.97 -40.98 -10.32
CA LEU B 943 48.27 -41.70 -11.37
C LEU B 943 49.06 -42.94 -11.73
N ASN B 944 48.38 -44.07 -11.85
CA ASN B 944 49.00 -45.35 -12.21
C ASN B 944 48.33 -45.90 -13.45
N TYR B 945 49.13 -46.22 -14.47
CA TYR B 945 48.60 -46.84 -15.69
C TYR B 945 49.67 -47.78 -16.22
N GLY B 946 49.37 -49.08 -16.21
CA GLY B 946 50.35 -50.07 -16.58
C GLY B 946 51.55 -50.02 -15.64
N PRO B 947 52.75 -49.99 -16.21
CA PRO B 947 53.96 -49.86 -15.38
C PRO B 947 54.28 -48.43 -14.96
N HIS B 948 53.61 -47.43 -15.53
CA HIS B 948 53.96 -46.04 -15.31
C HIS B 948 53.26 -45.46 -14.09
N GLN B 949 53.90 -44.48 -13.47
CA GLN B 949 53.31 -43.71 -12.38
C GLN B 949 53.73 -42.25 -12.53
N TRP B 950 52.77 -41.34 -12.46
CA TRP B 950 53.03 -39.91 -12.46
C TRP B 950 52.57 -39.32 -11.12
N ARG B 951 53.38 -38.43 -10.56
CA ARG B 951 53.06 -37.80 -9.29
C ARG B 951 53.27 -36.30 -9.39
N GLY B 952 52.54 -35.57 -8.57
CA GLY B 952 52.60 -34.12 -8.55
C GLY B 952 51.28 -33.56 -8.04
N ASP B 953 50.78 -32.55 -8.75
CA ASP B 953 49.47 -31.96 -8.47
C ASP B 953 48.93 -31.47 -9.81
N PHE B 954 48.06 -32.28 -10.43
CA PHE B 954 47.71 -32.06 -11.82
C PHE B 954 46.29 -32.55 -12.07
N GLN B 955 45.80 -32.22 -13.26
CA GLN B 955 44.57 -32.75 -13.82
C GLN B 955 44.93 -33.63 -15.02
N PHE B 956 44.12 -34.65 -15.28
CA PHE B 956 44.42 -35.58 -16.36
C PHE B 956 43.15 -36.17 -16.96
N ASN B 957 43.26 -36.61 -18.21
CA ASN B 957 42.30 -37.54 -18.80
C ASN B 957 43.09 -38.55 -19.62
N ILE B 958 42.52 -39.74 -19.76
CA ILE B 958 43.21 -40.84 -20.42
C ILE B 958 42.19 -41.67 -21.20
N SER B 959 42.46 -41.89 -22.49
CA SER B 959 41.48 -42.54 -23.35
C SER B 959 42.17 -43.04 -24.62
N ARG B 960 41.40 -43.74 -25.45
CA ARG B 960 41.87 -44.24 -26.73
C ARG B 960 41.71 -43.23 -27.86
N TYR B 961 41.19 -42.03 -27.57
CA TYR B 961 40.87 -41.05 -28.60
C TYR B 961 41.69 -39.79 -28.40
N SER B 962 42.34 -39.34 -29.47
CA SER B 962 43.12 -38.10 -29.42
C SER B 962 42.19 -36.90 -29.43
N GLN B 963 42.72 -35.77 -28.92
CA GLN B 963 41.98 -34.52 -28.99
C GLN B 963 41.67 -34.14 -30.44
N GLN B 964 42.56 -34.45 -31.37
CA GLN B 964 42.30 -34.20 -32.79
C GLN B 964 41.09 -35.00 -33.27
N GLN B 965 41.05 -36.30 -32.98
CA GLN B 965 39.92 -37.11 -33.44
C GLN B 965 38.62 -36.64 -32.79
N LEU B 966 38.66 -36.33 -31.50
CA LEU B 966 37.47 -35.84 -30.82
C LEU B 966 36.98 -34.54 -31.44
N MET B 967 37.91 -33.65 -31.80
CA MET B 967 37.56 -32.37 -32.41
C MET B 967 36.94 -32.56 -33.80
N GLU B 968 37.49 -33.48 -34.59
CA GLU B 968 37.08 -33.61 -35.98
C GLU B 968 35.92 -34.60 -36.18
N THR B 969 35.50 -35.30 -35.13
CA THR B 969 34.42 -36.29 -35.24
C THR B 969 33.12 -35.71 -34.70
N SER B 970 32.06 -35.80 -35.49
CA SER B 970 30.79 -35.16 -35.16
C SER B 970 29.84 -36.06 -34.37
N HIS B 971 30.02 -37.38 -34.42
CA HIS B 971 29.17 -38.32 -33.69
C HIS B 971 30.04 -39.33 -32.96
N ARG B 972 29.57 -39.73 -31.77
CA ARG B 972 30.34 -40.67 -30.95
C ARG B 972 30.46 -42.04 -31.58
N HIS B 973 29.46 -42.50 -32.34
CA HIS B 973 29.54 -43.80 -32.97
C HIS B 973 30.55 -43.87 -34.10
N LEU B 974 31.02 -42.71 -34.59
CA LEU B 974 32.05 -42.65 -35.63
C LEU B 974 33.46 -42.65 -35.06
N LEU B 975 33.62 -42.61 -33.74
CA LEU B 975 34.94 -42.65 -33.12
C LEU B 975 35.53 -44.05 -33.25
N HIS B 976 36.85 -44.12 -33.46
CA HIS B 976 37.57 -45.38 -33.51
C HIS B 976 38.75 -45.31 -32.54
N ALA B 977 38.97 -46.40 -31.81
CA ALA B 977 40.05 -46.44 -30.84
C ALA B 977 41.39 -46.44 -31.55
N GLU B 978 42.24 -45.49 -31.19
CA GLU B 978 43.57 -45.40 -31.77
C GLU B 978 44.51 -46.39 -31.10
N GLU B 979 45.66 -46.62 -31.73
CA GLU B 979 46.63 -47.55 -31.18
C GLU B 979 47.23 -46.96 -29.90
N GLY B 980 47.35 -47.79 -28.88
CA GLY B 980 47.86 -47.30 -27.61
C GLY B 980 46.85 -46.45 -26.86
N THR B 981 47.36 -45.59 -26.00
CA THR B 981 46.52 -44.80 -25.10
C THR B 981 47.01 -43.36 -25.08
N TRP B 982 46.09 -42.41 -25.28
CA TRP B 982 46.42 -40.99 -25.25
C TRP B 982 46.28 -40.47 -23.82
N LEU B 983 47.33 -39.82 -23.33
CA LEU B 983 47.35 -39.25 -21.99
C LEU B 983 47.52 -37.74 -22.07
N ASN B 984 46.65 -37.02 -21.39
CA ASN B 984 46.76 -35.57 -21.26
C ASN B 984 46.93 -35.23 -19.78
N ILE B 985 48.10 -34.73 -19.42
CA ILE B 985 48.38 -34.31 -18.05
C ILE B 985 48.49 -32.80 -18.06
N ASP B 986 47.62 -32.14 -17.30
CA ASP B 986 47.52 -30.69 -17.31
C ASP B 986 47.94 -30.14 -15.96
N GLY B 987 48.87 -29.18 -15.97
CA GLY B 987 49.05 -28.35 -14.81
C GLY B 987 47.84 -27.49 -14.52
N PHE B 988 47.17 -27.03 -15.58
CA PHE B 988 46.07 -26.07 -15.47
C PHE B 988 45.06 -26.34 -16.58
N HIS B 989 43.77 -26.19 -16.26
CA HIS B 989 42.68 -26.42 -17.19
C HIS B 989 41.60 -25.38 -16.97
N MET B 990 41.06 -24.86 -18.07
CA MET B 990 40.02 -23.85 -18.01
C MET B 990 38.68 -24.47 -17.63
N GLY B 991 37.82 -23.66 -17.01
CA GLY B 991 36.48 -24.12 -16.68
C GLY B 991 35.66 -24.41 -17.93
N ILE B 992 34.55 -25.12 -17.71
CA ILE B 992 33.72 -25.55 -18.82
C ILE B 992 32.51 -24.65 -19.05
N GLY B 993 32.14 -23.83 -18.07
CA GLY B 993 31.01 -22.93 -18.23
C GLY B 993 29.69 -23.70 -18.25
N GLY B 994 28.65 -22.99 -18.67
CA GLY B 994 27.35 -23.60 -18.79
C GLY B 994 26.16 -22.77 -18.33
N ASP B 995 26.38 -21.52 -17.92
CA ASP B 995 25.25 -20.64 -17.61
C ASP B 995 24.32 -20.53 -18.81
N ASP B 996 24.89 -20.51 -20.01
CA ASP B 996 24.16 -20.75 -21.24
C ASP B 996 25.16 -21.29 -22.26
N SER B 997 24.63 -21.83 -23.35
CA SER B 997 25.46 -22.50 -24.36
C SER B 997 25.50 -21.74 -25.68
N TRP B 998 25.17 -20.44 -25.65
CA TRP B 998 25.23 -19.64 -26.88
C TRP B 998 26.04 -18.35 -26.70
N SER B 999 26.72 -18.19 -25.57
CA SER B 999 27.61 -17.06 -25.33
C SER B 999 28.68 -17.52 -24.34
N PRO B 1000 29.83 -16.88 -24.33
CA PRO B 1000 30.88 -17.25 -23.35
C PRO B 1000 30.32 -17.19 -21.93
N SER B 1001 30.53 -18.26 -21.18
CA SER B 1001 29.93 -18.40 -19.85
C SER B 1001 30.94 -18.85 -18.80
N VAL B 1002 32.21 -19.01 -19.15
CA VAL B 1002 33.22 -19.39 -18.17
C VAL B 1002 33.59 -18.15 -17.36
N SER B 1003 33.37 -18.21 -16.05
CA SER B 1003 33.63 -17.06 -15.20
C SER B 1003 35.13 -16.75 -15.15
N ALA B 1004 35.45 -15.50 -14.82
CA ALA B 1004 36.83 -15.03 -14.86
C ALA B 1004 37.76 -15.84 -13.97
N GLU B 1005 37.27 -16.31 -12.83
CA GLU B 1005 38.13 -17.03 -11.90
C GLU B 1005 38.51 -18.43 -12.39
N PHE B 1006 37.95 -18.88 -13.51
CA PHE B 1006 38.29 -20.19 -14.07
C PHE B 1006 38.94 -20.09 -15.44
N GLN B 1007 39.26 -18.89 -15.90
CA GLN B 1007 40.02 -18.70 -17.13
C GLN B 1007 41.51 -18.64 -16.79
N LEU B 1008 42.34 -19.08 -17.74
CA LEU B 1008 43.79 -19.13 -17.53
C LEU B 1008 44.39 -17.80 -17.96
N SER B 1009 44.21 -16.79 -17.10
CA SER B 1009 44.58 -15.42 -17.41
C SER B 1009 45.83 -14.95 -16.65
N ALA B 1010 46.51 -15.83 -15.94
CA ALA B 1010 47.59 -15.39 -15.05
C ALA B 1010 48.83 -14.92 -15.80
N GLY B 1011 49.04 -15.36 -17.03
CA GLY B 1011 50.20 -14.95 -17.83
C GLY B 1011 51.46 -15.79 -17.65
N ARG B 1012 51.70 -16.30 -16.45
CA ARG B 1012 52.81 -17.20 -16.19
C ARG B 1012 52.30 -18.39 -15.38
N TYR B 1013 52.76 -19.59 -15.73
CA TYR B 1013 52.30 -20.80 -15.07
C TYR B 1013 53.48 -21.73 -14.82
N HIS B 1014 53.42 -22.44 -13.70
CA HIS B 1014 54.45 -23.39 -13.30
C HIS B 1014 53.81 -24.66 -12.77
N TYR B 1015 54.36 -25.81 -13.17
CA TYR B 1015 53.95 -27.08 -12.58
C TYR B 1015 55.08 -28.10 -12.73
N GLN B 1016 55.06 -29.10 -11.85
CA GLN B 1016 56.09 -30.13 -11.80
C GLN B 1016 55.44 -31.50 -11.83
N LEU B 1017 56.13 -32.44 -12.48
CA LEU B 1017 55.70 -33.83 -12.56
C LEU B 1017 56.88 -34.73 -12.27
N VAL B 1018 56.59 -35.90 -11.71
CA VAL B 1018 57.59 -36.96 -11.53
C VAL B 1018 57.08 -38.20 -12.26
N TRP B 1019 57.85 -38.64 -13.26
CA TRP B 1019 57.52 -39.83 -14.05
C TRP B 1019 58.46 -40.96 -13.64
N CYS B 1020 57.87 -42.08 -13.21
CA CYS B 1020 58.66 -43.23 -12.78
C CYS B 1020 57.93 -44.51 -13.17
N GLN B 1021 58.59 -45.64 -12.94
CA GLN B 1021 58.02 -46.95 -13.23
C GLN B 1021 58.05 -47.82 -11.99
N MET C 1 19.44 24.25 58.26
CA MET C 1 20.33 24.47 57.09
C MET C 1 19.80 25.62 56.25
N ILE C 2 20.68 26.51 55.80
CA ILE C 2 20.26 27.65 54.93
C ILE C 2 19.62 27.08 53.65
N THR C 3 20.20 26.03 53.08
CA THR C 3 19.68 25.49 51.82
C THR C 3 18.30 24.86 51.97
N ASP C 4 17.90 24.47 53.18
CA ASP C 4 16.55 23.96 53.41
C ASP C 4 15.54 25.06 53.69
N SER C 5 15.98 26.32 53.80
CA SER C 5 15.08 27.39 54.17
C SER C 5 14.19 27.79 53.00
N LEU C 6 13.07 28.43 53.33
CA LEU C 6 12.16 28.92 52.30
C LEU C 6 12.83 29.96 51.42
N ALA C 7 13.66 30.84 52.00
CA ALA C 7 14.32 31.87 51.20
C ALA C 7 15.20 31.26 50.11
N VAL C 8 15.79 30.10 50.36
CA VAL C 8 16.63 29.46 49.35
C VAL C 8 15.79 28.60 48.41
N VAL C 9 14.87 27.80 48.96
CA VAL C 9 14.10 26.88 48.14
C VAL C 9 13.24 27.63 47.13
N LEU C 10 12.59 28.71 47.56
CA LEU C 10 11.69 29.45 46.67
C LEU C 10 12.41 30.37 45.70
N GLN C 11 13.71 30.60 45.88
CA GLN C 11 14.41 31.58 45.06
C GLN C 11 14.47 31.16 43.59
N ARG C 12 14.57 29.87 43.30
CA ARG C 12 14.70 29.47 41.87
C ARG C 12 13.34 29.54 41.19
N ARG C 13 12.26 29.66 41.97
CA ARG C 13 10.91 29.75 41.41
C ARG C 13 10.67 28.62 40.41
N ASP C 14 10.74 27.39 40.93
CA ASP C 14 10.60 26.21 40.10
C ASP C 14 9.20 26.08 39.48
N TRP C 15 8.21 26.80 40.02
CA TRP C 15 6.85 26.75 39.50
C TRP C 15 6.60 27.75 38.38
N GLU C 16 7.63 28.48 37.94
CA GLU C 16 7.55 29.32 36.76
C GLU C 16 8.60 28.91 35.73
N ASN C 17 8.82 27.60 35.58
CA ASN C 17 9.88 27.06 34.74
C ASN C 17 9.43 25.72 34.18
N PRO C 18 9.05 25.66 32.90
CA PRO C 18 8.67 24.37 32.30
C PRO C 18 9.82 23.39 32.19
N GLY C 19 11.07 23.86 32.32
CA GLY C 19 12.21 22.95 32.30
C GLY C 19 12.34 22.11 33.55
N VAL C 20 11.71 22.52 34.65
CA VAL C 20 11.73 21.76 35.90
C VAL C 20 10.30 21.38 36.23
N THR C 21 9.94 20.12 35.97
CA THR C 21 8.63 19.59 36.31
C THR C 21 8.64 18.72 37.57
N GLN C 22 9.81 18.43 38.11
CA GLN C 22 9.95 17.66 39.34
C GLN C 22 11.39 17.79 39.82
N LEU C 23 11.60 17.52 41.10
CA LEU C 23 12.95 17.41 41.66
C LEU C 23 12.94 16.25 42.65
N ASN C 24 13.84 15.28 42.44
CA ASN C 24 13.99 14.13 43.31
C ASN C 24 12.72 13.27 43.38
N ARG C 25 12.00 13.15 42.26
CA ARG C 25 10.82 12.30 42.20
C ARG C 25 11.16 10.93 41.62
N LEU C 26 10.64 9.88 42.23
CA LEU C 26 10.92 8.51 41.82
C LEU C 26 10.18 8.17 40.52
N ALA C 27 10.61 7.07 39.89
CA ALA C 27 10.03 6.65 38.62
C ALA C 27 8.57 6.21 38.79
N ALA C 28 7.80 6.38 37.72
CA ALA C 28 6.43 5.89 37.69
C ALA C 28 6.40 4.39 37.49
N HIS C 29 5.28 3.77 37.89
CA HIS C 29 5.17 2.31 37.91
C HIS C 29 3.71 1.94 38.16
N PRO C 30 3.33 0.70 37.88
CA PRO C 30 1.97 0.24 38.21
C PRO C 30 1.78 0.21 39.72
N PRO C 31 0.53 0.12 40.20
CA PRO C 31 0.29 0.15 41.65
C PRO C 31 1.05 -0.96 42.36
N PHE C 32 1.67 -0.60 43.48
CA PHE C 32 2.43 -1.52 44.31
C PHE C 32 1.86 -1.56 45.72
N ALA C 33 1.96 -2.73 46.35
CA ALA C 33 1.59 -2.90 47.75
C ALA C 33 2.69 -3.53 48.59
N SER C 34 3.72 -4.11 47.97
CA SER C 34 4.84 -4.74 48.66
C SER C 34 4.35 -5.76 49.69
N TRP C 35 3.53 -6.69 49.22
CA TRP C 35 3.12 -7.80 50.06
C TRP C 35 4.32 -8.68 50.39
N ARG C 36 4.42 -9.09 51.65
CA ARG C 36 5.44 -10.05 52.07
C ARG C 36 4.86 -11.45 52.22
N ASN C 37 3.62 -11.65 51.78
CA ASN C 37 2.97 -12.95 51.80
C ASN C 37 2.20 -13.13 50.49
N SER C 38 2.56 -14.18 49.75
CA SER C 38 1.99 -14.40 48.43
C SER C 38 0.48 -14.69 48.48
N GLU C 39 0.01 -15.37 49.52
CA GLU C 39 -1.43 -15.59 49.65
C GLU C 39 -2.17 -14.27 49.85
N GLU C 40 -1.62 -13.37 50.67
CA GLU C 40 -2.21 -12.05 50.83
C GLU C 40 -2.19 -11.28 49.52
N ALA C 41 -1.10 -11.37 48.75
CA ALA C 41 -1.07 -10.73 47.44
C ALA C 41 -2.15 -11.30 46.51
N ARG C 42 -2.32 -12.62 46.51
CA ARG C 42 -3.30 -13.24 45.63
C ARG C 42 -4.72 -12.82 46.00
N THR C 43 -5.03 -12.80 47.30
CA THR C 43 -6.37 -12.46 47.76
C THR C 43 -6.62 -10.97 47.86
N ASP C 44 -5.63 -10.14 47.54
CA ASP C 44 -5.76 -8.67 47.56
C ASP C 44 -6.11 -8.15 48.95
N ARG C 45 -5.62 -8.82 49.99
CA ARG C 45 -5.83 -8.33 51.34
C ARG C 45 -4.96 -7.10 51.59
N PRO C 46 -5.35 -6.23 52.52
CA PRO C 46 -4.57 -5.01 52.77
C PRO C 46 -3.15 -5.33 53.22
N SER C 47 -2.20 -4.54 52.73
CA SER C 47 -0.79 -4.76 53.04
C SER C 47 -0.35 -3.88 54.20
N GLN C 48 0.32 -4.50 55.17
CA GLN C 48 0.90 -3.74 56.27
C GLN C 48 2.07 -2.86 55.83
N GLN C 49 2.64 -3.12 54.66
CA GLN C 49 3.72 -2.31 54.11
C GLN C 49 3.23 -1.02 53.45
N LEU C 50 1.94 -0.92 53.19
CA LEU C 50 1.33 0.28 52.62
C LEU C 50 0.44 0.90 53.69
N ARG C 51 0.73 2.15 54.05
CA ARG C 51 0.08 2.80 55.18
C ARG C 51 -0.53 4.12 54.71
N SER C 52 -1.83 4.27 54.93
CA SER C 52 -2.51 5.50 54.55
C SER C 52 -2.23 6.61 55.55
N LEU C 53 -1.89 7.79 55.02
CA LEU C 53 -1.73 8.99 55.83
C LEU C 53 -2.95 9.90 55.75
N ASN C 54 -4.05 9.42 55.15
CA ASN C 54 -5.28 10.19 55.11
C ASN C 54 -5.83 10.41 56.51
N GLY C 55 -6.48 11.55 56.70
CA GLY C 55 -7.02 11.89 58.00
C GLY C 55 -6.92 13.37 58.31
N GLU C 56 -6.68 13.69 59.57
CA GLU C 56 -6.60 15.09 60.01
C GLU C 56 -5.19 15.60 59.82
N TRP C 57 -5.05 16.71 59.10
CA TRP C 57 -3.79 17.41 58.91
C TRP C 57 -3.94 18.84 59.41
N ARG C 58 -2.81 19.51 59.60
CA ARG C 58 -2.79 20.93 59.89
C ARG C 58 -2.64 21.72 58.60
N PHE C 59 -3.39 22.80 58.47
CA PHE C 59 -3.45 23.56 57.23
C PHE C 59 -3.46 25.05 57.53
N ALA C 60 -2.69 25.81 56.75
CA ALA C 60 -2.66 27.26 56.83
C ALA C 60 -2.64 27.84 55.43
N TRP C 61 -3.52 28.80 55.17
CA TRP C 61 -3.66 29.43 53.87
C TRP C 61 -2.88 30.74 53.84
N PHE C 62 -2.20 30.99 52.71
CA PHE C 62 -1.45 32.23 52.52
C PHE C 62 -1.72 32.78 51.12
N PRO C 63 -1.69 34.11 50.94
CA PRO C 63 -1.99 34.67 49.62
C PRO C 63 -0.86 34.51 48.61
N ALA C 64 0.36 34.26 49.06
CA ALA C 64 1.51 34.12 48.17
C ALA C 64 2.56 33.28 48.87
N PRO C 65 3.42 32.58 48.12
CA PRO C 65 4.46 31.77 48.76
C PRO C 65 5.41 32.58 49.63
N GLU C 66 5.65 33.85 49.28
CA GLU C 66 6.55 34.69 50.05
C GLU C 66 6.01 35.05 51.43
N ALA C 67 4.72 34.81 51.68
CA ALA C 67 4.12 35.13 52.97
C ALA C 67 4.27 34.03 54.00
N VAL C 68 4.77 32.86 53.63
CA VAL C 68 4.90 31.75 54.58
C VAL C 68 6.09 32.03 55.50
N PRO C 69 5.89 32.03 56.81
CA PRO C 69 7.02 32.24 57.73
C PRO C 69 7.96 31.05 57.75
N GLU C 70 9.24 31.35 58.01
CA GLU C 70 10.25 30.30 58.08
C GLU C 70 9.95 29.28 59.18
N SER C 71 9.31 29.71 60.27
CA SER C 71 9.04 28.82 61.39
C SER C 71 8.11 27.66 61.03
N TRP C 72 7.34 27.79 59.94
CA TRP C 72 6.46 26.70 59.53
C TRP C 72 7.25 25.44 59.22
N LEU C 73 8.50 25.58 58.77
CA LEU C 73 9.33 24.42 58.48
C LEU C 73 9.68 23.61 59.73
N GLU C 74 9.65 24.23 60.91
CA GLU C 74 10.08 23.56 62.13
C GLU C 74 8.91 23.12 63.00
N CYS C 75 7.90 23.98 63.19
CA CYS C 75 6.79 23.67 64.07
C CYS C 75 5.49 24.14 63.43
N ASP C 76 4.39 23.53 63.85
CA ASP C 76 3.08 23.90 63.33
C ASP C 76 2.71 25.31 63.74
N LEU C 77 2.13 26.05 62.80
CA LEU C 77 1.73 27.42 63.07
C LEU C 77 0.60 27.47 64.09
N PRO C 78 0.63 28.44 64.99
CA PRO C 78 -0.46 28.56 65.97
C PRO C 78 -1.81 28.84 65.32
N GLU C 79 -1.83 29.55 64.19
CA GLU C 79 -3.10 29.93 63.52
C GLU C 79 -3.60 28.80 62.62
N ALA C 80 -2.83 27.72 62.48
CA ALA C 80 -3.19 26.64 61.57
C ALA C 80 -4.46 25.93 62.06
N ASP C 81 -5.34 25.60 61.13
CA ASP C 81 -6.53 24.83 61.43
C ASP C 81 -6.25 23.34 61.25
N THR C 82 -7.24 22.51 61.60
CA THR C 82 -7.18 21.07 61.39
C THR C 82 -8.20 20.74 60.31
N VAL C 83 -7.76 20.10 59.24
CA VAL C 83 -8.61 19.81 58.09
C VAL C 83 -8.44 18.35 57.70
N VAL C 84 -9.43 17.84 56.97
CA VAL C 84 -9.43 16.47 56.46
C VAL C 84 -8.62 16.45 55.17
N VAL C 85 -7.78 15.43 55.02
CA VAL C 85 -7.01 15.19 53.80
C VAL C 85 -7.34 13.79 53.32
N PRO C 86 -7.66 13.59 52.03
CA PRO C 86 -7.65 14.57 50.92
C PRO C 86 -8.82 15.56 50.90
N SER C 87 -8.61 16.72 50.28
CA SER C 87 -9.63 17.75 50.14
C SER C 87 -9.12 18.83 49.19
N ASN C 88 -10.05 19.66 48.74
CA ASN C 88 -9.74 20.90 48.03
C ASN C 88 -10.00 22.07 48.96
N TRP C 89 -9.01 22.94 49.15
CA TRP C 89 -9.17 23.96 50.18
C TRP C 89 -10.21 25.01 49.82
N GLN C 90 -10.63 25.09 48.55
CA GLN C 90 -11.78 25.91 48.21
C GLN C 90 -13.07 25.37 48.79
N MET C 91 -13.14 24.07 49.06
CA MET C 91 -14.32 23.46 49.69
C MET C 91 -14.38 23.72 51.18
N HIS C 92 -13.35 24.34 51.75
CA HIS C 92 -13.34 24.74 53.15
C HIS C 92 -13.48 26.26 53.30
N GLY C 93 -13.73 26.97 52.21
CA GLY C 93 -13.98 28.41 52.26
C GLY C 93 -12.74 29.28 52.39
N TYR C 94 -11.57 28.74 52.13
CA TYR C 94 -10.33 29.51 52.25
C TYR C 94 -10.15 30.50 51.10
N ASP C 95 -10.46 30.11 49.87
CA ASP C 95 -10.61 31.05 48.77
C ASP C 95 -11.62 30.46 47.78
N ALA C 96 -11.97 31.24 46.77
CA ALA C 96 -13.11 30.81 45.97
C ALA C 96 -12.69 29.87 44.84
N PRO C 97 -13.50 28.86 44.55
CA PRO C 97 -13.31 28.13 43.29
C PRO C 97 -13.65 29.02 42.11
N ILE C 98 -12.99 28.77 40.99
CA ILE C 98 -13.18 29.54 39.77
C ILE C 98 -13.65 28.60 38.67
N TYR C 99 -14.76 28.95 38.03
CA TYR C 99 -15.21 28.22 36.85
C TYR C 99 -15.05 29.10 35.61
N THR C 100 -14.13 28.71 34.74
CA THR C 100 -13.99 29.32 33.42
C THR C 100 -13.86 28.21 32.40
N ASN C 101 -14.39 28.46 31.20
CA ASN C 101 -14.48 27.40 30.20
C ASN C 101 -13.18 27.30 29.39
N VAL C 102 -12.85 28.36 28.65
CA VAL C 102 -11.69 28.35 27.75
C VAL C 102 -10.65 29.37 28.18
N THR C 103 -11.08 30.55 28.62
CA THR C 103 -10.15 31.57 29.07
C THR C 103 -9.39 31.09 30.31
N TYR C 104 -8.07 31.29 30.29
CA TYR C 104 -7.27 30.92 31.45
C TYR C 104 -7.70 31.76 32.65
N PRO C 105 -7.72 31.19 33.86
CA PRO C 105 -8.05 31.97 35.05
C PRO C 105 -6.99 32.97 35.46
N ILE C 106 -5.84 32.96 34.80
CA ILE C 106 -4.75 33.89 35.08
C ILE C 106 -4.38 34.61 33.79
N THR C 107 -3.60 35.68 33.94
CA THR C 107 -3.09 36.40 32.77
C THR C 107 -2.22 35.47 31.94
N VAL C 108 -2.46 35.45 30.63
CA VAL C 108 -1.75 34.54 29.72
C VAL C 108 -0.37 35.13 29.46
N ASN C 109 0.64 34.58 30.13
CA ASN C 109 2.02 35.04 29.97
C ASN C 109 2.95 33.90 30.37
N PRO C 110 2.98 32.83 29.58
CA PRO C 110 3.74 31.63 29.97
C PRO C 110 5.22 31.93 29.99
N PRO C 111 5.97 31.31 30.90
CA PRO C 111 5.52 30.37 31.93
C PRO C 111 5.19 31.04 33.25
N PHE C 112 4.99 32.36 33.26
CA PHE C 112 4.82 33.12 34.49
C PHE C 112 3.40 33.00 35.03
N VAL C 113 3.27 33.08 36.36
CA VAL C 113 2.00 33.01 37.06
C VAL C 113 1.91 34.25 37.95
N PRO C 114 0.72 34.66 38.38
CA PRO C 114 0.61 35.89 39.18
C PRO C 114 1.39 35.80 40.48
N THR C 115 1.91 36.96 40.91
CA THR C 115 2.61 37.03 42.19
C THR C 115 1.70 36.63 43.34
N GLU C 116 0.45 37.09 43.34
CA GLU C 116 -0.54 36.68 44.32
C GLU C 116 -1.03 35.26 43.98
N ASN C 117 -0.21 34.30 44.38
CA ASN C 117 -0.47 32.89 44.09
C ASN C 117 -0.90 32.20 45.36
N PRO C 118 -2.19 31.85 45.50
CA PRO C 118 -2.66 31.24 46.76
C PRO C 118 -1.87 29.99 47.10
N THR C 119 -1.43 29.92 48.35
CA THR C 119 -0.51 28.90 48.82
C THR C 119 -1.12 28.19 50.02
N GLY C 120 -1.18 26.86 49.95
CA GLY C 120 -1.69 26.06 51.05
C GLY C 120 -0.61 25.27 51.73
N CYS C 121 -0.42 25.49 53.03
CA CYS C 121 0.63 24.85 53.81
C CYS C 121 0.03 23.71 54.63
N TYR C 122 0.30 22.49 54.21
CA TYR C 122 -0.14 21.29 54.92
C TYR C 122 0.99 20.77 55.79
N SER C 123 0.64 20.14 56.90
CA SER C 123 1.63 19.52 57.76
C SER C 123 0.99 18.38 58.55
N LEU C 124 1.79 17.37 58.84
CA LEU C 124 1.33 16.18 59.55
C LEU C 124 2.43 15.66 60.46
N THR C 125 2.07 15.33 61.69
CA THR C 125 2.97 14.68 62.64
C THR C 125 2.59 13.21 62.75
N PHE C 126 3.55 12.33 62.51
CA PHE C 126 3.26 10.91 62.43
C PHE C 126 4.43 10.12 62.99
N ASN C 127 4.14 8.89 63.41
CA ASN C 127 5.13 7.97 63.95
C ASN C 127 5.50 6.94 62.88
N VAL C 128 6.74 6.47 62.92
CA VAL C 128 7.23 5.41 62.05
C VAL C 128 7.84 4.32 62.91
N ASP C 129 7.45 3.07 62.66
CA ASP C 129 8.02 1.96 63.40
C ASP C 129 9.49 1.76 63.04
N GLU C 130 10.26 1.33 64.04
CA GLU C 130 11.71 1.17 63.85
C GLU C 130 12.06 0.07 62.86
N SER C 131 11.17 -0.90 62.65
CA SER C 131 11.44 -1.95 61.68
C SER C 131 11.56 -1.38 60.26
N TRP C 132 10.73 -0.39 59.93
CA TRP C 132 10.79 0.23 58.61
C TRP C 132 12.08 0.99 58.37
N LEU C 133 12.72 1.50 59.42
CA LEU C 133 13.95 2.25 59.26
C LEU C 133 15.20 1.41 59.50
N GLN C 134 15.06 0.20 60.06
CA GLN C 134 16.21 -0.68 60.19
C GLN C 134 16.73 -1.12 58.82
N GLU C 135 15.84 -1.44 57.89
CA GLU C 135 16.25 -1.88 56.57
C GLU C 135 15.16 -1.52 55.56
N GLY C 136 15.54 -1.55 54.30
CA GLY C 136 14.60 -1.30 53.22
C GLY C 136 14.45 0.17 52.88
N GLN C 137 13.46 0.43 52.03
CA GLN C 137 13.19 1.75 51.49
C GLN C 137 11.78 2.19 51.89
N THR C 138 11.67 3.40 52.42
CA THR C 138 10.37 3.96 52.77
C THR C 138 10.11 5.18 51.89
N ARG C 139 9.03 5.12 51.12
CA ARG C 139 8.67 6.19 50.21
C ARG C 139 7.28 6.71 50.55
N ILE C 140 7.06 7.99 50.27
CA ILE C 140 5.75 8.61 50.42
C ILE C 140 5.15 8.82 49.03
N ILE C 141 3.86 8.61 48.91
CA ILE C 141 3.14 8.66 47.64
C ILE C 141 2.00 9.66 47.77
N PHE C 142 2.06 10.75 46.98
CA PHE C 142 0.99 11.72 46.86
C PHE C 142 0.23 11.41 45.59
N ASP C 143 -0.98 10.85 45.72
CA ASP C 143 -1.73 10.44 44.54
C ASP C 143 -2.19 11.62 43.69
N GLY C 144 -2.29 12.82 44.26
CA GLY C 144 -2.61 14.00 43.48
C GLY C 144 -2.50 15.29 44.25
N VAL C 145 -1.77 16.26 43.72
CA VAL C 145 -1.59 17.56 44.36
C VAL C 145 -1.75 18.64 43.30
N ASN C 146 -2.65 19.59 43.54
CA ASN C 146 -3.03 20.60 42.56
C ASN C 146 -2.59 21.96 43.07
N SER C 147 -1.65 22.61 42.37
CA SER C 147 -1.11 22.12 41.10
C SER C 147 0.39 21.80 41.16
N ALA C 148 1.08 22.29 42.19
CA ALA C 148 2.50 22.03 42.37
C ALA C 148 2.84 22.19 43.85
N PHE C 149 3.95 21.58 44.27
CA PHE C 149 4.28 21.58 45.69
C PHE C 149 5.74 21.31 45.94
N HIS C 150 6.27 21.92 47.00
CA HIS C 150 7.53 21.55 47.63
C HIS C 150 7.27 20.71 48.86
N LEU C 151 8.18 19.79 49.15
CA LEU C 151 8.02 18.84 50.25
C LEU C 151 9.22 18.93 51.19
N TRP C 152 8.94 19.03 52.49
CA TRP C 152 9.95 18.97 53.54
C TRP C 152 9.62 17.80 54.46
N CYS C 153 10.64 17.16 55.01
CA CYS C 153 10.47 16.11 56.00
C CYS C 153 11.42 16.38 57.15
N ASN C 154 10.87 16.56 58.35
CA ASN C 154 11.64 16.92 59.54
C ASN C 154 12.49 18.16 59.30
N GLY C 155 11.95 19.11 58.55
CA GLY C 155 12.62 20.37 58.27
C GLY C 155 13.60 20.35 57.12
N ARG C 156 13.84 19.20 56.48
CA ARG C 156 14.78 19.09 55.39
C ARG C 156 14.03 19.00 54.07
N TRP C 157 14.44 19.81 53.09
CA TRP C 157 13.78 19.82 51.79
C TRP C 157 13.98 18.48 51.09
N VAL C 158 12.91 17.96 50.51
CA VAL C 158 12.90 16.64 49.89
C VAL C 158 12.78 16.73 48.37
N GLY C 159 11.81 17.48 47.87
CA GLY C 159 11.61 17.52 46.44
C GLY C 159 10.46 18.43 46.03
N TYR C 160 10.10 18.31 44.75
CA TYR C 160 9.15 19.17 44.08
C TYR C 160 8.41 18.35 43.02
N GLY C 161 7.18 18.73 42.73
CA GLY C 161 6.36 17.98 41.80
C GLY C 161 5.31 18.83 41.11
N GLN C 162 4.94 18.42 39.89
CA GLN C 162 3.87 19.04 39.11
C GLN C 162 2.99 17.94 38.52
N ASP C 163 2.10 18.27 37.58
CA ASP C 163 1.09 17.33 37.07
C ASP C 163 0.14 16.87 38.17
N SER C 164 -0.82 17.72 38.52
CA SER C 164 -1.77 17.47 39.60
C SER C 164 -2.49 16.12 39.52
N ARG C 165 -2.52 15.46 38.37
CA ARG C 165 -3.38 14.29 38.20
C ARG C 165 -2.63 12.96 38.19
N LEU C 166 -1.35 12.93 38.51
CA LEU C 166 -0.61 11.68 38.58
C LEU C 166 0.17 11.61 39.89
N PRO C 167 0.44 10.41 40.41
CA PRO C 167 1.10 10.31 41.72
C PRO C 167 2.53 10.82 41.67
N SER C 168 2.97 11.40 42.79
CA SER C 168 4.34 11.83 42.97
C SER C 168 4.92 11.13 44.19
N GLU C 169 6.06 10.46 44.01
CA GLU C 169 6.65 9.61 45.04
C GLU C 169 8.07 10.09 45.35
N PHE C 170 8.42 10.05 46.63
CA PHE C 170 9.71 10.53 47.10
C PHE C 170 10.26 9.54 48.12
N ASP C 171 11.57 9.29 48.03
CA ASP C 171 12.24 8.41 48.98
C ASP C 171 12.50 9.17 50.28
N LEU C 172 11.89 8.71 51.38
CA LEU C 172 12.06 9.34 52.67
C LEU C 172 13.00 8.56 53.59
N SER C 173 13.72 7.58 53.05
CA SER C 173 14.56 6.72 53.89
C SER C 173 15.63 7.49 54.64
N ALA C 174 16.27 8.48 54.00
CA ALA C 174 17.33 9.25 54.63
C ALA C 174 16.83 10.43 55.46
N PHE C 175 15.52 10.67 55.48
CA PHE C 175 14.95 11.80 56.20
C PHE C 175 14.20 11.40 57.47
N LEU C 176 13.69 10.18 57.55
CA LEU C 176 12.86 9.78 58.67
C LEU C 176 13.70 9.38 59.87
N ARG C 177 13.11 9.53 61.05
CA ARG C 177 13.71 9.12 62.31
C ARG C 177 12.72 8.28 63.10
N ALA C 178 13.25 7.48 64.02
CA ALA C 178 12.40 6.67 64.88
C ALA C 178 11.55 7.57 65.78
N GLY C 179 10.29 7.22 65.92
CA GLY C 179 9.38 7.99 66.76
C GLY C 179 8.65 9.06 65.96
N GLU C 180 8.67 10.29 66.48
CA GLU C 180 7.86 11.38 65.94
C GLU C 180 8.53 12.02 64.72
N ASN C 181 7.76 12.18 63.66
CA ASN C 181 8.20 12.80 62.42
C ASN C 181 7.20 13.85 61.99
N ARG C 182 7.67 14.86 61.26
CA ARG C 182 6.80 15.91 60.76
C ARG C 182 6.98 16.08 59.25
N LEU C 183 5.86 16.24 58.56
CA LEU C 183 5.79 16.41 57.11
C LEU C 183 5.32 17.84 56.86
N ALA C 184 5.94 18.53 55.91
CA ALA C 184 5.53 19.89 55.55
C ALA C 184 5.42 20.00 54.03
N VAL C 185 4.21 20.27 53.55
CA VAL C 185 3.92 20.35 52.12
C VAL C 185 3.38 21.74 51.82
N MET C 186 4.07 22.44 50.91
CA MET C 186 3.61 23.78 50.47
C MET C 186 3.01 23.62 49.06
N VAL C 187 1.70 23.75 48.92
CA VAL C 187 0.97 23.56 47.67
C VAL C 187 0.68 24.92 47.05
N LEU C 188 1.01 25.09 45.77
CA LEU C 188 0.77 26.32 45.05
C LEU C 188 -0.38 26.16 44.08
N ARG C 189 -1.29 27.14 44.07
CA ARG C 189 -2.44 27.07 43.19
C ARG C 189 -2.05 27.16 41.72
N TRP C 190 -1.11 28.05 41.39
CA TRP C 190 -0.70 28.27 40.00
C TRP C 190 0.76 27.89 39.81
N SER C 191 1.06 27.34 38.64
CA SER C 191 2.41 26.97 38.24
C SER C 191 2.46 26.96 36.73
N ASP C 192 3.64 26.71 36.16
CA ASP C 192 3.72 26.56 34.71
C ASP C 192 2.97 25.34 34.24
N GLY C 193 2.74 24.36 35.13
CA GLY C 193 1.88 23.24 34.80
C GLY C 193 0.44 23.62 34.57
N SER C 194 -0.01 24.75 35.15
CA SER C 194 -1.37 25.21 34.94
C SER C 194 -1.65 25.56 33.48
N TYR C 195 -0.63 25.95 32.72
CA TYR C 195 -0.84 26.21 31.30
C TYR C 195 -1.22 24.94 30.53
N LEU C 196 -0.88 23.77 31.06
CA LEU C 196 -1.28 22.50 30.47
C LEU C 196 -2.53 21.91 31.11
N GLU C 197 -3.24 22.69 31.94
CA GLU C 197 -4.38 22.20 32.71
C GLU C 197 -5.57 23.14 32.57
N ASP C 198 -5.92 23.48 31.33
CA ASP C 198 -6.99 24.43 31.05
C ASP C 198 -8.31 23.73 30.74
N GLN C 199 -8.61 22.65 31.44
CA GLN C 199 -9.86 21.93 31.24
C GLN C 199 -11.06 22.80 31.61
N ASP C 200 -12.19 22.54 30.94
CA ASP C 200 -13.46 23.19 31.20
C ASP C 200 -14.07 22.58 32.46
N MET C 201 -13.69 23.13 33.61
CA MET C 201 -14.12 22.60 34.89
C MET C 201 -13.76 23.62 35.97
N TRP C 202 -14.29 23.40 37.17
CA TRP C 202 -13.93 24.23 38.31
C TRP C 202 -12.43 24.16 38.55
N ARG C 203 -11.82 25.31 38.86
CA ARG C 203 -10.41 25.37 39.16
C ARG C 203 -10.23 25.37 40.68
N MET C 204 -9.77 24.25 41.21
CA MET C 204 -9.55 24.07 42.64
C MET C 204 -8.07 23.76 42.88
N SER C 205 -7.73 23.49 44.14
CA SER C 205 -6.35 23.20 44.49
C SER C 205 -6.31 22.45 45.81
N GLY C 206 -5.15 21.85 46.10
CA GLY C 206 -4.90 21.19 47.36
C GLY C 206 -4.46 19.76 47.16
N ILE C 207 -4.30 19.05 48.29
CA ILE C 207 -3.96 17.63 48.28
C ILE C 207 -5.29 16.88 48.19
N PHE C 208 -5.76 16.65 46.97
CA PHE C 208 -7.11 16.17 46.73
C PHE C 208 -7.20 14.67 46.45
N ARG C 209 -6.10 13.94 46.50
CA ARG C 209 -6.11 12.48 46.45
C ARG C 209 -5.26 11.94 47.60
N ASP C 210 -5.25 10.61 47.73
CA ASP C 210 -4.70 9.97 48.92
C ASP C 210 -3.20 10.21 49.07
N VAL C 211 -2.73 10.13 50.32
CA VAL C 211 -1.31 10.20 50.68
C VAL C 211 -0.99 8.93 51.46
N SER C 212 0.12 8.29 51.11
CA SER C 212 0.44 7.01 51.76
C SER C 212 1.96 6.82 51.81
N LEU C 213 2.37 5.95 52.73
CA LEU C 213 3.74 5.51 52.87
C LEU C 213 3.86 4.05 52.42
N LEU C 214 4.87 3.76 51.63
CA LEU C 214 5.13 2.40 51.16
C LEU C 214 6.54 1.99 51.58
N HIS C 215 6.67 0.81 52.17
CA HIS C 215 7.95 0.26 52.57
C HIS C 215 8.30 -0.90 51.64
N LYS C 216 9.45 -0.81 50.98
CA LYS C 216 9.96 -1.84 50.11
C LYS C 216 11.29 -2.35 50.63
N PRO C 217 11.64 -3.61 50.36
CA PRO C 217 12.99 -4.08 50.66
C PRO C 217 14.00 -3.45 49.71
N THR C 218 15.27 -3.50 50.10
CA THR C 218 16.33 -2.93 49.27
C THR C 218 16.38 -3.62 47.91
N THR C 219 16.28 -4.95 47.90
CA THR C 219 16.11 -5.70 46.66
C THR C 219 14.62 -5.90 46.42
N GLN C 220 14.13 -5.37 45.30
CA GLN C 220 12.68 -5.18 45.16
C GLN C 220 12.26 -5.30 43.71
N ILE C 221 10.96 -5.54 43.53
CA ILE C 221 10.33 -5.44 42.22
C ILE C 221 10.09 -3.95 41.94
N SER C 222 10.61 -3.46 40.82
CA SER C 222 10.51 -2.04 40.50
C SER C 222 9.53 -1.74 39.37
N ASP C 223 9.15 -2.74 38.58
CA ASP C 223 8.20 -2.58 37.48
C ASP C 223 7.85 -3.96 36.95
N PHE C 224 6.60 -4.12 36.52
CA PHE C 224 6.21 -5.34 35.82
C PHE C 224 5.14 -5.01 34.80
N HIS C 225 5.23 -5.65 33.64
CA HIS C 225 4.29 -5.46 32.54
C HIS C 225 3.63 -6.78 32.20
N VAL C 226 2.35 -6.72 31.86
CA VAL C 226 1.55 -7.88 31.50
C VAL C 226 1.01 -7.69 30.10
N ALA C 227 1.24 -8.68 29.23
CA ALA C 227 0.77 -8.64 27.86
C ALA C 227 0.17 -9.99 27.49
N THR C 228 -0.89 -9.96 26.69
CA THR C 228 -1.58 -11.17 26.25
C THR C 228 -1.54 -11.26 24.73
N ARG C 229 -1.18 -12.43 24.24
CA ARG C 229 -1.19 -12.68 22.78
C ARG C 229 -2.11 -13.87 22.53
N PHE C 230 -2.73 -13.95 21.37
CA PHE C 230 -3.72 -14.96 21.06
C PHE C 230 -3.47 -15.55 19.67
N ASN C 231 -4.06 -16.71 19.42
CA ASN C 231 -4.08 -17.29 18.09
C ASN C 231 -5.29 -16.73 17.33
N ASP C 232 -5.56 -17.27 16.15
CA ASP C 232 -6.58 -16.69 15.28
C ASP C 232 -7.98 -16.80 15.87
N ASP C 233 -8.29 -17.91 16.54
CA ASP C 233 -9.62 -18.13 17.10
C ASP C 233 -9.69 -17.90 18.61
N PHE C 234 -8.62 -17.35 19.20
CA PHE C 234 -8.60 -16.93 20.60
C PHE C 234 -8.69 -18.12 21.56
N SER C 235 -8.53 -19.34 21.05
CA SER C 235 -8.59 -20.53 21.88
C SER C 235 -7.29 -20.81 22.61
N ARG C 236 -6.19 -20.15 22.23
CA ARG C 236 -4.91 -20.30 22.90
C ARG C 236 -4.33 -18.91 23.15
N ALA C 237 -3.83 -18.68 24.36
CA ALA C 237 -3.26 -17.39 24.73
C ALA C 237 -1.91 -17.60 25.40
N VAL C 238 -1.03 -16.62 25.21
CA VAL C 238 0.27 -16.59 25.87
C VAL C 238 0.32 -15.34 26.74
N LEU C 239 0.52 -15.53 28.03
CA LEU C 239 0.60 -14.43 28.98
C LEU C 239 2.08 -14.10 29.19
N GLU C 240 2.51 -12.94 28.69
CA GLU C 240 3.90 -12.52 28.75
C GLU C 240 4.05 -11.48 29.85
N ALA C 241 4.88 -11.79 30.85
CA ALA C 241 5.11 -10.90 31.98
C ALA C 241 6.59 -10.55 32.06
N GLU C 242 6.90 -9.26 31.95
CA GLU C 242 8.25 -8.74 32.07
C GLU C 242 8.37 -8.11 33.45
N VAL C 243 9.37 -8.52 34.21
CA VAL C 243 9.58 -8.06 35.58
C VAL C 243 10.94 -7.39 35.67
N GLN C 244 10.99 -6.23 36.32
CA GLN C 244 12.21 -5.47 36.51
C GLN C 244 12.49 -5.29 37.99
N MET C 245 13.77 -5.27 38.36
CA MET C 245 14.18 -5.18 39.76
C MET C 245 15.21 -4.08 39.94
N CYS C 246 15.30 -3.60 41.19
CA CYS C 246 16.36 -2.71 41.61
C CYS C 246 17.00 -3.27 42.89
N GLY C 247 18.25 -2.92 43.11
CA GLY C 247 19.05 -3.47 44.17
C GLY C 247 20.13 -4.38 43.63
N GLU C 248 20.82 -5.05 44.54
CA GLU C 248 21.95 -5.89 44.19
C GLU C 248 21.48 -7.21 43.60
N LEU C 249 21.94 -7.50 42.38
CA LEU C 249 21.61 -8.77 41.75
C LEU C 249 22.43 -9.91 42.37
N ARG C 250 21.77 -11.01 42.64
CA ARG C 250 22.47 -12.20 43.17
C ARG C 250 22.02 -13.41 42.37
N ASP C 251 22.88 -14.38 42.17
CA ASP C 251 22.60 -15.56 41.36
C ASP C 251 21.48 -16.43 41.92
N TYR C 252 21.19 -16.32 43.21
CA TYR C 252 20.12 -17.10 43.83
C TYR C 252 18.75 -16.46 43.67
N LEU C 253 18.67 -15.23 43.16
CA LEU C 253 17.38 -14.56 43.00
C LEU C 253 16.54 -15.26 41.94
N ARG C 254 15.23 -15.33 42.20
CA ARG C 254 14.29 -15.93 41.27
C ARG C 254 13.02 -15.08 41.22
N VAL C 255 12.30 -15.20 40.12
CA VAL C 255 10.99 -14.57 39.96
C VAL C 255 10.00 -15.64 39.54
N THR C 256 8.87 -15.70 40.23
CA THR C 256 7.79 -16.61 39.88
C THR C 256 6.52 -15.82 39.60
N VAL C 257 5.91 -16.07 38.45
CA VAL C 257 4.64 -15.47 38.07
C VAL C 257 3.60 -16.58 37.98
N SER C 258 2.54 -16.47 38.78
CA SER C 258 1.47 -17.46 38.80
C SER C 258 0.15 -16.78 38.43
N LEU C 259 -0.65 -17.46 37.63
CA LEU C 259 -1.94 -16.96 37.18
C LEU C 259 -3.05 -17.76 37.84
N TRP C 260 -4.02 -17.06 38.40
CA TRP C 260 -5.09 -17.69 39.15
C TRP C 260 -6.44 -17.32 38.56
N GLN C 261 -7.33 -18.29 38.46
CA GLN C 261 -8.74 -18.08 38.12
C GLN C 261 -9.53 -18.41 39.37
N GLY C 262 -9.85 -17.39 40.16
CA GLY C 262 -10.45 -17.60 41.46
C GLY C 262 -9.51 -18.28 42.42
N GLU C 263 -9.86 -19.50 42.85
CA GLU C 263 -9.01 -20.26 43.77
C GLU C 263 -8.10 -21.25 43.05
N THR C 264 -8.23 -21.39 41.75
CA THR C 264 -7.46 -22.38 41.00
C THR C 264 -6.31 -21.72 40.25
N GLN C 265 -5.12 -22.31 40.39
CA GLN C 265 -3.94 -21.85 39.68
C GLN C 265 -3.97 -22.41 38.26
N VAL C 266 -3.93 -21.52 37.27
CA VAL C 266 -4.03 -21.93 35.88
C VAL C 266 -2.66 -22.14 35.26
N ALA C 267 -1.70 -21.26 35.57
CA ALA C 267 -0.38 -21.34 34.98
C ALA C 267 0.64 -20.77 35.96
N SER C 268 1.91 -21.13 35.74
CA SER C 268 2.99 -20.66 36.59
C SER C 268 4.29 -20.72 35.82
N GLY C 269 5.25 -19.91 36.26
CA GLY C 269 6.58 -19.93 35.68
C GLY C 269 7.59 -19.35 36.64
N THR C 270 8.81 -19.88 36.58
CA THR C 270 9.91 -19.43 37.43
C THR C 270 11.16 -19.32 36.58
N ALA C 271 11.96 -18.29 36.84
CA ALA C 271 13.18 -18.07 36.07
C ALA C 271 14.12 -17.19 36.89
N PRO C 272 15.43 -17.34 36.70
CA PRO C 272 16.37 -16.36 37.25
C PRO C 272 16.38 -15.09 36.40
N PHE C 273 16.99 -14.05 36.95
CA PHE C 273 17.06 -12.79 36.22
C PHE C 273 18.01 -12.89 35.04
N GLY C 274 17.83 -11.98 34.09
CA GLY C 274 18.61 -11.98 32.86
C GLY C 274 17.77 -12.16 31.61
N GLY C 275 17.61 -11.08 30.85
CA GLY C 275 16.82 -11.12 29.64
C GLY C 275 17.60 -11.56 28.43
N GLU C 276 16.89 -11.68 27.31
CA GLU C 276 17.49 -12.07 26.05
C GLU C 276 18.37 -10.95 25.51
N ILE C 277 19.28 -11.32 24.60
CA ILE C 277 20.13 -10.34 23.94
C ILE C 277 19.25 -9.42 23.09
N ILE C 278 19.48 -8.11 23.22
CA ILE C 278 18.72 -7.14 22.44
C ILE C 278 19.58 -6.29 21.52
N ASP C 279 20.86 -6.09 21.81
CA ASP C 279 21.72 -5.32 20.92
C ASP C 279 23.16 -5.78 21.13
N GLU C 280 24.11 -5.01 20.58
CA GLU C 280 25.50 -5.41 20.59
C GLU C 280 26.07 -5.57 22.00
N ARG C 281 25.58 -4.80 22.97
CA ARG C 281 26.13 -4.83 24.32
C ARG C 281 25.51 -5.91 25.20
N GLY C 282 24.47 -6.59 24.74
CA GLY C 282 23.87 -7.69 25.49
C GLY C 282 22.41 -7.41 25.81
N GLY C 283 21.98 -7.94 26.97
CA GLY C 283 20.61 -7.78 27.41
C GLY C 283 20.51 -7.19 28.80
N TYR C 284 19.29 -7.14 29.34
CA TYR C 284 19.05 -6.60 30.68
C TYR C 284 19.30 -7.67 31.72
N ALA C 285 20.36 -7.50 32.52
CA ALA C 285 20.62 -8.44 33.60
C ALA C 285 19.64 -8.28 34.76
N ASP C 286 18.97 -7.13 34.86
CA ASP C 286 18.03 -6.86 35.94
C ASP C 286 16.57 -7.00 35.50
N ARG C 287 16.30 -7.79 34.46
CA ARG C 287 14.95 -8.04 33.99
C ARG C 287 14.80 -9.51 33.63
N VAL C 288 13.56 -10.00 33.70
CA VAL C 288 13.21 -11.34 33.27
C VAL C 288 11.81 -11.31 32.68
N THR C 289 11.61 -12.12 31.64
CA THR C 289 10.31 -12.23 30.97
C THR C 289 9.85 -13.68 31.06
N LEU C 290 8.66 -13.88 31.63
CA LEU C 290 8.09 -15.20 31.79
C LEU C 290 6.86 -15.32 30.90
N ARG C 291 6.79 -16.42 30.16
CA ARG C 291 5.70 -16.66 29.22
C ARG C 291 4.89 -17.85 29.70
N LEU C 292 3.61 -17.62 29.96
CA LEU C 292 2.71 -18.65 30.47
C LEU C 292 1.65 -18.95 29.42
N ASN C 293 1.48 -20.22 29.08
CA ASN C 293 0.45 -20.64 28.15
C ASN C 293 -0.86 -20.84 28.89
N VAL C 294 -1.96 -20.33 28.32
CA VAL C 294 -3.29 -20.53 28.87
C VAL C 294 -4.16 -21.11 27.76
N GLU C 295 -4.79 -22.25 28.04
CA GLU C 295 -5.66 -22.90 27.09
C GLU C 295 -7.11 -22.48 27.34
N ASN C 296 -7.82 -22.15 26.27
CA ASN C 296 -9.21 -21.72 26.32
C ASN C 296 -9.41 -20.63 27.37
N PRO C 297 -8.71 -19.50 27.27
CA PRO C 297 -8.85 -18.45 28.28
C PRO C 297 -10.23 -17.84 28.25
N LYS C 298 -10.70 -17.40 29.42
CA LYS C 298 -11.95 -16.67 29.52
C LYS C 298 -11.68 -15.21 29.21
N LEU C 299 -12.26 -14.72 28.11
CA LEU C 299 -11.90 -13.40 27.60
C LEU C 299 -12.62 -12.29 28.33
N TRP C 300 -11.94 -11.16 28.47
CA TRP C 300 -12.50 -9.99 29.13
C TRP C 300 -13.23 -9.10 28.14
N SER C 301 -14.39 -8.60 28.55
CA SER C 301 -15.14 -7.62 27.77
C SER C 301 -16.07 -6.88 28.72
N ALA C 302 -16.62 -5.76 28.23
CA ALA C 302 -17.61 -5.05 29.03
C ALA C 302 -18.86 -5.90 29.26
N GLU C 303 -19.18 -6.79 28.33
CA GLU C 303 -20.33 -7.67 28.50
C GLU C 303 -20.06 -8.72 29.57
N ILE C 304 -18.91 -9.39 29.50
CA ILE C 304 -18.50 -10.38 30.50
C ILE C 304 -17.08 -10.05 30.96
N PRO C 305 -16.92 -9.33 32.07
CA PRO C 305 -15.56 -8.93 32.53
C PRO C 305 -14.84 -10.06 33.27
N ASN C 306 -14.52 -11.13 32.53
CA ASN C 306 -13.72 -12.22 33.10
C ASN C 306 -12.36 -11.69 33.50
N LEU C 307 -11.92 -12.02 34.72
CA LEU C 307 -10.64 -11.57 35.23
C LEU C 307 -9.86 -12.73 35.83
N TYR C 308 -8.55 -12.71 35.62
CA TYR C 308 -7.61 -13.58 36.29
C TYR C 308 -6.79 -12.76 37.28
N ARG C 309 -6.09 -13.45 38.17
CA ARG C 309 -5.24 -12.82 39.18
C ARG C 309 -3.81 -13.28 38.94
N ALA C 310 -2.93 -12.34 38.59
CA ALA C 310 -1.53 -12.65 38.39
C ALA C 310 -0.74 -12.18 39.62
N VAL C 311 0.10 -13.08 40.15
CA VAL C 311 0.92 -12.78 41.32
C VAL C 311 2.37 -12.87 40.89
N VAL C 312 3.13 -11.83 41.19
CA VAL C 312 4.55 -11.75 40.84
C VAL C 312 5.35 -11.89 42.13
N GLU C 313 6.16 -12.94 42.23
CA GLU C 313 6.91 -13.27 43.42
C GLU C 313 8.39 -13.03 43.17
N LEU C 314 9.03 -12.27 44.03
CA LEU C 314 10.47 -12.16 44.08
C LEU C 314 10.96 -13.00 45.26
N HIS C 315 11.78 -14.00 44.98
CA HIS C 315 12.19 -14.95 46.00
C HIS C 315 13.55 -15.52 45.64
N THR C 316 14.22 -16.08 46.66
CA THR C 316 15.49 -16.74 46.46
C THR C 316 15.28 -18.17 45.99
N ALA C 317 16.38 -18.82 45.62
CA ALA C 317 16.30 -20.17 45.06
C ALA C 317 15.83 -21.19 46.09
N ASP C 318 16.19 -20.99 47.37
CA ASP C 318 15.75 -21.93 48.40
C ASP C 318 14.25 -21.86 48.62
N GLY C 319 13.65 -20.67 48.51
CA GLY C 319 12.21 -20.55 48.55
C GLY C 319 11.65 -19.46 49.44
N THR C 320 12.50 -18.64 50.05
CA THR C 320 12.02 -17.58 50.92
C THR C 320 11.58 -16.38 50.08
N LEU C 321 10.42 -15.82 50.43
CA LEU C 321 9.83 -14.74 49.66
C LEU C 321 10.44 -13.40 50.07
N ILE C 322 10.91 -12.64 49.09
CA ILE C 322 11.39 -11.29 49.33
C ILE C 322 10.26 -10.28 49.21
N GLU C 323 9.49 -10.36 48.14
CA GLU C 323 8.41 -9.41 47.88
C GLU C 323 7.43 -10.02 46.90
N ALA C 324 6.18 -9.60 46.99
CA ALA C 324 5.13 -10.00 46.08
C ALA C 324 4.34 -8.79 45.60
N GLU C 325 3.97 -8.82 44.32
CA GLU C 325 3.06 -7.83 43.73
C GLU C 325 2.04 -8.57 42.89
N ALA C 326 0.88 -7.93 42.69
CA ALA C 326 -0.23 -8.58 42.01
C ALA C 326 -1.03 -7.56 41.23
N CYS C 327 -1.76 -8.05 40.23
CA CYS C 327 -2.68 -7.23 39.47
C CYS C 327 -3.72 -8.13 38.81
N ASP C 328 -4.90 -7.57 38.58
CA ASP C 328 -5.94 -8.29 37.86
C ASP C 328 -5.59 -8.33 36.37
N VAL C 329 -5.87 -9.47 35.75
CA VAL C 329 -5.53 -9.71 34.36
C VAL C 329 -6.82 -9.97 33.58
N GLY C 330 -7.01 -9.22 32.49
CA GLY C 330 -8.10 -9.44 31.57
C GLY C 330 -7.55 -9.82 30.21
N PHE C 331 -7.91 -11.02 29.75
CA PHE C 331 -7.49 -11.50 28.44
C PHE C 331 -8.35 -10.84 27.38
N ARG C 332 -7.79 -9.90 26.65
CA ARG C 332 -8.55 -9.30 25.52
C ARG C 332 -7.57 -8.68 24.53
N GLU C 333 -7.95 -8.67 23.28
CA GLU C 333 -7.10 -8.06 22.22
C GLU C 333 -7.85 -6.86 21.63
N VAL C 334 -7.15 -5.74 21.52
CA VAL C 334 -7.73 -4.52 20.92
C VAL C 334 -6.90 -4.21 19.66
N ARG C 335 -7.52 -3.99 18.51
CA ARG C 335 -6.80 -3.62 17.30
C ARG C 335 -7.74 -3.02 16.28
N ILE C 336 -7.18 -2.19 15.41
CA ILE C 336 -7.90 -1.61 14.28
C ILE C 336 -7.48 -2.41 13.05
N GLU C 337 -8.44 -3.04 12.39
CA GLU C 337 -8.18 -3.80 11.17
C GLU C 337 -9.18 -3.41 10.09
N ASN C 338 -8.67 -3.06 8.92
CA ASN C 338 -9.49 -2.66 7.77
C ASN C 338 -10.46 -1.54 8.14
N GLY C 339 -10.01 -0.58 8.95
CA GLY C 339 -10.83 0.56 9.30
C GLY C 339 -11.81 0.36 10.42
N LEU C 340 -11.78 -0.78 11.11
CA LEU C 340 -12.72 -1.07 12.19
C LEU C 340 -11.97 -1.35 13.48
N LEU C 341 -12.44 -0.76 14.58
CA LEU C 341 -11.89 -1.07 15.89
C LEU C 341 -12.47 -2.38 16.39
N LEU C 342 -11.60 -3.36 16.65
CA LEU C 342 -12.02 -4.71 17.04
C LEU C 342 -11.61 -5.00 18.47
N LEU C 343 -12.52 -5.65 19.21
CA LEU C 343 -12.21 -6.21 20.53
C LEU C 343 -12.47 -7.71 20.47
N ASN C 344 -11.41 -8.50 20.66
CA ASN C 344 -11.48 -9.96 20.57
C ASN C 344 -12.09 -10.40 19.24
N GLY C 345 -11.67 -9.73 18.15
CA GLY C 345 -12.09 -10.10 16.82
C GLY C 345 -13.43 -9.56 16.37
N LYS C 346 -14.14 -8.79 17.22
CA LYS C 346 -15.47 -8.32 16.86
C LYS C 346 -15.52 -6.79 16.90
N PRO C 347 -16.21 -6.16 15.93
CA PRO C 347 -16.22 -4.69 15.87
C PRO C 347 -17.04 -4.11 17.02
N LEU C 348 -16.45 -3.16 17.73
CA LEU C 348 -17.13 -2.53 18.85
C LEU C 348 -18.15 -1.50 18.39
N LEU C 349 -19.15 -1.26 19.22
CA LEU C 349 -20.05 -0.12 19.10
C LEU C 349 -20.03 0.61 20.44
N ILE C 350 -19.37 1.77 20.47
CA ILE C 350 -19.06 2.46 21.72
C ILE C 350 -20.30 3.21 22.17
N ARG C 351 -20.88 2.79 23.31
CA ARG C 351 -21.96 3.50 23.98
C ARG C 351 -21.32 4.28 25.14
N GLY C 352 -20.67 5.38 24.80
CA GLY C 352 -19.81 6.04 25.76
C GLY C 352 -20.33 7.32 26.38
N VAL C 353 -19.68 7.75 27.46
CA VAL C 353 -19.97 9.03 28.10
C VAL C 353 -18.67 9.58 28.69
N ASN C 354 -18.51 10.90 28.62
CA ASN C 354 -17.41 11.59 29.29
C ASN C 354 -17.74 11.79 30.76
N ARG C 355 -16.77 11.57 31.63
CA ARG C 355 -17.00 11.69 33.08
C ARG C 355 -15.88 12.46 33.73
N HIS C 356 -16.21 13.61 34.31
CA HIS C 356 -15.29 14.32 35.20
C HIS C 356 -15.35 13.74 36.61
N GLU C 357 -14.28 13.93 37.35
CA GLU C 357 -14.24 13.56 38.77
C GLU C 357 -14.80 14.73 39.56
N HIS C 358 -16.09 14.67 39.89
CA HIS C 358 -16.76 15.79 40.52
C HIS C 358 -17.72 15.31 41.60
N HIS C 359 -17.72 16.00 42.73
CA HIS C 359 -18.66 15.77 43.82
C HIS C 359 -19.18 17.11 44.30
N PRO C 360 -20.49 17.27 44.46
CA PRO C 360 -21.04 18.60 44.81
C PRO C 360 -20.60 19.11 46.18
N LEU C 361 -20.18 18.23 47.08
CA LEU C 361 -19.73 18.63 48.41
C LEU C 361 -18.21 18.59 48.56
N HIS C 362 -17.55 17.58 48.02
CA HIS C 362 -16.11 17.41 48.21
C HIS C 362 -15.29 17.89 47.02
N GLY C 363 -15.91 18.60 46.07
CA GLY C 363 -15.19 19.14 44.95
C GLY C 363 -14.70 18.07 44.01
N GLN C 364 -13.39 17.94 43.88
CA GLN C 364 -12.78 16.96 42.98
C GLN C 364 -12.10 15.83 43.75
N VAL C 365 -12.52 15.58 44.98
CA VAL C 365 -12.09 14.44 45.77
C VAL C 365 -13.07 13.30 45.51
N MET C 366 -12.54 12.15 45.08
CA MET C 366 -13.38 11.02 44.70
C MET C 366 -13.35 9.94 45.76
N ASP C 367 -14.44 9.20 45.88
CA ASP C 367 -14.56 8.09 46.82
C ASP C 367 -15.15 6.87 46.12
N GLU C 368 -14.87 5.71 46.71
CA GLU C 368 -15.30 4.45 46.11
C GLU C 368 -16.81 4.38 45.98
N GLN C 369 -17.55 4.90 46.97
CA GLN C 369 -19.00 4.85 46.90
C GLN C 369 -19.55 5.63 45.71
N THR C 370 -19.06 6.87 45.50
CA THR C 370 -19.48 7.63 44.34
C THR C 370 -19.07 6.96 43.04
N MET C 371 -17.87 6.39 42.99
CA MET C 371 -17.44 5.69 41.78
C MET C 371 -18.37 4.51 41.46
N VAL C 372 -18.70 3.69 42.47
CA VAL C 372 -19.57 2.55 42.25
C VAL C 372 -20.97 3.00 41.83
N GLN C 373 -21.49 4.04 42.49
CA GLN C 373 -22.79 4.59 42.11
C GLN C 373 -22.80 4.99 40.64
N ASP C 374 -21.76 5.71 40.20
CA ASP C 374 -21.67 6.13 38.81
C ASP C 374 -21.61 4.93 37.87
N ILE C 375 -20.77 3.93 38.19
CA ILE C 375 -20.63 2.79 37.28
C ILE C 375 -21.94 2.02 37.16
N LEU C 376 -22.61 1.79 38.29
CA LEU C 376 -23.89 1.09 38.24
C LEU C 376 -24.92 1.87 37.44
N LEU C 377 -25.00 3.18 37.65
CA LEU C 377 -25.96 3.99 36.89
C LEU C 377 -25.66 3.94 35.40
N MET C 378 -24.38 4.03 35.03
CA MET C 378 -24.01 3.98 33.61
C MET C 378 -24.41 2.65 32.99
N LYS C 379 -24.07 1.54 33.65
CA LYS C 379 -24.39 0.24 33.07
C LYS C 379 -25.89 0.01 33.02
N GLN C 380 -26.64 0.45 34.03
CA GLN C 380 -28.09 0.34 34.01
C GLN C 380 -28.74 1.15 32.90
N ASN C 381 -28.04 2.14 32.35
CA ASN C 381 -28.54 2.96 31.26
C ASN C 381 -27.84 2.65 29.93
N ASN C 382 -27.33 1.42 29.80
CA ASN C 382 -26.82 0.88 28.54
C ASN C 382 -25.58 1.62 28.02
N PHE C 383 -24.77 2.15 28.94
CA PHE C 383 -23.44 2.63 28.59
C PHE C 383 -22.42 1.50 28.77
N ASN C 384 -21.46 1.43 27.84
CA ASN C 384 -20.40 0.45 27.95
C ASN C 384 -18.99 1.03 27.91
N ALA C 385 -18.85 2.36 27.88
CA ALA C 385 -17.53 2.97 27.79
C ALA C 385 -17.54 4.34 28.46
N VAL C 386 -16.38 4.73 28.98
CA VAL C 386 -16.19 6.01 29.65
C VAL C 386 -14.89 6.63 29.17
N ARG C 387 -14.92 7.93 28.91
CA ARG C 387 -13.72 8.71 28.61
C ARG C 387 -13.33 9.49 29.86
N CYS C 388 -12.07 9.36 30.27
CA CYS C 388 -11.56 10.04 31.47
C CYS C 388 -11.20 11.47 31.11
N SER C 389 -12.23 12.30 30.94
CA SER C 389 -12.07 13.68 30.51
C SER C 389 -11.73 14.57 31.70
N HIS C 390 -10.59 15.25 31.63
CA HIS C 390 -9.55 15.01 30.63
C HIS C 390 -8.22 14.87 31.38
N TYR C 391 -8.00 13.71 31.98
CA TYR C 391 -6.84 13.48 32.84
C TYR C 391 -6.88 12.05 33.37
N PRO C 392 -5.74 11.52 33.83
CA PRO C 392 -5.77 10.22 34.52
C PRO C 392 -6.62 10.31 35.77
N ASN C 393 -7.38 9.25 36.02
CA ASN C 393 -8.32 9.25 37.14
C ASN C 393 -7.67 8.70 38.39
N HIS C 394 -8.42 8.75 39.48
CA HIS C 394 -8.07 8.06 40.71
C HIS C 394 -7.83 6.58 40.41
N PRO C 395 -6.78 5.96 40.96
CA PRO C 395 -6.41 4.60 40.55
C PRO C 395 -7.51 3.57 40.74
N LEU C 396 -8.37 3.72 41.75
CA LEU C 396 -9.44 2.77 41.99
C LEU C 396 -10.46 2.73 40.86
N TRP C 397 -10.55 3.81 40.08
CA TRP C 397 -11.51 3.86 38.98
C TRP C 397 -11.24 2.76 37.96
N TYR C 398 -9.97 2.57 37.59
CA TYR C 398 -9.62 1.54 36.62
C TYR C 398 -9.88 0.14 37.17
N THR C 399 -9.63 -0.08 38.46
CA THR C 399 -9.94 -1.37 39.06
C THR C 399 -11.44 -1.65 39.01
N LEU C 400 -12.26 -0.66 39.36
CA LEU C 400 -13.70 -0.85 39.30
C LEU C 400 -14.19 -1.07 37.88
N CYS C 401 -13.60 -0.38 36.90
CA CYS C 401 -13.97 -0.61 35.51
C CYS C 401 -13.56 -2.01 35.05
N ASP C 402 -12.38 -2.48 35.46
CA ASP C 402 -11.99 -3.86 35.22
C ASP C 402 -13.04 -4.82 35.77
N ARG C 403 -13.49 -4.58 37.00
CA ARG C 403 -14.36 -5.52 37.70
C ARG C 403 -15.78 -5.52 37.14
N TYR C 404 -16.35 -4.35 36.89
CA TYR C 404 -17.74 -4.27 36.47
C TYR C 404 -17.92 -4.38 34.95
N GLY C 405 -16.93 -3.94 34.18
CA GLY C 405 -17.00 -4.04 32.74
C GLY C 405 -17.40 -2.73 32.10
N LEU C 406 -16.40 -1.95 31.70
CA LEU C 406 -16.58 -0.73 30.93
C LEU C 406 -15.27 -0.47 30.21
N TYR C 407 -15.36 -0.17 28.92
CA TYR C 407 -14.18 0.23 28.16
C TYR C 407 -13.78 1.64 28.59
N VAL C 408 -12.48 1.88 28.72
CA VAL C 408 -11.97 3.14 29.24
C VAL C 408 -11.00 3.75 28.25
N VAL C 409 -11.16 5.04 28.00
CA VAL C 409 -10.18 5.84 27.27
C VAL C 409 -9.40 6.64 28.30
N ASP C 410 -8.12 6.32 28.44
CA ASP C 410 -7.25 6.97 29.43
C ASP C 410 -6.58 8.17 28.77
N GLU C 411 -6.73 9.34 29.37
CA GLU C 411 -6.36 10.60 28.73
C GLU C 411 -5.28 11.31 29.52
N ALA C 412 -4.25 11.80 28.82
CA ALA C 412 -3.19 12.55 29.45
C ALA C 412 -3.70 13.91 29.92
N ASN C 413 -3.07 14.43 30.98
CA ASN C 413 -3.46 15.69 31.60
C ASN C 413 -2.80 16.86 30.86
N ILE C 414 -3.25 17.08 29.62
CA ILE C 414 -2.74 18.15 28.76
C ILE C 414 -3.92 18.81 28.07
N GLU C 415 -4.22 20.06 28.44
CA GLU C 415 -5.20 20.86 27.71
C GLU C 415 -4.77 22.31 27.75
N THR C 416 -4.58 22.91 26.57
CA THR C 416 -4.12 24.29 26.44
C THR C 416 -5.13 25.09 25.61
N HIS C 417 -6.42 24.89 25.94
CA HIS C 417 -7.49 25.44 25.12
C HIS C 417 -7.41 26.96 25.01
N GLY C 418 -7.00 27.63 26.08
CA GLY C 418 -7.00 29.09 26.10
C GLY C 418 -5.89 29.76 25.32
N MET C 419 -4.94 29.00 24.79
CA MET C 419 -3.81 29.59 24.09
C MET C 419 -4.23 30.09 22.71
N VAL C 420 -3.50 31.07 22.20
CA VAL C 420 -3.79 31.64 20.89
C VAL C 420 -2.53 31.69 20.03
N PRO C 421 -2.41 30.85 19.00
CA PRO C 421 -3.35 29.78 18.60
C PRO C 421 -3.30 28.63 19.59
N MET C 422 -4.19 27.65 19.45
CA MET C 422 -4.32 26.59 20.45
C MET C 422 -3.07 25.72 20.56
N ASN C 423 -2.20 25.71 19.54
CA ASN C 423 -1.00 24.87 19.57
C ASN C 423 0.27 25.67 19.87
N ARG C 424 0.13 26.87 20.44
CA ARG C 424 1.31 27.70 20.68
C ARG C 424 2.32 26.98 21.57
N LEU C 425 1.86 26.25 22.57
CA LEU C 425 2.75 25.49 23.42
C LEU C 425 3.06 24.09 22.87
N THR C 426 2.05 23.39 22.35
CA THR C 426 2.24 22.03 21.88
C THR C 426 3.10 21.95 20.62
N ASP C 427 3.34 23.06 19.93
CA ASP C 427 4.25 23.09 18.79
C ASP C 427 5.63 23.65 19.18
N ASP C 428 5.86 23.91 20.45
CA ASP C 428 7.11 24.49 20.93
C ASP C 428 7.96 23.39 21.55
N PRO C 429 9.17 23.11 21.03
CA PRO C 429 9.98 22.04 21.62
C PRO C 429 10.35 22.26 23.07
N ARG C 430 10.35 23.51 23.56
CA ARG C 430 10.67 23.77 24.95
C ARG C 430 9.63 23.21 25.92
N TRP C 431 8.40 22.95 25.47
CA TRP C 431 7.36 22.34 26.30
C TRP C 431 7.24 20.83 26.06
N LEU C 432 8.03 20.28 25.14
CA LEU C 432 8.02 18.84 24.92
C LEU C 432 8.35 18.04 26.17
N PRO C 433 9.35 18.39 26.99
CA PRO C 433 9.58 17.60 28.22
C PRO C 433 8.38 17.55 29.15
N ALA C 434 7.76 18.70 29.41
CA ALA C 434 6.60 18.73 30.30
C ALA C 434 5.45 17.90 29.73
N MET C 435 5.20 18.01 28.42
CA MET C 435 4.13 17.19 27.82
C MET C 435 4.47 15.70 27.90
N SER C 436 5.74 15.36 27.64
CA SER C 436 6.15 13.97 27.63
C SER C 436 6.01 13.34 29.00
N GLU C 437 6.33 14.09 30.06
CA GLU C 437 6.13 13.54 31.40
C GLU C 437 4.68 13.16 31.63
N ARG C 438 3.75 14.03 31.25
CA ARG C 438 2.33 13.77 31.46
C ARG C 438 1.84 12.58 30.65
N VAL C 439 2.38 12.34 29.47
CA VAL C 439 1.98 11.15 28.71
C VAL C 439 2.63 9.88 29.27
N THR C 440 3.96 9.90 29.38
CA THR C 440 4.71 8.70 29.72
C THR C 440 4.40 8.20 31.12
N ARG C 441 4.24 9.08 32.11
CA ARG C 441 3.93 8.60 33.45
C ARG C 441 2.53 8.00 33.53
N MET C 442 1.56 8.53 32.76
CA MET C 442 0.25 7.89 32.71
C MET C 442 0.35 6.49 32.12
N VAL C 443 1.06 6.34 31.01
CA VAL C 443 1.18 5.01 30.41
C VAL C 443 1.86 4.05 31.39
N GLN C 444 2.95 4.49 32.01
CA GLN C 444 3.65 3.65 32.98
C GLN C 444 2.76 3.26 34.15
N ARG C 445 1.84 4.13 34.56
CA ARG C 445 0.98 3.79 35.68
C ARG C 445 -0.13 2.83 35.29
N ASP C 446 -0.72 2.99 34.12
CA ASP C 446 -1.99 2.33 33.83
C ASP C 446 -1.93 1.26 32.75
N ARG C 447 -0.75 0.95 32.21
CA ARG C 447 -0.71 0.05 31.06
C ARG C 447 -1.15 -1.38 31.36
N ASN C 448 -1.27 -1.79 32.63
CA ASN C 448 -1.68 -3.15 32.95
C ASN C 448 -3.19 -3.33 33.06
N HIS C 449 -3.97 -2.26 33.03
CA HIS C 449 -5.41 -2.39 33.27
C HIS C 449 -6.12 -2.88 32.00
N PRO C 450 -6.84 -4.00 32.07
CA PRO C 450 -7.59 -4.46 30.89
C PRO C 450 -8.67 -3.50 30.44
N SER C 451 -9.31 -2.76 31.35
CA SER C 451 -10.38 -1.86 30.95
C SER C 451 -9.89 -0.76 30.02
N VAL C 452 -8.65 -0.31 30.18
CA VAL C 452 -8.10 0.72 29.31
C VAL C 452 -7.86 0.09 27.94
N ILE C 453 -8.62 0.53 26.94
CA ILE C 453 -8.45 0.02 25.58
C ILE C 453 -7.88 1.06 24.62
N ILE C 454 -7.92 2.34 24.96
CA ILE C 454 -7.43 3.41 24.09
C ILE C 454 -6.70 4.45 24.94
N TRP C 455 -5.56 4.94 24.44
CA TRP C 455 -4.88 6.09 25.03
C TRP C 455 -5.29 7.36 24.30
N SER C 456 -5.37 8.46 25.05
CA SER C 456 -5.60 9.78 24.46
C SER C 456 -4.47 10.72 24.87
N LEU C 457 -4.05 11.57 23.94
CA LEU C 457 -2.94 12.48 24.15
C LEU C 457 -3.35 13.76 24.88
N GLY C 458 -4.61 13.90 25.23
CA GLY C 458 -5.11 15.09 25.89
C GLY C 458 -6.34 15.62 25.19
N ASN C 459 -6.63 16.89 25.43
CA ASN C 459 -7.84 17.52 24.92
C ASN C 459 -7.56 18.95 24.48
N GLU C 460 -8.07 19.30 23.30
CA GLU C 460 -8.15 20.68 22.83
C GLU C 460 -6.85 21.44 23.05
N SER C 461 -5.78 20.96 22.41
CA SER C 461 -4.49 21.60 22.47
C SER C 461 -3.92 21.89 21.08
N GLY C 462 -4.78 22.01 20.08
CA GLY C 462 -4.32 22.17 18.72
C GLY C 462 -3.57 20.92 18.26
N HIS C 463 -2.75 21.10 17.24
CA HIS C 463 -1.89 20.03 16.73
C HIS C 463 -0.49 20.59 16.56
N GLY C 464 0.46 20.08 17.35
CA GLY C 464 1.85 20.42 17.22
C GLY C 464 2.72 19.17 17.10
N ALA C 465 3.99 19.41 16.79
CA ALA C 465 4.93 18.32 16.61
C ALA C 465 5.09 17.47 17.86
N ASN C 466 4.90 18.07 19.05
CA ASN C 466 4.97 17.29 20.28
C ASN C 466 3.90 16.20 20.31
N HIS C 467 2.70 16.50 19.77
CA HIS C 467 1.67 15.48 19.68
C HIS C 467 2.13 14.30 18.84
N ASP C 468 2.72 14.56 17.68
CA ASP C 468 3.20 13.47 16.82
C ASP C 468 4.28 12.67 17.52
N ALA C 469 5.22 13.36 18.18
CA ALA C 469 6.29 12.66 18.89
C ALA C 469 5.72 11.74 19.97
N LEU C 470 4.78 12.24 20.77
CA LEU C 470 4.24 11.43 21.86
C LEU C 470 3.32 10.32 21.35
N TYR C 471 2.58 10.57 20.27
CA TYR C 471 1.83 9.50 19.62
C TYR C 471 2.76 8.35 19.24
N ARG C 472 3.88 8.68 18.60
CA ARG C 472 4.82 7.63 18.20
C ARG C 472 5.47 6.96 19.40
N TRP C 473 5.76 7.71 20.46
CA TRP C 473 6.31 7.09 21.67
C TRP C 473 5.34 6.05 22.23
N ILE C 474 4.05 6.38 22.30
CA ILE C 474 3.07 5.42 22.80
C ILE C 474 3.00 4.21 21.87
N LYS C 475 2.95 4.46 20.55
CA LYS C 475 2.88 3.34 19.62
C LYS C 475 4.08 2.41 19.76
N SER C 476 5.24 2.95 20.11
CA SER C 476 6.43 2.12 20.30
C SER C 476 6.39 1.36 21.62
N VAL C 477 5.96 2.01 22.70
CA VAL C 477 6.05 1.34 24.01
C VAL C 477 4.89 0.38 24.23
N ASP C 478 3.69 0.72 23.78
CA ASP C 478 2.49 -0.11 24.00
C ASP C 478 1.73 -0.26 22.69
N PRO C 479 2.15 -1.19 21.83
CA PRO C 479 1.41 -1.43 20.58
C PRO C 479 0.05 -2.07 20.78
N SER C 480 -0.31 -2.47 22.01
CA SER C 480 -1.55 -3.21 22.23
C SER C 480 -2.79 -2.33 22.28
N ARG C 481 -2.64 -1.00 22.27
CA ARG C 481 -3.78 -0.10 22.36
C ARG C 481 -3.69 0.98 21.30
N PRO C 482 -4.78 1.29 20.63
CA PRO C 482 -4.79 2.44 19.71
C PRO C 482 -4.59 3.74 20.48
N VAL C 483 -4.14 4.76 19.75
CA VAL C 483 -3.94 6.10 20.28
C VAL C 483 -4.85 7.05 19.52
N GLN C 484 -5.53 7.93 20.25
CA GLN C 484 -6.41 8.91 19.62
C GLN C 484 -6.13 10.30 20.17
N TYR C 485 -6.47 11.31 19.36
CA TYR C 485 -6.34 12.70 19.75
C TYR C 485 -7.19 13.55 18.81
N GLU C 486 -7.95 14.49 19.38
CA GLU C 486 -8.91 15.26 18.61
C GLU C 486 -8.34 16.57 18.07
N GLY C 487 -7.29 17.11 18.70
CA GLY C 487 -6.85 18.45 18.36
C GLY C 487 -6.39 18.56 16.91
N GLY C 488 -6.50 19.77 16.38
CA GLY C 488 -6.07 20.05 15.03
C GLY C 488 -6.99 19.55 13.94
N GLY C 489 -8.26 19.32 14.25
CA GLY C 489 -9.22 18.87 13.26
C GLY C 489 -9.63 17.42 13.33
N ALA C 490 -9.18 16.68 14.34
CA ALA C 490 -9.64 15.35 14.70
C ALA C 490 -9.25 14.26 13.71
N ASP C 491 -8.49 14.57 12.66
CA ASP C 491 -8.04 13.53 11.73
C ASP C 491 -6.56 13.70 11.38
N THR C 492 -5.76 14.18 12.33
CA THR C 492 -4.35 14.45 12.05
C THR C 492 -3.55 13.14 12.08
N THR C 493 -2.24 13.27 11.90
CA THR C 493 -1.32 12.14 11.98
C THR C 493 -1.14 11.62 13.39
N ALA C 494 -1.66 12.32 14.41
CA ALA C 494 -1.47 11.94 15.79
C ALA C 494 -2.63 11.15 16.37
N THR C 495 -3.51 10.61 15.52
CA THR C 495 -4.65 9.83 15.98
C THR C 495 -4.90 8.64 15.07
N ASP C 496 -5.21 7.49 15.68
CA ASP C 496 -5.58 6.29 14.94
C ASP C 496 -7.07 6.24 14.62
N ILE C 497 -7.85 7.14 15.22
CA ILE C 497 -9.30 7.16 15.10
C ILE C 497 -9.72 8.59 14.81
N ILE C 498 -10.61 8.76 13.83
CA ILE C 498 -11.24 10.06 13.64
C ILE C 498 -12.17 10.31 14.82
N CYS C 499 -11.85 11.29 15.65
CA CYS C 499 -12.53 11.49 16.93
C CYS C 499 -12.98 12.93 17.09
N PRO C 500 -13.88 13.41 16.24
CA PRO C 500 -14.30 14.82 16.32
C PRO C 500 -15.19 15.08 17.52
N MET C 501 -15.30 16.37 17.84
CA MET C 501 -16.21 16.75 18.94
C MET C 501 -17.35 17.57 18.35
N TYR C 502 -18.57 17.06 18.50
CA TYR C 502 -19.80 17.74 18.11
C TYR C 502 -19.92 17.89 16.59
N ALA C 503 -19.30 16.98 15.85
CA ALA C 503 -19.62 16.85 14.43
C ALA C 503 -21.05 16.32 14.30
N ARG C 504 -21.79 16.88 13.36
CA ARG C 504 -23.21 16.55 13.23
C ARG C 504 -23.41 15.40 12.24
N VAL C 505 -24.59 14.78 12.31
CA VAL C 505 -24.85 13.56 11.54
C VAL C 505 -24.85 13.87 10.04
N ASP C 506 -25.60 14.88 9.64
CA ASP C 506 -25.81 15.18 8.22
C ASP C 506 -25.30 16.55 7.79
N GLU C 507 -25.19 17.51 8.70
CA GLU C 507 -24.85 18.88 8.37
C GLU C 507 -23.36 19.11 8.49
N ASP C 508 -22.76 19.68 7.45
CA ASP C 508 -21.36 20.07 7.47
C ASP C 508 -21.18 21.41 8.18
N GLN C 509 -20.04 21.56 8.85
CA GLN C 509 -19.67 22.81 9.52
C GLN C 509 -18.26 23.18 9.06
N PRO C 510 -18.14 23.79 7.88
CA PRO C 510 -16.81 23.99 7.27
C PRO C 510 -16.07 25.22 7.82
N PHE C 511 -15.55 25.06 9.03
CA PHE C 511 -14.71 26.10 9.61
C PHE C 511 -13.36 26.15 8.90
N PRO C 512 -12.69 27.30 8.89
CA PRO C 512 -11.36 27.39 8.27
C PRO C 512 -10.34 26.53 8.99
N ALA C 513 -9.73 25.63 8.24
CA ALA C 513 -8.55 24.83 8.62
C ALA C 513 -8.86 23.73 9.64
N VAL C 514 -10.04 23.75 10.24
CA VAL C 514 -10.46 22.68 11.14
C VAL C 514 -11.95 22.43 10.95
N PRO C 515 -12.38 22.02 9.76
CA PRO C 515 -13.82 21.84 9.53
C PRO C 515 -14.36 20.66 10.33
N LYS C 516 -15.64 20.75 10.69
CA LYS C 516 -16.37 19.62 11.26
C LYS C 516 -17.32 19.12 10.19
N TRP C 517 -16.83 18.23 9.34
CA TRP C 517 -17.69 17.60 8.36
C TRP C 517 -18.76 16.76 9.06
N SER C 518 -19.88 16.55 8.38
CA SER C 518 -20.84 15.57 8.85
C SER C 518 -20.14 14.20 8.94
N ILE C 519 -20.51 13.43 9.96
CA ILE C 519 -19.74 12.21 10.24
C ILE C 519 -19.86 11.21 9.09
N LYS C 520 -21.02 11.16 8.42
CA LYS C 520 -21.15 10.28 7.26
C LYS C 520 -20.23 10.70 6.13
N LYS C 521 -20.14 12.00 5.87
CA LYS C 521 -19.25 12.50 4.82
C LYS C 521 -17.79 12.31 5.18
N TRP C 522 -17.45 12.44 6.47
CA TRP C 522 -16.06 12.38 6.90
C TRP C 522 -15.43 11.03 6.55
N LEU C 523 -16.20 9.95 6.73
CA LEU C 523 -15.67 8.61 6.47
C LEU C 523 -15.20 8.45 5.03
N SER C 524 -15.87 9.09 4.08
CA SER C 524 -15.66 8.85 2.66
C SER C 524 -14.74 9.89 2.01
N LEU C 525 -14.11 10.76 2.79
CA LEU C 525 -13.19 11.72 2.20
C LEU C 525 -12.05 10.98 1.50
N PRO C 526 -11.60 11.50 0.35
CA PRO C 526 -10.58 10.77 -0.43
C PRO C 526 -9.36 10.42 0.41
N GLY C 527 -9.02 9.13 0.41
CA GLY C 527 -7.87 8.64 1.13
C GLY C 527 -8.07 8.35 2.60
N GLU C 528 -9.28 8.53 3.13
CA GLU C 528 -9.55 8.30 4.54
C GLU C 528 -10.07 6.88 4.74
N THR C 529 -9.47 6.16 5.70
CA THR C 529 -9.84 4.77 5.97
C THR C 529 -10.10 4.46 7.44
N ARG C 530 -9.80 5.38 8.36
CA ARG C 530 -9.87 5.08 9.78
C ARG C 530 -11.32 5.00 10.27
N PRO C 531 -11.57 4.36 11.41
CA PRO C 531 -12.89 4.43 12.03
C PRO C 531 -13.13 5.82 12.62
N LEU C 532 -14.40 6.11 12.88
CA LEU C 532 -14.82 7.38 13.45
C LEU C 532 -15.57 7.11 14.75
N ILE C 533 -15.05 7.66 15.85
CA ILE C 533 -15.69 7.57 17.16
C ILE C 533 -15.62 8.95 17.78
N LEU C 534 -16.77 9.63 17.88
CA LEU C 534 -16.84 10.97 18.45
C LEU C 534 -16.34 10.95 19.89
N CYS C 535 -15.33 11.78 20.20
CA CYS C 535 -14.89 11.81 21.59
C CYS C 535 -15.84 12.64 22.45
N GLU C 536 -16.63 13.52 21.84
CA GLU C 536 -17.70 14.24 22.52
C GLU C 536 -18.84 14.49 21.54
N TYR C 537 -20.07 14.22 21.96
CA TYR C 537 -21.25 14.52 21.15
C TYR C 537 -22.46 14.59 22.07
N ALA C 538 -23.56 15.14 21.51
CA ALA C 538 -24.84 15.23 22.20
C ALA C 538 -24.69 15.98 23.54
N HIS C 539 -24.33 17.26 23.41
CA HIS C 539 -24.06 18.12 24.57
C HIS C 539 -25.30 18.25 25.45
N ALA C 540 -25.27 17.64 26.64
CA ALA C 540 -26.46 17.51 27.49
C ALA C 540 -26.61 18.66 28.48
N MET C 541 -26.62 19.89 27.98
CA MET C 541 -26.72 21.08 28.82
C MET C 541 -28.20 21.40 29.04
N GLY C 542 -28.70 21.09 30.24
CA GLY C 542 -30.07 21.43 30.58
C GLY C 542 -31.06 20.55 29.84
N ASN C 543 -32.11 21.17 29.30
CA ASN C 543 -33.13 20.46 28.53
C ASN C 543 -32.55 20.24 27.13
N SER C 544 -31.97 19.07 26.91
CA SER C 544 -31.13 18.87 25.72
C SER C 544 -31.25 17.42 25.27
N LEU C 545 -30.29 16.99 24.42
CA LEU C 545 -30.27 15.68 23.76
C LEU C 545 -31.36 15.55 22.68
N GLY C 546 -31.79 16.67 22.11
CA GLY C 546 -32.57 16.60 20.89
C GLY C 546 -31.72 16.09 19.74
N GLY C 547 -32.27 15.16 18.96
CA GLY C 547 -31.55 14.59 17.85
C GLY C 547 -30.65 13.42 18.14
N PHE C 548 -30.71 12.87 19.36
CA PHE C 548 -29.87 11.73 19.73
C PHE C 548 -30.15 10.50 18.86
N ALA C 549 -31.44 10.26 18.57
CA ALA C 549 -31.82 9.14 17.72
C ALA C 549 -31.19 9.19 16.34
N LYS C 550 -30.99 10.38 15.78
CA LYS C 550 -30.31 10.50 14.49
C LYS C 550 -28.90 9.92 14.56
N TYR C 551 -28.14 10.29 15.60
CA TYR C 551 -26.81 9.75 15.80
C TYR C 551 -26.86 8.23 15.87
N TRP C 552 -27.80 7.68 16.64
CA TRP C 552 -27.75 6.22 16.79
C TRP C 552 -28.25 5.48 15.55
N GLN C 553 -29.17 6.06 14.79
CA GLN C 553 -29.49 5.50 13.48
C GLN C 553 -28.26 5.44 12.59
N ALA C 554 -27.50 6.53 12.54
CA ALA C 554 -26.28 6.53 11.74
C ALA C 554 -25.26 5.51 12.26
N PHE C 555 -25.08 5.42 13.58
CA PHE C 555 -24.12 4.48 14.14
C PHE C 555 -24.47 3.06 13.73
N ARG C 556 -25.75 2.72 13.75
CA ARG C 556 -26.12 1.36 13.38
C ARG C 556 -26.04 1.13 11.86
N GLN C 557 -26.28 2.16 11.05
CA GLN C 557 -26.23 1.96 9.61
C GLN C 557 -24.80 1.87 9.07
N TYR C 558 -23.87 2.69 9.59
CA TYR C 558 -22.53 2.73 8.99
C TYR C 558 -21.53 1.90 9.80
N PRO C 559 -20.89 0.89 9.19
CA PRO C 559 -19.93 0.09 9.97
C PRO C 559 -18.80 0.87 10.60
N ARG C 560 -18.24 1.85 9.90
CA ARG C 560 -17.09 2.60 10.43
C ARG C 560 -17.50 3.73 11.37
N LEU C 561 -18.80 3.98 11.55
CA LEU C 561 -19.29 4.83 12.64
C LEU C 561 -19.50 3.92 13.85
N GLN C 562 -18.52 3.89 14.75
CA GLN C 562 -18.53 2.96 15.87
C GLN C 562 -18.88 3.63 17.20
N GLY C 563 -19.69 4.68 17.15
CA GLY C 563 -20.23 5.27 18.36
C GLY C 563 -19.62 6.58 18.79
N GLY C 564 -19.70 6.87 20.10
CA GLY C 564 -19.16 8.12 20.61
C GLY C 564 -19.34 8.21 22.11
N PHE C 565 -18.86 9.32 22.66
CA PHE C 565 -18.91 9.59 24.09
C PHE C 565 -19.76 10.84 24.33
N VAL C 566 -20.91 10.67 24.99
CA VAL C 566 -21.77 11.80 25.31
C VAL C 566 -21.03 12.77 26.23
N TRP C 567 -21.27 14.07 26.03
CA TRP C 567 -20.80 15.09 26.96
C TRP C 567 -21.99 15.68 27.70
N ASP C 568 -22.10 15.41 29.00
CA ASP C 568 -21.26 14.46 29.72
C ASP C 568 -22.08 13.81 30.83
N TRP C 569 -21.41 13.16 31.79
CA TRP C 569 -22.13 12.32 32.74
C TRP C 569 -22.88 13.13 33.79
N VAL C 570 -22.17 13.95 34.57
CA VAL C 570 -22.73 14.57 35.77
C VAL C 570 -22.51 16.07 35.74
N ASP C 571 -23.53 16.82 36.16
CA ASP C 571 -23.41 18.27 36.30
C ASP C 571 -22.30 18.63 37.28
N GLN C 572 -21.51 19.63 36.92
CA GLN C 572 -20.47 20.17 37.83
C GLN C 572 -21.02 21.32 38.67
N SER C 573 -22.12 21.09 39.38
CA SER C 573 -22.66 22.10 40.28
C SER C 573 -22.12 21.87 41.69
N LEU C 574 -22.01 22.97 42.44
CA LEU C 574 -21.55 22.96 43.82
C LEU C 574 -22.66 23.46 44.74
N ILE C 575 -22.60 23.04 46.00
CA ILE C 575 -23.64 23.31 46.98
C ILE C 575 -23.25 24.53 47.81
N LYS C 576 -24.17 25.49 47.92
CA LYS C 576 -24.07 26.63 48.80
C LYS C 576 -25.29 26.68 49.71
N TYR C 577 -25.18 27.43 50.80
CA TYR C 577 -26.23 27.58 51.79
C TYR C 577 -26.61 29.05 51.88
N ASP C 578 -27.93 29.27 51.88
CA ASP C 578 -28.48 30.64 52.01
C ASP C 578 -28.49 31.05 53.49
N GLU C 579 -29.37 31.99 53.85
CA GLU C 579 -29.42 32.52 55.24
C GLU C 579 -30.09 31.54 56.20
N ASN C 580 -30.62 30.42 55.72
CA ASN C 580 -31.36 29.48 56.60
C ASN C 580 -30.71 28.08 56.59
N GLY C 581 -29.46 27.97 56.13
CA GLY C 581 -28.76 26.66 56.12
C GLY C 581 -29.31 25.73 55.06
N ASN C 582 -30.23 26.21 54.23
CA ASN C 582 -30.82 25.43 53.15
C ASN C 582 -29.85 25.34 51.98
N PRO C 583 -29.47 24.14 51.54
CA PRO C 583 -28.53 24.04 50.41
C PRO C 583 -29.19 24.40 49.09
N TRP C 584 -28.36 24.87 48.15
CA TRP C 584 -28.81 25.09 46.78
C TRP C 584 -27.63 24.91 45.83
N SER C 585 -27.94 24.40 44.64
CA SER C 585 -26.92 24.10 43.64
C SER C 585 -26.45 25.39 42.96
N ALA C 586 -25.13 25.56 42.88
CA ALA C 586 -24.52 26.77 42.36
C ALA C 586 -23.66 26.46 41.14
N TYR C 587 -23.56 27.43 40.25
CA TYR C 587 -22.76 27.33 39.04
C TYR C 587 -21.81 28.53 38.95
N GLY C 588 -21.22 28.70 37.76
CA GLY C 588 -20.18 29.72 37.58
C GLY C 588 -20.65 31.10 37.98
N GLY C 589 -19.81 31.82 38.72
CA GLY C 589 -20.09 33.17 39.18
C GLY C 589 -20.71 33.25 40.56
N ASP C 590 -21.18 32.13 41.12
CA ASP C 590 -21.85 32.15 42.40
C ASP C 590 -20.91 32.25 43.59
N PHE C 591 -19.60 32.16 43.36
CA PHE C 591 -18.62 32.27 44.43
C PHE C 591 -17.82 33.57 44.37
N GLY C 592 -18.32 34.57 43.65
CA GLY C 592 -17.56 35.77 43.40
C GLY C 592 -16.49 35.62 42.34
N ASP C 593 -16.36 34.44 41.73
CA ASP C 593 -15.36 34.22 40.71
C ASP C 593 -15.71 35.02 39.46
N THR C 594 -14.72 35.75 38.95
CA THR C 594 -14.91 36.56 37.75
C THR C 594 -13.58 36.78 37.03
N PRO C 595 -13.57 36.68 35.69
CA PRO C 595 -14.68 36.32 34.82
C PRO C 595 -15.05 34.85 34.94
N ASN C 596 -16.29 34.48 34.63
CA ASN C 596 -16.75 33.11 34.77
C ASN C 596 -17.59 32.75 33.55
N ASP C 597 -17.93 31.47 33.45
CA ASP C 597 -18.74 30.98 32.34
C ASP C 597 -20.07 30.40 32.82
N ARG C 598 -20.66 31.05 33.84
CA ARG C 598 -21.99 30.77 34.37
C ARG C 598 -22.38 29.29 34.35
N GLN C 599 -23.50 28.95 33.73
CA GLN C 599 -24.08 27.62 33.83
C GLN C 599 -23.52 26.62 32.81
N PHE C 600 -22.43 26.96 32.13
CA PHE C 600 -21.83 26.00 31.20
C PHE C 600 -21.09 24.88 31.90
N CYS C 601 -20.97 24.92 33.22
CA CYS C 601 -20.38 23.81 33.95
C CYS C 601 -21.35 22.64 34.14
N MET C 602 -22.63 22.83 33.87
CA MET C 602 -23.64 21.79 34.07
C MET C 602 -24.07 21.26 32.70
N ASN C 603 -23.44 20.16 32.27
CA ASN C 603 -23.75 19.54 30.99
C ASN C 603 -24.10 18.06 31.15
N GLY C 604 -24.48 17.62 32.34
CA GLY C 604 -24.56 16.21 32.64
C GLY C 604 -25.89 15.56 32.32
N LEU C 605 -25.86 14.24 32.19
CA LEU C 605 -27.07 13.43 32.12
C LEU C 605 -27.71 13.23 33.48
N VAL C 606 -26.94 13.39 34.57
CA VAL C 606 -27.47 13.29 35.92
C VAL C 606 -27.11 14.56 36.67
N PHE C 607 -27.94 14.89 37.66
CA PHE C 607 -27.63 15.99 38.57
C PHE C 607 -26.37 15.66 39.38
N ALA C 608 -25.84 16.67 40.07
CA ALA C 608 -24.64 16.48 40.87
C ALA C 608 -24.82 15.44 41.98
N ASP C 609 -26.05 15.29 42.50
CA ASP C 609 -26.34 14.24 43.47
C ASP C 609 -26.68 12.92 42.80
N ARG C 610 -26.42 12.81 41.49
CA ARG C 610 -26.59 11.58 40.71
C ARG C 610 -28.06 11.19 40.50
N THR C 611 -28.97 12.14 40.72
CA THR C 611 -30.33 11.87 40.24
C THR C 611 -30.43 12.17 38.74
N PRO C 612 -31.18 11.38 37.97
CA PRO C 612 -31.13 11.49 36.52
C PRO C 612 -31.89 12.69 35.98
N HIS C 613 -31.37 13.24 34.89
CA HIS C 613 -32.15 14.13 34.04
C HIS C 613 -33.05 13.30 33.12
N PRO C 614 -34.12 13.91 32.58
CA PRO C 614 -34.98 13.17 31.64
C PRO C 614 -34.25 12.65 30.40
N ALA C 615 -33.19 13.31 29.94
CA ALA C 615 -32.48 12.86 28.73
C ALA C 615 -31.81 11.50 28.91
N LEU C 616 -31.56 11.09 30.15
CA LEU C 616 -30.91 9.80 30.40
C LEU C 616 -31.76 8.65 29.87
N THR C 617 -33.09 8.74 29.99
CA THR C 617 -33.96 7.70 29.45
C THR C 617 -33.86 7.62 27.93
N GLU C 618 -33.79 8.78 27.25
CA GLU C 618 -33.60 8.76 25.80
C GLU C 618 -32.29 8.07 25.43
N ALA C 619 -31.21 8.40 26.15
CA ALA C 619 -29.94 7.75 25.90
C ALA C 619 -30.04 6.23 26.12
N LYS C 620 -30.69 5.83 27.22
CA LYS C 620 -30.83 4.41 27.52
C LYS C 620 -31.58 3.67 26.42
N HIS C 621 -32.68 4.27 25.94
CA HIS C 621 -33.46 3.62 24.90
C HIS C 621 -32.68 3.52 23.59
N GLN C 622 -32.02 4.61 23.19
CA GLN C 622 -31.28 4.56 21.93
C GLN C 622 -30.07 3.62 22.00
N GLN C 623 -29.50 3.43 23.19
CA GLN C 623 -28.29 2.63 23.35
C GLN C 623 -28.59 1.17 23.67
N GLN C 624 -29.86 0.77 23.69
CA GLN C 624 -30.21 -0.57 24.15
C GLN C 624 -29.63 -1.64 23.23
N PHE C 625 -29.33 -2.80 23.82
CA PHE C 625 -28.61 -3.87 23.14
C PHE C 625 -29.52 -4.82 22.38
N PHE C 626 -30.83 -4.57 22.40
CA PHE C 626 -31.79 -5.37 21.64
C PHE C 626 -32.58 -4.45 20.72
N GLN C 627 -32.61 -4.78 19.44
CA GLN C 627 -33.37 -4.04 18.45
C GLN C 627 -34.54 -4.88 17.98
N PHE C 628 -35.64 -4.21 17.61
CA PHE C 628 -36.91 -4.87 17.37
C PHE C 628 -37.49 -4.45 16.02
N ARG C 629 -38.18 -5.40 15.39
CA ARG C 629 -38.91 -5.14 14.15
C ARG C 629 -40.20 -5.94 14.18
N LEU C 630 -41.29 -5.33 13.72
CA LEU C 630 -42.60 -5.97 13.72
C LEU C 630 -43.05 -6.20 12.28
N SER C 631 -43.54 -7.42 12.01
CA SER C 631 -44.07 -7.78 10.70
C SER C 631 -45.31 -8.64 10.94
N GLY C 632 -46.48 -8.02 10.87
CA GLY C 632 -47.71 -8.73 11.17
C GLY C 632 -47.81 -9.14 12.63
N GLN C 633 -47.74 -10.44 12.90
CA GLN C 633 -47.90 -10.92 14.31
C GLN C 633 -46.55 -11.36 14.90
N THR C 634 -45.47 -11.28 14.13
CA THR C 634 -44.18 -11.79 14.61
C THR C 634 -43.27 -10.63 14.98
N ILE C 635 -42.52 -10.80 16.06
CA ILE C 635 -41.54 -9.83 16.53
C ILE C 635 -40.15 -10.38 16.25
N GLU C 636 -39.34 -9.61 15.53
CA GLU C 636 -37.96 -9.98 15.25
C GLU C 636 -37.04 -9.25 16.22
N VAL C 637 -36.39 -10.02 17.09
CA VAL C 637 -35.49 -9.49 18.11
C VAL C 637 -34.06 -9.72 17.63
N THR C 638 -33.30 -8.65 17.46
CA THR C 638 -31.91 -8.71 17.05
C THR C 638 -31.02 -8.34 18.24
N SER C 639 -30.03 -9.20 18.52
CA SER C 639 -29.11 -8.94 19.61
C SER C 639 -27.91 -8.13 19.14
N GLU C 640 -27.56 -7.11 19.91
CA GLU C 640 -26.36 -6.32 19.62
C GLU C 640 -25.22 -6.64 20.57
N TYR C 641 -25.35 -7.71 21.36
CA TYR C 641 -24.22 -8.21 22.12
C TYR C 641 -23.24 -8.93 21.19
N LEU C 642 -21.95 -8.81 21.48
CA LEU C 642 -20.94 -9.41 20.63
C LEU C 642 -20.42 -10.73 21.18
N PHE C 643 -20.59 -10.99 22.47
CA PHE C 643 -19.93 -12.13 23.10
C PHE C 643 -20.88 -13.01 23.91
N ARG C 644 -21.92 -12.43 24.49
CA ARG C 644 -22.77 -13.18 25.42
C ARG C 644 -24.11 -13.55 24.79
N HIS C 645 -24.62 -14.71 25.19
CA HIS C 645 -25.98 -15.14 24.89
C HIS C 645 -26.96 -14.45 25.83
N SER C 646 -28.23 -14.41 25.41
CA SER C 646 -29.27 -13.75 26.21
C SER C 646 -29.77 -14.71 27.28
N ASP C 647 -28.91 -14.98 28.25
CA ASP C 647 -29.18 -15.95 29.30
C ASP C 647 -29.83 -15.36 30.54
N ASN C 648 -30.13 -14.06 30.53
CA ASN C 648 -30.78 -13.39 31.67
C ASN C 648 -31.82 -12.40 31.16
N GLU C 649 -32.62 -12.81 30.17
CA GLU C 649 -33.55 -11.89 29.53
C GLU C 649 -34.88 -12.57 29.29
N LEU C 650 -35.96 -11.90 29.68
CA LEU C 650 -37.32 -12.35 29.43
C LEU C 650 -38.10 -11.22 28.75
N LEU C 651 -38.79 -11.56 27.66
CA LEU C 651 -39.51 -10.58 26.87
C LEU C 651 -40.97 -10.56 27.32
N HIS C 652 -41.43 -9.36 27.70
CA HIS C 652 -42.86 -9.18 28.08
C HIS C 652 -43.53 -8.28 27.04
N TRP C 653 -44.68 -8.69 26.51
CA TRP C 653 -45.44 -7.90 25.55
C TRP C 653 -46.81 -7.58 26.14
N MET C 654 -47.36 -6.45 25.73
CA MET C 654 -48.68 -6.03 26.20
C MET C 654 -49.40 -5.29 25.09
N VAL C 655 -50.69 -5.57 24.95
CA VAL C 655 -51.54 -4.90 23.97
C VAL C 655 -52.61 -4.12 24.71
N ALA C 656 -52.73 -2.84 24.39
CA ALA C 656 -53.66 -1.95 25.06
C ALA C 656 -54.44 -1.13 24.03
N LEU C 657 -55.69 -0.83 24.36
CA LEU C 657 -56.55 0.00 23.52
C LEU C 657 -56.74 1.34 24.23
N ASP C 658 -56.06 2.37 23.72
CA ASP C 658 -56.11 3.71 24.30
C ASP C 658 -55.85 3.67 25.81
N GLY C 659 -54.85 2.86 26.20
CA GLY C 659 -54.41 2.80 27.57
C GLY C 659 -54.94 1.63 28.39
N LYS C 660 -56.06 1.00 27.97
CA LYS C 660 -56.51 -0.10 28.82
C LYS C 660 -56.01 -1.43 28.30
N PRO C 661 -55.34 -2.22 29.14
CA PRO C 661 -54.78 -3.49 28.68
C PRO C 661 -55.84 -4.45 28.17
N LEU C 662 -55.49 -5.18 27.10
CA LEU C 662 -56.36 -6.21 26.54
C LEU C 662 -55.72 -7.58 26.56
N ALA C 663 -54.41 -7.67 26.35
CA ALA C 663 -53.71 -8.94 26.38
C ALA C 663 -52.26 -8.70 26.75
N SER C 664 -51.62 -9.75 27.29
CA SER C 664 -50.23 -9.68 27.69
C SER C 664 -49.65 -11.08 27.75
N GLY C 665 -48.33 -11.16 27.82
CA GLY C 665 -47.66 -12.45 27.88
C GLY C 665 -46.17 -12.26 28.08
N GLU C 666 -45.49 -13.39 28.25
CA GLU C 666 -44.05 -13.43 28.49
C GLU C 666 -43.43 -14.51 27.64
N VAL C 667 -42.29 -14.19 27.01
CA VAL C 667 -41.54 -15.15 26.22
C VAL C 667 -40.07 -15.04 26.59
N PRO C 668 -39.43 -16.12 27.04
CA PRO C 668 -37.99 -16.06 27.33
C PRO C 668 -37.19 -15.75 26.08
N LEU C 669 -36.13 -14.96 26.24
CA LEU C 669 -35.25 -14.60 25.15
C LEU C 669 -34.10 -15.60 25.06
N ASP C 670 -33.91 -16.18 23.88
CA ASP C 670 -32.78 -17.07 23.60
C ASP C 670 -32.25 -16.66 22.23
N VAL C 671 -31.33 -15.70 22.23
CA VAL C 671 -30.74 -15.18 21.00
C VAL C 671 -29.22 -15.14 21.16
N ALA C 672 -28.52 -15.64 20.15
CA ALA C 672 -27.07 -15.67 20.16
C ALA C 672 -26.51 -14.26 19.91
N PRO C 673 -25.24 -14.04 20.26
CA PRO C 673 -24.62 -12.74 19.95
C PRO C 673 -24.75 -12.40 18.48
N GLN C 674 -25.24 -11.19 18.21
CA GLN C 674 -25.49 -10.69 16.85
C GLN C 674 -26.47 -11.59 16.09
N GLY C 675 -27.28 -12.36 16.79
CA GLY C 675 -28.28 -13.22 16.17
C GLY C 675 -29.67 -12.61 16.17
N LYS C 676 -30.63 -13.42 15.75
CA LYS C 676 -32.03 -13.01 15.67
C LYS C 676 -32.91 -14.08 16.28
N GLN C 677 -34.07 -13.65 16.78
CA GLN C 677 -35.09 -14.56 17.31
C GLN C 677 -36.46 -14.05 16.88
N LEU C 678 -37.24 -14.92 16.23
CA LEU C 678 -38.60 -14.57 15.83
C LEU C 678 -39.58 -15.02 16.90
N ILE C 679 -40.42 -14.09 17.34
CA ILE C 679 -41.38 -14.34 18.42
C ILE C 679 -42.77 -14.20 17.82
N GLU C 680 -43.51 -15.31 17.77
CA GLU C 680 -44.85 -15.30 17.21
C GLU C 680 -45.86 -14.99 18.32
N LEU C 681 -46.54 -13.86 18.21
CA LEU C 681 -47.56 -13.51 19.17
C LEU C 681 -48.83 -14.34 18.94
N PRO C 682 -49.58 -14.63 20.00
CA PRO C 682 -50.86 -15.32 19.82
C PRO C 682 -51.85 -14.48 19.05
N GLU C 683 -53.05 -15.00 18.80
CA GLU C 683 -54.07 -14.24 18.08
C GLU C 683 -54.47 -13.04 18.93
N LEU C 684 -53.97 -11.87 18.54
CA LEU C 684 -54.16 -10.68 19.35
C LEU C 684 -55.62 -10.23 19.33
N PRO C 685 -56.08 -9.56 20.38
CA PRO C 685 -57.48 -9.11 20.42
C PRO C 685 -57.78 -8.12 19.31
N GLN C 686 -59.02 -8.18 18.83
CA GLN C 686 -59.52 -7.30 17.78
C GLN C 686 -60.81 -6.67 18.27
N PRO C 687 -60.73 -5.69 19.18
CA PRO C 687 -61.94 -5.06 19.71
C PRO C 687 -62.62 -4.19 18.65
N GLU C 688 -63.96 -4.26 18.63
CA GLU C 688 -64.73 -3.41 17.74
C GLU C 688 -64.89 -1.99 18.27
N SER C 689 -64.53 -1.75 19.53
CA SER C 689 -64.60 -0.41 20.09
C SER C 689 -63.59 0.51 19.40
N ALA C 690 -63.94 1.80 19.36
CA ALA C 690 -63.07 2.79 18.73
C ALA C 690 -61.77 2.95 19.52
N GLY C 691 -60.71 3.26 18.79
CA GLY C 691 -59.43 3.54 19.43
C GLY C 691 -58.24 2.89 18.75
N GLN C 692 -57.04 3.30 19.16
CA GLN C 692 -55.81 2.77 18.59
C GLN C 692 -55.25 1.65 19.46
N LEU C 693 -54.97 0.51 18.85
CA LEU C 693 -54.33 -0.60 19.53
C LEU C 693 -52.82 -0.39 19.52
N TRP C 694 -52.20 -0.53 20.69
CA TRP C 694 -50.77 -0.35 20.85
C TRP C 694 -50.14 -1.62 21.39
N LEU C 695 -49.04 -2.05 20.78
CA LEU C 695 -48.24 -3.16 21.27
C LEU C 695 -46.96 -2.63 21.90
N THR C 696 -46.70 -3.02 23.15
CA THR C 696 -45.51 -2.61 23.87
C THR C 696 -44.73 -3.86 24.30
N VAL C 697 -43.45 -3.90 23.99
CA VAL C 697 -42.57 -4.97 24.44
C VAL C 697 -41.49 -4.38 25.35
N ARG C 698 -41.09 -5.14 26.36
CA ARG C 698 -40.00 -4.77 27.25
C ARG C 698 -39.17 -6.00 27.58
N VAL C 699 -37.86 -5.83 27.58
CA VAL C 699 -36.92 -6.89 27.96
C VAL C 699 -36.62 -6.72 29.45
N VAL C 700 -36.80 -7.80 30.21
CA VAL C 700 -36.63 -7.80 31.66
C VAL C 700 -35.54 -8.79 32.02
N GLN C 701 -34.66 -8.39 32.93
CA GLN C 701 -33.64 -9.29 33.46
C GLN C 701 -34.15 -9.92 34.75
N PRO C 702 -34.59 -11.18 34.73
CA PRO C 702 -35.17 -11.78 35.95
C PRO C 702 -34.19 -11.86 37.11
N ASN C 703 -32.90 -12.02 36.84
CA ASN C 703 -31.91 -12.23 37.89
C ASN C 703 -31.05 -10.99 38.07
N ALA C 704 -30.74 -10.69 39.33
CA ALA C 704 -29.84 -9.60 39.63
C ALA C 704 -28.45 -9.88 39.11
N THR C 705 -27.72 -8.82 38.80
CA THR C 705 -26.32 -8.91 38.38
C THR C 705 -25.47 -8.16 39.40
N ALA C 706 -24.18 -8.05 39.10
CA ALA C 706 -23.32 -7.20 39.92
C ALA C 706 -23.69 -5.73 39.80
N TRP C 707 -24.40 -5.34 38.75
CA TRP C 707 -24.68 -3.94 38.46
C TRP C 707 -26.16 -3.62 38.35
N SER C 708 -27.05 -4.58 38.58
CA SER C 708 -28.48 -4.32 38.43
C SER C 708 -29.27 -5.22 39.35
N GLU C 709 -30.48 -4.78 39.67
CA GLU C 709 -31.39 -5.54 40.52
C GLU C 709 -32.25 -6.48 39.67
N ALA C 710 -32.87 -7.44 40.36
CA ALA C 710 -33.78 -8.36 39.67
C ALA C 710 -34.98 -7.61 39.12
N GLY C 711 -35.39 -7.98 37.92
CA GLY C 711 -36.47 -7.30 37.25
C GLY C 711 -36.08 -6.04 36.50
N HIS C 712 -34.78 -5.77 36.36
CA HIS C 712 -34.33 -4.57 35.68
C HIS C 712 -34.74 -4.60 34.21
N ILE C 713 -35.28 -3.50 33.71
CA ILE C 713 -35.67 -3.37 32.31
C ILE C 713 -34.47 -2.83 31.54
N SER C 714 -34.10 -3.52 30.46
CA SER C 714 -32.95 -3.13 29.66
C SER C 714 -33.29 -2.61 28.27
N ALA C 715 -34.48 -2.90 27.75
CA ALA C 715 -34.85 -2.45 26.43
C ALA C 715 -36.36 -2.51 26.28
N TRP C 716 -36.89 -1.73 25.33
CA TRP C 716 -38.32 -1.70 25.08
C TRP C 716 -38.58 -1.07 23.71
N GLN C 717 -39.80 -1.28 23.22
CA GLN C 717 -40.23 -0.77 21.92
C GLN C 717 -41.75 -0.81 21.86
N GLN C 718 -42.33 0.10 21.08
CA GLN C 718 -43.77 0.21 20.92
C GLN C 718 -44.14 0.31 19.45
N TRP C 719 -45.29 -0.25 19.09
CA TRP C 719 -45.83 -0.15 17.74
C TRP C 719 -47.32 0.11 17.78
N ARG C 720 -47.84 0.74 16.73
CA ARG C 720 -49.27 0.85 16.53
C ARG C 720 -49.79 -0.37 15.77
N LEU C 721 -50.78 -1.03 16.35
CA LEU C 721 -51.52 -2.09 15.68
C LEU C 721 -52.76 -1.47 15.01
N ALA C 722 -53.74 -2.29 14.66
CA ALA C 722 -54.93 -1.82 13.97
C ALA C 722 -55.64 -0.72 14.77
N GLU C 723 -56.29 0.19 14.02
CA GLU C 723 -57.07 1.28 14.60
C GLU C 723 -58.49 1.22 14.08
N ASN C 724 -59.45 1.51 14.95
CA ASN C 724 -60.86 1.63 14.59
C ASN C 724 -61.30 3.06 14.82
N LEU C 725 -61.56 3.79 13.74
CA LEU C 725 -62.00 5.17 13.85
C LEU C 725 -63.42 5.23 14.41
N SER C 726 -63.68 6.24 15.23
CA SER C 726 -64.99 6.40 15.86
C SER C 726 -65.93 7.08 14.90
N VAL C 727 -67.05 6.42 14.58
CA VAL C 727 -68.09 7.00 13.74
C VAL C 727 -69.41 7.18 14.49
N THR C 728 -69.38 7.07 15.83
CA THR C 728 -70.60 7.22 16.62
C THR C 728 -70.93 8.69 16.80
N LEU C 729 -72.17 9.06 16.48
CA LEU C 729 -72.61 10.43 16.65
C LEU C 729 -72.69 10.78 18.13
N PRO C 730 -72.38 12.02 18.49
CA PRO C 730 -72.49 12.44 19.90
C PRO C 730 -73.93 12.41 20.38
N ALA C 731 -74.09 12.16 21.67
CA ALA C 731 -75.42 12.10 22.28
C ALA C 731 -76.11 13.45 22.15
N ALA C 732 -77.23 13.48 21.44
CA ALA C 732 -77.97 14.73 21.22
C ALA C 732 -78.71 15.16 22.48
N SER C 733 -78.08 16.01 23.28
CA SER C 733 -78.73 16.52 24.47
C SER C 733 -79.83 17.51 24.11
N HIS C 734 -80.79 17.66 25.02
CA HIS C 734 -81.92 18.55 24.80
C HIS C 734 -81.70 19.96 25.32
N ALA C 735 -80.76 20.15 26.24
CA ALA C 735 -80.47 21.48 26.75
C ALA C 735 -79.73 22.31 25.71
N ILE C 736 -79.99 23.61 25.73
CA ILE C 736 -79.38 24.56 24.81
C ILE C 736 -78.65 25.63 25.60
N PRO C 737 -77.36 25.86 25.36
CA PRO C 737 -76.67 26.95 26.06
C PRO C 737 -77.28 28.31 25.72
N HIS C 738 -77.35 29.17 26.71
CA HIS C 738 -78.00 30.47 26.58
C HIS C 738 -76.94 31.56 26.48
N LEU C 739 -77.06 32.40 25.46
CA LEU C 739 -76.13 33.49 25.23
C LEU C 739 -76.70 34.80 25.75
N THR C 740 -75.95 35.48 26.61
CA THR C 740 -76.28 36.82 27.08
C THR C 740 -75.21 37.78 26.57
N THR C 741 -75.65 38.84 25.89
CA THR C 741 -74.74 39.78 25.25
C THR C 741 -74.82 41.13 25.96
N SER C 742 -73.71 41.53 26.56
CA SER C 742 -73.53 42.87 27.08
C SER C 742 -72.47 43.57 26.25
N GLU C 743 -72.29 44.87 26.46
CA GLU C 743 -71.28 45.61 25.72
C GLU C 743 -69.86 45.30 26.20
N MET C 744 -69.72 44.59 27.31
CA MET C 744 -68.42 44.19 27.82
C MET C 744 -68.04 42.77 27.41
N ASP C 745 -69.03 41.89 27.44
CA ASP C 745 -68.69 40.48 27.20
C ASP C 745 -69.86 39.61 26.76
N PHE C 746 -69.54 38.45 26.22
CA PHE C 746 -70.53 37.43 25.92
C PHE C 746 -70.55 36.42 27.06
N CYS C 747 -71.73 36.11 27.57
CA CYS C 747 -71.88 35.17 28.68
C CYS C 747 -72.72 33.98 28.22
N ILE C 748 -72.14 32.79 28.28
CA ILE C 748 -72.82 31.56 27.91
C ILE C 748 -73.04 30.75 29.18
N GLU C 749 -74.28 30.33 29.40
CA GLU C 749 -74.65 29.58 30.59
C GLU C 749 -75.36 28.29 30.20
N LEU C 750 -74.98 27.20 30.87
CA LEU C 750 -75.62 25.90 30.66
C LEU C 750 -75.60 25.17 32.00
N GLY C 751 -76.77 25.03 32.61
CA GLY C 751 -76.82 24.43 33.94
C GLY C 751 -76.03 25.26 34.93
N ASN C 752 -75.14 24.59 35.68
CA ASN C 752 -74.30 25.30 36.64
C ASN C 752 -73.02 25.85 36.01
N LYS C 753 -72.80 25.63 34.72
CA LYS C 753 -71.59 26.10 34.07
C LYS C 753 -71.83 27.45 33.41
N ARG C 754 -70.78 28.27 33.37
CA ARG C 754 -70.83 29.58 32.74
C ARG C 754 -69.48 29.86 32.07
N TRP C 755 -69.54 30.50 30.90
CA TRP C 755 -68.35 30.93 30.19
C TRP C 755 -68.47 32.42 29.89
N GLN C 756 -67.37 33.16 30.05
CA GLN C 756 -67.34 34.59 29.78
C GLN C 756 -66.23 34.90 28.78
N PHE C 757 -66.59 35.55 27.68
CA PHE C 757 -65.64 36.02 26.68
C PHE C 757 -65.61 37.53 26.71
N ASN C 758 -64.46 38.10 27.10
CA ASN C 758 -64.31 39.55 27.11
C ASN C 758 -64.33 40.07 25.67
N ARG C 759 -65.20 41.03 25.40
CA ARG C 759 -65.36 41.56 24.05
C ARG C 759 -64.31 42.61 23.68
N GLN C 760 -63.60 43.15 24.66
CA GLN C 760 -62.52 44.10 24.35
C GLN C 760 -61.19 43.40 24.14
N SER C 761 -60.97 42.26 24.77
CA SER C 761 -59.75 41.49 24.58
C SER C 761 -59.92 40.36 23.58
N GLY C 762 -61.11 39.79 23.48
CA GLY C 762 -61.38 38.71 22.56
C GLY C 762 -61.04 37.33 23.08
N PHE C 763 -60.78 37.17 24.37
CA PHE C 763 -60.39 35.89 24.94
C PHE C 763 -61.42 35.45 26.00
N LEU C 764 -61.48 34.14 26.19
CA LEU C 764 -62.23 33.56 27.30
C LEU C 764 -61.60 34.03 28.61
N SER C 765 -62.33 34.85 29.36
CA SER C 765 -61.76 35.52 30.53
C SER C 765 -62.07 34.83 31.84
N GLN C 766 -63.15 34.03 31.89
CA GLN C 766 -63.51 33.36 33.14
C GLN C 766 -64.44 32.20 32.82
N MET C 767 -64.42 31.20 33.70
CA MET C 767 -65.28 30.03 33.60
C MET C 767 -65.74 29.66 35.00
N TRP C 768 -67.03 29.35 35.14
CA TRP C 768 -67.64 29.05 36.42
C TRP C 768 -68.16 27.62 36.45
N ILE C 769 -67.88 26.93 37.55
CA ILE C 769 -68.55 25.70 37.90
C ILE C 769 -69.30 25.97 39.20
N GLY C 770 -70.62 26.14 39.11
CA GLY C 770 -71.37 26.65 40.23
C GLY C 770 -71.08 28.12 40.45
N ASP C 771 -70.55 28.47 41.62
CA ASP C 771 -70.13 29.83 41.91
C ASP C 771 -68.62 29.99 42.00
N LYS C 772 -67.90 28.93 41.65
CA LYS C 772 -66.42 28.96 41.78
C LYS C 772 -65.75 29.36 40.46
N LYS C 773 -64.95 30.42 40.48
CA LYS C 773 -64.18 30.80 39.31
C LYS C 773 -63.10 29.75 39.05
N GLN C 774 -62.88 29.42 37.78
CA GLN C 774 -61.90 28.42 37.40
C GLN C 774 -60.61 29.01 36.86
N LEU C 775 -60.60 30.26 36.43
CA LEU C 775 -59.44 30.86 35.79
C LEU C 775 -58.94 32.06 36.59
N LEU C 776 -57.61 32.14 36.72
CA LEU C 776 -56.95 33.32 37.28
C LEU C 776 -56.41 34.25 36.21
N THR C 777 -56.16 33.74 35.01
CA THR C 777 -55.67 34.49 33.86
C THR C 777 -56.44 34.00 32.65
N PRO C 778 -56.80 34.89 31.72
CA PRO C 778 -57.58 34.46 30.56
C PRO C 778 -56.80 33.50 29.67
N LEU C 779 -57.55 32.75 28.87
CA LEU C 779 -56.99 31.79 27.92
C LEU C 779 -56.53 32.56 26.68
N ARG C 780 -55.22 32.57 26.43
CA ARG C 780 -54.62 33.37 25.38
C ARG C 780 -53.61 32.55 24.58
N ASP C 781 -53.40 32.95 23.34
CA ASP C 781 -52.37 32.31 22.52
C ASP C 781 -50.99 32.58 23.10
N GLN C 782 -50.11 31.59 22.95
CA GLN C 782 -48.72 31.73 23.33
C GLN C 782 -47.84 31.23 22.20
N PHE C 783 -46.81 32.01 21.86
CA PHE C 783 -45.90 31.66 20.78
C PHE C 783 -44.46 31.54 21.24
N THR C 784 -44.18 31.76 22.52
CA THR C 784 -42.83 31.77 23.05
C THR C 784 -42.69 30.74 24.16
N ARG C 785 -41.44 30.43 24.50
CA ARG C 785 -41.11 29.61 25.66
C ARG C 785 -39.96 30.25 26.41
N ALA C 786 -39.89 29.96 27.70
CA ALA C 786 -38.73 30.36 28.48
C ALA C 786 -37.50 29.70 27.86
N PRO C 787 -36.49 30.48 27.45
CA PRO C 787 -35.46 29.93 26.56
C PRO C 787 -34.62 28.84 27.24
N LEU C 788 -34.33 27.80 26.47
CA LEU C 788 -33.45 26.74 26.95
C LEU C 788 -31.99 27.20 26.87
N ASP C 789 -31.12 26.42 27.53
CA ASP C 789 -29.70 26.66 27.37
C ASP C 789 -29.29 26.55 25.89
N ASN C 790 -29.89 25.63 25.14
CA ASN C 790 -29.61 25.53 23.72
C ASN C 790 -30.16 26.73 22.95
N ASP C 791 -31.28 27.29 23.39
CA ASP C 791 -31.78 28.52 22.78
C ASP C 791 -30.83 29.70 23.04
N ILE C 792 -30.21 29.73 24.22
CA ILE C 792 -29.42 30.89 24.61
C ILE C 792 -28.01 30.81 24.03
N GLY C 793 -27.39 29.64 24.07
CA GLY C 793 -26.02 29.52 23.58
C GLY C 793 -25.06 30.32 24.46
N VAL C 794 -24.13 31.00 23.80
CA VAL C 794 -23.13 31.81 24.50
C VAL C 794 -23.58 33.26 24.66
N SER C 795 -24.79 33.59 24.24
CA SER C 795 -25.27 34.95 24.29
C SER C 795 -25.45 35.41 25.73
N GLU C 796 -25.12 36.68 25.98
CA GLU C 796 -25.33 37.30 27.27
C GLU C 796 -25.48 38.81 27.05
N ALA C 797 -25.87 39.51 28.11
CA ALA C 797 -26.14 40.95 27.98
C ALA C 797 -24.89 41.73 27.56
N THR C 798 -23.71 41.26 27.93
CA THR C 798 -22.48 41.96 27.57
C THR C 798 -22.07 41.64 26.13
N ARG C 799 -22.14 40.37 25.74
CA ARG C 799 -21.79 39.92 24.39
C ARG C 799 -23.00 39.25 23.78
N ILE C 800 -23.76 39.98 22.98
CA ILE C 800 -24.93 39.44 22.31
C ILE C 800 -24.50 38.59 21.14
N ASP C 801 -25.04 37.37 21.05
CA ASP C 801 -24.85 36.54 19.88
C ASP C 801 -26.09 36.65 19.00
N PRO C 802 -26.03 37.39 17.88
CA PRO C 802 -27.24 37.60 17.07
C PRO C 802 -27.81 36.33 16.47
N ASN C 803 -27.02 35.27 16.32
CA ASN C 803 -27.50 34.05 15.69
C ASN C 803 -28.27 33.14 16.64
N ALA C 804 -28.17 33.37 17.95
CA ALA C 804 -28.87 32.52 18.90
C ALA C 804 -30.37 32.68 18.74
N TRP C 805 -31.10 31.59 18.99
CA TRP C 805 -32.55 31.61 18.85
C TRP C 805 -33.20 32.63 19.77
N VAL C 806 -32.74 32.72 21.02
CA VAL C 806 -33.35 33.67 21.95
C VAL C 806 -33.12 35.11 21.48
N GLU C 807 -31.93 35.42 20.95
CA GLU C 807 -31.68 36.76 20.45
C GLU C 807 -32.50 37.06 19.21
N ARG C 808 -32.67 36.11 18.30
CA ARG C 808 -33.53 36.33 17.15
C ARG C 808 -34.97 36.56 17.59
N TRP C 809 -35.46 35.77 18.54
CA TRP C 809 -36.82 35.96 19.05
C TRP C 809 -36.99 37.31 19.70
N LYS C 810 -36.02 37.74 20.50
CA LYS C 810 -36.11 39.03 21.17
C LYS C 810 -36.08 40.17 20.16
N ALA C 811 -35.17 40.11 19.19
CA ALA C 811 -35.08 41.16 18.18
C ALA C 811 -36.36 41.24 17.36
N ALA C 812 -36.96 40.10 17.02
CA ALA C 812 -38.22 40.09 16.28
C ALA C 812 -39.41 40.54 17.12
N GLY C 813 -39.26 40.65 18.43
CA GLY C 813 -40.35 41.09 19.28
C GLY C 813 -41.33 40.01 19.69
N HIS C 814 -40.92 38.74 19.63
CA HIS C 814 -41.83 37.66 20.01
C HIS C 814 -42.24 37.75 21.47
N TYR C 815 -41.32 38.13 22.36
CA TYR C 815 -41.62 38.17 23.78
C TYR C 815 -42.42 39.40 24.19
N GLN C 816 -42.44 40.44 23.33
CA GLN C 816 -43.13 41.72 23.66
C GLN C 816 -44.33 41.97 22.74
N ALA C 817 -44.68 41.04 21.84
CA ALA C 817 -45.71 41.28 20.85
C ALA C 817 -47.05 41.49 21.53
N GLU C 818 -47.81 42.47 21.05
CA GLU C 818 -49.11 42.81 21.62
C GLU C 818 -50.23 42.34 20.71
N ALA C 819 -51.19 41.64 21.30
CA ALA C 819 -52.33 41.14 20.55
C ALA C 819 -53.32 42.27 20.26
N ALA C 820 -53.70 42.41 19.00
CA ALA C 820 -54.71 43.38 18.59
C ALA C 820 -55.94 42.62 18.12
N LEU C 821 -57.08 42.93 18.71
CA LEU C 821 -58.32 42.24 18.37
C LEU C 821 -58.81 42.65 16.99
N LEU C 822 -59.07 41.67 16.13
CA LEU C 822 -59.58 41.95 14.79
C LEU C 822 -61.09 41.77 14.70
N GLN C 823 -61.61 40.73 15.33
CA GLN C 823 -63.06 40.52 15.39
C GLN C 823 -63.39 39.64 16.58
N CYS C 824 -64.63 39.77 17.05
CA CYS C 824 -65.15 38.93 18.12
C CYS C 824 -66.67 38.92 18.00
N THR C 825 -67.21 37.79 17.54
CA THR C 825 -68.63 37.68 17.21
C THR C 825 -69.21 36.46 17.90
N ALA C 826 -70.46 36.58 18.34
CA ALA C 826 -71.19 35.49 18.98
C ALA C 826 -72.43 35.18 18.17
N ASP C 827 -72.65 33.89 17.88
CA ASP C 827 -73.82 33.43 17.15
C ASP C 827 -74.45 32.26 17.89
N THR C 828 -75.76 32.15 17.80
CA THR C 828 -76.50 31.04 18.39
C THR C 828 -76.91 30.07 17.29
N LEU C 829 -76.49 28.82 17.42
CA LEU C 829 -76.83 27.78 16.47
C LEU C 829 -78.09 27.06 16.94
N ALA C 830 -78.42 25.94 16.28
CA ALA C 830 -79.59 25.17 16.68
C ALA C 830 -79.41 24.52 18.04
N ASP C 831 -78.20 24.05 18.34
CA ASP C 831 -77.95 23.37 19.60
C ASP C 831 -76.65 23.82 20.27
N ALA C 832 -76.11 24.98 19.91
CA ALA C 832 -74.84 25.43 20.46
C ALA C 832 -74.71 26.93 20.29
N VAL C 833 -73.74 27.50 20.98
CA VAL C 833 -73.37 28.91 20.85
C VAL C 833 -71.98 28.97 20.24
N LEU C 834 -71.82 29.79 19.20
CA LEU C 834 -70.58 29.87 18.44
C LEU C 834 -69.94 31.21 18.68
N ILE C 835 -68.66 31.20 19.06
CA ILE C 835 -67.85 32.40 19.22
C ILE C 835 -66.72 32.36 18.21
N THR C 836 -66.55 33.46 17.48
CA THR C 836 -65.51 33.58 16.47
C THR C 836 -64.63 34.77 16.82
N THR C 837 -63.32 34.54 16.91
CA THR C 837 -62.38 35.60 17.25
C THR C 837 -61.22 35.60 16.26
N ALA C 838 -60.58 36.76 16.13
CA ALA C 838 -59.38 36.90 15.32
C ALA C 838 -58.47 37.92 15.98
N HIS C 839 -57.19 37.58 16.07
CA HIS C 839 -56.19 38.44 16.69
C HIS C 839 -54.98 38.58 15.78
N ALA C 840 -54.29 39.71 15.90
CA ALA C 840 -53.02 39.93 15.24
C ALA C 840 -52.00 40.34 16.28
N TRP C 841 -50.84 39.68 16.28
CA TRP C 841 -49.74 40.03 17.15
C TRP C 841 -48.75 40.88 16.35
N GLN C 842 -48.50 42.08 16.83
CA GLN C 842 -47.71 43.05 16.10
C GLN C 842 -46.60 43.60 16.97
N HIS C 843 -45.50 43.99 16.34
CA HIS C 843 -44.37 44.61 17.02
C HIS C 843 -43.78 45.65 16.08
N GLN C 844 -43.86 46.92 16.48
CA GLN C 844 -43.32 48.04 15.70
C GLN C 844 -43.86 48.06 14.28
N GLY C 845 -45.16 47.82 14.15
CA GLY C 845 -45.84 47.88 12.88
C GLY C 845 -45.79 46.62 12.03
N LYS C 846 -45.13 45.57 12.50
CA LYS C 846 -45.01 44.32 11.74
C LYS C 846 -45.94 43.28 12.35
N THR C 847 -46.80 42.68 11.54
CA THR C 847 -47.68 41.62 12.01
C THR C 847 -46.92 40.31 12.05
N LEU C 848 -46.65 39.82 13.26
CA LEU C 848 -45.89 38.58 13.42
C LEU C 848 -46.78 37.35 13.23
N PHE C 849 -47.90 37.31 13.94
CA PHE C 849 -48.80 36.17 13.91
C PHE C 849 -50.23 36.65 13.80
N ILE C 850 -51.09 35.82 13.21
CA ILE C 850 -52.52 36.02 13.21
C ILE C 850 -53.19 34.74 13.69
N SER C 851 -54.08 34.85 14.66
CA SER C 851 -54.80 33.72 15.21
C SER C 851 -56.30 33.91 14.99
N ARG C 852 -56.94 32.92 14.38
CA ARG C 852 -58.38 32.91 14.16
C ARG C 852 -58.95 31.68 14.83
N LYS C 853 -59.91 31.88 15.71
CA LYS C 853 -60.45 30.80 16.53
C LYS C 853 -61.96 30.69 16.39
N THR C 854 -62.45 29.52 16.77
CA THR C 854 -63.89 29.25 16.86
C THR C 854 -64.14 28.48 18.14
N TYR C 855 -65.03 28.99 18.99
CA TYR C 855 -65.45 28.32 20.22
C TYR C 855 -66.88 27.86 20.04
N ARG C 856 -67.12 26.56 20.20
CA ARG C 856 -68.44 25.98 20.02
C ARG C 856 -68.84 25.25 21.30
N ILE C 857 -69.70 25.87 22.09
CA ILE C 857 -70.19 25.29 23.35
C ILE C 857 -71.55 24.67 23.07
N ASP C 858 -71.64 23.35 23.19
CA ASP C 858 -72.83 22.61 22.83
C ASP C 858 -73.70 22.35 24.07
N GLY C 859 -74.77 21.59 23.89
CA GLY C 859 -75.67 21.28 24.99
C GLY C 859 -75.12 20.28 25.98
N SER C 860 -74.03 19.59 25.66
CA SER C 860 -73.41 18.64 26.57
C SER C 860 -72.38 19.30 27.49
N GLY C 861 -72.18 20.61 27.38
CA GLY C 861 -71.23 21.32 28.20
C GLY C 861 -69.83 21.39 27.65
N GLN C 862 -69.53 20.66 26.58
CA GLN C 862 -68.19 20.66 26.01
C GLN C 862 -67.95 21.92 25.19
N MET C 863 -66.73 22.46 25.29
CA MET C 863 -66.32 23.63 24.52
C MET C 863 -65.28 23.17 23.50
N ALA C 864 -65.64 23.19 22.23
CA ALA C 864 -64.74 22.80 21.16
C ALA C 864 -64.05 24.04 20.61
N ILE C 865 -62.71 24.02 20.61
CA ILE C 865 -61.90 25.14 20.16
C ILE C 865 -61.14 24.72 18.92
N THR C 866 -61.28 25.48 17.85
CA THR C 866 -60.47 25.32 16.64
C THR C 866 -59.59 26.55 16.49
N VAL C 867 -58.31 26.33 16.21
CA VAL C 867 -57.34 27.40 16.11
C VAL C 867 -56.63 27.30 14.77
N ASP C 868 -56.57 28.41 14.04
CA ASP C 868 -55.82 28.51 12.79
C ASP C 868 -54.88 29.69 12.90
N VAL C 869 -53.58 29.44 12.81
CA VAL C 869 -52.57 30.51 13.01
C VAL C 869 -51.74 30.72 11.74
N GLU C 870 -51.47 31.97 11.40
CA GLU C 870 -50.56 32.27 10.26
C GLU C 870 -49.29 32.92 10.83
N VAL C 871 -48.11 32.47 10.38
CA VAL C 871 -46.86 33.01 10.88
C VAL C 871 -46.14 33.69 9.71
N ALA C 872 -45.76 34.96 9.89
CA ALA C 872 -45.04 35.67 8.85
C ALA C 872 -43.78 34.91 8.45
N SER C 873 -43.58 34.73 7.15
CA SER C 873 -42.49 33.89 6.68
C SER C 873 -41.12 34.49 6.98
N ASP C 874 -41.02 35.81 7.13
CA ASP C 874 -39.73 36.44 7.39
C ASP C 874 -39.41 36.61 8.86
N THR C 875 -40.33 36.30 9.76
CA THR C 875 -39.98 36.31 11.17
C THR C 875 -39.37 34.96 11.56
N PRO C 876 -38.47 34.93 12.56
CA PRO C 876 -37.92 33.65 13.00
C PRO C 876 -39.03 32.72 13.48
N HIS C 877 -38.85 31.43 13.19
CA HIS C 877 -39.88 30.46 13.49
C HIS C 877 -40.13 30.39 14.99
N PRO C 878 -41.38 30.41 15.43
CA PRO C 878 -41.67 30.51 16.87
C PRO C 878 -41.35 29.22 17.61
N ALA C 879 -41.12 29.37 18.92
CA ALA C 879 -40.79 28.22 19.75
C ALA C 879 -42.00 27.29 19.92
N ARG C 880 -43.21 27.84 19.93
CA ARG C 880 -44.41 27.03 20.09
C ARG C 880 -45.58 27.77 19.46
N ILE C 881 -46.67 27.04 19.27
CA ILE C 881 -47.93 27.60 18.80
C ILE C 881 -49.02 26.93 19.64
N GLY C 882 -49.55 27.66 20.61
CA GLY C 882 -50.51 27.05 21.50
C GLY C 882 -51.23 28.09 22.34
N LEU C 883 -51.88 27.59 23.38
CA LEU C 883 -52.64 28.40 24.32
C LEU C 883 -52.09 28.23 25.72
N ASN C 884 -52.38 29.21 26.59
CA ASN C 884 -52.01 29.08 27.98
C ASN C 884 -52.98 29.86 28.86
N CYS C 885 -53.08 29.41 30.11
CA CYS C 885 -53.95 30.04 31.09
C CYS C 885 -53.46 29.66 32.49
N GLN C 886 -53.89 30.42 33.48
CA GLN C 886 -53.59 30.13 34.88
C GLN C 886 -54.86 29.63 35.54
N LEU C 887 -54.92 28.32 35.78
CA LEU C 887 -56.05 27.74 36.48
C LEU C 887 -56.03 28.14 37.95
N ALA C 888 -57.22 28.33 38.52
CA ALA C 888 -57.33 28.52 39.96
C ALA C 888 -57.14 27.23 40.73
N GLN C 889 -57.42 26.09 40.12
CA GLN C 889 -57.28 24.80 40.78
C GLN C 889 -55.82 24.46 41.03
N VAL C 890 -55.54 23.87 42.20
CA VAL C 890 -54.28 23.21 42.48
C VAL C 890 -54.63 21.77 42.87
N ALA C 891 -54.41 20.84 41.94
CA ALA C 891 -54.72 19.43 42.19
C ALA C 891 -53.44 18.65 42.47
N GLU C 892 -53.60 17.51 43.14
CA GLU C 892 -52.46 16.72 43.59
C GLU C 892 -51.86 15.84 42.49
N ARG C 893 -52.65 15.40 41.52
CA ARG C 893 -52.17 14.46 40.53
C ARG C 893 -52.55 14.91 39.13
N VAL C 894 -51.78 14.46 38.14
CA VAL C 894 -52.02 14.74 36.73
C VAL C 894 -52.14 13.40 36.01
N ASN C 895 -53.21 13.25 35.22
CA ASN C 895 -53.49 12.02 34.49
C ASN C 895 -53.68 12.35 33.02
N TRP C 896 -52.96 11.64 32.15
CA TRP C 896 -53.03 11.92 30.72
C TRP C 896 -52.82 10.66 29.91
N LEU C 897 -53.37 10.67 28.68
CA LEU C 897 -53.19 9.60 27.71
C LEU C 897 -52.27 10.14 26.60
N GLY C 898 -51.05 9.64 26.57
CA GLY C 898 -50.06 10.16 25.65
C GLY C 898 -48.68 9.64 25.98
N LEU C 899 -47.66 10.26 25.40
CA LEU C 899 -46.30 9.80 25.58
C LEU C 899 -45.80 10.14 26.99
N GLY C 900 -45.15 9.17 27.62
CA GLY C 900 -44.63 9.34 28.95
C GLY C 900 -43.85 8.13 29.43
N PRO C 901 -43.63 8.05 30.75
CA PRO C 901 -44.07 8.98 31.79
C PRO C 901 -43.24 10.27 31.86
N GLN C 902 -41.97 10.24 31.45
CA GLN C 902 -41.09 11.38 31.65
C GLN C 902 -41.33 12.47 30.61
N GLU C 903 -40.75 13.64 30.87
CA GLU C 903 -40.87 14.75 29.93
C GLU C 903 -40.26 14.36 28.59
N ASN C 904 -40.87 14.83 27.50
CA ASN C 904 -40.39 14.53 26.17
C ASN C 904 -40.76 15.68 25.24
N TYR C 905 -39.93 15.86 24.22
CA TYR C 905 -40.05 16.94 23.25
C TYR C 905 -39.98 16.35 21.84
N PRO C 906 -40.41 17.11 20.83
CA PRO C 906 -40.56 16.51 19.48
C PRO C 906 -39.30 15.83 18.96
N ASP C 907 -38.11 16.36 19.21
CA ASP C 907 -36.89 15.71 18.78
C ASP C 907 -36.26 14.85 19.88
N ARG C 908 -36.93 14.70 21.02
CA ARG C 908 -36.45 13.82 22.10
C ARG C 908 -37.61 13.02 22.71
N LEU C 909 -38.36 12.29 21.87
CA LEU C 909 -39.47 11.49 22.39
C LEU C 909 -39.40 10.01 22.01
N THR C 910 -38.26 9.51 21.52
CA THR C 910 -38.22 8.12 21.09
C THR C 910 -38.33 7.15 22.27
N ALA C 911 -37.84 7.54 23.45
CA ALA C 911 -37.90 6.66 24.60
C ALA C 911 -39.28 6.61 25.23
N ALA C 912 -40.11 7.63 25.03
CA ALA C 912 -41.42 7.68 25.65
C ALA C 912 -42.38 6.71 24.96
N CYS C 913 -43.33 6.19 25.74
CA CYS C 913 -44.31 5.23 25.24
C CYS C 913 -45.72 5.78 25.43
N PHE C 914 -46.60 5.47 24.48
CA PHE C 914 -47.99 5.92 24.56
C PHE C 914 -48.75 5.02 25.53
N ASP C 915 -49.36 5.62 26.54
CA ASP C 915 -50.12 4.89 27.54
C ASP C 915 -50.86 5.88 28.43
N ARG C 916 -51.58 5.35 29.40
CA ARG C 916 -52.24 6.16 30.42
C ARG C 916 -51.28 6.35 31.59
N TRP C 917 -50.89 7.60 31.85
CA TRP C 917 -49.91 7.92 32.87
C TRP C 917 -50.56 8.77 33.95
N ASP C 918 -50.15 8.53 35.20
CA ASP C 918 -50.69 9.24 36.36
C ASP C 918 -49.54 9.54 37.30
N LEU C 919 -49.23 10.82 37.50
CA LEU C 919 -48.12 11.26 38.31
C LEU C 919 -48.56 12.41 39.20
N PRO C 920 -47.89 12.60 40.34
CA PRO C 920 -48.12 13.82 41.13
C PRO C 920 -47.68 15.05 40.36
N LEU C 921 -48.31 16.18 40.69
CA LEU C 921 -48.03 17.42 39.97
C LEU C 921 -46.55 17.78 40.00
N SER C 922 -45.86 17.48 41.10
CA SER C 922 -44.44 17.80 41.21
C SER C 922 -43.60 17.08 40.16
N ASP C 923 -43.96 15.85 39.79
CA ASP C 923 -43.23 15.13 38.77
C ASP C 923 -43.41 15.71 37.37
N MET C 924 -44.35 16.63 37.19
CA MET C 924 -44.57 17.28 35.90
C MET C 924 -43.70 18.51 35.72
N TYR C 925 -42.79 18.77 36.65
CA TYR C 925 -41.84 19.88 36.59
C TYR C 925 -40.44 19.32 36.75
N THR C 926 -39.57 19.58 35.77
CA THR C 926 -38.19 19.13 35.84
C THR C 926 -37.34 20.24 36.44
N PRO C 927 -36.69 20.01 37.57
CA PRO C 927 -35.98 21.10 38.26
C PRO C 927 -34.56 21.30 37.74
N TYR C 928 -34.45 21.74 36.49
CA TYR C 928 -33.15 22.12 35.96
C TYR C 928 -32.58 23.26 36.81
N VAL C 929 -31.28 23.19 37.09
CA VAL C 929 -30.67 24.18 37.98
C VAL C 929 -30.83 25.58 37.39
N PHE C 930 -30.62 25.72 36.08
CA PHE C 930 -30.96 26.95 35.38
C PHE C 930 -32.37 26.82 34.83
N PRO C 931 -33.35 27.53 35.36
CA PRO C 931 -34.74 27.32 34.95
C PRO C 931 -34.98 27.66 33.48
N SER C 932 -35.85 26.87 32.85
CA SER C 932 -36.26 27.11 31.46
C SER C 932 -37.56 26.36 31.20
N GLU C 933 -38.01 26.41 29.95
CA GLU C 933 -39.11 25.56 29.51
C GLU C 933 -38.80 24.11 29.84
N ASN C 934 -39.76 23.43 30.46
CA ASN C 934 -39.52 22.09 30.99
C ASN C 934 -40.83 21.36 31.13
N GLY C 935 -40.74 20.02 31.20
CA GLY C 935 -41.86 19.18 31.59
C GLY C 935 -42.87 18.90 30.50
N LEU C 936 -42.58 19.23 29.25
CA LEU C 936 -43.53 18.98 28.16
C LEU C 936 -43.75 17.48 27.98
N ARG C 937 -45.00 17.12 27.64
CA ARG C 937 -45.36 15.77 27.23
C ARG C 937 -46.07 15.87 25.88
N CYS C 938 -45.55 15.17 24.88
CA CYS C 938 -46.05 15.25 23.52
C CYS C 938 -47.03 14.11 23.23
N GLY C 939 -47.65 14.20 22.05
CA GLY C 939 -48.52 13.13 21.57
C GLY C 939 -49.67 12.80 22.49
N THR C 940 -50.25 13.80 23.15
CA THR C 940 -51.27 13.58 24.16
C THR C 940 -52.66 13.75 23.54
N ARG C 941 -53.52 12.77 23.77
CA ARG C 941 -54.89 12.80 23.28
C ARG C 941 -55.91 13.17 24.35
N GLU C 942 -55.55 13.05 25.62
CA GLU C 942 -56.45 13.37 26.72
C GLU C 942 -55.63 13.78 27.94
N LEU C 943 -56.08 14.81 28.64
CA LEU C 943 -55.43 15.30 29.85
C LEU C 943 -56.49 15.56 30.90
N ASN C 944 -56.24 15.11 32.13
CA ASN C 944 -57.16 15.30 33.25
C ASN C 944 -56.44 16.02 34.37
N TYR C 945 -57.03 17.12 34.84
CA TYR C 945 -56.47 17.86 35.98
C TYR C 945 -57.64 18.44 36.76
N GLY C 946 -57.83 17.97 37.99
CA GLY C 946 -58.96 18.36 38.78
C GLY C 946 -60.25 17.95 38.09
N PRO C 947 -61.20 18.88 37.99
CA PRO C 947 -62.45 18.60 37.27
C PRO C 947 -62.34 18.73 35.75
N HIS C 948 -61.25 19.28 35.23
CA HIS C 948 -61.14 19.60 33.82
C HIS C 948 -60.60 18.42 33.02
N GLN C 949 -61.00 18.36 31.75
CA GLN C 949 -60.45 17.40 30.79
C GLN C 949 -60.29 18.09 29.45
N TRP C 950 -59.12 17.94 28.84
CA TRP C 950 -58.85 18.43 27.49
C TRP C 950 -58.56 17.25 26.58
N ARG C 951 -59.12 17.27 25.38
CA ARG C 951 -58.93 16.19 24.40
C ARG C 951 -58.58 16.78 23.05
N GLY C 952 -57.85 15.99 22.28
CA GLY C 952 -57.41 16.40 20.96
C GLY C 952 -56.15 15.64 20.58
N ASP C 953 -55.17 16.39 20.07
CA ASP C 953 -53.85 15.84 19.75
C ASP C 953 -52.86 17.00 19.95
N PHE C 954 -52.20 17.02 21.11
CA PHE C 954 -51.47 18.20 21.51
C PHE C 954 -50.29 17.80 22.39
N GLN C 955 -49.44 18.79 22.67
CA GLN C 955 -48.37 18.71 23.66
C GLN C 955 -48.72 19.67 24.79
N PHE C 956 -48.28 19.33 26.00
CA PHE C 956 -48.61 20.15 27.17
C PHE C 956 -47.52 20.08 28.22
N ASN C 957 -47.47 21.11 29.06
CA ASN C 957 -46.78 21.05 30.35
C ASN C 957 -47.64 21.78 31.37
N ILE C 958 -47.51 21.36 32.62
CA ILE C 958 -48.36 21.89 33.69
C ILE C 958 -47.53 22.01 34.96
N SER C 959 -47.54 23.19 35.58
CA SER C 959 -46.66 23.44 36.72
C SER C 959 -47.15 24.67 37.47
N ARG C 960 -46.50 24.96 38.59
CA ARG C 960 -46.79 26.12 39.41
C ARG C 960 -46.02 27.36 38.96
N TYR C 961 -45.20 27.26 37.92
CA TYR C 961 -44.32 28.35 37.49
C TYR C 961 -44.68 28.80 36.09
N SER C 962 -44.85 30.11 35.93
CA SER C 962 -45.13 30.68 34.62
C SER C 962 -43.87 30.71 33.77
N GLN C 963 -44.09 30.75 32.44
CA GLN C 963 -42.96 30.90 31.52
C GLN C 963 -42.20 32.19 31.80
N GLN C 964 -42.90 33.26 32.21
CA GLN C 964 -42.21 34.49 32.56
C GLN C 964 -41.28 34.30 33.77
N GLN C 965 -41.78 33.66 34.83
CA GLN C 965 -40.92 33.45 36.00
C GLN C 965 -39.73 32.55 35.66
N LEU C 966 -39.98 31.49 34.89
CA LEU C 966 -38.89 30.61 34.48
C LEU C 966 -37.85 31.35 33.66
N MET C 967 -38.29 32.24 32.78
CA MET C 967 -37.38 33.03 31.95
C MET C 967 -36.55 34.00 32.79
N GLU C 968 -37.17 34.65 33.78
CA GLU C 968 -36.51 35.71 34.51
C GLU C 968 -35.75 35.21 35.75
N THR C 969 -35.87 33.93 36.09
CA THR C 969 -35.21 33.38 37.28
C THR C 969 -33.96 32.60 36.87
N SER C 970 -32.84 32.92 37.51
CA SER C 970 -31.55 32.36 37.12
C SER C 970 -31.19 31.07 37.87
N HIS C 971 -31.81 30.81 39.02
CA HIS C 971 -31.54 29.60 39.79
C HIS C 971 -32.85 28.97 40.21
N ARG C 972 -32.85 27.63 40.25
CA ARG C 972 -34.08 26.90 40.58
C ARG C 972 -34.51 27.12 42.03
N HIS C 973 -33.58 27.32 42.96
CA HIS C 973 -33.95 27.55 44.35
C HIS C 973 -34.62 28.90 44.57
N LEU C 974 -34.52 29.82 43.61
CA LEU C 974 -35.18 31.12 43.70
C LEU C 974 -36.59 31.11 43.14
N LEU C 975 -37.04 29.99 42.58
CA LEU C 975 -38.40 29.89 42.06
C LEU C 975 -39.40 29.82 43.22
N HIS C 976 -40.56 30.45 43.04
CA HIS C 976 -41.64 30.39 44.00
C HIS C 976 -42.92 29.94 43.29
N ALA C 977 -43.67 29.07 43.95
CA ALA C 977 -44.90 28.56 43.35
C ALA C 977 -45.95 29.66 43.29
N GLU C 978 -46.47 29.90 42.10
CA GLU C 978 -47.50 30.91 41.91
C GLU C 978 -48.86 30.35 42.33
N GLU C 979 -49.83 31.25 42.49
CA GLU C 979 -51.17 30.83 42.87
C GLU C 979 -51.81 30.07 41.73
N GLY C 980 -52.46 28.96 42.05
CA GLY C 980 -53.06 28.14 41.02
C GLY C 980 -52.03 27.36 40.23
N THR C 981 -52.41 27.00 39.01
CA THR C 981 -51.59 26.13 38.17
C THR C 981 -51.54 26.68 36.75
N TRP C 982 -50.32 26.80 36.21
CA TRP C 982 -50.14 27.29 34.84
C TRP C 982 -50.18 26.10 33.87
N LEU C 983 -51.03 26.21 32.86
CA LEU C 983 -51.17 25.18 31.84
C LEU C 983 -50.78 25.73 30.48
N ASN C 984 -49.90 25.02 29.79
CA ASN C 984 -49.53 25.35 28.42
C ASN C 984 -49.93 24.18 27.52
N ILE C 985 -50.91 24.40 26.65
CA ILE C 985 -51.34 23.39 25.70
C ILE C 985 -50.92 23.85 24.31
N ASP C 986 -50.08 23.06 23.66
CA ASP C 986 -49.49 23.43 22.39
C ASP C 986 -50.01 22.53 21.29
N GLY C 987 -50.51 23.13 20.21
CA GLY C 987 -50.67 22.38 18.98
C GLY C 987 -49.34 21.94 18.41
N PHE C 988 -48.32 22.79 18.55
CA PHE C 988 -47.03 22.58 17.92
C PHE C 988 -45.93 23.14 18.82
N HIS C 989 -44.79 22.45 18.88
CA HIS C 989 -43.65 22.84 19.70
C HIS C 989 -42.36 22.56 18.94
N MET C 990 -41.43 23.50 19.03
CA MET C 990 -40.15 23.37 18.35
C MET C 990 -39.24 22.39 19.09
N GLY C 991 -38.33 21.76 18.34
CA GLY C 991 -37.36 20.87 18.95
C GLY C 991 -36.42 21.62 19.87
N ILE C 992 -35.71 20.85 20.70
CA ILE C 992 -34.84 21.43 21.71
C ILE C 992 -33.37 21.46 21.27
N GLY C 993 -32.99 20.69 20.26
CA GLY C 993 -31.62 20.70 19.80
C GLY C 993 -30.69 20.03 20.81
N GLY C 994 -29.39 20.25 20.59
CA GLY C 994 -28.40 19.73 21.50
C GLY C 994 -27.15 19.15 20.88
N ASP C 995 -27.01 19.20 19.54
CA ASP C 995 -25.76 18.77 18.92
C ASP C 995 -24.59 19.56 19.49
N ASP C 996 -24.80 20.83 19.78
CA ASP C 996 -23.93 21.62 20.64
C ASP C 996 -24.77 22.73 21.26
N SER C 997 -24.21 23.37 22.29
CA SER C 997 -24.95 24.37 23.05
C SER C 997 -24.40 25.78 22.85
N TRP C 998 -23.66 26.01 21.76
CA TRP C 998 -23.14 27.34 21.48
C TRP C 998 -23.46 27.82 20.07
N SER C 999 -24.30 27.10 19.34
CA SER C 999 -24.77 27.51 18.02
C SER C 999 -26.14 26.86 17.80
N PRO C 1000 -26.97 27.43 16.94
CA PRO C 1000 -28.28 26.81 16.65
C PRO C 1000 -28.10 25.36 16.21
N SER C 1001 -28.84 24.47 16.84
CA SER C 1001 -28.67 23.04 16.61
C SER C 1001 -30.00 22.31 16.38
N VAL C 1002 -31.12 23.02 16.34
CA VAL C 1002 -32.40 22.39 16.06
C VAL C 1002 -32.50 22.14 14.56
N SER C 1003 -32.64 20.88 14.18
CA SER C 1003 -32.69 20.53 12.77
C SER C 1003 -33.95 21.09 12.11
N ALA C 1004 -33.88 21.26 10.79
CA ALA C 1004 -34.96 21.90 10.05
C ALA C 1004 -36.30 21.20 10.22
N GLU C 1005 -36.30 19.87 10.33
CA GLU C 1005 -37.56 19.14 10.42
C GLU C 1005 -38.27 19.33 11.77
N PHE C 1006 -37.65 20.00 12.72
CA PHE C 1006 -38.27 20.25 14.02
C PHE C 1006 -38.49 21.74 14.29
N GLN C 1007 -38.25 22.60 13.30
CA GLN C 1007 -38.57 24.01 13.41
C GLN C 1007 -39.99 24.25 12.86
N LEU C 1008 -40.66 25.26 13.41
CA LEU C 1008 -42.04 25.56 13.03
C LEU C 1008 -42.01 26.53 11.85
N SER C 1009 -41.72 25.98 10.67
CA SER C 1009 -41.50 26.76 9.47
C SER C 1009 -42.64 26.65 8.46
N ALA C 1010 -43.75 26.00 8.82
CA ALA C 1010 -44.79 25.71 7.83
C ALA C 1010 -45.57 26.94 7.39
N GLY C 1011 -45.61 28.00 8.19
CA GLY C 1011 -46.32 29.22 7.84
C GLY C 1011 -47.80 29.27 8.22
N ARG C 1012 -48.49 28.13 8.16
CA ARG C 1012 -49.87 28.03 8.61
C ARG C 1012 -50.01 26.80 9.49
N TYR C 1013 -50.76 26.94 10.58
CA TYR C 1013 -50.93 25.85 11.53
C TYR C 1013 -52.38 25.78 11.99
N HIS C 1014 -52.85 24.56 12.22
CA HIS C 1014 -54.21 24.28 12.67
C HIS C 1014 -54.19 23.24 13.77
N TYR C 1015 -55.00 23.46 14.81
CA TYR C 1015 -55.21 22.44 15.83
C TYR C 1015 -56.55 22.68 16.52
N GLN C 1016 -57.09 21.61 17.09
CA GLN C 1016 -58.39 21.63 17.74
C GLN C 1016 -58.28 21.06 19.14
N LEU C 1017 -59.07 21.61 20.06
CA LEU C 1017 -59.14 21.15 21.44
C LEU C 1017 -60.60 21.04 21.85
N VAL C 1018 -60.88 20.12 22.76
CA VAL C 1018 -62.19 20.01 23.40
C VAL C 1018 -61.98 20.14 24.90
N TRP C 1019 -62.59 21.18 25.49
CA TRP C 1019 -62.52 21.44 26.92
C TRP C 1019 -63.86 21.08 27.55
N CYS C 1020 -63.81 20.18 28.54
CA CYS C 1020 -65.03 19.75 29.22
C CYS C 1020 -64.72 19.49 30.68
N GLN C 1021 -65.77 19.20 31.45
CA GLN C 1021 -65.64 18.89 32.87
C GLN C 1021 -66.27 17.55 33.18
N MET D 1 24.81 38.06 47.92
CA MET D 1 23.56 37.33 48.20
C MET D 1 23.88 35.87 48.53
N ILE D 2 23.23 35.32 49.57
CA ILE D 2 23.45 33.89 49.93
C ILE D 2 23.06 33.01 48.74
N THR D 3 21.96 33.32 48.07
CA THR D 3 21.50 32.48 46.97
C THR D 3 22.44 32.49 45.77
N ASP D 4 23.28 33.51 45.63
CA ASP D 4 24.29 33.53 44.57
C ASP D 4 25.57 32.83 44.95
N SER D 5 25.70 32.36 46.20
CA SER D 5 26.94 31.77 46.65
C SER D 5 27.11 30.36 46.10
N LEU D 6 28.37 29.91 46.09
CA LEU D 6 28.66 28.56 45.64
C LEU D 6 28.00 27.52 46.53
N ALA D 7 27.96 27.75 47.85
CA ALA D 7 27.34 26.79 48.75
C ALA D 7 25.87 26.56 48.42
N VAL D 8 25.17 27.58 47.93
CA VAL D 8 23.77 27.42 47.57
C VAL D 8 23.62 26.89 46.14
N VAL D 9 24.38 27.46 45.20
CA VAL D 9 24.22 27.07 43.80
C VAL D 9 24.58 25.61 43.59
N LEU D 10 25.66 25.14 44.20
CA LEU D 10 26.10 23.76 44.00
C LEU D 10 25.31 22.74 44.80
N GLN D 11 24.48 23.18 45.75
CA GLN D 11 23.80 22.23 46.64
C GLN D 11 22.82 21.34 45.88
N ARG D 12 22.16 21.86 44.84
CA ARG D 12 21.15 21.01 44.15
C ARG D 12 21.85 20.01 43.23
N ARG D 13 23.15 20.19 42.99
CA ARG D 13 23.92 19.28 42.14
C ARG D 13 23.19 19.05 40.81
N ASP D 14 23.02 20.14 40.07
CA ASP D 14 22.29 20.10 38.81
C ASP D 14 22.99 19.24 37.75
N TRP D 15 24.28 18.94 37.93
CA TRP D 15 25.03 18.13 36.98
C TRP D 15 24.93 16.64 37.26
N GLU D 16 24.13 16.23 38.25
CA GLU D 16 23.81 14.83 38.48
C GLU D 16 22.30 14.61 38.41
N ASN D 17 21.63 15.27 37.48
CA ASN D 17 20.18 15.26 37.38
C ASN D 17 19.79 15.41 35.91
N PRO D 18 19.36 14.34 35.26
CA PRO D 18 18.91 14.45 33.86
C PRO D 18 17.64 15.26 33.70
N GLY D 19 16.90 15.52 34.78
CA GLY D 19 15.72 16.37 34.70
C GLY D 19 16.03 17.84 34.52
N VAL D 20 17.25 18.26 34.84
CA VAL D 20 17.68 19.65 34.66
C VAL D 20 18.84 19.65 33.68
N THR D 21 18.57 20.02 32.43
CA THR D 21 19.60 20.15 31.41
C THR D 21 20.00 21.60 31.14
N GLN D 22 19.30 22.56 31.73
CA GLN D 22 19.62 23.98 31.61
C GLN D 22 18.81 24.73 32.64
N LEU D 23 19.27 25.94 32.96
CA LEU D 23 18.50 26.87 33.79
C LEU D 23 18.68 28.26 33.21
N ASN D 24 17.56 28.92 32.88
CA ASN D 24 17.54 30.27 32.35
C ASN D 24 18.28 30.39 31.01
N ARG D 25 18.18 29.36 30.17
CA ARG D 25 18.79 29.40 28.85
C ARG D 25 17.77 29.80 27.79
N LEU D 26 18.17 30.68 26.88
CA LEU D 26 17.28 31.20 25.85
C LEU D 26 17.04 30.14 24.77
N ALA D 27 16.00 30.39 23.95
CA ALA D 27 15.62 29.46 22.91
C ALA D 27 16.69 29.36 21.82
N ALA D 28 16.75 28.19 21.19
CA ALA D 28 17.64 27.99 20.05
C ALA D 28 17.07 28.66 18.80
N HIS D 29 17.94 28.94 17.84
CA HIS D 29 17.58 29.71 16.66
C HIS D 29 18.72 29.63 15.65
N PRO D 30 18.46 29.97 14.39
CA PRO D 30 19.54 30.04 13.39
C PRO D 30 20.51 31.17 13.75
N PRO D 31 21.71 31.18 13.14
CA PRO D 31 22.69 32.21 13.49
C PRO D 31 22.14 33.61 13.28
N PHE D 32 22.40 34.48 14.25
CA PHE D 32 21.96 35.87 14.23
C PHE D 32 23.17 36.80 14.32
N ALA D 33 23.06 37.95 13.68
CA ALA D 33 24.06 39.01 13.79
C ALA D 33 23.47 40.36 14.17
N SER D 34 22.15 40.53 14.09
CA SER D 34 21.46 41.77 14.44
C SER D 34 22.08 42.97 13.71
N TRP D 35 22.15 42.84 12.38
CA TRP D 35 22.57 43.97 11.57
C TRP D 35 21.54 45.09 11.66
N ARG D 36 22.02 46.32 11.80
CA ARG D 36 21.16 47.49 11.74
C ARG D 36 21.24 48.19 10.39
N ASN D 37 21.89 47.57 9.41
CA ASN D 37 21.98 48.08 8.06
C ASN D 37 21.80 46.92 7.08
N SER D 38 20.78 47.04 6.23
CA SER D 38 20.42 45.95 5.33
C SER D 38 21.51 45.66 4.29
N GLU D 39 22.23 46.68 3.84
CA GLU D 39 23.35 46.44 2.92
C GLU D 39 24.45 45.64 3.60
N GLU D 40 24.76 45.96 4.86
CA GLU D 40 25.73 45.17 5.61
C GLU D 40 25.25 43.74 5.79
N ALA D 41 23.96 43.55 6.08
CA ALA D 41 23.42 42.19 6.17
C ALA D 41 23.56 41.44 4.85
N ARG D 42 23.26 42.10 3.73
CA ARG D 42 23.34 41.45 2.43
C ARG D 42 24.77 41.05 2.10
N THR D 43 25.72 41.93 2.36
CA THR D 43 27.12 41.67 2.03
C THR D 43 27.85 40.86 3.08
N ASP D 44 27.18 40.48 4.16
CA ASP D 44 27.76 39.65 5.23
C ASP D 44 28.97 40.33 5.88
N ARG D 45 28.95 41.66 5.96
CA ARG D 45 30.00 42.37 6.65
C ARG D 45 29.87 42.16 8.16
N PRO D 46 30.96 42.28 8.92
CA PRO D 46 30.88 42.06 10.36
C PRO D 46 29.94 43.04 11.04
N SER D 47 29.19 42.54 12.02
CA SER D 47 28.20 43.35 12.72
C SER D 47 28.78 43.91 14.01
N GLN D 48 28.60 45.21 14.21
CA GLN D 48 29.00 45.83 15.46
C GLN D 48 28.14 45.40 16.64
N GLN D 49 26.98 44.81 16.39
CA GLN D 49 26.10 44.30 17.44
C GLN D 49 26.53 42.93 17.95
N LEU D 50 27.42 42.25 17.24
CA LEU D 50 27.96 40.95 17.65
C LEU D 50 29.43 41.16 17.98
N ARG D 51 29.81 40.85 19.22
CA ARG D 51 31.14 41.16 19.73
C ARG D 51 31.78 39.88 20.26
N SER D 52 32.95 39.54 19.74
CA SER D 52 33.66 38.35 20.19
C SER D 52 34.35 38.61 21.52
N LEU D 53 34.19 37.67 22.45
CA LEU D 53 34.90 37.69 23.72
C LEU D 53 36.08 36.74 23.73
N ASN D 54 36.45 36.19 22.57
CA ASN D 54 37.62 35.34 22.47
C ASN D 54 38.88 36.12 22.79
N GLY D 55 39.85 35.44 23.37
CA GLY D 55 41.09 36.08 23.75
C GLY D 55 41.66 35.54 25.04
N GLU D 56 42.28 36.42 25.82
CA GLU D 56 42.91 36.03 27.09
C GLU D 56 41.88 36.06 28.20
N TRP D 57 41.73 34.94 28.91
CA TRP D 57 40.88 34.81 30.07
C TRP D 57 41.73 34.37 31.26
N ARG D 58 41.17 34.51 32.46
CA ARG D 58 41.79 33.96 33.66
C ARG D 58 41.21 32.59 33.94
N PHE D 59 42.07 31.65 34.33
CA PHE D 59 41.68 30.26 34.49
C PHE D 59 42.33 29.67 35.73
N ALA D 60 41.55 28.91 36.49
CA ALA D 60 42.04 28.19 37.66
C ALA D 60 41.44 26.79 37.66
N TRP D 61 42.29 25.79 37.84
CA TRP D 61 41.88 24.39 37.85
C TRP D 61 41.69 23.90 39.27
N PHE D 62 40.63 23.11 39.49
CA PHE D 62 40.34 22.53 40.79
C PHE D 62 39.96 21.06 40.62
N PRO D 63 40.27 20.21 41.61
CA PRO D 63 39.95 18.78 41.46
C PRO D 63 38.48 18.45 41.64
N ALA D 64 37.70 19.33 42.26
CA ALA D 64 36.28 19.09 42.50
C ALA D 64 35.59 20.43 42.65
N PRO D 65 34.28 20.51 42.34
CA PRO D 65 33.58 21.78 42.49
C PRO D 65 33.58 22.31 43.92
N GLU D 66 33.61 21.43 44.91
CA GLU D 66 33.61 21.85 46.31
C GLU D 66 34.90 22.56 46.72
N ALA D 67 35.96 22.46 45.91
CA ALA D 67 37.23 23.09 46.24
C ALA D 67 37.33 24.53 45.79
N VAL D 68 36.36 25.05 45.04
CA VAL D 68 36.42 26.43 44.56
C VAL D 68 36.10 27.37 45.72
N PRO D 69 36.98 28.32 46.03
CA PRO D 69 36.68 29.28 47.10
C PRO D 69 35.57 30.24 46.71
N GLU D 70 34.83 30.70 47.72
CA GLU D 70 33.76 31.66 47.49
C GLU D 70 34.25 32.96 46.89
N SER D 71 35.49 33.36 47.21
CA SER D 71 36.03 34.63 46.73
C SER D 71 36.18 34.68 45.21
N TRP D 72 36.22 33.53 44.54
CA TRP D 72 36.31 33.52 43.09
C TRP D 72 35.13 34.22 42.45
N LEU D 73 33.96 34.20 43.10
CA LEU D 73 32.78 34.88 42.57
C LEU D 73 32.94 36.40 42.53
N GLU D 74 33.81 36.96 43.37
CA GLU D 74 33.94 38.41 43.47
C GLU D 74 35.18 38.95 42.76
N CYS D 75 36.33 38.30 42.94
CA CYS D 75 37.57 38.79 42.37
C CYS D 75 38.38 37.62 41.82
N ASP D 76 39.25 37.92 40.87
CA ASP D 76 40.10 36.90 40.27
C ASP D 76 41.06 36.32 41.29
N LEU D 77 41.24 35.01 41.25
CA LEU D 77 42.13 34.34 42.17
C LEU D 77 43.58 34.74 41.91
N PRO D 78 44.37 34.91 42.97
CA PRO D 78 45.79 35.25 42.77
C PRO D 78 46.56 34.17 42.03
N GLU D 79 46.18 32.90 42.21
CA GLU D 79 46.92 31.76 41.60
C GLU D 79 46.44 31.51 40.17
N ALA D 80 45.42 32.24 39.71
CA ALA D 80 44.86 32.02 38.38
C ALA D 80 45.87 32.38 37.30
N ASP D 81 45.93 31.56 36.26
CA ASP D 81 46.77 31.82 35.11
C ASP D 81 45.97 32.59 34.05
N THR D 82 46.66 32.99 32.99
CA THR D 82 46.04 33.63 31.83
C THR D 82 46.13 32.65 30.67
N VAL D 83 44.99 32.32 30.09
CA VAL D 83 44.92 31.32 29.03
C VAL D 83 44.11 31.86 27.86
N VAL D 84 44.30 31.26 26.69
CA VAL D 84 43.58 31.61 25.48
C VAL D 84 42.24 30.88 25.49
N VAL D 85 41.18 31.60 25.12
CA VAL D 85 39.84 31.04 24.97
C VAL D 85 39.38 31.32 23.56
N PRO D 86 38.86 30.33 22.82
CA PRO D 86 38.55 28.94 23.23
C PRO D 86 39.77 28.01 23.34
N SER D 87 39.64 26.97 24.16
CA SER D 87 40.68 25.97 24.35
C SER D 87 40.12 24.81 25.16
N ASN D 88 40.84 23.70 25.15
CA ASN D 88 40.61 22.58 26.05
C ASN D 88 41.71 22.57 27.12
N TRP D 89 41.33 22.56 28.39
CA TRP D 89 42.35 22.75 29.42
C TRP D 89 43.29 21.57 29.54
N GLN D 90 42.94 20.40 28.97
CA GLN D 90 43.91 19.31 28.87
C GLN D 90 45.05 19.65 27.92
N MET D 91 44.83 20.55 26.97
CA MET D 91 45.89 20.98 26.05
C MET D 91 46.83 21.97 26.69
N HIS D 92 46.55 22.41 27.92
CA HIS D 92 47.44 23.28 28.68
C HIS D 92 48.12 22.52 29.83
N GLY D 93 47.95 21.21 29.89
CA GLY D 93 48.63 20.38 30.88
C GLY D 93 48.03 20.40 32.27
N TYR D 94 46.81 20.88 32.42
CA TYR D 94 46.17 20.94 33.73
C TYR D 94 45.71 19.58 34.23
N ASP D 95 45.15 18.74 33.37
CA ASP D 95 44.97 17.32 33.66
C ASP D 95 45.01 16.56 32.34
N ALA D 96 44.98 15.24 32.42
CA ALA D 96 45.28 14.48 31.21
C ALA D 96 44.03 14.26 30.36
N PRO D 97 44.17 14.32 29.04
CA PRO D 97 43.10 13.81 28.18
C PRO D 97 43.01 12.30 28.30
N ILE D 98 41.79 11.79 28.12
CA ILE D 98 41.52 10.36 28.23
C ILE D 98 40.98 9.87 26.89
N TYR D 99 41.59 8.83 26.35
CA TYR D 99 41.05 8.17 25.16
C TYR D 99 40.54 6.78 25.54
N THR D 100 39.22 6.62 25.47
CA THR D 100 38.59 5.32 25.60
C THR D 100 37.57 5.17 24.48
N ASN D 101 37.40 3.94 24.01
CA ASN D 101 36.57 3.72 22.82
C ASN D 101 35.10 3.56 23.20
N VAL D 102 34.78 2.52 23.96
CA VAL D 102 33.39 2.20 24.31
C VAL D 102 33.15 2.31 25.81
N THR D 103 34.11 1.87 26.62
CA THR D 103 33.97 1.96 28.06
C THR D 103 33.90 3.42 28.50
N TYR D 104 32.94 3.73 29.37
CA TYR D 104 32.84 5.08 29.89
C TYR D 104 34.10 5.41 30.69
N PRO D 105 34.59 6.65 30.62
CA PRO D 105 35.76 7.04 31.42
C PRO D 105 35.49 7.15 32.91
N ILE D 106 34.23 7.02 33.32
CA ILE D 106 33.85 7.08 34.73
C ILE D 106 33.09 5.81 35.08
N THR D 107 32.91 5.59 36.38
CA THR D 107 32.11 4.46 36.85
C THR D 107 30.68 4.60 36.33
N VAL D 108 30.14 3.52 35.78
CA VAL D 108 28.80 3.55 35.17
C VAL D 108 27.79 3.47 36.31
N ASN D 109 27.19 4.61 36.65
CA ASN D 109 26.19 4.68 37.71
C ASN D 109 25.33 5.91 37.47
N PRO D 110 24.53 5.89 36.40
CA PRO D 110 23.77 7.10 36.03
C PRO D 110 22.73 7.42 37.07
N PRO D 111 22.45 8.71 37.29
CA PRO D 111 23.06 9.88 36.65
C PRO D 111 24.26 10.42 37.41
N PHE D 112 24.84 9.64 38.31
CA PHE D 112 25.90 10.13 39.20
C PHE D 112 27.25 10.15 38.50
N VAL D 113 28.10 11.09 38.91
CA VAL D 113 29.45 11.26 38.39
C VAL D 113 30.40 11.25 39.58
N PRO D 114 31.69 10.97 39.37
CA PRO D 114 32.61 10.88 40.52
C PRO D 114 32.69 12.19 41.29
N THR D 115 32.90 12.05 42.61
CA THR D 115 33.09 13.23 43.45
C THR D 115 34.30 14.04 43.01
N GLU D 116 35.40 13.39 42.68
CA GLU D 116 36.57 14.06 42.13
C GLU D 116 36.30 14.40 40.66
N ASN D 117 35.58 15.50 40.49
CA ASN D 117 35.16 15.97 39.17
C ASN D 117 35.99 17.20 38.79
N PRO D 118 36.94 17.08 37.86
CA PRO D 118 37.79 18.23 37.53
C PRO D 118 36.97 19.43 37.11
N THR D 119 37.30 20.57 37.69
CA THR D 119 36.50 21.79 37.56
C THR D 119 37.40 22.91 37.05
N GLY D 120 37.00 23.56 35.97
CA GLY D 120 37.74 24.68 35.42
C GLY D 120 37.02 25.99 35.63
N CYS D 121 37.66 26.94 36.31
CA CYS D 121 37.07 28.23 36.64
C CYS D 121 37.61 29.29 35.69
N TYR D 122 36.79 29.72 34.76
CA TYR D 122 37.13 30.79 33.82
C TYR D 122 36.57 32.11 34.31
N SER D 123 37.25 33.20 33.98
CA SER D 123 36.75 34.52 34.32
C SER D 123 37.30 35.55 33.34
N LEU D 124 36.52 36.58 33.09
CA LEU D 124 36.89 37.63 32.14
C LEU D 124 36.37 38.97 32.63
N THR D 125 37.22 39.98 32.57
CA THR D 125 36.84 41.37 32.87
C THR D 125 36.73 42.13 31.55
N PHE D 126 35.57 42.73 31.33
CA PHE D 126 35.29 43.36 30.04
C PHE D 126 34.43 44.60 30.25
N ASN D 127 34.50 45.50 29.27
CA ASN D 127 33.72 46.74 29.28
C ASN D 127 32.52 46.59 28.35
N VAL D 128 31.44 47.29 28.67
CA VAL D 128 30.24 47.35 27.85
C VAL D 128 29.89 48.81 27.62
N ASP D 129 29.65 49.17 26.36
CA ASP D 129 29.26 50.53 26.04
C ASP D 129 27.87 50.83 26.58
N GLU D 130 27.68 52.09 26.99
CA GLU D 130 26.41 52.50 27.60
C GLU D 130 25.24 52.44 26.63
N SER D 131 25.50 52.53 25.32
CA SER D 131 24.42 52.43 24.35
C SER D 131 23.73 51.07 24.41
N TRP D 132 24.51 50.00 24.61
CA TRP D 132 23.94 48.66 24.71
C TRP D 132 23.05 48.48 25.93
N LEU D 133 23.30 49.22 27.00
CA LEU D 133 22.51 49.09 28.21
C LEU D 133 21.40 50.13 28.32
N GLN D 134 21.43 51.18 27.49
CA GLN D 134 20.34 52.13 27.48
C GLN D 134 19.04 51.48 27.00
N GLU D 135 19.11 50.65 25.96
CA GLU D 135 17.93 49.99 25.42
C GLU D 135 18.32 48.68 24.79
N GLY D 136 17.34 47.83 24.57
CA GLY D 136 17.55 46.56 23.91
C GLY D 136 17.95 45.45 24.85
N GLN D 137 18.33 44.32 24.23
CA GLN D 137 18.67 43.10 24.94
C GLN D 137 20.11 42.72 24.63
N THR D 138 20.88 42.44 25.67
CA THR D 138 22.26 41.98 25.51
C THR D 138 22.37 40.54 26.03
N ARG D 139 22.76 39.63 25.14
CA ARG D 139 22.88 38.22 25.48
C ARG D 139 24.31 37.76 25.23
N ILE D 140 24.74 36.77 26.01
CA ILE D 140 26.03 36.13 25.82
C ILE D 140 25.79 34.75 25.22
N ILE D 141 26.67 34.34 24.30
CA ILE D 141 26.53 33.11 23.54
C ILE D 141 27.80 32.30 23.73
N PHE D 142 27.67 31.12 24.36
CA PHE D 142 28.75 30.15 24.48
C PHE D 142 28.53 29.09 23.41
N ASP D 143 29.35 29.10 22.36
CA ASP D 143 29.16 28.17 21.26
C ASP D 143 29.42 26.72 21.65
N GLY D 144 30.20 26.47 22.70
CA GLY D 144 30.39 25.13 23.19
C GLY D 144 31.15 25.06 24.49
N VAL D 145 30.61 24.34 25.48
CA VAL D 145 31.24 24.19 26.79
C VAL D 145 31.13 22.73 27.20
N ASN D 146 32.26 22.10 27.51
CA ASN D 146 32.35 20.67 27.77
C ASN D 146 32.73 20.47 29.23
N SER D 147 31.83 19.88 30.02
CA SER D 147 30.55 19.34 29.54
C SER D 147 29.32 20.03 30.14
N ALA D 148 29.52 20.79 31.21
CA ALA D 148 28.44 21.53 31.85
C ALA D 148 29.04 22.70 32.63
N PHE D 149 28.22 23.71 32.90
CA PHE D 149 28.75 24.91 33.54
C PHE D 149 27.67 25.73 34.21
N HIS D 150 28.04 26.38 35.31
CA HIS D 150 27.29 27.48 35.92
C HIS D 150 27.90 28.80 35.51
N LEU D 151 27.06 29.82 35.39
CA LEU D 151 27.47 31.14 34.92
C LEU D 151 27.10 32.20 35.95
N TRP D 152 28.06 33.06 36.29
CA TRP D 152 27.84 34.23 37.12
C TRP D 152 28.22 35.48 36.33
N CYS D 153 27.53 36.58 36.57
CA CYS D 153 27.86 37.87 35.99
C CYS D 153 27.85 38.91 37.08
N ASN D 154 28.99 39.57 37.29
CA ASN D 154 29.17 40.54 38.37
C ASN D 154 28.78 39.95 39.72
N GLY D 155 29.09 38.68 39.92
CA GLY D 155 28.83 37.99 41.17
C GLY D 155 27.43 37.43 41.33
N ARG D 156 26.54 37.64 40.37
CA ARG D 156 25.17 37.16 40.46
C ARG D 156 24.98 35.95 39.56
N TRP D 157 24.40 34.88 40.10
CA TRP D 157 24.20 33.66 39.33
C TRP D 157 23.23 33.91 38.18
N VAL D 158 23.57 33.40 37.01
CA VAL D 158 22.81 33.64 35.78
C VAL D 158 22.10 32.37 35.31
N GLY D 159 22.81 31.26 35.19
CA GLY D 159 22.20 30.07 34.66
C GLY D 159 23.15 28.89 34.60
N TYR D 160 22.68 27.86 33.91
CA TYR D 160 23.33 26.55 33.83
C TYR D 160 23.05 25.94 32.46
N GLY D 161 23.97 25.11 31.99
CA GLY D 161 23.85 24.54 30.66
C GLY D 161 24.55 23.21 30.52
N GLN D 162 24.03 22.37 29.61
CA GLN D 162 24.63 21.09 29.26
C GLN D 162 24.63 20.95 27.74
N ASP D 163 24.91 19.75 27.20
CA ASP D 163 25.10 19.55 25.76
C ASP D 163 26.29 20.34 25.23
N SER D 164 27.50 19.84 25.48
CA SER D 164 28.74 20.50 25.10
C SER D 164 28.82 20.94 23.64
N ARG D 165 27.99 20.40 22.75
CA ARG D 165 28.19 20.64 21.32
C ARG D 165 27.18 21.60 20.70
N LEU D 166 26.36 22.27 21.48
CA LEU D 166 25.42 23.25 20.94
C LEU D 166 25.51 24.55 21.73
N PRO D 167 25.21 25.69 21.11
CA PRO D 167 25.38 26.98 21.82
C PRO D 167 24.42 27.13 22.98
N SER D 168 24.88 27.81 24.03
CA SER D 168 24.06 28.16 25.17
C SER D 168 24.06 29.67 25.33
N GLU D 169 22.87 30.27 25.38
CA GLU D 169 22.70 31.71 25.38
C GLU D 169 21.93 32.15 26.62
N PHE D 170 22.35 33.27 27.19
CA PHE D 170 21.77 33.79 28.42
C PHE D 170 21.58 35.30 28.29
N ASP D 171 20.45 35.79 28.78
CA ASP D 171 20.17 37.22 28.77
C ASP D 171 20.93 37.89 29.91
N LEU D 172 21.85 38.79 29.57
CA LEU D 172 22.63 39.51 30.56
C LEU D 172 22.16 40.94 30.77
N SER D 173 20.99 41.30 30.23
CA SER D 173 20.53 42.68 30.29
C SER D 173 20.37 43.18 31.72
N ALA D 174 19.84 42.36 32.63
CA ALA D 174 19.61 42.77 34.01
C ALA D 174 20.84 42.60 34.91
N PHE D 175 21.94 42.07 34.38
CA PHE D 175 23.14 41.82 35.17
C PHE D 175 24.28 42.78 34.86
N LEU D 176 24.32 43.34 33.66
CA LEU D 176 25.46 44.16 33.25
C LEU D 176 25.33 45.58 33.78
N ARG D 177 26.48 46.22 33.94
CA ARG D 177 26.58 47.61 34.36
C ARG D 177 27.51 48.36 33.41
N ALA D 178 27.35 49.68 33.38
CA ALA D 178 28.22 50.51 32.56
C ALA D 178 29.65 50.44 33.08
N GLY D 179 30.59 50.33 32.16
CA GLY D 179 32.00 50.27 32.51
C GLY D 179 32.48 48.83 32.69
N GLU D 180 33.13 48.57 33.82
CA GLU D 180 33.81 47.30 34.05
C GLU D 180 32.84 46.22 34.52
N ASN D 181 32.90 45.06 33.88
CA ASN D 181 32.07 43.90 34.21
C ASN D 181 32.95 42.68 34.34
N ARG D 182 32.51 41.71 35.15
CA ARG D 182 33.24 40.47 35.32
C ARG D 182 32.34 39.27 35.07
N LEU D 183 32.87 38.28 34.37
CA LEU D 183 32.18 37.06 34.00
C LEU D 183 32.87 35.93 34.76
N ALA D 184 32.09 35.02 35.33
CA ALA D 184 32.65 33.86 36.05
C ALA D 184 31.94 32.60 35.59
N VAL D 185 32.70 31.68 34.98
CA VAL D 185 32.15 30.44 34.43
C VAL D 185 32.85 29.27 35.11
N MET D 186 32.04 28.41 35.74
CA MET D 186 32.59 27.19 36.39
C MET D 186 32.23 26.00 35.49
N VAL D 187 33.20 25.39 34.82
CA VAL D 187 33.01 24.30 33.88
C VAL D 187 33.34 22.98 34.58
N LEU D 188 32.45 22.01 34.47
CA LEU D 188 32.63 20.69 35.07
C LEU D 188 32.93 19.66 34.00
N ARG D 189 33.94 18.83 34.26
CA ARG D 189 34.32 17.82 33.30
C ARG D 189 33.24 16.75 33.11
N TRP D 190 32.62 16.31 34.21
CA TRP D 190 31.61 15.26 34.16
C TRP D 190 30.26 15.79 34.61
N SER D 191 29.21 15.28 33.98
CA SER D 191 27.84 15.61 34.31
C SER D 191 26.96 14.46 33.85
N ASP D 192 25.65 14.54 34.13
CA ASP D 192 24.76 13.52 33.60
C ASP D 192 24.68 13.58 32.09
N GLY D 193 25.03 14.73 31.49
CA GLY D 193 25.15 14.82 30.05
C GLY D 193 26.26 13.97 29.48
N SER D 194 27.28 13.65 30.28
CA SER D 194 28.36 12.79 29.83
C SER D 194 27.89 11.39 29.48
N TYR D 195 26.81 10.92 30.10
CA TYR D 195 26.28 9.61 29.74
C TYR D 195 25.75 9.59 28.31
N LEU D 196 25.40 10.74 27.75
CA LEU D 196 24.97 10.85 26.36
C LEU D 196 26.10 11.26 25.43
N GLU D 197 27.35 11.25 25.90
CA GLU D 197 28.49 11.75 25.14
C GLU D 197 29.63 10.75 25.17
N ASP D 198 29.33 9.48 24.85
CA ASP D 198 30.31 8.40 24.91
C ASP D 198 30.93 8.12 23.54
N GLN D 199 31.20 9.16 22.76
CA GLN D 199 31.83 9.00 21.45
C GLN D 199 33.24 8.41 21.59
N ASP D 200 33.65 7.68 20.55
CA ASP D 200 34.99 7.11 20.44
C ASP D 200 35.95 8.23 20.03
N MET D 201 36.47 8.93 21.03
CA MET D 201 37.33 10.08 20.80
C MET D 201 37.98 10.47 22.12
N TRP D 202 38.97 11.35 22.04
CA TRP D 202 39.59 11.89 23.24
C TRP D 202 38.53 12.60 24.09
N ARG D 203 38.61 12.41 25.41
CA ARG D 203 37.71 13.06 26.33
C ARG D 203 38.40 14.30 26.91
N MET D 204 37.98 15.46 26.46
CA MET D 204 38.54 16.74 26.90
C MET D 204 37.43 17.58 27.55
N SER D 205 37.77 18.80 27.93
CA SER D 205 36.80 19.68 28.57
C SER D 205 37.26 21.12 28.43
N GLY D 206 36.33 22.04 28.70
CA GLY D 206 36.61 23.46 28.72
C GLY D 206 35.71 24.23 27.80
N ILE D 207 35.97 25.54 27.70
CA ILE D 207 35.25 26.42 26.78
C ILE D 207 35.98 26.33 25.44
N PHE D 208 35.60 25.36 24.62
CA PHE D 208 36.35 25.00 23.43
C PHE D 208 35.79 25.57 22.13
N ARG D 209 34.73 26.37 22.19
CA ARG D 209 34.24 27.13 21.04
C ARG D 209 34.05 28.58 21.45
N ASP D 210 33.68 29.41 20.48
CA ASP D 210 33.70 30.86 20.66
C ASP D 210 32.70 31.33 21.72
N VAL D 211 33.00 32.49 22.30
CA VAL D 211 32.13 33.19 23.25
C VAL D 211 31.90 34.59 22.70
N SER D 212 30.64 35.03 22.70
CA SER D 212 30.34 36.32 22.10
C SER D 212 29.14 36.97 22.79
N LEU D 213 29.05 38.28 22.63
CA LEU D 213 27.92 39.07 23.10
C LEU D 213 27.12 39.56 21.89
N LEU D 214 25.80 39.43 21.97
CA LEU D 214 24.91 39.90 20.91
C LEU D 214 23.92 40.89 21.50
N HIS D 215 23.77 42.04 20.84
CA HIS D 215 22.82 43.06 21.26
C HIS D 215 21.66 43.09 20.26
N LYS D 216 20.45 42.90 20.75
CA LYS D 216 19.24 42.96 19.95
C LYS D 216 18.33 44.07 20.45
N PRO D 217 17.52 44.66 19.59
CA PRO D 217 16.49 45.58 20.06
C PRO D 217 15.39 44.83 20.80
N THR D 218 14.61 45.57 21.58
CA THR D 218 13.52 44.95 22.33
C THR D 218 12.51 44.30 21.40
N THR D 219 12.16 44.99 20.32
CA THR D 219 11.36 44.39 19.25
C THR D 219 12.31 43.82 18.20
N GLN D 220 12.25 42.51 17.98
CA GLN D 220 13.35 41.83 17.30
C GLN D 220 12.84 40.64 16.51
N ILE D 221 13.66 40.22 15.55
CA ILE D 221 13.47 38.94 14.87
C ILE D 221 13.98 37.84 15.80
N SER D 222 13.12 36.87 16.10
CA SER D 222 13.48 35.81 17.05
C SER D 222 13.71 34.46 16.39
N ASP D 223 13.25 34.27 15.15
CA ASP D 223 13.43 33.03 14.41
C ASP D 223 12.96 33.26 12.98
N PHE D 224 13.63 32.61 12.03
CA PHE D 224 13.16 32.61 10.65
C PHE D 224 13.53 31.30 10.00
N HIS D 225 12.62 30.78 9.18
CA HIS D 225 12.80 29.52 8.46
C HIS D 225 12.70 29.77 6.97
N VAL D 226 13.52 29.06 6.20
CA VAL D 226 13.56 29.16 4.76
C VAL D 226 13.27 27.80 4.17
N ALA D 227 12.30 27.74 3.25
CA ALA D 227 11.92 26.51 2.59
C ALA D 227 11.75 26.77 1.09
N THR D 228 12.13 25.79 0.29
CA THR D 228 12.03 25.89 -1.17
C THR D 228 11.14 24.77 -1.70
N ARG D 229 10.22 25.15 -2.57
CA ARG D 229 9.34 24.16 -3.22
C ARG D 229 9.53 24.32 -4.73
N PHE D 230 9.34 23.26 -5.50
CA PHE D 230 9.62 23.26 -6.92
C PHE D 230 8.47 22.59 -7.68
N ASN D 231 8.41 22.84 -8.99
CA ASN D 231 7.51 22.13 -9.87
C ASN D 231 8.20 20.84 -10.34
N ASP D 232 7.59 20.13 -11.28
CA ASP D 232 8.09 18.80 -11.66
C ASP D 232 9.46 18.87 -12.33
N ASP D 233 9.71 19.90 -13.15
CA ASP D 233 10.97 20.03 -13.87
C ASP D 233 11.92 21.04 -13.25
N PHE D 234 11.60 21.54 -12.05
CA PHE D 234 12.49 22.41 -11.27
C PHE D 234 12.71 23.77 -11.94
N SER D 235 11.91 24.09 -12.95
CA SER D 235 12.02 25.36 -13.65
C SER D 235 11.32 26.50 -12.92
N ARG D 236 10.49 26.20 -11.92
CA ARG D 236 9.82 27.22 -11.12
C ARG D 236 9.96 26.83 -9.65
N ALA D 237 10.31 27.81 -8.81
CA ALA D 237 10.49 27.57 -7.39
C ALA D 237 9.75 28.64 -6.59
N VAL D 238 9.28 28.24 -5.41
CA VAL D 238 8.65 29.15 -4.46
C VAL D 238 9.49 29.16 -3.20
N LEU D 239 9.99 30.33 -2.82
CA LEU D 239 10.80 30.48 -1.63
C LEU D 239 9.88 30.94 -0.49
N GLU D 240 9.65 30.05 0.48
CA GLU D 240 8.74 30.33 1.59
C GLU D 240 9.57 30.66 2.83
N ALA D 241 9.38 31.86 3.35
CA ALA D 241 10.11 32.33 4.53
C ALA D 241 9.12 32.67 5.64
N GLU D 242 9.24 31.98 6.77
CA GLU D 242 8.43 32.23 7.96
C GLU D 242 9.30 32.99 8.95
N VAL D 243 8.82 34.13 9.41
CA VAL D 243 9.56 35.00 10.32
C VAL D 243 8.77 35.14 11.62
N GLN D 244 9.46 35.03 12.75
CA GLN D 244 8.87 35.15 14.07
C GLN D 244 9.53 36.29 14.83
N MET D 245 8.75 36.97 15.66
CA MET D 245 9.23 38.14 16.40
C MET D 245 8.89 38.01 17.88
N CYS D 246 9.66 38.74 18.69
CA CYS D 246 9.36 38.93 20.10
C CYS D 246 9.39 40.43 20.41
N GLY D 247 8.66 40.80 21.45
CA GLY D 247 8.45 42.19 21.79
C GLY D 247 7.03 42.61 21.51
N GLU D 248 6.77 43.90 21.67
CA GLU D 248 5.43 44.46 21.53
C GLU D 248 5.05 44.57 20.06
N LEU D 249 3.94 43.94 19.70
CA LEU D 249 3.43 44.03 18.34
C LEU D 249 2.78 45.39 18.11
N ARG D 250 3.08 46.00 16.98
CA ARG D 250 2.45 47.28 16.61
C ARG D 250 1.97 47.18 15.17
N ASP D 251 0.88 47.83 14.83
CA ASP D 251 0.27 47.76 13.51
C ASP D 251 1.16 48.31 12.40
N TYR D 252 2.13 49.15 12.74
CA TYR D 252 3.04 49.71 11.74
C TYR D 252 4.22 48.80 11.43
N LEU D 253 4.40 47.71 12.17
CA LEU D 253 5.52 46.80 11.94
C LEU D 253 5.36 46.09 10.60
N ARG D 254 6.49 45.91 9.90
CA ARG D 254 6.51 45.21 8.63
C ARG D 254 7.73 44.31 8.58
N VAL D 255 7.65 43.28 7.74
CA VAL D 255 8.77 42.39 7.46
C VAL D 255 8.96 42.33 5.95
N THR D 256 10.19 42.54 5.50
CA THR D 256 10.54 42.42 4.09
C THR D 256 11.62 41.35 3.92
N VAL D 257 11.38 40.41 3.03
CA VAL D 257 12.34 39.37 2.67
C VAL D 257 12.74 39.58 1.22
N SER D 258 14.03 39.80 0.97
CA SER D 258 14.55 40.00 -0.38
C SER D 258 15.58 38.93 -0.69
N LEU D 259 15.54 38.42 -1.92
CA LEU D 259 16.45 37.38 -2.37
C LEU D 259 17.40 37.98 -3.40
N TRP D 260 18.69 37.71 -3.21
CA TRP D 260 19.73 38.29 -4.04
C TRP D 260 20.56 37.20 -4.68
N GLN D 261 20.87 37.37 -5.96
CA GLN D 261 21.84 36.53 -6.67
C GLN D 261 23.04 37.42 -6.97
N GLY D 262 24.04 37.37 -6.10
CA GLY D 262 25.15 38.30 -6.18
C GLY D 262 24.73 39.72 -5.89
N GLU D 263 24.85 40.61 -6.88
CA GLU D 263 24.45 42.00 -6.72
C GLU D 263 23.04 42.28 -7.21
N THR D 264 22.37 41.31 -7.80
CA THR D 264 21.05 41.52 -8.39
C THR D 264 19.97 40.95 -7.48
N GLN D 265 18.94 41.77 -7.24
CA GLN D 265 17.79 41.35 -6.46
C GLN D 265 16.85 40.54 -7.36
N VAL D 266 16.56 39.31 -6.97
CA VAL D 266 15.74 38.42 -7.78
C VAL D 266 14.27 38.49 -7.38
N ALA D 267 13.99 38.57 -6.08
CA ALA D 267 12.62 38.58 -5.60
C ALA D 267 12.56 39.35 -4.29
N SER D 268 11.34 39.79 -3.94
CA SER D 268 11.14 40.54 -2.72
C SER D 268 9.68 40.40 -2.29
N GLY D 269 9.44 40.60 -1.00
CA GLY D 269 8.09 40.59 -0.47
C GLY D 269 8.03 41.35 0.84
N THR D 270 6.89 41.98 1.08
CA THR D 270 6.65 42.74 2.29
C THR D 270 5.25 42.43 2.80
N ALA D 271 5.12 42.33 4.13
CA ALA D 271 3.82 42.01 4.72
C ALA D 271 3.83 42.46 6.17
N PRO D 272 2.67 42.82 6.72
CA PRO D 272 2.56 43.01 8.17
C PRO D 272 2.50 41.67 8.88
N PHE D 273 2.66 41.71 10.19
CA PHE D 273 2.62 40.49 10.98
C PHE D 273 1.20 39.93 11.05
N GLY D 274 1.11 38.64 11.35
CA GLY D 274 -0.17 37.94 11.39
C GLY D 274 -0.26 36.81 10.39
N GLY D 275 -0.21 35.58 10.90
CA GLY D 275 -0.27 34.41 10.04
C GLY D 275 -1.69 33.97 9.75
N GLU D 276 -1.79 32.94 8.92
CA GLU D 276 -3.08 32.37 8.54
C GLU D 276 -3.69 31.62 9.72
N ILE D 277 -5.00 31.42 9.65
CA ILE D 277 -5.70 30.64 10.65
C ILE D 277 -5.20 29.20 10.62
N ILE D 278 -4.88 28.65 11.80
CA ILE D 278 -4.41 27.28 11.88
C ILE D 278 -5.31 26.38 12.71
N ASP D 279 -6.06 26.91 13.67
CA ASP D 279 -6.98 26.08 14.45
C ASP D 279 -8.12 26.96 14.96
N GLU D 280 -8.91 26.41 15.90
CA GLU D 280 -10.11 27.09 16.36
C GLU D 280 -9.82 28.45 16.99
N ARG D 281 -8.66 28.62 17.63
CA ARG D 281 -8.35 29.86 18.34
C ARG D 281 -7.74 30.93 17.44
N GLY D 282 -7.41 30.62 16.19
CA GLY D 282 -6.89 31.60 15.26
C GLY D 282 -5.50 31.23 14.77
N GLY D 283 -4.70 32.27 14.49
CA GLY D 283 -3.35 32.08 14.00
C GLY D 283 -2.31 32.80 14.85
N TYR D 284 -1.06 32.80 14.39
CA TYR D 284 0.03 33.46 15.10
C TYR D 284 0.06 34.93 14.74
N ALA D 285 -0.26 35.80 15.71
CA ALA D 285 -0.17 37.23 15.47
C ALA D 285 1.27 37.72 15.42
N ASP D 286 2.22 36.96 15.96
CA ASP D 286 3.62 37.34 16.00
C ASP D 286 4.46 36.61 14.95
N ARG D 287 3.84 36.15 13.87
CA ARG D 287 4.54 35.49 12.78
C ARG D 287 3.99 35.97 11.45
N VAL D 288 4.83 35.89 10.41
CA VAL D 288 4.43 36.18 9.04
C VAL D 288 5.19 35.25 8.12
N THR D 289 4.52 34.82 7.05
CA THR D 289 5.11 33.95 6.04
C THR D 289 5.05 34.66 4.69
N LEU D 290 6.21 34.82 4.07
CA LEU D 290 6.32 35.49 2.78
C LEU D 290 6.74 34.47 1.73
N ARG D 291 6.03 34.47 0.60
CA ARG D 291 6.28 33.53 -0.47
C ARG D 291 6.79 34.29 -1.69
N LEU D 292 7.99 33.95 -2.14
CA LEU D 292 8.63 34.62 -3.26
C LEU D 292 8.78 33.62 -4.40
N ASN D 293 8.31 34.01 -5.59
CA ASN D 293 8.46 33.19 -6.78
C ASN D 293 9.82 33.45 -7.42
N VAL D 294 10.51 32.37 -7.80
CA VAL D 294 11.77 32.47 -8.51
C VAL D 294 11.65 31.66 -9.80
N GLU D 295 11.92 32.29 -10.93
CA GLU D 295 11.86 31.63 -12.22
C GLU D 295 13.25 31.13 -12.61
N ASN D 296 13.32 29.90 -13.08
CA ASN D 296 14.55 29.24 -13.49
C ASN D 296 15.64 29.39 -12.43
N PRO D 297 15.40 28.93 -11.20
CA PRO D 297 16.40 29.10 -10.15
C PRO D 297 17.66 28.29 -10.44
N LYS D 298 18.80 28.81 -9.99
CA LYS D 298 20.05 28.08 -10.08
C LYS D 298 20.15 27.12 -8.90
N LEU D 299 20.15 25.83 -9.19
CA LEU D 299 20.01 24.82 -8.14
C LEU D 299 21.33 24.55 -7.44
N TRP D 300 21.24 24.26 -6.15
CA TRP D 300 22.42 23.95 -5.34
C TRP D 300 22.72 22.46 -5.37
N SER D 301 24.00 22.13 -5.48
CA SER D 301 24.47 20.76 -5.39
C SER D 301 25.94 20.78 -5.03
N ALA D 302 26.46 19.62 -4.62
CA ALA D 302 27.89 19.53 -4.36
C ALA D 302 28.71 19.77 -5.63
N GLU D 303 28.16 19.43 -6.79
CA GLU D 303 28.85 19.67 -8.05
C GLU D 303 28.89 21.16 -8.37
N ILE D 304 27.75 21.84 -8.28
CA ILE D 304 27.67 23.29 -8.50
C ILE D 304 26.93 23.92 -7.33
N PRO D 305 27.65 24.43 -6.32
CA PRO D 305 26.98 25.01 -5.13
C PRO D 305 26.47 26.43 -5.37
N ASN D 306 25.47 26.55 -6.25
CA ASN D 306 24.82 27.84 -6.48
C ASN D 306 24.16 28.31 -5.19
N LEU D 307 24.39 29.57 -4.82
CA LEU D 307 23.82 30.12 -3.61
C LEU D 307 23.17 31.48 -3.88
N TYR D 308 22.05 31.73 -3.22
CA TYR D 308 21.42 33.02 -3.16
C TYR D 308 21.59 33.61 -1.76
N ARG D 309 21.32 34.90 -1.63
CA ARG D 309 21.42 35.60 -0.35
C ARG D 309 20.04 36.14 0.00
N ALA D 310 19.47 35.63 1.10
CA ALA D 310 18.18 36.11 1.57
C ALA D 310 18.39 37.05 2.75
N VAL D 311 17.76 38.21 2.69
CA VAL D 311 17.86 39.22 3.74
C VAL D 311 16.48 39.41 4.33
N VAL D 312 16.39 39.32 5.65
CA VAL D 312 15.13 39.46 6.38
C VAL D 312 15.18 40.79 7.12
N GLU D 313 14.27 41.70 6.78
CA GLU D 313 14.24 43.05 7.32
C GLU D 313 13.04 43.20 8.23
N LEU D 314 13.27 43.65 9.45
CA LEU D 314 12.21 44.10 10.34
C LEU D 314 12.22 45.62 10.34
N HIS D 315 11.10 46.22 9.92
CA HIS D 315 11.04 47.66 9.74
C HIS D 315 9.61 48.13 9.92
N THR D 316 9.48 49.44 10.19
CA THR D 316 8.17 50.06 10.32
C THR D 316 7.61 50.41 8.94
N ALA D 317 6.35 50.83 8.92
CA ALA D 317 5.67 51.11 7.66
C ALA D 317 6.27 52.31 6.94
N ASP D 318 6.76 53.31 7.69
CA ASP D 318 7.36 54.47 7.05
C ASP D 318 8.67 54.12 6.36
N GLY D 319 9.45 53.20 6.92
CA GLY D 319 10.62 52.70 6.23
C GLY D 319 11.89 52.61 7.05
N THR D 320 11.83 52.91 8.34
CA THR D 320 13.03 52.84 9.17
C THR D 320 13.29 51.40 9.59
N LEU D 321 14.56 50.99 9.50
CA LEU D 321 14.94 49.61 9.77
C LEU D 321 15.12 49.39 11.26
N ILE D 322 14.47 48.37 11.80
CA ILE D 322 14.66 47.98 13.18
C ILE D 322 15.80 46.97 13.31
N GLU D 323 15.78 45.93 12.49
CA GLU D 323 16.78 44.87 12.55
C GLU D 323 16.79 44.13 11.23
N ALA D 324 17.95 43.57 10.89
CA ALA D 324 18.13 42.74 9.71
C ALA D 324 18.86 41.45 10.06
N GLU D 325 18.43 40.36 9.43
CA GLU D 325 19.13 39.08 9.51
C GLU D 325 19.22 38.50 8.11
N ALA D 326 20.21 37.62 7.90
CA ALA D 326 20.48 37.09 6.57
C ALA D 326 21.00 35.67 6.67
N CYS D 327 20.85 34.93 5.58
CA CYS D 327 21.41 33.60 5.46
C CYS D 327 21.56 33.25 3.99
N ASP D 328 22.53 32.39 3.70
CA ASP D 328 22.70 31.88 2.35
C ASP D 328 21.60 30.87 2.03
N VAL D 329 21.11 30.92 0.80
CA VAL D 329 20.01 30.08 0.36
C VAL D 329 20.48 29.21 -0.79
N GLY D 330 20.28 27.90 -0.66
CA GLY D 330 20.54 26.96 -1.72
C GLY D 330 19.24 26.29 -2.14
N PHE D 331 18.89 26.47 -3.42
CA PHE D 331 17.69 25.85 -3.98
C PHE D 331 17.98 24.40 -4.28
N ARG D 332 17.45 23.50 -3.47
CA ARG D 332 17.61 22.06 -3.78
C ARG D 332 16.51 21.27 -3.09
N GLU D 333 16.12 20.17 -3.67
CA GLU D 333 15.08 19.30 -3.08
C GLU D 333 15.72 17.94 -2.75
N VAL D 334 15.48 17.47 -1.54
CA VAL D 334 15.99 16.15 -1.10
C VAL D 334 14.77 15.28 -0.80
N ARG D 335 14.68 14.07 -1.34
CA ARG D 335 13.58 13.17 -1.04
C ARG D 335 13.94 11.74 -1.42
N ILE D 336 13.29 10.80 -0.75
CA ILE D 336 13.41 9.38 -1.05
C ILE D 336 12.16 9.00 -1.83
N GLU D 337 12.33 8.52 -3.06
CA GLU D 337 11.22 8.08 -3.88
C GLU D 337 11.53 6.71 -4.48
N ASN D 338 10.60 5.77 -4.29
CA ASN D 338 10.72 4.41 -4.80
C ASN D 338 12.03 3.76 -4.35
N GLY D 339 12.45 4.02 -3.11
CA GLY D 339 13.63 3.40 -2.56
C GLY D 339 14.95 4.05 -2.90
N LEU D 340 14.93 5.22 -3.55
CA LEU D 340 16.15 5.91 -3.94
C LEU D 340 16.20 7.31 -3.34
N LEU D 341 17.35 7.68 -2.79
CA LEU D 341 17.55 9.04 -2.31
C LEU D 341 17.85 9.96 -3.49
N LEU D 342 17.01 10.97 -3.68
CA LEU D 342 17.11 11.87 -4.83
C LEU D 342 17.48 13.27 -4.38
N LEU D 343 18.39 13.91 -5.14
CA LEU D 343 18.69 15.33 -4.99
C LEU D 343 18.37 16.02 -6.31
N ASN D 344 17.41 16.94 -6.28
CA ASN D 344 16.94 17.64 -7.47
C ASN D 344 16.53 16.66 -8.57
N GLY D 345 15.83 15.59 -8.17
CA GLY D 345 15.31 14.63 -9.11
C GLY D 345 16.27 13.55 -9.57
N LYS D 346 17.52 13.55 -9.09
CA LYS D 346 18.51 12.60 -9.57
C LYS D 346 19.06 11.77 -8.41
N PRO D 347 19.26 10.46 -8.61
CA PRO D 347 19.71 9.61 -7.50
C PRO D 347 21.17 9.91 -7.13
N LEU D 348 21.40 10.13 -5.85
CA LEU D 348 22.75 10.44 -5.38
C LEU D 348 23.61 9.19 -5.29
N LEU D 349 24.92 9.38 -5.39
CA LEU D 349 25.91 8.37 -5.04
C LEU D 349 26.86 9.01 -4.04
N ILE D 350 26.74 8.62 -2.77
CA ILE D 350 27.42 9.31 -1.67
C ILE D 350 28.87 8.85 -1.62
N ARG D 351 29.79 9.77 -1.91
CA ARG D 351 31.22 9.55 -1.74
C ARG D 351 31.64 10.22 -0.42
N GLY D 352 31.30 9.57 0.68
CA GLY D 352 31.36 10.23 1.97
C GLY D 352 32.52 9.85 2.87
N VAL D 353 32.75 10.65 3.91
CA VAL D 353 33.74 10.35 4.94
C VAL D 353 33.23 10.93 6.26
N ASN D 354 33.50 10.20 7.35
CA ASN D 354 33.24 10.70 8.69
C ASN D 354 34.37 11.62 9.14
N ARG D 355 34.03 12.73 9.77
CA ARG D 355 35.04 13.71 10.20
C ARG D 355 34.78 14.15 11.62
N HIS D 356 35.73 13.87 12.52
CA HIS D 356 35.74 14.46 13.85
C HIS D 356 36.38 15.85 13.81
N GLU D 357 36.01 16.67 14.79
CA GLU D 357 36.64 17.98 14.97
C GLU D 357 37.89 17.77 15.82
N HIS D 358 39.04 17.64 15.17
CA HIS D 358 40.26 17.30 15.87
C HIS D 358 41.44 18.09 15.31
N HIS D 359 42.29 18.58 16.21
CA HIS D 359 43.53 19.25 15.85
C HIS D 359 44.63 18.72 16.76
N PRO D 360 45.78 18.34 16.21
CA PRO D 360 46.82 17.71 17.05
C PRO D 360 47.39 18.62 18.12
N LEU D 361 47.29 19.94 17.96
CA LEU D 361 47.80 20.89 18.93
C LEU D 361 46.70 21.51 19.80
N HIS D 362 45.56 21.86 19.20
CA HIS D 362 44.50 22.57 19.92
C HIS D 362 43.38 21.65 20.36
N GLY D 363 43.56 20.33 20.27
CA GLY D 363 42.57 19.40 20.73
C GLY D 363 41.32 19.42 19.86
N GLN D 364 40.20 19.81 20.45
CA GLN D 364 38.93 19.84 19.74
C GLN D 364 38.46 21.28 19.48
N VAL D 365 39.38 22.23 19.45
CA VAL D 365 39.11 23.60 19.05
C VAL D 365 39.35 23.71 17.55
N MET D 366 38.34 24.17 16.82
CA MET D 366 38.41 24.22 15.36
C MET D 366 38.62 25.65 14.88
N ASP D 367 39.29 25.79 13.75
CA ASP D 367 39.54 27.09 13.12
C ASP D 367 39.22 27.02 11.63
N GLU D 368 38.96 28.20 11.08
CA GLU D 368 38.55 28.29 9.68
C GLU D 368 39.63 27.74 8.75
N GLN D 369 40.90 27.98 9.06
CA GLN D 369 41.98 27.48 8.20
C GLN D 369 41.99 25.96 8.13
N THR D 370 41.90 25.29 9.28
CA THR D 370 41.83 23.83 9.27
C THR D 370 40.58 23.33 8.57
N MET D 371 39.44 23.99 8.77
CA MET D 371 38.22 23.58 8.08
C MET D 371 38.39 23.67 6.56
N VAL D 372 38.93 24.79 6.07
CA VAL D 372 39.11 24.96 4.63
C VAL D 372 40.11 23.95 4.09
N GLN D 373 41.21 23.72 4.81
CA GLN D 373 42.17 22.70 4.40
C GLN D 373 41.50 21.35 4.24
N ASP D 374 40.70 20.95 5.23
CA ASP D 374 40.00 19.67 5.15
C ASP D 374 39.05 19.62 3.96
N ILE D 375 38.25 20.68 3.76
CA ILE D 375 37.28 20.65 2.66
C ILE D 375 37.98 20.56 1.31
N LEU D 376 39.04 21.34 1.12
CA LEU D 376 39.77 21.27 -0.14
C LEU D 376 40.39 19.89 -0.35
N LEU D 377 40.98 19.32 0.69
CA LEU D 377 41.56 17.98 0.54
C LEU D 377 40.50 16.95 0.19
N MET D 378 39.33 17.02 0.85
CA MET D 378 38.26 16.08 0.56
C MET D 378 37.79 16.19 -0.88
N LYS D 379 37.54 17.41 -1.35
CA LYS D 379 37.05 17.58 -2.72
C LYS D 379 38.10 17.18 -3.73
N GLN D 380 39.38 17.47 -3.48
CA GLN D 380 40.45 17.06 -4.37
C GLN D 380 40.60 15.55 -4.45
N ASN D 381 40.07 14.80 -3.47
CA ASN D 381 40.13 13.35 -3.47
C ASN D 381 38.76 12.72 -3.73
N ASN D 382 37.89 13.46 -4.45
CA ASN D 382 36.64 12.94 -4.99
C ASN D 382 35.64 12.54 -3.90
N PHE D 383 35.68 13.22 -2.76
CA PHE D 383 34.62 13.12 -1.76
C PHE D 383 33.57 14.19 -2.02
N ASN D 384 32.30 13.83 -1.84
CA ASN D 384 31.22 14.80 -1.98
C ASN D 384 30.30 14.89 -0.77
N ALA D 385 30.60 14.19 0.33
CA ALA D 385 29.73 14.22 1.49
C ALA D 385 30.55 13.98 2.76
N VAL D 386 30.07 14.54 3.86
CA VAL D 386 30.71 14.42 5.17
C VAL D 386 29.63 14.13 6.20
N ARG D 387 29.94 13.21 7.12
CA ARG D 387 29.10 12.94 8.28
C ARG D 387 29.74 13.60 9.50
N CYS D 388 28.94 14.40 10.22
CA CYS D 388 29.43 15.12 11.40
C CYS D 388 29.42 14.17 12.59
N SER D 389 30.39 13.26 12.61
CA SER D 389 30.47 12.22 13.63
C SER D 389 31.14 12.77 14.89
N HIS D 390 30.45 12.71 16.01
CA HIS D 390 29.02 12.41 16.08
C HIS D 390 28.36 13.49 16.94
N TYR D 391 28.15 14.66 16.36
CA TYR D 391 27.65 15.82 17.09
C TYR D 391 27.51 17.00 16.13
N PRO D 392 26.71 18.01 16.49
CA PRO D 392 26.70 19.24 15.69
C PRO D 392 28.07 19.89 15.69
N ASN D 393 28.45 20.42 14.53
CA ASN D 393 29.79 20.98 14.37
C ASN D 393 29.80 22.46 14.70
N HIS D 394 30.99 23.03 14.67
CA HIS D 394 31.17 24.47 14.73
C HIS D 394 30.35 25.12 13.61
N PRO D 395 29.65 26.22 13.89
CA PRO D 395 28.69 26.77 12.91
C PRO D 395 29.31 27.13 11.57
N LEU D 396 30.58 27.55 11.54
CA LEU D 396 31.23 27.91 10.28
C LEU D 396 31.38 26.73 9.33
N TRP D 397 31.37 25.50 9.87
CA TRP D 397 31.52 24.32 9.04
C TRP D 397 30.40 24.22 8.01
N TYR D 398 29.16 24.44 8.45
CA TYR D 398 28.02 24.37 7.53
C TYR D 398 28.07 25.48 6.48
N THR D 399 28.52 26.68 6.86
CA THR D 399 28.68 27.75 5.88
C THR D 399 29.71 27.37 4.82
N LEU D 400 30.85 26.84 5.25
CA LEU D 400 31.87 26.44 4.29
C LEU D 400 31.39 25.30 3.40
N CYS D 401 30.63 24.35 3.96
CA CYS D 401 30.07 23.29 3.13
C CYS D 401 29.06 23.82 2.12
N ASP D 402 28.21 24.78 2.54
CA ASP D 402 27.34 25.48 1.61
C ASP D 402 28.14 26.09 0.46
N ARG D 403 29.24 26.76 0.80
CA ARG D 403 30.00 27.54 -0.19
C ARG D 403 30.78 26.64 -1.15
N TYR D 404 31.47 25.63 -0.63
CA TYR D 404 32.33 24.80 -1.46
C TYR D 404 31.60 23.64 -2.13
N GLY D 405 30.56 23.12 -1.49
CA GLY D 405 29.79 22.04 -2.06
C GLY D 405 30.17 20.70 -1.47
N LEU D 406 29.42 20.29 -0.45
CA LEU D 406 29.53 18.97 0.15
C LEU D 406 28.21 18.69 0.84
N TYR D 407 27.66 17.50 0.61
CA TYR D 407 26.48 17.08 1.33
C TYR D 407 26.85 16.75 2.78
N VAL D 408 25.99 17.15 3.72
CA VAL D 408 26.30 17.04 5.14
C VAL D 408 25.20 16.24 5.83
N VAL D 409 25.60 15.29 6.66
CA VAL D 409 24.70 14.61 7.58
C VAL D 409 24.92 15.22 8.96
N ASP D 410 23.92 15.92 9.46
CA ASP D 410 24.00 16.60 10.75
C ASP D 410 23.51 15.66 11.84
N GLU D 411 24.33 15.43 12.85
CA GLU D 411 24.09 14.36 13.82
C GLU D 411 23.92 14.95 15.21
N ALA D 412 22.90 14.47 15.93
CA ALA D 412 22.67 14.88 17.30
C ALA D 412 23.76 14.34 18.22
N ASN D 413 24.03 15.08 19.31
CA ASN D 413 25.08 14.74 20.26
C ASN D 413 24.53 13.75 21.29
N ILE D 414 24.28 12.53 20.82
CA ILE D 414 23.75 11.44 21.66
C ILE D 414 24.50 10.16 21.30
N GLU D 415 25.34 9.67 22.22
CA GLU D 415 25.95 8.35 22.07
C GLU D 415 26.10 7.74 23.44
N THR D 416 25.51 6.55 23.63
CA THR D 416 25.52 5.85 24.91
C THR D 416 26.11 4.44 24.71
N HIS D 417 27.21 4.39 23.96
CA HIS D 417 27.77 3.11 23.52
C HIS D 417 28.13 2.22 24.71
N GLY D 418 28.62 2.81 25.80
CA GLY D 418 29.11 2.03 26.93
C GLY D 418 28.04 1.41 27.81
N MET D 419 26.77 1.73 27.57
CA MET D 419 25.70 1.23 28.43
C MET D 419 25.43 -0.24 28.15
N VAL D 420 24.90 -0.94 29.15
CA VAL D 420 24.59 -2.36 29.01
C VAL D 420 23.16 -2.64 29.47
N PRO D 421 22.23 -2.94 28.56
CA PRO D 421 22.39 -2.97 27.09
C PRO D 421 22.53 -1.56 26.54
N MET D 422 22.83 -1.42 25.25
CA MET D 422 23.13 -0.11 24.68
C MET D 422 21.95 0.86 24.73
N ASN D 423 20.71 0.36 24.87
CA ASN D 423 19.53 1.22 24.89
C ASN D 423 18.98 1.43 26.30
N ARG D 424 19.78 1.17 27.33
CA ARG D 424 19.27 1.28 28.70
C ARG D 424 18.74 2.68 28.98
N LEU D 425 19.42 3.71 28.48
CA LEU D 425 18.95 5.07 28.65
C LEU D 425 17.96 5.50 27.57
N THR D 426 18.23 5.16 26.31
CA THR D 426 17.39 5.60 25.21
C THR D 426 16.01 4.95 25.22
N ASP D 427 15.80 3.89 25.99
CA ASP D 427 14.48 3.28 26.15
C ASP D 427 13.81 3.72 27.46
N ASP D 428 14.41 4.64 28.19
CA ASP D 428 13.90 5.10 29.48
C ASP D 428 13.23 6.45 29.29
N PRO D 429 11.93 6.59 29.58
CA PRO D 429 11.28 7.89 29.38
C PRO D 429 11.87 9.01 30.22
N ARG D 430 12.54 8.70 31.34
CA ARG D 430 13.13 9.74 32.16
C ARG D 430 14.29 10.46 31.46
N TRP D 431 14.90 9.86 30.44
CA TRP D 431 15.96 10.50 29.66
C TRP D 431 15.44 11.10 28.35
N LEU D 432 14.15 10.94 28.07
CA LEU D 432 13.57 11.55 26.88
C LEU D 432 13.74 13.07 26.84
N PRO D 433 13.54 13.83 27.92
CA PRO D 433 13.77 15.29 27.83
C PRO D 433 15.19 15.65 27.42
N ALA D 434 16.19 15.02 28.05
CA ALA D 434 17.58 15.31 27.72
C ALA D 434 17.89 14.96 26.27
N MET D 435 17.40 13.81 25.80
CA MET D 435 17.63 13.45 24.39
C MET D 435 16.93 14.43 23.45
N SER D 436 15.71 14.82 23.80
CA SER D 436 14.93 15.71 22.95
C SER D 436 15.59 17.07 22.82
N GLU D 437 16.17 17.59 23.91
CA GLU D 437 16.88 18.86 23.80
C GLU D 437 18.00 18.78 22.78
N ARG D 438 18.79 17.69 22.83
CA ARG D 438 19.92 17.55 21.91
C ARG D 438 19.48 17.41 20.46
N VAL D 439 18.33 16.81 20.20
CA VAL D 439 17.83 16.74 18.82
C VAL D 439 17.23 18.07 18.37
N THR D 440 16.27 18.58 19.15
CA THR D 440 15.49 19.75 18.75
C THR D 440 16.34 21.00 18.63
N ARG D 441 17.29 21.23 19.54
CA ARG D 441 18.11 22.42 19.42
C ARG D 441 19.04 22.37 18.22
N MET D 442 19.52 21.18 17.85
CA MET D 442 20.31 21.05 16.62
C MET D 442 19.46 21.41 15.40
N VAL D 443 18.26 20.86 15.33
CA VAL D 443 17.40 21.16 14.18
C VAL D 443 17.10 22.65 14.11
N GLN D 444 16.76 23.25 15.25
CA GLN D 444 16.47 24.68 15.30
C GLN D 444 17.67 25.51 14.87
N ARG D 445 18.89 25.05 15.18
CA ARG D 445 20.07 25.83 14.80
C ARG D 445 20.39 25.70 13.32
N ASP D 446 20.26 24.51 12.75
CA ASP D 446 20.86 24.24 11.44
C ASP D 446 19.88 24.02 10.31
N ARG D 447 18.57 24.14 10.55
CA ARG D 447 17.62 23.75 9.51
C ARG D 447 17.66 24.63 8.25
N ASN D 448 18.32 25.79 8.28
CA ASN D 448 18.37 26.65 7.10
C ASN D 448 19.54 26.35 6.17
N HIS D 449 20.47 25.49 6.56
CA HIS D 449 21.67 25.28 5.74
C HIS D 449 21.37 24.34 4.57
N PRO D 450 21.60 24.78 3.33
CA PRO D 450 21.38 23.88 2.19
C PRO D 450 22.27 22.65 2.19
N SER D 451 23.50 22.75 2.70
CA SER D 451 24.40 21.60 2.68
C SER D 451 23.87 20.44 3.51
N VAL D 452 23.14 20.71 4.59
CA VAL D 452 22.57 19.66 5.41
C VAL D 452 21.43 19.01 4.62
N ILE D 453 21.61 17.76 4.23
CA ILE D 453 20.57 17.04 3.49
C ILE D 453 19.94 15.92 4.30
N ILE D 454 20.57 15.46 5.38
CA ILE D 454 20.05 14.37 6.20
C ILE D 454 20.29 14.69 7.67
N TRP D 455 19.30 14.41 8.52
CA TRP D 455 19.47 14.45 9.97
C TRP D 455 19.80 13.06 10.50
N SER D 456 20.62 13.01 11.54
CA SER D 456 20.90 11.77 12.25
C SER D 456 20.56 11.93 13.73
N LEU D 457 20.00 10.88 14.32
CA LEU D 457 19.55 10.91 15.70
C LEU D 457 20.67 10.64 16.69
N GLY D 458 21.89 10.43 16.22
CA GLY D 458 23.02 10.12 17.08
C GLY D 458 23.76 8.90 16.59
N ASN D 459 24.52 8.30 17.49
CA ASN D 459 25.38 7.17 17.15
C ASN D 459 25.38 6.14 18.27
N GLU D 460 25.24 4.87 17.88
CA GLU D 460 25.49 3.72 18.76
C GLU D 460 24.84 3.90 20.13
N SER D 461 23.52 4.01 20.14
CA SER D 461 22.76 4.13 21.37
C SER D 461 21.65 3.08 21.46
N GLY D 462 21.81 1.97 20.76
CA GLY D 462 20.75 0.97 20.71
C GLY D 462 19.52 1.54 20.01
N HIS D 463 18.38 0.92 20.27
CA HIS D 463 17.10 1.38 19.76
C HIS D 463 16.10 1.40 20.91
N GLY D 464 15.65 2.59 21.28
CA GLY D 464 14.61 2.76 22.27
C GLY D 464 13.47 3.62 21.74
N ALA D 465 12.40 3.66 22.53
CA ALA D 465 11.22 4.42 22.14
C ALA D 465 11.51 5.90 21.97
N ASN D 466 12.50 6.43 22.70
CA ASN D 466 12.87 7.83 22.53
C ASN D 466 13.37 8.11 21.11
N HIS D 467 14.09 7.15 20.51
CA HIS D 467 14.51 7.30 19.13
C HIS D 467 13.31 7.44 18.20
N ASP D 468 12.30 6.59 18.36
CA ASP D 468 11.11 6.68 17.51
C ASP D 468 10.40 8.01 17.70
N ALA D 469 10.26 8.44 18.96
CA ALA D 469 9.61 9.72 19.23
C ALA D 469 10.34 10.87 18.56
N LEU D 470 11.66 10.91 18.68
CA LEU D 470 12.42 12.03 18.10
C LEU D 470 12.49 11.94 16.58
N TYR D 471 12.55 10.73 16.02
CA TYR D 471 12.43 10.56 14.58
C TYR D 471 11.13 11.20 14.08
N ARG D 472 10.02 10.89 14.74
CA ARG D 472 8.74 11.45 14.32
C ARG D 472 8.68 12.96 14.54
N TRP D 473 9.28 13.47 15.62
CA TRP D 473 9.32 14.91 15.83
C TRP D 473 10.04 15.60 14.66
N ILE D 474 11.18 15.06 14.24
CA ILE D 474 11.90 15.66 13.12
C ILE D 474 11.06 15.57 11.84
N LYS D 475 10.44 14.41 11.59
CA LYS D 475 9.63 14.28 10.39
C LYS D 475 8.49 15.28 10.38
N SER D 476 7.95 15.62 11.54
CA SER D 476 6.87 16.61 11.61
C SER D 476 7.38 18.03 11.42
N VAL D 477 8.51 18.38 12.03
CA VAL D 477 8.95 19.78 11.98
C VAL D 477 9.66 20.10 10.67
N ASP D 478 10.45 19.18 10.13
CA ASP D 478 11.22 19.42 8.90
C ASP D 478 11.04 18.24 7.96
N PRO D 479 9.94 18.23 7.19
CA PRO D 479 9.75 17.15 6.20
C PRO D 479 10.71 17.22 5.02
N SER D 480 11.53 18.26 4.91
CA SER D 480 12.37 18.44 3.72
C SER D 480 13.64 17.60 3.74
N ARG D 481 13.94 16.91 4.84
CA ARG D 481 15.16 16.13 4.94
C ARG D 481 14.86 14.74 5.50
N PRO D 482 15.43 13.70 4.92
CA PRO D 482 15.30 12.37 5.51
C PRO D 482 15.99 12.31 6.87
N VAL D 483 15.57 11.33 7.67
CA VAL D 483 16.14 11.07 8.99
C VAL D 483 16.73 9.68 8.98
N GLN D 484 17.94 9.54 9.52
CA GLN D 484 18.59 8.23 9.60
C GLN D 484 19.12 7.99 11.00
N TYR D 485 19.26 6.71 11.34
CA TYR D 485 19.83 6.29 12.60
C TYR D 485 20.24 4.83 12.50
N GLU D 486 21.44 4.51 12.99
CA GLU D 486 22.01 3.18 12.81
C GLU D 486 21.69 2.23 13.97
N GLY D 487 21.40 2.76 15.16
CA GLY D 487 21.30 1.91 16.33
C GLY D 487 20.19 0.88 16.21
N GLY D 488 20.38 -0.23 16.91
CA GLY D 488 19.39 -1.29 16.93
C GLY D 488 19.35 -2.15 15.70
N GLY D 489 20.42 -2.20 14.92
CA GLY D 489 20.47 -3.03 13.74
C GLY D 489 20.37 -2.32 12.41
N ALA D 490 20.33 -0.98 12.41
CA ALA D 490 20.45 -0.12 11.24
C ALA D 490 19.25 -0.17 10.30
N ASP D 491 18.19 -0.91 10.62
CA ASP D 491 17.00 -0.91 9.77
C ASP D 491 15.72 -0.80 10.60
N THR D 492 15.78 -0.07 11.71
CA THR D 492 14.63 0.02 12.60
C THR D 492 13.60 1.01 12.05
N THR D 493 12.54 1.22 12.81
CA THR D 493 11.51 2.20 12.47
C THR D 493 11.98 3.64 12.61
N ALA D 494 13.16 3.87 13.19
CA ALA D 494 13.64 5.22 13.44
C ALA D 494 14.61 5.72 12.37
N THR D 495 14.65 5.06 11.20
CA THR D 495 15.53 5.49 10.12
C THR D 495 14.83 5.35 8.77
N ASP D 496 15.04 6.35 7.91
CA ASP D 496 14.54 6.31 6.54
C ASP D 496 15.49 5.62 5.58
N ILE D 497 16.71 5.33 6.05
CA ILE D 497 17.77 4.77 5.22
C ILE D 497 18.40 3.62 6.00
N ILE D 498 18.60 2.49 5.34
CA ILE D 498 19.40 1.43 5.94
C ILE D 498 20.84 1.90 5.99
N CYS D 499 21.37 2.11 7.19
CA CYS D 499 22.66 2.77 7.37
C CYS D 499 23.56 1.97 8.29
N PRO D 500 23.95 0.75 7.90
CA PRO D 500 24.76 -0.09 8.78
C PRO D 500 26.19 0.41 8.87
N MET D 501 26.87 -0.08 9.92
CA MET D 501 28.30 0.27 10.06
C MET D 501 29.12 -1.00 9.88
N TYR D 502 29.98 -1.00 8.86
CA TYR D 502 30.93 -2.07 8.59
C TYR D 502 30.24 -3.36 8.16
N ALA D 503 29.06 -3.25 7.56
CA ALA D 503 28.49 -4.37 6.83
C ALA D 503 29.34 -4.65 5.60
N ARG D 504 29.58 -5.92 5.32
CA ARG D 504 30.49 -6.29 4.25
C ARG D 504 29.74 -6.49 2.94
N VAL D 505 30.49 -6.48 1.83
CA VAL D 505 29.87 -6.49 0.50
C VAL D 505 29.14 -7.82 0.26
N ASP D 506 29.82 -8.94 0.51
CA ASP D 506 29.31 -10.25 0.17
C ASP D 506 29.12 -11.17 1.37
N GLU D 507 29.84 -10.95 2.47
CA GLU D 507 29.85 -11.85 3.61
C GLU D 507 28.83 -11.40 4.64
N ASP D 508 27.98 -12.33 5.08
CA ASP D 508 27.04 -12.07 6.16
C ASP D 508 27.73 -12.20 7.52
N GLN D 509 27.26 -11.40 8.47
CA GLN D 509 27.75 -11.44 9.86
C GLN D 509 26.53 -11.55 10.76
N PRO D 510 25.98 -12.75 10.94
CA PRO D 510 24.69 -12.91 11.63
C PRO D 510 24.81 -12.91 13.15
N PHE D 511 25.03 -11.72 13.71
CA PHE D 511 25.04 -11.57 15.16
C PHE D 511 23.62 -11.71 15.71
N PRO D 512 23.47 -12.13 16.96
CA PRO D 512 22.13 -12.24 17.56
C PRO D 512 21.46 -10.87 17.69
N ALA D 513 20.28 -10.77 17.09
CA ALA D 513 19.33 -9.66 17.24
C ALA D 513 19.77 -8.37 16.54
N VAL D 514 21.02 -8.30 16.09
CA VAL D 514 21.49 -7.15 15.33
C VAL D 514 22.46 -7.63 14.26
N PRO D 515 22.00 -8.48 13.32
CA PRO D 515 22.93 -9.02 12.32
C PRO D 515 23.41 -7.93 11.37
N LYS D 516 24.61 -8.10 10.85
CA LYS D 516 25.13 -7.28 9.76
C LYS D 516 25.11 -8.14 8.50
N TRP D 517 23.98 -8.17 7.82
CA TRP D 517 23.90 -8.85 6.54
C TRP D 517 24.84 -8.20 5.53
N SER D 518 25.27 -8.97 4.54
CA SER D 518 25.95 -8.38 3.40
C SER D 518 25.02 -7.34 2.77
N ILE D 519 25.61 -6.24 2.28
CA ILE D 519 24.78 -5.12 1.85
C ILE D 519 23.92 -5.49 0.65
N LYS D 520 24.43 -6.36 -0.24
CA LYS D 520 23.61 -6.82 -1.37
C LYS D 520 22.41 -7.63 -0.88
N LYS D 521 22.62 -8.51 0.09
CA LYS D 521 21.52 -9.31 0.62
C LYS D 521 20.53 -8.45 1.39
N TRP D 522 21.02 -7.42 2.09
CA TRP D 522 20.16 -6.60 2.94
C TRP D 522 19.05 -5.93 2.13
N LEU D 523 19.39 -5.45 0.93
CA LEU D 523 18.41 -4.75 0.10
C LEU D 523 17.21 -5.63 -0.22
N SER D 524 17.41 -6.93 -0.39
CA SER D 524 16.39 -7.82 -0.91
C SER D 524 15.67 -8.60 0.18
N LEU D 525 15.88 -8.27 1.46
CA LEU D 525 15.16 -8.95 2.52
C LEU D 525 13.65 -8.73 2.35
N PRO D 526 12.84 -9.75 2.63
CA PRO D 526 11.39 -9.63 2.38
C PRO D 526 10.80 -8.39 3.05
N GLY D 527 10.13 -7.58 2.23
CA GLY D 527 9.47 -6.38 2.72
C GLY D 527 10.35 -5.15 2.85
N GLU D 528 11.62 -5.23 2.49
CA GLU D 528 12.54 -4.10 2.61
C GLU D 528 12.59 -3.34 1.29
N THR D 529 12.42 -2.01 1.37
CA THR D 529 12.40 -1.16 0.18
C THR D 529 13.31 0.06 0.27
N ARG D 530 13.88 0.37 1.43
CA ARG D 530 14.62 1.61 1.61
C ARG D 530 15.98 1.56 0.92
N PRO D 531 16.59 2.71 0.64
CA PRO D 531 17.97 2.73 0.16
C PRO D 531 18.93 2.34 1.29
N LEU D 532 20.14 1.98 0.90
CA LEU D 532 21.19 1.60 1.84
C LEU D 532 22.39 2.50 1.63
N ILE D 533 22.78 3.22 2.68
CA ILE D 533 23.96 4.07 2.68
C ILE D 533 24.70 3.82 3.98
N LEU D 534 25.85 3.16 3.91
CA LEU D 534 26.65 2.84 5.09
C LEU D 534 27.05 4.13 5.81
N CYS D 535 26.71 4.25 7.10
CA CYS D 535 27.14 5.44 7.81
C CYS D 535 28.62 5.35 8.20
N GLU D 536 29.17 4.14 8.25
CA GLU D 536 30.61 3.92 8.44
C GLU D 536 31.03 2.66 7.69
N TYR D 537 32.12 2.74 6.95
CA TYR D 537 32.68 1.57 6.28
C TYR D 537 34.14 1.85 5.95
N ALA D 538 34.86 0.77 5.60
CA ALA D 538 36.25 0.84 5.18
C ALA D 538 37.11 1.51 6.27
N HIS D 539 37.18 0.83 7.41
CA HIS D 539 37.88 1.34 8.59
C HIS D 539 39.37 1.56 8.29
N ALA D 540 39.80 2.82 8.22
CA ALA D 540 41.14 3.16 7.73
C ALA D 540 42.17 3.25 8.85
N MET D 541 42.30 2.19 9.64
CA MET D 541 43.22 2.16 10.77
C MET D 541 44.59 1.68 10.27
N GLY D 542 45.53 2.61 10.15
CA GLY D 542 46.89 2.24 9.76
C GLY D 542 46.96 1.84 8.30
N ASN D 543 47.68 0.74 8.03
CA ASN D 543 47.80 0.20 6.68
C ASN D 543 46.52 -0.57 6.39
N SER D 544 45.57 0.08 5.73
CA SER D 544 44.21 -0.45 5.66
C SER D 544 43.58 -0.05 4.33
N LEU D 545 42.25 -0.16 4.26
CA LEU D 545 41.44 0.05 3.04
C LEU D 545 41.65 -1.06 2.00
N GLY D 546 42.03 -2.26 2.45
CA GLY D 546 41.93 -3.41 1.58
C GLY D 546 40.48 -3.75 1.28
N GLY D 547 40.18 -4.02 0.01
CA GLY D 547 38.83 -4.34 -0.38
C GLY D 547 37.92 -3.18 -0.70
N PHE D 548 38.46 -1.96 -0.77
CA PHE D 548 37.65 -0.78 -1.07
C PHE D 548 36.99 -0.87 -2.45
N ALA D 549 37.74 -1.39 -3.44
CA ALA D 549 37.21 -1.55 -4.78
C ALA D 549 35.99 -2.44 -4.83
N LYS D 550 35.91 -3.46 -3.98
CA LYS D 550 34.71 -4.29 -3.93
C LYS D 550 33.47 -3.48 -3.57
N TYR D 551 33.58 -2.63 -2.55
CA TYR D 551 32.49 -1.74 -2.17
C TYR D 551 32.08 -0.89 -3.35
N TRP D 552 33.05 -0.29 -4.04
CA TRP D 552 32.62 0.64 -5.10
C TRP D 552 32.09 -0.07 -6.35
N GLN D 553 32.57 -1.28 -6.64
CA GLN D 553 31.92 -2.09 -7.67
C GLN D 553 30.46 -2.34 -7.32
N ALA D 554 30.20 -2.73 -6.07
CA ALA D 554 28.82 -2.95 -5.66
C ALA D 554 27.98 -1.67 -5.72
N PHE D 555 28.55 -0.55 -5.27
CA PHE D 555 27.81 0.71 -5.29
C PHE D 555 27.39 1.05 -6.71
N ARG D 556 28.28 0.84 -7.67
CA ARG D 556 27.93 1.18 -9.04
C ARG D 556 26.96 0.16 -9.66
N GLN D 557 27.04 -1.11 -9.25
CA GLN D 557 26.14 -2.09 -9.84
C GLN D 557 24.70 -2.00 -9.30
N TYR D 558 24.54 -1.75 -7.98
CA TYR D 558 23.19 -1.80 -7.40
C TYR D 558 22.60 -0.40 -7.25
N PRO D 559 21.44 -0.11 -7.86
CA PRO D 559 20.87 1.24 -7.71
C PRO D 559 20.60 1.66 -6.29
N ARG D 560 20.09 0.76 -5.43
CA ARG D 560 19.74 1.14 -4.07
C ARG D 560 20.94 1.11 -3.11
N LEU D 561 22.11 0.70 -3.58
CA LEU D 561 23.37 0.92 -2.85
C LEU D 561 23.90 2.28 -3.28
N GLN D 562 23.64 3.31 -2.48
CA GLN D 562 23.96 4.68 -2.85
C GLN D 562 25.17 5.23 -2.10
N GLY D 563 26.11 4.36 -1.75
CA GLY D 563 27.38 4.80 -1.21
C GLY D 563 27.57 4.61 0.28
N GLY D 564 28.43 5.44 0.88
CA GLY D 564 28.71 5.32 2.30
C GLY D 564 29.69 6.38 2.74
N PHE D 565 29.99 6.35 4.05
CA PHE D 565 30.90 7.29 4.68
C PHE D 565 32.08 6.51 5.26
N VAL D 566 33.28 6.75 4.70
CA VAL D 566 34.49 6.11 5.20
C VAL D 566 34.74 6.52 6.64
N TRP D 567 35.23 5.58 7.46
CA TRP D 567 35.71 5.89 8.80
C TRP D 567 37.22 5.76 8.84
N ASP D 568 37.94 6.88 8.98
CA ASP D 568 37.38 8.23 8.94
C ASP D 568 38.41 9.18 8.34
N TRP D 569 38.21 10.49 8.50
CA TRP D 569 39.01 11.45 7.76
C TRP D 569 40.43 11.58 8.32
N VAL D 570 40.58 11.96 9.58
CA VAL D 570 41.87 12.37 10.13
C VAL D 570 42.16 11.60 11.41
N ASP D 571 43.42 11.18 11.56
CA ASP D 571 43.87 10.54 12.80
C ASP D 571 43.67 11.46 14.00
N GLN D 572 43.19 10.89 15.09
CA GLN D 572 43.06 11.63 16.36
C GLN D 572 44.31 11.48 17.22
N SER D 573 45.47 11.80 16.66
CA SER D 573 46.71 11.77 17.42
C SER D 573 47.00 13.15 18.00
N LEU D 574 47.67 13.17 19.15
CA LEU D 574 48.08 14.39 19.83
C LEU D 574 49.60 14.47 19.90
N ILE D 575 50.11 15.69 20.00
CA ILE D 575 51.54 15.97 19.95
C ILE D 575 52.09 16.07 21.37
N LYS D 576 53.17 15.33 21.64
CA LYS D 576 53.94 15.43 22.86
C LYS D 576 55.40 15.71 22.52
N TYR D 577 56.15 16.18 23.51
CA TYR D 577 57.56 16.52 23.36
C TYR D 577 58.37 15.66 24.31
N ASP D 578 59.46 15.12 23.76
CA ASP D 578 60.39 14.30 24.56
C ASP D 578 61.35 15.21 25.34
N GLU D 579 62.53 14.69 25.69
CA GLU D 579 63.50 15.46 26.52
C GLU D 579 64.23 16.52 25.70
N ASN D 580 64.01 16.59 24.39
CA ASN D 580 64.76 17.55 23.54
C ASN D 580 63.80 18.51 22.81
N GLY D 581 62.55 18.62 23.26
CA GLY D 581 61.59 19.56 22.64
C GLY D 581 61.13 19.07 21.28
N ASN D 582 61.54 17.86 20.88
CA ASN D 582 61.15 17.27 19.60
C ASN D 582 59.72 16.72 19.70
N PRO D 583 58.80 17.16 18.84
CA PRO D 583 57.43 16.65 18.92
C PRO D 583 57.33 15.21 18.42
N TRP D 584 56.33 14.50 18.93
CA TRP D 584 55.99 13.18 18.42
C TRP D 584 54.50 12.91 18.63
N SER D 585 53.92 12.18 17.69
CA SER D 585 52.49 11.90 17.70
C SER D 585 52.17 10.82 18.74
N ALA D 586 51.16 11.09 19.58
CA ALA D 586 50.80 10.22 20.67
C ALA D 586 49.36 9.73 20.52
N TYR D 587 49.11 8.54 21.04
CA TYR D 587 47.78 7.92 21.02
C TYR D 587 47.40 7.49 22.44
N GLY D 588 46.35 6.67 22.52
CA GLY D 588 45.77 6.32 23.82
C GLY D 588 46.80 5.71 24.76
N GLY D 589 46.79 6.17 26.01
CA GLY D 589 47.70 5.70 27.05
C GLY D 589 48.96 6.52 27.21
N ASP D 590 49.26 7.41 26.26
CA ASP D 590 50.49 8.17 26.31
C ASP D 590 50.45 9.34 27.28
N PHE D 591 49.29 9.64 27.87
CA PHE D 591 49.15 10.72 28.83
C PHE D 591 48.92 10.22 30.25
N GLY D 592 49.24 8.96 30.52
CA GLY D 592 48.90 8.35 31.79
C GLY D 592 47.45 7.96 31.92
N ASP D 593 46.64 8.18 30.88
CA ASP D 593 45.23 7.83 30.94
C ASP D 593 45.06 6.31 30.98
N THR D 594 44.26 5.84 31.92
CA THR D 594 44.01 4.41 32.06
C THR D 594 42.66 4.16 32.73
N PRO D 595 41.88 3.18 32.24
CA PRO D 595 42.14 2.34 31.07
C PRO D 595 42.02 3.12 29.76
N ASN D 596 42.69 2.69 28.71
CA ASN D 596 42.67 3.39 27.44
C ASN D 596 42.54 2.38 26.31
N ASP D 597 42.33 2.89 25.10
CA ASP D 597 42.19 2.04 23.92
C ASP D 597 43.30 2.30 22.90
N ARG D 598 44.51 2.54 23.40
CA ARG D 598 45.75 2.68 22.62
C ARG D 598 45.56 3.35 21.26
N GLN D 599 45.97 2.68 20.18
CA GLN D 599 46.04 3.30 18.86
C GLN D 599 44.73 3.23 18.09
N PHE D 600 43.62 2.88 18.73
CA PHE D 600 42.35 2.88 18.02
C PHE D 600 41.80 4.27 17.77
N CYS D 601 42.44 5.31 18.30
CA CYS D 601 42.03 6.67 17.99
C CYS D 601 42.50 7.15 16.62
N MET D 602 43.41 6.42 15.97
CA MET D 602 43.96 6.82 14.68
C MET D 602 43.37 5.91 13.60
N ASN D 603 42.29 6.38 12.96
CA ASN D 603 41.63 5.63 11.90
C ASN D 603 41.50 6.45 10.62
N GLY D 604 42.32 7.49 10.44
CA GLY D 604 42.09 8.46 9.40
C GLY D 604 42.73 8.14 8.07
N LEU D 605 42.20 8.78 7.03
CA LEU D 605 42.84 8.78 5.71
C LEU D 605 44.01 9.74 5.63
N VAL D 606 44.07 10.73 6.53
CA VAL D 606 45.18 11.66 6.59
C VAL D 606 45.74 11.66 8.01
N PHE D 607 47.02 11.98 8.13
CA PHE D 607 47.64 12.18 9.43
C PHE D 607 47.00 13.40 10.13
N ALA D 608 47.31 13.54 11.42
CA ALA D 608 46.75 14.66 12.18
C ALA D 608 47.17 16.02 11.63
N ASP D 609 48.35 16.11 11.00
CA ASP D 609 48.77 17.33 10.34
C ASP D 609 48.23 17.43 8.92
N ARG D 610 47.28 16.56 8.56
CA ARG D 610 46.59 16.58 7.27
C ARG D 610 47.48 16.15 6.10
N THR D 611 48.61 15.51 6.41
CA THR D 611 49.30 14.85 5.29
C THR D 611 48.65 13.50 4.99
N PRO D 612 48.57 13.10 3.72
CA PRO D 612 47.76 11.92 3.38
C PRO D 612 48.44 10.61 3.72
N HIS D 613 47.62 9.63 4.09
CA HIS D 613 48.03 8.23 4.08
C HIS D 613 47.96 7.69 2.65
N PRO D 614 48.68 6.60 2.37
CA PRO D 614 48.59 5.99 1.02
C PRO D 614 47.17 5.56 0.62
N ALA D 615 46.32 5.18 1.57
CA ALA D 615 44.97 4.72 1.23
C ALA D 615 44.11 5.82 0.60
N LEU D 616 44.47 7.08 0.82
CA LEU D 616 43.69 8.18 0.25
C LEU D 616 43.69 8.13 -1.27
N THR D 617 44.80 7.74 -1.89
CA THR D 617 44.84 7.62 -3.35
C THR D 617 43.90 6.51 -3.84
N GLU D 618 43.85 5.39 -3.11
CA GLU D 618 42.90 4.33 -3.48
C GLU D 618 41.47 4.84 -3.42
N ALA D 619 41.13 5.57 -2.35
CA ALA D 619 39.80 6.14 -2.23
C ALA D 619 39.52 7.11 -3.38
N LYS D 620 40.49 7.97 -3.70
CA LYS D 620 40.31 8.93 -4.78
C LYS D 620 40.05 8.24 -6.12
N HIS D 621 40.82 7.19 -6.41
CA HIS D 621 40.64 6.49 -7.67
C HIS D 621 39.29 5.79 -7.74
N GLN D 622 38.91 5.09 -6.66
CA GLN D 622 37.63 4.38 -6.69
C GLN D 622 36.44 5.34 -6.73
N GLN D 623 36.59 6.55 -6.18
CA GLN D 623 35.49 7.50 -6.09
C GLN D 623 35.42 8.45 -7.28
N GLN D 624 36.28 8.27 -8.28
CA GLN D 624 36.38 9.25 -9.37
C GLN D 624 35.07 9.31 -10.16
N PHE D 625 34.79 10.50 -10.71
CA PHE D 625 33.52 10.79 -11.36
C PHE D 625 33.51 10.42 -12.84
N PHE D 626 34.60 9.88 -13.36
CA PHE D 626 34.66 9.42 -14.74
C PHE D 626 35.07 7.95 -14.75
N GLN D 627 34.28 7.14 -15.43
CA GLN D 627 34.56 5.71 -15.59
C GLN D 627 34.94 5.44 -17.04
N PHE D 628 35.80 4.43 -17.24
CA PHE D 628 36.43 4.19 -18.52
C PHE D 628 36.27 2.74 -18.94
N ARG D 629 36.15 2.54 -20.26
CA ARG D 629 36.11 1.21 -20.85
C ARG D 629 36.87 1.26 -22.17
N LEU D 630 37.66 0.22 -22.44
CA LEU D 630 38.46 0.14 -23.65
C LEU D 630 37.94 -0.99 -24.54
N SER D 631 37.78 -0.69 -25.83
CA SER D 631 37.35 -1.68 -26.82
C SER D 631 38.17 -1.42 -28.08
N GLY D 632 39.23 -2.19 -28.27
CA GLY D 632 40.11 -1.96 -29.40
C GLY D 632 40.85 -0.65 -29.31
N GLN D 633 40.53 0.30 -30.19
CA GLN D 633 41.28 1.59 -30.20
C GLN D 633 40.42 2.73 -29.61
N THR D 634 39.18 2.43 -29.21
CA THR D 634 38.30 3.50 -28.74
C THR D 634 38.17 3.44 -27.22
N ILE D 635 38.13 4.62 -26.60
CA ILE D 635 37.94 4.76 -25.16
C ILE D 635 36.53 5.29 -24.91
N GLU D 636 35.76 4.58 -24.10
CA GLU D 636 34.43 5.01 -23.72
C GLU D 636 34.48 5.66 -22.34
N VAL D 637 34.21 6.96 -22.30
CA VAL D 637 34.25 7.75 -21.08
C VAL D 637 32.81 7.97 -20.62
N THR D 638 32.48 7.49 -19.43
CA THR D 638 31.16 7.66 -18.84
C THR D 638 31.25 8.67 -17.69
N SER D 639 30.36 9.66 -17.72
CA SER D 639 30.33 10.67 -16.67
C SER D 639 29.41 10.24 -15.53
N GLU D 640 29.89 10.39 -14.31
CA GLU D 640 29.07 10.13 -13.13
C GLU D 640 28.60 11.40 -12.45
N TYR D 641 28.79 12.55 -13.10
CA TYR D 641 28.18 13.79 -12.63
C TYR D 641 26.68 13.77 -12.94
N LEU D 642 25.88 14.35 -12.05
CA LEU D 642 24.44 14.35 -12.23
C LEU D 642 23.92 15.66 -12.79
N PHE D 643 24.68 16.74 -12.67
CA PHE D 643 24.15 18.06 -12.99
C PHE D 643 25.04 18.86 -13.93
N ARG D 644 26.35 18.66 -13.87
CA ARG D 644 27.27 19.51 -14.62
C ARG D 644 27.84 18.80 -15.85
N HIS D 645 28.08 19.58 -16.90
CA HIS D 645 28.82 19.14 -18.07
C HIS D 645 30.32 19.18 -17.78
N SER D 646 31.08 18.42 -18.58
CA SER D 646 32.52 18.33 -18.38
C SER D 646 33.19 19.53 -19.06
N ASP D 647 32.97 20.71 -18.49
CA ASP D 647 33.45 21.96 -19.05
C ASP D 647 34.82 22.39 -18.56
N ASN D 648 35.47 21.58 -17.73
CA ASN D 648 36.81 21.88 -17.20
C ASN D 648 37.65 20.60 -17.16
N GLU D 649 37.59 19.81 -18.24
CA GLU D 649 38.25 18.51 -18.24
C GLU D 649 38.93 18.27 -19.58
N LEU D 650 40.20 17.86 -19.52
CA LEU D 650 40.96 17.47 -20.70
C LEU D 650 41.55 16.08 -20.47
N LEU D 651 41.36 15.20 -21.46
CA LEU D 651 41.81 13.82 -21.35
C LEU D 651 43.19 13.68 -21.99
N HIS D 652 44.14 13.18 -21.19
CA HIS D 652 45.51 12.91 -21.71
C HIS D 652 45.74 11.40 -21.73
N TRP D 653 46.21 10.85 -22.84
CA TRP D 653 46.53 9.43 -22.95
C TRP D 653 48.01 9.27 -23.27
N MET D 654 48.57 8.16 -22.83
CA MET D 654 49.97 7.87 -23.08
C MET D 654 50.16 6.37 -23.25
N VAL D 655 51.00 6.00 -24.22
CA VAL D 655 51.33 4.60 -24.49
C VAL D 655 52.82 4.40 -24.23
N ALA D 656 53.14 3.42 -23.40
CA ALA D 656 54.51 3.15 -23.02
C ALA D 656 54.81 1.66 -23.14
N LEU D 657 56.05 1.34 -23.49
CA LEU D 657 56.52 -0.03 -23.59
C LEU D 657 57.49 -0.28 -22.43
N ASP D 658 57.02 -1.02 -21.42
CA ASP D 658 57.81 -1.32 -20.23
C ASP D 658 58.42 -0.05 -19.64
N GLY D 659 57.61 1.02 -19.59
CA GLY D 659 58.00 2.25 -18.97
C GLY D 659 58.48 3.35 -19.90
N LYS D 660 58.90 3.02 -21.13
CA LYS D 660 59.37 4.13 -21.96
C LYS D 660 58.27 4.61 -22.87
N PRO D 661 57.96 5.91 -22.86
CA PRO D 661 56.86 6.43 -23.68
C PRO D 661 57.09 6.21 -25.16
N LEU D 662 56.01 5.90 -25.87
CA LEU D 662 56.03 5.75 -27.32
C LEU D 662 55.11 6.72 -28.03
N ALA D 663 53.96 7.03 -27.44
CA ALA D 663 53.02 7.97 -28.03
C ALA D 663 52.18 8.60 -26.93
N SER D 664 51.65 9.79 -27.22
CA SER D 664 50.82 10.50 -26.27
C SER D 664 49.96 11.51 -27.02
N GLY D 665 48.94 12.03 -26.34
CA GLY D 665 48.05 12.99 -26.95
C GLY D 665 47.07 13.53 -25.92
N GLU D 666 46.28 14.50 -26.37
CA GLU D 666 45.29 15.16 -25.53
C GLU D 666 43.99 15.30 -26.29
N VAL D 667 42.87 15.01 -25.62
CA VAL D 667 41.54 15.16 -26.20
C VAL D 667 40.65 15.86 -25.19
N PRO D 668 40.06 17.01 -25.53
CA PRO D 668 39.13 17.66 -24.60
C PRO D 668 37.92 16.78 -24.32
N LEU D 669 37.45 16.82 -23.08
CA LEU D 669 36.28 16.06 -22.66
C LEU D 669 35.03 16.91 -22.84
N ASP D 670 34.04 16.38 -23.55
CA ASP D 670 32.74 17.01 -23.71
C ASP D 670 31.70 15.90 -23.53
N VAL D 671 31.31 15.67 -22.28
CA VAL D 671 30.35 14.62 -21.96
C VAL D 671 29.28 15.22 -21.03
N ALA D 672 28.02 14.93 -21.36
CA ALA D 672 26.90 15.42 -20.58
C ALA D 672 26.78 14.64 -19.26
N PRO D 673 26.06 15.20 -18.28
CA PRO D 673 25.84 14.45 -17.03
C PRO D 673 25.24 13.08 -17.31
N GLN D 674 25.85 12.06 -16.73
CA GLN D 674 25.47 10.66 -16.92
C GLN D 674 25.51 10.23 -18.38
N GLY D 675 26.28 10.94 -19.21
CA GLY D 675 26.42 10.61 -20.61
C GLY D 675 27.70 9.83 -20.91
N LYS D 676 27.94 9.64 -22.20
CA LYS D 676 29.11 8.90 -22.67
C LYS D 676 29.78 9.67 -23.79
N GLN D 677 31.09 9.45 -23.94
CA GLN D 677 31.87 10.03 -25.03
C GLN D 677 32.86 8.97 -25.53
N LEU D 678 32.82 8.70 -26.83
CA LEU D 678 33.76 7.76 -27.43
C LEU D 678 34.96 8.51 -27.98
N ILE D 679 36.15 8.08 -27.58
CA ILE D 679 37.41 8.74 -27.96
C ILE D 679 38.19 7.75 -28.81
N GLU D 680 38.37 8.08 -30.09
CA GLU D 680 39.11 7.21 -30.99
C GLU D 680 40.59 7.57 -30.96
N LEU D 681 41.42 6.65 -30.49
CA LEU D 681 42.84 6.87 -30.48
C LEU D 681 43.43 6.74 -31.89
N PRO D 682 44.50 7.48 -32.19
CA PRO D 682 45.16 7.30 -33.48
C PRO D 682 45.78 5.93 -33.62
N GLU D 683 46.40 5.64 -34.76
CA GLU D 683 47.03 4.34 -34.96
C GLU D 683 48.19 4.21 -33.98
N LEU D 684 47.98 3.43 -32.93
CA LEU D 684 48.95 3.34 -31.85
C LEU D 684 50.21 2.61 -32.32
N PRO D 685 51.36 2.91 -31.71
CA PRO D 685 52.60 2.25 -32.13
C PRO D 685 52.55 0.75 -31.88
N GLN D 686 53.22 0.01 -32.76
CA GLN D 686 53.31 -1.45 -32.68
C GLN D 686 54.78 -1.83 -32.75
N PRO D 687 55.52 -1.63 -31.66
CA PRO D 687 56.96 -1.96 -31.67
C PRO D 687 57.18 -3.47 -31.70
N GLU D 688 58.17 -3.88 -32.49
CA GLU D 688 58.56 -5.28 -32.55
C GLU D 688 59.43 -5.69 -31.37
N SER D 689 59.92 -4.74 -30.58
CA SER D 689 60.72 -5.06 -29.41
C SER D 689 59.86 -5.77 -28.37
N ALA D 690 60.52 -6.62 -27.57
CA ALA D 690 59.82 -7.37 -26.54
C ALA D 690 59.30 -6.43 -25.44
N GLY D 691 58.18 -6.82 -24.85
CA GLY D 691 57.64 -6.06 -23.73
C GLY D 691 56.14 -5.86 -23.79
N GLN D 692 55.57 -5.38 -22.69
CA GLN D 692 54.14 -5.12 -22.60
C GLN D 692 53.84 -3.67 -22.89
N LEU D 693 52.91 -3.42 -23.80
CA LEU D 693 52.42 -2.08 -24.10
C LEU D 693 51.32 -1.71 -23.11
N TRP D 694 51.44 -0.54 -22.51
CA TRP D 694 50.48 -0.05 -21.53
C TRP D 694 49.89 1.27 -22.00
N LEU D 695 48.57 1.38 -21.92
CA LEU D 695 47.86 2.63 -22.18
C LEU D 695 47.39 3.23 -20.87
N THR D 696 47.75 4.49 -20.63
CA THR D 696 47.35 5.21 -19.43
C THR D 696 46.59 6.48 -19.83
N VAL D 697 45.42 6.68 -19.25
CA VAL D 697 44.65 7.89 -19.46
C VAL D 697 44.50 8.62 -18.12
N ARG D 698 44.50 9.95 -18.18
CA ARG D 698 44.27 10.78 -17.00
C ARG D 698 43.42 11.98 -17.39
N VAL D 699 42.46 12.31 -16.54
CA VAL D 699 41.60 13.48 -16.73
C VAL D 699 42.24 14.64 -15.96
N VAL D 700 42.45 15.76 -16.65
CA VAL D 700 43.12 16.93 -16.09
C VAL D 700 42.16 18.11 -16.15
N GLN D 701 42.11 18.88 -15.06
CA GLN D 701 41.32 20.10 -15.03
C GLN D 701 42.22 21.28 -15.39
N PRO D 702 42.14 21.81 -16.61
CA PRO D 702 43.07 22.89 -17.01
C PRO D 702 42.92 24.15 -16.16
N ASN D 703 41.73 24.44 -15.67
CA ASN D 703 41.47 25.69 -14.95
C ASN D 703 41.31 25.43 -13.46
N ALA D 704 41.85 26.34 -12.66
CA ALA D 704 41.68 26.27 -11.23
C ALA D 704 40.23 26.47 -10.85
N THR D 705 39.84 25.88 -9.73
CA THR D 705 38.50 26.05 -9.16
C THR D 705 38.64 26.71 -7.79
N ALA D 706 37.52 26.83 -7.09
CA ALA D 706 37.58 27.28 -5.70
C ALA D 706 38.28 26.27 -4.81
N TRP D 707 38.37 25.01 -5.23
CA TRP D 707 38.88 23.94 -4.39
C TRP D 707 40.06 23.19 -4.99
N SER D 708 40.57 23.61 -6.15
CA SER D 708 41.67 22.89 -6.78
C SER D 708 42.50 23.84 -7.62
N GLU D 709 43.75 23.46 -7.84
CA GLU D 709 44.67 24.24 -8.66
C GLU D 709 44.56 23.82 -10.13
N ALA D 710 45.11 24.68 -10.99
CA ALA D 710 45.14 24.36 -12.42
C ALA D 710 46.00 23.13 -12.68
N GLY D 711 45.54 22.27 -13.57
CA GLY D 711 46.24 21.03 -13.85
C GLY D 711 45.92 19.89 -12.90
N HIS D 712 44.93 20.06 -12.02
CA HIS D 712 44.60 19.02 -11.06
C HIS D 712 44.09 17.77 -11.77
N ILE D 713 44.59 16.61 -11.38
CA ILE D 713 44.16 15.33 -11.94
C ILE D 713 42.99 14.82 -11.10
N SER D 714 41.89 14.48 -11.77
CA SER D 714 40.69 14.03 -11.09
C SER D 714 40.35 12.56 -11.32
N ALA D 715 40.89 11.93 -12.37
CA ALA D 715 40.59 10.54 -12.64
C ALA D 715 41.66 9.97 -13.57
N TRP D 716 41.80 8.64 -13.55
CA TRP D 716 42.78 7.97 -14.40
C TRP D 716 42.43 6.49 -14.49
N GLN D 717 43.03 5.82 -15.47
CA GLN D 717 42.81 4.41 -15.72
C GLN D 717 43.93 3.89 -16.61
N GLN D 718 44.25 2.60 -16.47
CA GLN D 718 45.31 1.96 -17.24
C GLN D 718 44.82 0.64 -17.82
N TRP D 719 45.33 0.30 -19.01
CA TRP D 719 45.03 -0.97 -19.65
C TRP D 719 46.29 -1.56 -20.25
N ARG D 720 46.31 -2.88 -20.38
CA ARG D 720 47.34 -3.57 -21.15
C ARG D 720 46.93 -3.65 -22.62
N LEU D 721 47.80 -3.16 -23.49
CA LEU D 721 47.67 -3.35 -24.93
C LEU D 721 48.45 -4.59 -25.34
N ALA D 722 48.75 -4.73 -26.63
CA ALA D 722 49.45 -5.91 -27.13
C ALA D 722 50.78 -6.12 -26.42
N GLU D 723 51.17 -7.40 -26.31
CA GLU D 723 52.43 -7.80 -25.72
C GLU D 723 53.23 -8.64 -26.70
N ASN D 724 54.54 -8.43 -26.73
CA ASN D 724 55.47 -9.22 -27.53
C ASN D 724 56.40 -9.97 -26.59
N LEU D 725 56.24 -11.28 -26.52
CA LEU D 725 57.09 -12.10 -25.65
C LEU D 725 58.50 -12.16 -26.21
N SER D 726 59.48 -12.16 -25.31
CA SER D 726 60.88 -12.17 -25.70
C SER D 726 61.31 -13.60 -26.00
N VAL D 727 61.78 -13.84 -27.23
CA VAL D 727 62.30 -15.14 -27.62
C VAL D 727 63.79 -15.09 -27.96
N THR D 728 64.47 -13.98 -27.61
CA THR D 728 65.89 -13.85 -27.91
C THR D 728 66.72 -14.62 -26.89
N LEU D 729 67.63 -15.45 -27.40
CA LEU D 729 68.49 -16.23 -26.52
C LEU D 729 69.48 -15.30 -25.83
N PRO D 730 69.84 -15.60 -24.58
CA PRO D 730 70.83 -14.77 -23.87
C PRO D 730 72.20 -14.85 -24.54
N ALA D 731 72.95 -13.77 -24.40
CA ALA D 731 74.29 -13.69 -24.99
C ALA D 731 75.19 -14.75 -24.36
N ALA D 732 75.68 -15.67 -25.18
CA ALA D 732 76.52 -16.76 -24.69
C ALA D 732 77.92 -16.26 -24.36
N SER D 733 78.15 -15.91 -23.10
CA SER D 733 79.47 -15.48 -22.69
C SER D 733 80.44 -16.66 -22.64
N HIS D 734 81.73 -16.34 -22.76
CA HIS D 734 82.77 -17.36 -22.77
C HIS D 734 83.34 -17.66 -21.39
N ALA D 735 83.18 -16.75 -20.44
CA ALA D 735 83.67 -16.98 -19.09
C ALA D 735 82.79 -18.01 -18.37
N ILE D 736 83.42 -18.78 -17.50
CA ILE D 736 82.75 -19.82 -16.72
C ILE D 736 82.97 -19.56 -15.25
N PRO D 737 81.92 -19.45 -14.44
CA PRO D 737 82.12 -19.28 -12.99
C PRO D 737 82.84 -20.48 -12.39
N HIS D 738 83.71 -20.21 -11.44
CA HIS D 738 84.56 -21.23 -10.84
C HIS D 738 84.04 -21.56 -9.45
N LEU D 739 83.84 -22.85 -9.18
CA LEU D 739 83.36 -23.32 -7.90
C LEU D 739 84.50 -23.82 -7.04
N THR D 740 84.61 -23.29 -5.83
CA THR D 740 85.55 -23.76 -4.83
C THR D 740 84.76 -24.33 -3.65
N THR D 741 85.06 -25.58 -3.30
CA THR D 741 84.32 -26.30 -2.28
C THR D 741 85.20 -26.50 -1.05
N SER D 742 84.80 -25.91 0.06
CA SER D 742 85.39 -26.18 1.36
C SER D 742 84.33 -26.87 2.23
N GLU D 743 84.73 -27.36 3.39
CA GLU D 743 83.79 -28.00 4.29
C GLU D 743 82.87 -27.01 4.98
N MET D 744 83.13 -25.71 4.86
CA MET D 744 82.27 -24.68 5.42
C MET D 744 81.30 -24.10 4.41
N ASP D 745 81.80 -23.91 3.19
CA ASP D 745 80.95 -23.22 2.21
C ASP D 745 81.33 -23.46 0.76
N PHE D 746 80.41 -23.14 -0.14
CA PHE D 746 80.69 -23.14 -1.56
C PHE D 746 80.99 -21.71 -1.99
N CYS D 747 82.09 -21.53 -2.72
CA CYS D 747 82.51 -20.21 -3.18
C CYS D 747 82.53 -20.18 -4.70
N ILE D 748 81.73 -19.30 -5.28
CA ILE D 748 81.65 -19.13 -6.73
C ILE D 748 82.26 -17.78 -7.07
N GLU D 749 83.20 -17.78 -8.01
CA GLU D 749 83.89 -16.57 -8.41
C GLU D 749 83.81 -16.39 -9.92
N LEU D 750 83.54 -15.16 -10.35
CA LEU D 750 83.49 -14.81 -11.77
C LEU D 750 83.98 -13.37 -11.89
N GLY D 751 85.17 -13.20 -12.45
CA GLY D 751 85.74 -11.86 -12.52
C GLY D 751 85.94 -11.29 -11.13
N ASN D 752 85.47 -10.07 -10.93
CA ASN D 752 85.57 -9.44 -9.61
C ASN D 752 84.41 -9.81 -8.68
N LYS D 753 83.46 -10.61 -9.14
CA LYS D 753 82.32 -10.99 -8.32
C LYS D 753 82.58 -12.32 -7.61
N ARG D 754 82.01 -12.45 -6.42
CA ARG D 754 82.13 -13.67 -5.63
C ARG D 754 80.82 -13.91 -4.89
N TRP D 755 80.42 -15.18 -4.80
CA TRP D 755 79.25 -15.59 -4.04
C TRP D 755 79.66 -16.67 -3.04
N GLN D 756 79.14 -16.59 -1.83
CA GLN D 756 79.42 -17.57 -0.79
C GLN D 756 78.12 -18.16 -0.25
N PHE D 757 78.01 -19.48 -0.29
CA PHE D 757 76.87 -20.21 0.27
C PHE D 757 77.35 -21.01 1.48
N ASN D 758 76.86 -20.63 2.66
CA ASN D 758 77.22 -21.37 3.87
C ASN D 758 76.61 -22.77 3.81
N ARG D 759 77.45 -23.79 3.98
CA ARG D 759 77.00 -25.17 3.87
C ARG D 759 76.33 -25.69 5.14
N GLN D 760 76.49 -25.01 6.27
CA GLN D 760 75.79 -25.42 7.49
C GLN D 760 74.43 -24.77 7.61
N SER D 761 74.24 -23.57 7.05
CA SER D 761 72.94 -22.93 7.08
C SER D 761 72.16 -23.13 5.79
N GLY D 762 72.84 -23.28 4.66
CA GLY D 762 72.19 -23.48 3.38
C GLY D 762 71.77 -22.22 2.67
N PHE D 763 72.23 -21.06 3.10
CA PHE D 763 71.83 -19.79 2.51
C PHE D 763 73.06 -19.06 1.94
N LEU D 764 72.79 -18.21 0.95
CA LEU D 764 73.79 -17.28 0.44
C LEU D 764 74.18 -16.32 1.56
N SER D 765 75.42 -16.43 2.03
CA SER D 765 75.84 -15.70 3.23
C SER D 765 76.57 -14.41 2.95
N GLN D 766 77.17 -14.28 1.76
CA GLN D 766 77.92 -13.07 1.44
C GLN D 766 78.09 -12.98 -0.07
N MET D 767 78.24 -11.75 -0.56
CA MET D 767 78.47 -11.46 -1.97
C MET D 767 79.47 -10.32 -2.07
N TRP D 768 80.44 -10.47 -2.96
CA TRP D 768 81.52 -9.51 -3.12
C TRP D 768 81.47 -8.88 -4.50
N ILE D 769 81.65 -7.56 -4.53
CA ILE D 769 81.96 -6.83 -5.75
C ILE D 769 83.33 -6.21 -5.53
N GLY D 770 84.35 -6.80 -6.15
CA GLY D 770 85.72 -6.45 -5.82
C GLY D 770 86.09 -6.99 -4.45
N ASP D 771 86.43 -6.11 -3.52
CA ASP D 771 86.71 -6.50 -2.14
C ASP D 771 85.65 -6.02 -1.17
N LYS D 772 84.55 -5.49 -1.70
CA LYS D 772 83.49 -4.93 -0.82
C LYS D 772 82.38 -5.94 -0.56
N LYS D 773 82.12 -6.26 0.70
CA LYS D 773 81.00 -7.11 1.05
C LYS D 773 79.69 -6.39 0.75
N GLN D 774 78.71 -7.14 0.21
CA GLN D 774 77.43 -6.56 -0.15
C GLN D 774 76.32 -6.88 0.85
N LEU D 775 76.49 -7.90 1.68
CA LEU D 775 75.43 -8.34 2.58
C LEU D 775 75.87 -8.22 4.04
N LEU D 776 74.95 -7.74 4.87
CA LEU D 776 75.12 -7.73 6.32
C LEU D 776 74.42 -8.89 7.00
N THR D 777 73.40 -9.47 6.35
CA THR D 777 72.64 -10.60 6.85
C THR D 777 72.41 -11.52 5.66
N PRO D 778 72.47 -12.84 5.85
CA PRO D 778 72.28 -13.75 4.73
C PRO D 778 70.88 -13.67 4.13
N LEU D 779 70.78 -14.11 2.88
CA LEU D 779 69.52 -14.15 2.14
C LEU D 779 68.74 -15.38 2.60
N ARG D 780 67.59 -15.16 3.24
CA ARG D 780 66.82 -16.21 3.87
C ARG D 780 65.33 -16.05 3.53
N ASP D 781 64.61 -17.16 3.56
CA ASP D 781 63.17 -17.12 3.37
C ASP D 781 62.50 -16.37 4.51
N GLN D 782 61.42 -15.67 4.19
CA GLN D 782 60.61 -15.00 5.19
C GLN D 782 59.14 -15.31 4.92
N PHE D 783 58.42 -15.67 5.98
CA PHE D 783 57.01 -16.02 5.87
C PHE D 783 56.11 -15.14 6.71
N THR D 784 56.67 -14.18 7.44
CA THR D 784 55.92 -13.33 8.36
C THR D 784 56.09 -11.87 8.00
N ARG D 785 55.21 -11.03 8.55
CA ARG D 785 55.34 -9.59 8.46
C ARG D 785 55.06 -8.98 9.83
N ALA D 786 55.63 -7.80 10.05
CA ALA D 786 55.28 -7.05 11.24
C ALA D 786 53.78 -6.78 11.22
N PRO D 787 53.03 -7.19 12.24
CA PRO D 787 51.57 -7.24 12.10
C PRO D 787 50.95 -5.86 11.93
N LEU D 788 49.97 -5.78 11.04
CA LEU D 788 49.21 -4.56 10.86
C LEU D 788 48.19 -4.39 11.99
N ASP D 789 47.63 -3.18 12.08
CA ASP D 789 46.52 -2.97 12.99
C ASP D 789 45.36 -3.93 12.66
N ASN D 790 45.11 -4.19 11.38
CA ASN D 790 44.08 -5.15 11.00
C ASN D 790 44.47 -6.58 11.39
N ASP D 791 45.76 -6.91 11.35
CA ASP D 791 46.20 -8.21 11.83
C ASP D 791 46.00 -8.34 13.34
N ILE D 792 46.18 -7.25 14.09
CA ILE D 792 46.15 -7.33 15.54
C ILE D 792 44.72 -7.29 16.07
N GLY D 793 43.89 -6.41 15.51
CA GLY D 793 42.53 -6.28 16.02
C GLY D 793 42.53 -5.73 17.44
N VAL D 794 41.67 -6.31 18.27
CA VAL D 794 41.54 -5.89 19.67
C VAL D 794 42.44 -6.70 20.59
N SER D 795 43.25 -7.60 20.05
CA SER D 795 44.09 -8.46 20.85
C SER D 795 45.17 -7.65 21.57
N GLU D 796 45.46 -8.04 22.81
CA GLU D 796 46.53 -7.45 23.58
C GLU D 796 47.01 -8.50 24.60
N ALA D 797 48.12 -8.19 25.27
CA ALA D 797 48.72 -9.16 26.19
C ALA D 797 47.77 -9.51 27.34
N THR D 798 46.92 -8.58 27.74
CA THR D 798 45.99 -8.85 28.84
C THR D 798 44.79 -9.66 28.36
N ARG D 799 44.21 -9.29 27.23
CA ARG D 799 43.06 -9.98 26.65
C ARG D 799 43.44 -10.47 25.26
N ILE D 800 43.82 -11.73 25.16
CA ILE D 800 44.19 -12.33 23.89
C ILE D 800 42.93 -12.63 23.09
N ASP D 801 42.91 -12.22 21.82
CA ASP D 801 41.84 -12.60 20.92
C ASP D 801 42.36 -13.75 20.05
N PRO D 802 41.94 -14.99 20.29
CA PRO D 802 42.50 -16.11 19.53
C PRO D 802 42.20 -16.07 18.04
N ASN D 803 41.16 -15.36 17.61
CA ASN D 803 40.80 -15.33 16.20
C ASN D 803 41.62 -14.35 15.38
N ALA D 804 42.33 -13.43 16.03
CA ALA D 804 43.12 -12.46 15.29
C ALA D 804 44.24 -13.15 14.54
N TRP D 805 44.59 -12.60 13.38
CA TRP D 805 45.64 -13.19 12.55
C TRP D 805 46.97 -13.24 13.28
N VAL D 806 47.33 -12.17 13.99
CA VAL D 806 48.62 -12.17 14.69
C VAL D 806 48.65 -13.25 15.77
N GLU D 807 47.54 -13.44 16.50
CA GLU D 807 47.50 -14.48 17.52
C GLU D 807 47.55 -15.87 16.91
N ARG D 808 46.87 -16.11 15.79
CA ARG D 808 46.98 -17.39 15.12
C ARG D 808 48.41 -17.65 14.65
N TRP D 809 49.06 -16.64 14.07
CA TRP D 809 50.44 -16.78 13.63
C TRP D 809 51.36 -17.07 14.79
N LYS D 810 51.19 -16.37 15.91
CA LYS D 810 52.05 -16.59 17.07
C LYS D 810 51.83 -17.99 17.65
N ALA D 811 50.58 -18.41 17.79
CA ALA D 811 50.30 -19.74 18.33
C ALA D 811 50.86 -20.83 17.43
N ALA D 812 50.77 -20.65 16.11
CA ALA D 812 51.33 -21.63 15.18
C ALA D 812 52.86 -21.61 15.13
N GLY D 813 53.49 -20.61 15.72
CA GLY D 813 54.94 -20.55 15.73
C GLY D 813 55.57 -19.96 14.48
N HIS D 814 54.81 -19.18 13.71
CA HIS D 814 55.38 -18.58 12.50
C HIS D 814 56.53 -17.64 12.81
N TYR D 815 56.43 -16.86 13.88
CA TYR D 815 57.45 -15.88 14.21
C TYR D 815 58.69 -16.49 14.85
N GLN D 816 58.57 -17.73 15.36
CA GLN D 816 59.70 -18.40 16.08
C GLN D 816 60.19 -19.63 15.33
N ALA D 817 59.67 -19.93 14.13
CA ALA D 817 60.00 -21.17 13.43
C ALA D 817 61.48 -21.18 13.07
N GLU D 818 62.12 -22.34 13.26
CA GLU D 818 63.54 -22.49 13.00
C GLU D 818 63.75 -23.31 11.72
N ALA D 819 64.58 -22.77 10.84
CA ALA D 819 64.89 -23.46 9.60
C ALA D 819 65.86 -24.61 9.83
N ALA D 820 65.51 -25.78 9.34
CA ALA D 820 66.36 -26.96 9.40
C ALA D 820 66.82 -27.31 7.99
N LEU D 821 68.12 -27.39 7.79
CA LEU D 821 68.67 -27.66 6.46
C LEU D 821 68.42 -29.12 6.08
N LEU D 822 67.84 -29.33 4.90
CA LEU D 822 67.58 -30.68 4.41
C LEU D 822 68.64 -31.14 3.41
N GLN D 823 69.06 -30.25 2.52
CA GLN D 823 70.13 -30.56 1.59
C GLN D 823 70.76 -29.26 1.09
N CYS D 824 72.02 -29.37 0.67
CA CYS D 824 72.74 -28.25 0.07
C CYS D 824 73.84 -28.82 -0.81
N THR D 825 73.64 -28.74 -2.12
CA THR D 825 74.51 -29.39 -3.09
C THR D 825 74.94 -28.38 -4.13
N ALA D 826 76.20 -28.51 -4.59
CA ALA D 826 76.75 -27.66 -5.63
C ALA D 826 77.18 -28.51 -6.81
N ASP D 827 76.76 -28.10 -8.01
CA ASP D 827 77.11 -28.79 -9.24
C ASP D 827 77.63 -27.78 -10.26
N THR D 828 78.56 -28.22 -11.09
CA THR D 828 79.09 -27.39 -12.17
C THR D 828 78.50 -27.84 -13.49
N LEU D 829 77.84 -26.93 -14.19
CA LEU D 829 77.24 -27.20 -15.48
C LEU D 829 78.24 -26.85 -16.58
N ALA D 830 77.78 -26.86 -17.84
CA ALA D 830 78.64 -26.51 -18.95
C ALA D 830 79.04 -25.04 -18.92
N ASP D 831 78.12 -24.16 -18.52
CA ASP D 831 78.40 -22.73 -18.51
C ASP D 831 77.91 -22.04 -17.24
N ALA D 832 77.67 -22.78 -16.16
CA ALA D 832 77.14 -22.19 -14.94
C ALA D 832 77.43 -23.10 -13.76
N VAL D 833 77.24 -22.57 -12.57
CA VAL D 833 77.34 -23.32 -11.32
C VAL D 833 75.95 -23.38 -10.71
N LEU D 834 75.52 -24.57 -10.32
CA LEU D 834 74.18 -24.81 -9.82
C LEU D 834 74.25 -25.15 -8.34
N ILE D 835 73.47 -24.43 -7.54
CA ILE D 835 73.32 -24.71 -6.11
C ILE D 835 71.88 -25.10 -5.84
N THR D 836 71.70 -26.21 -5.13
CA THR D 836 70.38 -26.72 -4.78
C THR D 836 70.28 -26.82 -3.27
N THR D 837 69.24 -26.20 -2.69
CA THR D 837 69.04 -26.21 -1.26
C THR D 837 67.61 -26.60 -0.94
N ALA D 838 67.42 -27.13 0.28
CA ALA D 838 66.09 -27.45 0.78
C ALA D 838 66.08 -27.21 2.29
N HIS D 839 65.04 -26.53 2.76
CA HIS D 839 64.88 -26.20 4.17
C HIS D 839 63.49 -26.59 4.64
N ALA D 840 63.39 -26.90 5.93
CA ALA D 840 62.12 -27.12 6.59
C ALA D 840 62.04 -26.21 7.81
N TRP D 841 60.94 -25.48 7.92
CA TRP D 841 60.67 -24.63 9.08
C TRP D 841 59.75 -25.40 10.02
N GLN D 842 60.20 -25.61 11.25
CA GLN D 842 59.51 -26.45 12.20
C GLN D 842 59.31 -25.72 13.51
N HIS D 843 58.23 -26.06 14.21
CA HIS D 843 57.94 -25.51 15.52
C HIS D 843 57.30 -26.62 16.36
N GLN D 844 57.99 -27.03 17.41
CA GLN D 844 57.51 -28.06 18.34
C GLN D 844 57.15 -29.35 17.60
N GLY D 845 58.01 -29.74 16.66
CA GLY D 845 57.85 -30.97 15.93
C GLY D 845 56.94 -30.93 14.72
N LYS D 846 56.35 -29.78 14.42
CA LYS D 846 55.44 -29.64 13.28
C LYS D 846 56.15 -28.90 12.16
N THR D 847 56.17 -29.47 10.96
CA THR D 847 56.77 -28.82 9.81
C THR D 847 55.79 -27.82 9.23
N LEU D 848 56.09 -26.53 9.38
CA LEU D 848 55.19 -25.49 8.89
C LEU D 848 55.37 -25.25 7.39
N PHE D 849 56.62 -25.04 6.97
CA PHE D 849 56.92 -24.73 5.58
C PHE D 849 58.12 -25.54 5.13
N ILE D 850 58.19 -25.82 3.83
CA ILE D 850 59.36 -26.39 3.20
C ILE D 850 59.73 -25.54 1.99
N SER D 851 60.98 -25.13 1.90
CA SER D 851 61.48 -24.32 0.81
C SER D 851 62.57 -25.08 0.06
N ARG D 852 62.41 -25.21 -1.25
CA ARG D 852 63.40 -25.84 -2.11
C ARG D 852 63.81 -24.85 -3.17
N LYS D 853 65.10 -24.57 -3.26
CA LYS D 853 65.62 -23.52 -4.13
C LYS D 853 66.67 -24.06 -5.10
N THR D 854 66.88 -23.28 -6.16
CA THR D 854 67.95 -23.53 -7.12
C THR D 854 68.60 -22.20 -7.45
N TYR D 855 69.92 -22.11 -7.27
CA TYR D 855 70.70 -20.93 -7.62
C TYR D 855 71.55 -21.28 -8.82
N ARG D 856 71.41 -20.52 -9.91
CA ARG D 856 72.15 -20.77 -11.14
C ARG D 856 72.92 -19.50 -11.52
N ILE D 857 74.21 -19.52 -11.26
CA ILE D 857 75.10 -18.39 -11.58
C ILE D 857 75.79 -18.70 -12.89
N ASP D 858 75.50 -17.91 -13.92
CA ASP D 858 75.98 -18.17 -15.27
C ASP D 858 77.25 -17.35 -15.55
N GLY D 859 77.73 -17.42 -16.78
CA GLY D 859 78.93 -16.69 -17.17
C GLY D 859 78.73 -15.20 -17.33
N SER D 860 77.48 -14.72 -17.36
CA SER D 860 77.20 -13.30 -17.46
C SER D 860 77.13 -12.62 -16.10
N GLY D 861 77.33 -13.36 -15.01
CA GLY D 861 77.28 -12.80 -13.68
C GLY D 861 75.92 -12.81 -13.03
N GLN D 862 74.87 -13.15 -13.77
CA GLN D 862 73.52 -13.16 -13.22
C GLN D 862 73.29 -14.40 -12.37
N MET D 863 72.58 -14.22 -11.25
CA MET D 863 72.22 -15.32 -10.37
C MET D 863 70.71 -15.52 -10.47
N ALA D 864 70.30 -16.64 -11.06
CA ALA D 864 68.89 -16.96 -11.21
C ALA D 864 68.45 -17.84 -10.04
N ILE D 865 67.42 -17.40 -9.32
CA ILE D 865 66.91 -18.09 -8.15
C ILE D 865 65.50 -18.57 -8.45
N THR D 866 65.27 -19.87 -8.29
CA THR D 866 63.93 -20.45 -8.35
C THR D 866 63.57 -20.96 -6.96
N VAL D 867 62.35 -20.64 -6.52
CA VAL D 867 61.89 -21.00 -5.18
C VAL D 867 60.57 -21.75 -5.30
N ASP D 868 60.49 -22.90 -4.64
CA ASP D 868 59.25 -23.67 -4.55
C ASP D 868 58.97 -23.93 -3.08
N VAL D 869 57.83 -23.45 -2.60
CA VAL D 869 57.52 -23.55 -1.15
C VAL D 869 56.25 -24.38 -0.93
N GLU D 870 56.25 -25.24 0.07
CA GLU D 870 55.02 -25.99 0.44
C GLU D 870 54.57 -25.50 1.82
N VAL D 871 53.28 -25.22 1.98
CA VAL D 871 52.74 -24.73 3.25
C VAL D 871 51.77 -25.77 3.79
N ALA D 872 51.98 -26.19 5.04
CA ALA D 872 51.09 -27.15 5.66
C ALA D 872 49.65 -26.64 5.63
N SER D 873 48.73 -27.49 5.19
CA SER D 873 47.35 -27.04 4.99
C SER D 873 46.65 -26.69 6.30
N ASP D 874 47.08 -27.27 7.43
CA ASP D 874 46.43 -27.00 8.70
C ASP D 874 47.05 -25.85 9.48
N THR D 875 48.16 -25.28 9.02
CA THR D 875 48.66 -24.08 9.66
C THR D 875 47.97 -22.85 9.08
N PRO D 876 47.82 -21.77 9.87
CA PRO D 876 47.23 -20.55 9.32
C PRO D 876 48.04 -20.03 8.14
N HIS D 877 47.33 -19.50 7.15
CA HIS D 877 47.98 -19.07 5.93
C HIS D 877 48.97 -17.94 6.22
N PRO D 878 50.19 -18.02 5.69
CA PRO D 878 51.23 -17.05 6.06
C PRO D 878 50.97 -15.67 5.47
N ALA D 879 51.56 -14.67 6.13
CA ALA D 879 51.40 -13.29 5.68
C ALA D 879 52.12 -13.04 4.36
N ARG D 880 53.23 -13.72 4.12
CA ARG D 880 53.99 -13.54 2.89
C ARG D 880 54.78 -14.82 2.62
N ILE D 881 55.28 -14.92 1.40
CA ILE D 881 56.18 -15.99 0.99
C ILE D 881 57.27 -15.33 0.13
N GLY D 882 58.44 -15.14 0.72
CA GLY D 882 59.47 -14.43 0.00
C GLY D 882 60.82 -14.58 0.67
N LEU D 883 61.74 -13.71 0.27
CA LEU D 883 63.10 -13.68 0.78
C LEU D 883 63.39 -12.33 1.39
N ASN D 884 64.40 -12.28 2.26
CA ASN D 884 64.84 -11.01 2.81
C ASN D 884 66.32 -11.07 3.15
N CYS D 885 66.95 -9.89 3.15
CA CYS D 885 68.36 -9.76 3.46
C CYS D 885 68.62 -8.32 3.89
N GLN D 886 69.74 -8.10 4.56
CA GLN D 886 70.18 -6.77 4.94
C GLN D 886 71.36 -6.39 4.07
N LEU D 887 71.12 -5.51 3.10
CA LEU D 887 72.19 -5.01 2.25
C LEU D 887 73.11 -4.08 3.03
N ALA D 888 74.41 -4.14 2.71
CA ALA D 888 75.34 -3.16 3.25
C ALA D 888 75.20 -1.80 2.61
N GLN D 889 74.71 -1.74 1.37
CA GLN D 889 74.55 -0.48 0.66
C GLN D 889 73.46 0.38 1.28
N VAL D 890 73.70 1.68 1.35
CA VAL D 890 72.67 2.67 1.62
C VAL D 890 72.69 3.64 0.44
N ALA D 891 71.71 3.51 -0.45
CA ALA D 891 71.63 4.36 -1.62
C ALA D 891 70.54 5.42 -1.45
N GLU D 892 70.66 6.51 -2.20
CA GLU D 892 69.77 7.66 -2.05
C GLU D 892 68.43 7.49 -2.74
N ARG D 893 68.36 6.72 -3.83
CA ARG D 893 67.14 6.62 -4.61
C ARG D 893 66.82 5.17 -4.91
N VAL D 894 65.53 4.90 -5.15
CA VAL D 894 65.03 3.58 -5.51
C VAL D 894 64.30 3.72 -6.84
N ASN D 895 64.64 2.85 -7.79
CA ASN D 895 64.06 2.86 -9.14
C ASN D 895 63.50 1.48 -9.45
N TRP D 896 62.23 1.44 -9.88
CA TRP D 896 61.60 0.15 -10.15
C TRP D 896 60.59 0.28 -11.27
N LEU D 897 60.34 -0.85 -11.95
CA LEU D 897 59.32 -0.96 -12.99
C LEU D 897 58.19 -1.82 -12.42
N GLY D 898 57.06 -1.18 -12.15
CA GLY D 898 55.96 -1.85 -11.49
C GLY D 898 54.91 -0.86 -11.03
N LEU D 899 54.01 -1.33 -10.18
CA LEU D 899 52.91 -0.50 -9.72
C LEU D 899 53.40 0.57 -8.74
N GLY D 900 52.94 1.79 -8.94
CA GLY D 900 53.33 2.90 -8.10
C GLY D 900 52.59 4.18 -8.44
N PRO D 901 53.12 5.32 -7.98
CA PRO D 901 54.33 5.47 -7.16
C PRO D 901 54.15 5.09 -5.69
N GLN D 902 52.93 5.19 -5.15
CA GLN D 902 52.73 5.02 -3.72
C GLN D 902 52.70 3.54 -3.34
N GLU D 903 52.77 3.28 -2.04
CA GLU D 903 52.70 1.91 -1.54
C GLU D 903 51.37 1.29 -1.92
N ASN D 904 51.40 -0.01 -2.25
CA ASN D 904 50.20 -0.72 -2.64
C ASN D 904 50.34 -2.19 -2.25
N TYR D 905 49.20 -2.81 -1.98
CA TYR D 905 49.10 -4.18 -1.51
C TYR D 905 48.10 -4.93 -2.38
N PRO D 906 48.11 -6.27 -2.35
CA PRO D 906 47.29 -7.03 -3.33
C PRO D 906 45.82 -6.65 -3.33
N ASP D 907 45.21 -6.37 -2.18
CA ASP D 907 43.82 -5.95 -2.15
C ASP D 907 43.66 -4.43 -2.12
N ARG D 908 44.76 -3.68 -2.24
CA ARG D 908 44.70 -2.21 -2.31
C ARG D 908 45.66 -1.68 -3.37
N LEU D 909 45.55 -2.17 -4.62
CA LEU D 909 46.43 -1.69 -5.68
C LEU D 909 45.70 -1.15 -6.91
N THR D 910 44.39 -0.89 -6.83
CA THR D 910 43.67 -0.45 -8.02
C THR D 910 44.09 0.96 -8.45
N ALA D 911 44.49 1.81 -7.51
CA ALA D 911 44.88 3.17 -7.85
C ALA D 911 46.28 3.24 -8.45
N ALA D 912 47.13 2.26 -8.18
CA ALA D 912 48.50 2.29 -8.67
C ALA D 912 48.55 1.99 -10.17
N CYS D 913 49.54 2.56 -10.84
CA CYS D 913 49.72 2.38 -12.28
C CYS D 913 51.09 1.77 -12.56
N PHE D 914 51.14 0.92 -13.59
CA PHE D 914 52.40 0.30 -13.98
C PHE D 914 53.23 1.28 -14.78
N ASP D 915 54.45 1.54 -14.34
CA ASP D 915 55.35 2.47 -15.00
C ASP D 915 56.72 2.37 -14.35
N ARG D 916 57.64 3.19 -14.86
CA ARG D 916 58.97 3.32 -14.27
C ARG D 916 58.94 4.43 -13.22
N TRP D 917 59.18 4.07 -11.96
CA TRP D 917 59.09 5.00 -10.85
C TRP D 917 60.46 5.16 -10.21
N ASP D 918 60.75 6.39 -9.77
CA ASP D 918 62.03 6.73 -9.15
C ASP D 918 61.76 7.67 -7.99
N LEU D 919 62.04 7.22 -6.77
CA LEU D 919 61.77 7.96 -5.56
C LEU D 919 62.97 7.88 -4.62
N PRO D 920 63.14 8.87 -3.75
CA PRO D 920 64.15 8.74 -2.69
C PRO D 920 63.79 7.62 -1.73
N LEU D 921 64.81 7.05 -1.10
CA LEU D 921 64.60 5.91 -0.22
C LEU D 921 63.59 6.21 0.88
N SER D 922 63.57 7.45 1.38
CA SER D 922 62.64 7.81 2.44
C SER D 922 61.18 7.67 2.01
N ASP D 923 60.86 7.93 0.74
CA ASP D 923 59.50 7.78 0.27
C ASP D 923 59.06 6.32 0.17
N MET D 924 59.98 5.38 0.31
CA MET D 924 59.65 3.96 0.28
C MET D 924 59.28 3.42 1.65
N TYR D 925 59.17 4.29 2.65
CA TYR D 925 58.76 3.95 4.01
C TYR D 925 57.59 4.83 4.40
N THR D 926 56.46 4.20 4.77
CA THR D 926 55.29 4.95 5.20
C THR D 926 55.33 5.08 6.71
N PRO D 927 55.37 6.29 7.24
CA PRO D 927 55.55 6.46 8.70
C PRO D 927 54.24 6.41 9.46
N TYR D 928 53.61 5.23 9.48
CA TYR D 928 52.44 5.04 10.31
C TYR D 928 52.83 5.25 11.77
N VAL D 929 51.96 5.93 12.53
CA VAL D 929 52.30 6.27 13.91
C VAL D 929 52.55 5.00 14.71
N PHE D 930 51.71 3.98 14.52
CA PHE D 930 51.98 2.66 15.07
C PHE D 930 52.72 1.85 14.01
N PRO D 931 54.01 1.55 14.19
CA PRO D 931 54.78 0.90 13.13
C PRO D 931 54.27 -0.50 12.80
N SER D 932 54.34 -0.84 11.52
CA SER D 932 53.96 -2.17 11.04
C SER D 932 54.59 -2.38 9.66
N GLU D 933 54.26 -3.52 9.05
CA GLU D 933 54.60 -3.75 7.66
C GLU D 933 54.08 -2.60 6.81
N ASN D 934 54.93 -2.06 5.95
CA ASN D 934 54.61 -0.84 5.22
C ASN D 934 55.46 -0.76 3.97
N GLY D 935 55.00 0.06 3.01
CA GLY D 935 55.80 0.45 1.87
C GLY D 935 55.90 -0.56 0.75
N LEU D 936 55.09 -1.62 0.77
CA LEU D 936 55.14 -2.62 -0.29
C LEU D 936 54.74 -2.02 -1.63
N ARG D 937 55.39 -2.48 -2.69
CA ARG D 937 55.01 -2.18 -4.07
C ARG D 937 54.85 -3.50 -4.81
N CYS D 938 53.67 -3.73 -5.39
CA CYS D 938 53.34 -4.99 -6.03
C CYS D 938 53.56 -4.91 -7.55
N GLY D 939 53.43 -6.06 -8.19
CA GLY D 939 53.49 -6.13 -9.64
C GLY D 939 54.78 -5.61 -10.24
N THR D 940 55.91 -5.84 -9.58
CA THR D 940 57.18 -5.27 -9.98
C THR D 940 57.96 -6.29 -10.81
N ARG D 941 58.44 -5.84 -11.97
CA ARG D 941 59.23 -6.69 -12.86
C ARG D 941 60.73 -6.39 -12.79
N GLU D 942 61.11 -5.22 -12.28
CA GLU D 942 62.51 -4.84 -12.18
C GLU D 942 62.68 -3.85 -11.03
N LEU D 943 63.74 -4.02 -10.25
CA LEU D 943 64.07 -3.14 -9.14
C LEU D 943 65.54 -2.81 -9.18
N ASN D 944 65.88 -1.54 -9.00
CA ASN D 944 67.27 -1.07 -9.01
C ASN D 944 67.56 -0.37 -7.70
N TYR D 945 68.63 -0.79 -7.02
CA TYR D 945 69.06 -0.13 -5.79
C TYR D 945 70.57 -0.23 -5.72
N GLY D 946 71.24 0.92 -5.80
CA GLY D 946 72.68 0.95 -5.88
C GLY D 946 73.16 0.23 -7.12
N PRO D 947 74.14 -0.67 -6.95
CA PRO D 947 74.62 -1.47 -8.08
C PRO D 947 73.75 -2.68 -8.40
N HIS D 948 72.79 -3.03 -7.54
CA HIS D 948 72.03 -4.26 -7.68
C HIS D 948 70.80 -4.06 -8.56
N GLN D 949 70.39 -5.14 -9.22
CA GLN D 949 69.13 -5.18 -9.97
C GLN D 949 68.49 -6.54 -9.78
N TRP D 950 67.20 -6.56 -9.44
CA TRP D 950 66.43 -7.78 -9.35
C TRP D 950 65.31 -7.74 -10.38
N ARG D 951 65.09 -8.87 -11.06
CA ARG D 951 64.06 -8.97 -12.10
C ARG D 951 63.23 -10.23 -11.88
N GLY D 952 62.00 -10.16 -12.33
CA GLY D 952 61.07 -11.26 -12.19
C GLY D 952 59.64 -10.73 -12.20
N ASP D 953 58.84 -11.21 -11.26
CA ASP D 953 57.48 -10.74 -11.05
C ASP D 953 57.20 -10.90 -9.55
N PHE D 954 57.33 -9.80 -8.81
CA PHE D 954 57.37 -9.90 -7.36
C PHE D 954 56.81 -8.62 -6.75
N GLN D 955 56.63 -8.67 -5.43
CA GLN D 955 56.32 -7.52 -4.59
C GLN D 955 57.52 -7.27 -3.68
N PHE D 956 57.74 -6.01 -3.31
CA PHE D 956 58.90 -5.67 -2.49
C PHE D 956 58.61 -4.46 -1.62
N ASN D 957 59.36 -4.36 -0.52
CA ASN D 957 59.52 -3.11 0.22
C ASN D 957 60.99 -2.99 0.64
N ILE D 958 61.43 -1.76 0.79
CA ILE D 958 62.84 -1.50 1.07
C ILE D 958 62.94 -0.31 2.01
N SER D 959 63.67 -0.48 3.12
CA SER D 959 63.70 0.55 4.15
C SER D 959 64.89 0.29 5.08
N ARG D 960 65.09 1.22 6.01
CA ARG D 960 66.14 1.11 7.02
C ARG D 960 65.70 0.35 8.26
N TYR D 961 64.46 -0.15 8.30
CA TYR D 961 63.90 -0.78 9.48
C TYR D 961 63.55 -2.23 9.19
N SER D 962 64.02 -3.13 10.06
CA SER D 962 63.70 -4.54 9.93
C SER D 962 62.27 -4.81 10.37
N GLN D 963 61.72 -5.93 9.86
CA GLN D 963 60.39 -6.35 10.31
C GLN D 963 60.38 -6.60 11.81
N GLN D 964 61.47 -7.09 12.38
CA GLN D 964 61.56 -7.26 13.82
C GLN D 964 61.43 -5.93 14.57
N GLN D 965 62.18 -4.92 14.14
CA GLN D 965 62.10 -3.62 14.82
C GLN D 965 60.71 -3.02 14.66
N LEU D 966 60.14 -3.11 13.47
CA LEU D 966 58.79 -2.59 13.26
C LEU D 966 57.77 -3.30 14.14
N MET D 967 57.92 -4.61 14.31
CA MET D 967 57.01 -5.38 15.15
C MET D 967 57.15 -5.01 16.62
N GLU D 968 58.38 -4.80 17.10
CA GLU D 968 58.61 -4.59 18.52
C GLU D 968 58.54 -3.11 18.94
N THR D 969 58.41 -2.19 17.99
CA THR D 969 58.37 -0.76 18.30
C THR D 969 56.94 -0.25 18.26
N SER D 970 56.52 0.42 19.33
CA SER D 970 55.14 0.85 19.48
C SER D 970 54.86 2.25 18.91
N HIS D 971 55.88 3.08 18.74
CA HIS D 971 55.71 4.43 18.19
C HIS D 971 56.75 4.68 17.12
N ARG D 972 56.34 5.44 16.09
CA ARG D 972 57.23 5.70 14.96
C ARG D 972 58.43 6.55 15.36
N HIS D 973 58.29 7.46 16.32
CA HIS D 973 59.41 8.29 16.74
C HIS D 973 60.48 7.52 17.48
N LEU D 974 60.18 6.30 17.94
CA LEU D 974 61.15 5.45 18.62
C LEU D 974 61.93 4.55 17.66
N LEU D 975 61.61 4.59 16.36
CA LEU D 975 62.34 3.81 15.37
C LEU D 975 63.72 4.43 15.14
N HIS D 976 64.72 3.57 14.93
CA HIS D 976 66.06 4.00 14.60
C HIS D 976 66.52 3.28 13.32
N ALA D 977 67.18 4.03 12.44
CA ALA D 977 67.63 3.45 11.19
C ALA D 977 68.76 2.46 11.44
N GLU D 978 68.59 1.24 10.96
CA GLU D 978 69.61 0.21 11.12
C GLU D 978 70.70 0.40 10.07
N GLU D 979 71.82 -0.28 10.29
CA GLU D 979 72.93 -0.19 9.35
C GLU D 979 72.56 -0.86 8.04
N GLY D 980 72.88 -0.21 6.93
CA GLY D 980 72.51 -0.76 5.64
C GLY D 980 71.03 -0.61 5.35
N THR D 981 70.54 -1.48 4.48
CA THR D 981 69.16 -1.39 3.99
C THR D 981 68.52 -2.77 3.99
N TRP D 982 67.33 -2.87 4.58
CA TRP D 982 66.59 -4.13 4.62
C TRP D 982 65.71 -4.24 3.38
N LEU D 983 65.84 -5.36 2.67
CA LEU D 983 65.06 -5.63 1.47
C LEU D 983 64.19 -6.85 1.69
N ASN D 984 62.90 -6.72 1.40
CA ASN D 984 61.97 -7.84 1.42
C ASN D 984 61.41 -8.02 0.01
N ILE D 985 61.76 -9.13 -0.63
CA ILE D 985 61.24 -9.45 -1.95
C ILE D 985 60.30 -10.64 -1.80
N ASP D 986 59.04 -10.45 -2.16
CA ASP D 986 58.00 -11.44 -1.95
C ASP D 986 57.51 -11.96 -3.29
N GLY D 987 57.50 -13.29 -3.44
CA GLY D 987 56.71 -13.88 -4.50
C GLY D 987 55.23 -13.66 -4.29
N PHE D 988 54.79 -13.68 -3.03
CA PHE D 988 53.37 -13.63 -2.68
C PHE D 988 53.21 -12.89 -1.35
N HIS D 989 52.14 -12.09 -1.25
CA HIS D 989 51.84 -11.31 -0.06
C HIS D 989 50.34 -11.33 0.19
N MET D 990 49.97 -11.48 1.46
CA MET D 990 48.56 -11.53 1.85
C MET D 990 47.96 -10.12 1.82
N GLY D 991 46.64 -10.06 1.59
CA GLY D 991 45.94 -8.79 1.63
C GLY D 991 45.96 -8.19 3.02
N ILE D 992 45.62 -6.89 3.08
CA ILE D 992 45.69 -6.15 4.33
C ILE D 992 44.33 -6.03 5.02
N GLY D 993 43.24 -6.27 4.31
CA GLY D 993 41.93 -6.19 4.92
C GLY D 993 41.55 -4.75 5.24
N GLY D 994 40.50 -4.62 6.05
CA GLY D 994 40.06 -3.31 6.49
C GLY D 994 38.56 -3.06 6.52
N ASP D 995 37.75 -4.08 6.22
CA ASP D 995 36.30 -3.93 6.37
C ASP D 995 35.97 -3.54 7.81
N ASP D 996 36.70 -4.08 8.77
CA ASP D 996 36.75 -3.57 10.12
C ASP D 996 38.10 -3.96 10.72
N SER D 997 38.44 -3.34 11.85
CA SER D 997 39.75 -3.54 12.45
C SER D 997 39.67 -4.28 13.79
N TRP D 998 38.57 -5.01 14.02
CA TRP D 998 38.45 -5.79 15.25
C TRP D 998 38.08 -7.25 14.99
N SER D 999 38.09 -7.69 13.74
CA SER D 999 37.86 -9.08 13.39
C SER D 999 38.59 -9.33 12.06
N PRO D 1000 38.93 -10.58 11.78
CA PRO D 1000 39.59 -10.89 10.49
C PRO D 1000 38.74 -10.38 9.33
N SER D 1001 39.37 -9.65 8.42
CA SER D 1001 38.65 -8.98 7.34
C SER D 1001 39.31 -9.19 5.97
N VAL D 1002 40.39 -9.97 5.90
CA VAL D 1002 41.02 -10.26 4.62
C VAL D 1002 40.20 -11.31 3.89
N SER D 1003 39.68 -10.96 2.72
CA SER D 1003 38.83 -11.88 1.97
C SER D 1003 39.63 -13.09 1.50
N ALA D 1004 38.90 -14.19 1.25
CA ALA D 1004 39.54 -15.46 0.92
C ALA D 1004 40.44 -15.38 -0.30
N GLU D 1005 40.07 -14.57 -1.29
CA GLU D 1005 40.85 -14.50 -2.52
C GLU D 1005 42.20 -13.79 -2.34
N PHE D 1006 42.46 -13.22 -1.17
CA PHE D 1006 43.74 -12.56 -0.91
C PHE D 1006 44.53 -13.23 0.21
N GLN D 1007 44.08 -14.40 0.69
CA GLN D 1007 44.85 -15.18 1.64
C GLN D 1007 45.71 -16.19 0.87
N LEU D 1008 46.86 -16.53 1.45
CA LEU D 1008 47.81 -17.44 0.81
C LEU D 1008 47.45 -18.87 1.20
N SER D 1009 46.40 -19.38 0.56
CA SER D 1009 45.83 -20.67 0.90
C SER D 1009 46.12 -21.77 -0.13
N ALA D 1010 46.96 -21.49 -1.12
CA ALA D 1010 47.12 -22.42 -2.23
C ALA D 1010 47.88 -23.70 -1.85
N GLY D 1011 48.69 -23.66 -0.80
CA GLY D 1011 49.44 -24.83 -0.36
C GLY D 1011 50.80 -25.04 -1.01
N ARG D 1012 50.94 -24.68 -2.29
CA ARG D 1012 52.22 -24.73 -2.98
C ARG D 1012 52.42 -23.42 -3.73
N TYR D 1013 53.64 -22.89 -3.69
CA TYR D 1013 53.93 -21.62 -4.32
C TYR D 1013 55.28 -21.69 -5.03
N HIS D 1014 55.38 -20.99 -6.16
CA HIS D 1014 56.58 -20.94 -6.97
C HIS D 1014 56.84 -19.51 -7.42
N TYR D 1015 58.10 -19.09 -7.36
CA TYR D 1015 58.49 -17.81 -7.94
C TYR D 1015 59.99 -17.84 -8.27
N GLN D 1016 60.37 -16.99 -9.22
CA GLN D 1016 61.74 -16.92 -9.71
C GLN D 1016 62.24 -15.48 -9.65
N LEU D 1017 63.53 -15.33 -9.36
CA LEU D 1017 64.20 -14.04 -9.32
C LEU D 1017 65.51 -14.13 -10.07
N VAL D 1018 65.92 -13.01 -10.65
CA VAL D 1018 67.25 -12.88 -11.26
C VAL D 1018 67.96 -11.73 -10.56
N TRP D 1019 69.08 -12.03 -9.90
CA TRP D 1019 69.90 -11.04 -9.21
C TRP D 1019 71.16 -10.78 -10.03
N CYS D 1020 71.38 -9.53 -10.38
CA CYS D 1020 72.56 -9.16 -11.17
C CYS D 1020 73.04 -7.79 -10.73
N GLN D 1021 74.18 -7.37 -11.29
CA GLN D 1021 74.75 -6.06 -11.00
C GLN D 1021 74.98 -5.29 -12.29
MG MG E . -21.73 -18.78 -34.05
NA NA F . -37.25 -0.44 -19.91
NA NA G . -19.35 15.01 -5.51
MG MG H . -7.99 -23.06 -37.26
NA NA I . 17.65 -27.15 -27.12
NA NA J . 16.73 -18.70 -0.77
MG MG K . 8.29 24.15 36.50
NA NA L . -18.82 22.83 30.14
NA NA M . -21.46 1.28 12.96
MG MG N . 21.43 17.70 34.81
NA NA O . 38.42 4.76 16.88
NA NA P . 24.07 2.41 -6.68
#